data_3BG3
#
_entry.id   3BG3
#
_cell.length_a   81.274
_cell.length_b   173.321
_cell.length_c   118.194
_cell.angle_alpha   90.00
_cell.angle_beta   95.87
_cell.angle_gamma   90.00
#
_symmetry.space_group_name_H-M   'P 1 21 1'
#
loop_
_entity.id
_entity.type
_entity.pdbx_description
1 polymer 'Pyruvate carboxylase, mitochondrial'
2 non-polymer 'MANGANESE (II) ION'
3 non-polymer 'PYRUVIC ACID'
4 non-polymer 5-(HEXAHYDRO-2-OXO-1H-THIENO[3,4-D]IMIDAZOL-6-YL)PENTANAL
#
_entity_poly.entity_id   1
_entity_poly.type   'polypeptide(L)'
_entity_poly.pdbx_seq_one_letter_code
;MGSSHHHHHHSSGLVPRGSHMDENPELFQLRPAQNRAQKLLHYLGHVMVNGPTTPIPVKASPSPTDPVVPAVPIGPPPAG
FRDILLREGPEGFARAVRNHPGLLLMDTTFRDAHQSLLATRVRTHDLKKIAPYVAHNFSKLFSMENWGGATFDVAMRFLY
ECPWRRLQELRELIPNIPFQMLLRGANAVGYTNYPDNVVFKFCEVAKENGMDVFRVFDSLNYLPNMLLGMEAAGSAGGVV
EAAISYTGDVADPSRTKYSLQYYMGLAEELVRAGTHILCI(KCX)DMAGLLKPTACTMLVSSLRDRFPDLPLHIHTHDTS
GAGVAAMLACAQAGADVVDVAADSMSGMTSQPSMGALVACTRGTPLDTEVPMERVFDYSEYWEGARGLYAAFDCTATMKS
GNSDVYENEIPGGQYTNLHFQAHSMGLGSKFKEVKKAYVEANQMLGDLIKVTPSSKIVGDLAQFMVQNGLSRAEAEAQAE
ELSFPRSVVEFLQGYIGVPHGGFPEPFRSKVLKDLPRVEGRPGASLPPLDLQALEKELVDRHGEEVTPEDVLSAAMYPDV
FAHFKDFTATFGPLDSLNTRLFLQGPKIAEEFEVELERGKTLHIKALAVSDLNRAGQRQVFFELNGQLRSILVKDTQAMK
EMHFHPKALKDVKGQIGAPMPGKVIDIKVVAGAKVAKGQPLCVLSAMKMETVVTSPMEGTVRKVHVTKDMTLEGDDLILE
IE
;
_entity_poly.pdbx_strand_id   A,B,C,D
#
loop_
_chem_comp.id
_chem_comp.type
_chem_comp.name
_chem_comp.formula
BTI non-polymer 5-(HEXAHYDRO-2-OXO-1H-THIENO[3,4-D]IMIDAZOL-6-YL)PENTANAL 'C10 H16 N2 O2 S'
MN non-polymer 'MANGANESE (II) ION' 'Mn 2'
PYR non-polymer 'PYRUVIC ACID' 'C3 H4 O3'
#
# COMPACT_ATOMS: atom_id res chain seq x y z
N GLN A 34 38.86 16.91 -4.97
CA GLN A 34 38.31 16.09 -3.85
C GLN A 34 37.63 14.78 -4.30
N ASN A 35 38.44 13.73 -4.39
CA ASN A 35 37.92 12.35 -4.48
C ASN A 35 37.26 12.00 -3.14
N ARG A 36 37.59 12.79 -2.13
CA ARG A 36 37.15 12.58 -0.76
C ARG A 36 35.86 13.32 -0.39
N ALA A 37 35.29 14.03 -1.37
CA ALA A 37 33.92 14.52 -1.28
C ALA A 37 33.01 13.42 -1.82
N GLN A 38 33.47 12.78 -2.89
CA GLN A 38 32.82 11.60 -3.44
C GLN A 38 32.73 10.48 -2.40
N LYS A 39 33.80 10.27 -1.64
CA LYS A 39 33.83 9.24 -0.60
C LYS A 39 32.87 9.53 0.56
N LEU A 40 32.75 10.81 0.92
CA LEU A 40 31.75 11.24 1.88
C LEU A 40 30.34 10.95 1.38
N LEU A 41 30.06 11.34 0.13
CA LEU A 41 28.75 11.12 -0.44
C LEU A 41 28.41 9.64 -0.55
N HIS A 42 29.36 8.83 -1.04
CA HIS A 42 29.17 7.38 -1.14
C HIS A 42 28.79 6.75 0.19
N TYR A 43 29.25 7.34 1.30
CA TYR A 43 28.85 6.86 2.60
C TYR A 43 27.44 7.30 2.96
N LEU A 44 27.18 8.60 2.85
CA LEU A 44 25.88 9.17 3.18
C LEU A 44 24.77 8.51 2.36
N GLY A 45 25.08 8.16 1.13
CA GLY A 45 24.15 7.46 0.26
C GLY A 45 23.97 6.02 0.69
N HIS A 46 25.06 5.39 1.13
CA HIS A 46 24.98 4.02 1.61
C HIS A 46 24.12 3.92 2.85
N VAL A 47 24.15 4.95 3.70
CA VAL A 47 23.29 4.98 4.86
C VAL A 47 21.81 5.11 4.46
N MET A 48 21.47 6.11 3.67
CA MET A 48 20.06 6.40 3.43
C MET A 48 19.43 5.49 2.38
N VAL A 49 20.12 4.42 2.05
CA VAL A 49 19.58 3.43 1.14
C VAL A 49 19.48 2.10 1.88
N ASN A 50 20.45 1.86 2.76
CA ASN A 50 20.54 0.60 3.49
C ASN A 50 20.25 0.70 4.97
N GLY A 51 20.01 1.92 5.44
CA GLY A 51 19.72 2.14 6.86
C GLY A 51 20.97 2.16 7.70
N PRO A 52 20.82 2.43 9.00
CA PRO A 52 21.94 2.54 9.94
C PRO A 52 22.97 1.42 9.77
N THR A 53 24.13 1.80 9.21
CA THR A 53 25.17 0.88 8.71
C THR A 53 25.84 0.06 9.83
N THR A 54 25.85 0.64 11.04
CA THR A 54 26.30 -0.08 12.23
C THR A 54 25.13 -0.97 12.70
N PRO A 55 25.41 -2.04 13.44
CA PRO A 55 24.35 -2.73 14.22
C PRO A 55 23.58 -1.73 15.11
N ILE A 56 22.26 -1.65 14.90
CA ILE A 56 21.39 -0.69 15.55
C ILE A 56 20.40 -1.42 16.51
N PRO A 57 20.82 -1.59 17.77
CA PRO A 57 20.13 -2.46 18.74
C PRO A 57 18.67 -2.09 19.04
N VAL A 58 18.41 -0.82 19.36
CA VAL A 58 17.03 -0.35 19.55
C VAL A 58 16.52 0.25 18.24
N LYS A 59 15.28 -0.07 17.87
CA LYS A 59 14.64 0.41 16.62
C LYS A 59 14.36 1.93 16.63
N ALA A 60 15.21 2.69 17.32
CA ALA A 60 15.01 4.12 17.53
C ALA A 60 16.03 4.99 16.78
N SER A 61 15.61 6.20 16.45
CA SER A 61 16.47 7.19 15.78
C SER A 61 16.98 8.24 16.79
N PRO A 62 17.98 9.04 16.40
CA PRO A 62 18.49 10.15 17.25
C PRO A 62 17.50 11.32 17.43
N SER A 63 17.83 12.21 18.38
CA SER A 63 17.08 13.46 18.59
C SER A 63 17.19 14.43 17.42
N PRO A 64 16.08 15.08 17.08
CA PRO A 64 16.11 16.20 16.12
C PRO A 64 16.53 17.50 16.85
N THR A 65 17.29 17.34 17.93
CA THR A 65 17.92 18.48 18.63
C THR A 65 19.41 18.23 18.93
N ASP A 66 20.16 19.32 18.98
CA ASP A 66 21.61 19.27 19.13
C ASP A 66 22.04 19.82 20.48
N PRO A 67 22.93 19.10 21.15
CA PRO A 67 23.33 19.41 22.52
C PRO A 67 23.68 20.88 22.74
N VAL A 68 23.37 21.37 23.94
CA VAL A 68 23.66 22.75 24.31
C VAL A 68 25.05 22.81 24.89
N VAL A 69 25.93 23.55 24.21
CA VAL A 69 27.30 23.74 24.69
C VAL A 69 27.40 25.09 25.37
N PRO A 70 27.68 25.10 26.66
CA PRO A 70 27.74 26.36 27.43
C PRO A 70 28.86 27.25 26.90
N ALA A 71 28.64 28.57 26.94
CA ALA A 71 29.68 29.56 26.58
C ALA A 71 30.97 29.34 27.37
N VAL A 72 32.10 29.55 26.71
CA VAL A 72 33.41 29.38 27.35
C VAL A 72 34.28 30.65 27.27
N PRO A 73 35.10 30.87 28.31
CA PRO A 73 36.12 31.95 28.29
C PRO A 73 37.12 31.80 27.13
N ILE A 74 37.64 32.92 26.63
CA ILE A 74 38.53 32.92 25.47
C ILE A 74 39.99 32.58 25.78
N GLY A 75 40.43 32.76 27.03
CA GLY A 75 41.84 32.57 27.36
C GLY A 75 42.29 31.12 27.52
N PRO A 76 43.47 30.93 28.09
CA PRO A 76 43.89 29.62 28.61
C PRO A 76 43.06 29.29 29.85
N PRO A 77 42.95 28.00 30.20
CA PRO A 77 42.14 27.58 31.33
C PRO A 77 42.85 27.81 32.66
N PRO A 78 42.16 27.60 33.80
CA PRO A 78 42.84 27.66 35.10
C PRO A 78 43.82 26.49 35.25
N ALA A 79 44.87 26.67 36.05
CA ALA A 79 45.82 25.60 36.29
C ALA A 79 45.15 24.45 37.04
N GLY A 80 45.32 23.23 36.51
CA GLY A 80 44.80 22.02 37.13
C GLY A 80 45.91 21.20 37.73
N PHE A 81 45.65 19.90 37.91
CA PHE A 81 46.61 18.97 38.47
C PHE A 81 47.72 18.55 37.51
N ARG A 82 47.50 18.67 36.20
CA ARG A 82 48.53 18.26 35.24
C ARG A 82 49.75 19.18 35.28
N ASP A 83 49.54 20.42 35.70
CA ASP A 83 50.62 21.38 35.88
C ASP A 83 51.51 20.92 37.03
N ILE A 84 50.89 20.42 38.10
CA ILE A 84 51.59 19.80 39.22
C ILE A 84 52.33 18.52 38.80
N LEU A 85 51.64 17.67 38.04
CA LEU A 85 52.20 16.41 37.55
C LEU A 85 53.42 16.62 36.66
N LEU A 86 53.31 17.56 35.71
CA LEU A 86 54.42 17.89 34.80
C LEU A 86 55.64 18.45 35.51
N ARG A 87 55.40 19.21 36.58
CA ARG A 87 56.44 19.89 37.33
C ARG A 87 57.11 19.03 38.41
N GLU A 88 56.35 18.09 38.99
CA GLU A 88 56.86 17.29 40.11
C GLU A 88 57.02 15.80 39.81
N GLY A 89 56.44 15.35 38.71
CA GLY A 89 56.44 13.94 38.37
C GLY A 89 55.32 13.26 39.10
N PRO A 90 55.12 11.96 38.84
CA PRO A 90 54.07 11.20 39.51
C PRO A 90 54.24 11.17 41.04
N GLU A 91 55.48 11.04 41.52
CA GLU A 91 55.75 11.01 42.96
C GLU A 91 55.30 12.31 43.66
N GLY A 92 55.52 13.44 42.97
CA GLY A 92 55.07 14.74 43.45
C GLY A 92 53.55 14.83 43.44
N PHE A 93 52.95 14.48 42.31
CA PHE A 93 51.49 14.51 42.09
C PHE A 93 50.70 13.75 43.16
N ALA A 94 51.22 12.59 43.58
CA ALA A 94 50.53 11.77 44.58
C ALA A 94 50.57 12.46 45.94
N ARG A 95 51.62 13.26 46.15
CA ARG A 95 51.74 14.03 47.38
C ARG A 95 50.69 15.15 47.39
N ALA A 96 50.51 15.80 46.24
CA ALA A 96 49.56 16.90 46.10
C ALA A 96 48.11 16.44 46.33
N VAL A 97 47.79 15.26 45.78
CA VAL A 97 46.52 14.59 45.95
C VAL A 97 46.27 14.24 47.42
N ARG A 98 47.25 13.57 48.03
CA ARG A 98 47.17 13.17 49.44
C ARG A 98 46.94 14.35 50.35
N ASN A 99 47.67 15.44 50.12
CA ASN A 99 47.56 16.64 50.96
C ASN A 99 46.28 17.46 50.78
N HIS A 100 45.66 17.41 49.60
CA HIS A 100 44.37 18.06 49.38
C HIS A 100 43.43 17.56 50.49
N PRO A 101 42.97 18.49 51.34
CA PRO A 101 42.13 18.13 52.48
C PRO A 101 40.81 17.52 52.03
N GLY A 102 40.02 18.27 51.28
CA GLY A 102 38.72 17.81 50.81
C GLY A 102 38.76 16.73 49.74
N LEU A 103 37.58 16.32 49.29
CA LEU A 103 37.45 15.19 48.39
C LEU A 103 37.75 15.59 46.95
N LEU A 104 38.47 14.73 46.26
CA LEU A 104 38.74 14.92 44.84
C LEU A 104 37.92 13.95 44.00
N LEU A 105 37.44 14.42 42.85
CA LEU A 105 36.61 13.62 41.95
C LEU A 105 37.35 13.23 40.69
N MET A 106 37.05 12.05 40.14
CA MET A 106 37.44 11.75 38.75
C MET A 106 36.19 11.53 37.92
N ASP A 107 35.98 12.36 36.91
CA ASP A 107 34.81 12.23 36.04
C ASP A 107 34.99 11.10 35.04
N THR A 108 33.97 10.25 34.92
CA THR A 108 34.05 9.07 34.04
C THR A 108 33.06 9.10 32.88
N THR A 109 32.41 10.25 32.70
CA THR A 109 31.46 10.47 31.60
C THR A 109 32.06 10.14 30.23
N PHE A 110 33.32 10.52 30.01
CA PHE A 110 33.97 10.29 28.72
C PHE A 110 34.33 8.82 28.45
N ARG A 111 34.19 7.92 29.43
CA ARG A 111 34.54 6.51 29.21
C ARG A 111 33.55 5.54 29.84
N ASP A 112 33.79 5.20 31.11
CA ASP A 112 33.01 4.20 31.79
C ASP A 112 31.50 4.48 31.78
N ALA A 113 31.11 5.74 31.87
CA ALA A 113 29.70 6.05 31.93
C ALA A 113 29.03 5.50 30.70
N HIS A 114 29.57 5.82 29.52
CA HIS A 114 28.89 5.46 28.29
C HIS A 114 29.16 4.02 27.87
N GLN A 115 30.24 3.43 28.42
CA GLN A 115 30.49 2.02 28.25
C GLN A 115 29.37 1.17 28.85
N SER A 116 28.77 1.65 29.93
CA SER A 116 27.71 0.93 30.60
C SER A 116 26.35 1.29 30.02
N LEU A 117 26.12 2.57 29.76
CA LEU A 117 24.80 3.03 29.41
C LEU A 117 24.49 2.97 27.91
N LEU A 118 25.50 3.22 27.08
CA LEU A 118 25.31 3.40 25.64
C LEU A 118 26.24 2.52 24.79
N ALA A 119 26.45 1.27 25.23
CA ALA A 119 27.38 0.34 24.55
C ALA A 119 28.64 1.01 24.00
N THR A 120 29.24 1.89 24.80
CA THR A 120 30.52 2.54 24.47
C THR A 120 30.48 3.32 23.13
N ARG A 121 29.28 3.64 22.67
CA ARG A 121 29.09 4.20 21.34
C ARG A 121 29.45 5.69 21.15
N VAL A 122 29.78 6.41 22.22
CA VAL A 122 29.98 7.88 22.12
C VAL A 122 31.24 8.26 21.34
N ARG A 123 31.06 9.01 20.25
CA ARG A 123 32.17 9.30 19.33
C ARG A 123 32.89 10.63 19.58
N THR A 124 34.12 10.70 19.09
CA THR A 124 35.02 11.80 19.37
C THR A 124 34.33 13.12 19.13
N HIS A 125 33.61 13.22 18.02
CA HIS A 125 32.85 14.44 17.72
C HIS A 125 32.18 15.00 18.96
N ASP A 126 31.42 14.16 19.66
CA ASP A 126 30.58 14.61 20.78
C ASP A 126 31.38 14.92 22.04
N LEU A 127 32.49 14.21 22.19
CA LEU A 127 33.38 14.42 23.32
C LEU A 127 34.09 15.75 23.14
N LYS A 128 34.54 16.03 21.91
CA LYS A 128 35.22 17.29 21.61
C LYS A 128 34.36 18.52 21.95
N LYS A 129 33.08 18.47 21.65
CA LYS A 129 32.20 19.60 21.89
C LYS A 129 32.31 20.23 23.30
N ILE A 130 32.25 19.44 24.37
CA ILE A 130 32.44 20.00 25.74
C ILE A 130 33.86 19.94 26.30
N ALA A 131 34.82 19.50 25.48
CA ALA A 131 36.21 19.49 25.91
C ALA A 131 36.66 20.87 26.43
N PRO A 132 36.49 21.95 25.65
CA PRO A 132 36.78 23.28 26.16
C PRO A 132 36.06 23.57 27.48
N TYR A 133 34.79 23.15 27.60
CA TYR A 133 34.00 23.39 28.82
C TYR A 133 34.62 22.74 30.06
N VAL A 134 35.03 21.48 29.94
CA VAL A 134 35.58 20.80 31.12
C VAL A 134 36.92 21.42 31.52
N ALA A 135 37.78 21.66 30.53
CA ALA A 135 39.05 22.35 30.74
C ALA A 135 38.89 23.56 31.66
N HIS A 136 37.98 24.47 31.29
CA HIS A 136 37.80 25.74 32.00
C HIS A 136 37.09 25.60 33.33
N ASN A 137 36.16 24.65 33.42
CA ASN A 137 35.27 24.58 34.57
C ASN A 137 35.52 23.47 35.58
N PHE A 138 36.36 22.51 35.21
CA PHE A 138 36.64 21.36 36.06
C PHE A 138 38.14 21.14 36.30
N SER A 139 38.87 22.23 36.55
CA SER A 139 40.30 22.14 36.84
C SER A 139 40.62 21.36 38.11
N LYS A 140 39.66 21.32 39.03
CA LYS A 140 39.80 20.64 40.34
C LYS A 140 39.85 19.10 40.30
N LEU A 141 39.42 18.47 39.20
CA LEU A 141 39.35 17.00 39.11
C LEU A 141 40.69 16.30 39.30
N PHE A 142 40.67 15.19 40.02
CA PHE A 142 41.88 14.38 40.21
C PHE A 142 42.45 13.98 38.84
N SER A 143 41.60 13.38 38.03
CA SER A 143 41.92 13.06 36.66
C SER A 143 40.60 13.01 35.92
N MET A 144 40.63 12.49 34.70
CA MET A 144 39.43 12.43 33.91
C MET A 144 39.51 11.22 33.00
N GLU A 145 38.79 10.16 33.39
CA GLU A 145 38.79 8.90 32.65
C GLU A 145 38.21 9.10 31.27
N ASN A 146 39.03 8.84 30.25
CA ASN A 146 38.62 9.06 28.87
C ASN A 146 39.22 8.14 27.83
N TRP A 147 39.79 7.02 28.26
CA TRP A 147 40.42 6.15 27.30
C TRP A 147 40.49 4.74 27.85
N GLY A 148 40.77 3.77 26.99
CA GLY A 148 40.98 2.40 27.43
C GLY A 148 39.67 1.70 27.72
N GLY A 149 39.77 0.45 28.18
CA GLY A 149 38.62 -0.42 28.29
C GLY A 149 38.01 -0.63 26.92
N ALA A 150 36.69 -0.65 26.85
CA ALA A 150 35.99 -0.98 25.61
C ALA A 150 36.14 0.07 24.51
N THR A 151 36.55 1.29 24.86
CA THR A 151 36.68 2.38 23.87
C THR A 151 37.63 2.02 22.74
N PHE A 152 38.67 1.25 23.04
CA PHE A 152 39.71 1.00 22.06
C PHE A 152 39.23 0.27 20.83
N ASP A 153 38.68 -0.93 21.01
CA ASP A 153 38.07 -1.58 19.85
C ASP A 153 36.77 -0.95 19.39
N VAL A 154 35.89 -0.53 20.31
CA VAL A 154 34.60 0.06 19.89
C VAL A 154 34.79 1.23 18.90
N ALA A 155 35.75 2.11 19.19
CA ALA A 155 36.11 3.18 18.27
C ALA A 155 36.33 2.66 16.85
N MET A 156 37.13 1.62 16.70
CA MET A 156 37.47 1.10 15.37
C MET A 156 36.39 0.16 14.85
N ARG A 157 35.98 -0.78 15.67
CA ARG A 157 35.04 -1.83 15.28
C ARG A 157 33.67 -1.33 14.82
N PHE A 158 33.10 -0.37 15.56
CA PHE A 158 31.73 0.08 15.30
C PHE A 158 31.64 1.52 14.86
N LEU A 159 32.49 2.37 15.40
CA LEU A 159 32.44 3.83 15.17
C LEU A 159 33.34 4.25 14.02
N TYR A 160 34.22 3.34 13.62
CA TYR A 160 35.13 3.57 12.51
C TYR A 160 35.97 4.84 12.70
N GLU A 161 36.65 4.90 13.85
CA GLU A 161 37.53 6.01 14.15
C GLU A 161 38.72 5.53 14.97
N CYS A 162 39.82 6.29 14.90
CA CYS A 162 41.05 5.93 15.59
C CYS A 162 41.02 6.38 17.04
N PRO A 163 41.24 5.46 17.97
CA PRO A 163 41.31 5.81 19.39
C PRO A 163 42.51 6.68 19.76
N TRP A 164 43.57 6.63 18.96
CA TRP A 164 44.73 7.47 19.21
C TRP A 164 44.43 8.91 18.81
N ARG A 165 43.75 9.06 17.67
CA ARG A 165 43.27 10.36 17.20
C ARG A 165 42.40 11.06 18.25
N ARG A 166 41.56 10.28 18.93
CA ARG A 166 40.68 10.84 19.94
C ARG A 166 41.49 11.34 21.14
N LEU A 167 42.43 10.52 21.60
CA LEU A 167 43.32 10.90 22.69
C LEU A 167 44.12 12.16 22.35
N GLN A 168 44.72 12.16 21.16
CA GLN A 168 45.49 13.30 20.67
C GLN A 168 44.65 14.57 20.63
N GLU A 169 43.49 14.50 19.96
CA GLU A 169 42.61 15.66 19.83
C GLU A 169 42.13 16.19 21.18
N LEU A 170 41.72 15.29 22.07
CA LEU A 170 41.30 15.69 23.43
C LEU A 170 42.44 16.31 24.24
N ARG A 171 43.66 15.88 23.97
CA ARG A 171 44.83 16.42 24.65
C ARG A 171 45.11 17.88 24.27
N GLU A 172 44.94 18.23 22.99
CA GLU A 172 45.06 19.63 22.60
C GLU A 172 43.92 20.49 23.15
N LEU A 173 42.83 19.85 23.56
CA LEU A 173 41.66 20.59 24.03
C LEU A 173 41.64 20.75 25.55
N ILE A 174 42.20 19.76 26.24
CA ILE A 174 42.34 19.78 27.70
C ILE A 174 43.82 19.78 28.05
N PRO A 175 44.44 20.96 28.12
CA PRO A 175 45.85 21.04 28.51
C PRO A 175 46.10 20.85 30.01
N ASN A 176 45.07 21.05 30.83
CA ASN A 176 45.26 21.25 32.27
C ASN A 176 44.86 20.12 33.22
N ILE A 177 43.86 19.32 32.83
CA ILE A 177 43.38 18.20 33.65
C ILE A 177 44.12 16.92 33.25
N PRO A 178 44.59 16.12 34.21
CA PRO A 178 45.20 14.83 33.88
C PRO A 178 44.18 13.89 33.23
N PHE A 179 44.63 13.13 32.23
CA PHE A 179 43.82 12.11 31.58
C PHE A 179 44.05 10.78 32.27
N GLN A 180 43.03 9.92 32.32
CA GLN A 180 43.17 8.60 32.92
C GLN A 180 42.58 7.51 32.03
N MET A 181 43.27 6.37 32.00
CA MET A 181 42.75 5.22 31.27
C MET A 181 42.63 3.98 32.15
N LEU A 182 41.86 3.01 31.67
CA LEU A 182 41.75 1.71 32.32
C LEU A 182 42.55 0.68 31.53
N LEU A 183 43.56 0.10 32.17
CA LEU A 183 44.42 -0.89 31.53
C LEU A 183 44.28 -2.27 32.19
N ARG A 184 43.84 -3.25 31.40
CA ARG A 184 43.56 -4.60 31.86
C ARG A 184 44.85 -5.40 31.98
N GLY A 185 45.73 -4.96 32.89
CA GLY A 185 47.00 -5.63 33.18
C GLY A 185 47.62 -6.23 31.95
N ALA A 186 47.84 -7.54 32.00
CA ALA A 186 48.40 -8.30 30.88
C ALA A 186 47.52 -8.28 29.63
N ASN A 187 46.20 -8.46 29.79
CA ASN A 187 45.27 -8.34 28.65
C ASN A 187 45.18 -6.92 28.08
N ALA A 188 46.07 -6.05 28.57
CA ALA A 188 46.29 -4.69 28.04
C ALA A 188 45.01 -3.94 27.71
N VAL A 189 44.56 -4.06 26.47
CA VAL A 189 43.35 -3.37 26.05
C VAL A 189 42.42 -4.31 25.25
N GLY A 190 42.78 -5.60 25.22
CA GLY A 190 41.97 -6.64 24.59
C GLY A 190 41.34 -7.56 25.62
N TYR A 191 41.29 -8.86 25.32
CA TYR A 191 40.63 -9.85 26.21
C TYR A 191 41.43 -11.13 26.51
N THR A 192 42.75 -11.10 26.29
CA THR A 192 43.69 -12.15 26.77
C THR A 192 45.07 -11.57 27.00
N ASN A 193 45.95 -12.38 27.57
CA ASN A 193 47.36 -11.98 27.76
C ASN A 193 48.17 -11.84 26.46
N TYR A 194 48.78 -10.66 26.29
CA TYR A 194 49.63 -10.33 25.15
C TYR A 194 51.12 -10.47 25.50
N PRO A 195 51.96 -10.66 24.48
CA PRO A 195 53.41 -10.73 24.67
C PRO A 195 53.98 -9.53 25.41
N ASP A 196 54.70 -9.81 26.49
CA ASP A 196 55.35 -8.81 27.35
C ASP A 196 55.71 -7.47 26.68
N ASN A 197 56.47 -7.54 25.59
CA ASN A 197 56.98 -6.34 24.93
C ASN A 197 55.88 -5.38 24.46
N VAL A 198 54.81 -5.91 23.86
CA VAL A 198 53.74 -5.05 23.32
C VAL A 198 52.99 -4.27 24.40
N VAL A 199 52.92 -4.82 25.61
CA VAL A 199 52.23 -4.16 26.71
C VAL A 199 53.02 -2.94 27.18
N PHE A 200 54.34 -3.09 27.25
CA PHE A 200 55.28 -2.01 27.57
C PHE A 200 55.25 -0.90 26.54
N LYS A 201 55.26 -1.29 25.27
CA LYS A 201 55.27 -0.33 24.17
C LYS A 201 53.92 0.38 24.08
N PHE A 202 52.85 -0.33 24.43
CA PHE A 202 51.54 0.30 24.44
C PHE A 202 51.54 1.51 25.35
N CYS A 203 52.07 1.34 26.56
CA CYS A 203 52.08 2.40 27.56
C CYS A 203 52.97 3.59 27.16
N GLU A 204 54.11 3.28 26.53
CA GLU A 204 55.04 4.32 26.06
C GLU A 204 54.37 5.28 25.06
N VAL A 205 53.75 4.73 24.01
CA VAL A 205 53.14 5.61 23.00
C VAL A 205 51.83 6.25 23.49
N ALA A 206 51.14 5.57 24.41
CA ALA A 206 49.99 6.14 25.08
C ALA A 206 50.41 7.36 25.91
N LYS A 207 51.47 7.18 26.71
CA LYS A 207 52.03 8.25 27.52
C LYS A 207 52.45 9.40 26.61
N GLU A 208 53.20 9.06 25.56
CA GLU A 208 53.68 10.05 24.60
C GLU A 208 52.55 10.84 23.94
N ASN A 209 51.34 10.30 23.98
CA ASN A 209 50.19 10.96 23.34
C ASN A 209 49.37 11.86 24.25
N GLY A 210 49.58 11.74 25.57
CA GLY A 210 48.92 12.62 26.53
C GLY A 210 48.32 11.85 27.69
N MET A 211 48.64 10.57 27.76
CA MET A 211 48.10 9.71 28.79
C MET A 211 48.92 9.88 30.06
N ASP A 212 48.28 10.37 31.12
CA ASP A 212 48.96 10.57 32.39
C ASP A 212 48.78 9.38 33.32
N VAL A 213 47.53 9.07 33.67
CA VAL A 213 47.26 8.09 34.72
C VAL A 213 46.75 6.74 34.20
N PHE A 214 47.50 5.69 34.50
CA PHE A 214 47.17 4.33 34.08
C PHE A 214 46.57 3.56 35.26
N ARG A 215 45.24 3.41 35.27
CA ARG A 215 44.59 2.50 36.20
C ARG A 215 44.80 1.06 35.71
N VAL A 216 45.48 0.26 36.53
CA VAL A 216 45.91 -1.07 36.13
C VAL A 216 45.28 -2.12 37.03
N PHE A 217 44.48 -3.00 36.44
CA PHE A 217 43.86 -4.11 37.17
C PHE A 217 44.04 -5.50 36.52
N ASP A 218 43.64 -6.55 37.23
CA ASP A 218 43.57 -7.89 36.65
C ASP A 218 42.35 -8.65 37.14
N SER A 219 41.56 -9.17 36.21
CA SER A 219 40.25 -9.77 36.52
C SER A 219 40.29 -10.76 37.69
N LEU A 220 41.34 -11.58 37.73
CA LEU A 220 41.66 -12.32 38.93
C LEU A 220 42.72 -11.49 39.63
N ASN A 221 42.53 -11.17 40.90
CA ASN A 221 43.52 -10.39 41.60
C ASN A 221 44.83 -11.18 41.72
N TYR A 222 45.50 -11.31 40.58
CA TYR A 222 46.64 -12.19 40.42
C TYR A 222 47.90 -11.36 40.25
N LEU A 223 48.63 -11.19 41.36
CA LEU A 223 49.74 -10.25 41.47
C LEU A 223 50.69 -10.13 40.27
N PRO A 224 51.22 -11.24 39.75
CA PRO A 224 52.18 -11.18 38.65
C PRO A 224 51.69 -10.32 37.50
N ASN A 225 50.46 -10.56 37.06
CA ASN A 225 49.85 -9.82 35.96
C ASN A 225 49.75 -8.33 36.23
N MET A 226 49.65 -7.99 37.51
CA MET A 226 49.54 -6.60 37.94
C MET A 226 50.89 -5.91 37.96
N LEU A 227 51.90 -6.59 38.50
CA LEU A 227 53.26 -6.07 38.49
C LEU A 227 53.65 -5.77 37.06
N LEU A 228 53.30 -6.67 36.14
CA LEU A 228 53.60 -6.49 34.73
C LEU A 228 53.00 -5.20 34.21
N GLY A 229 51.72 -4.99 34.49
CA GLY A 229 51.00 -3.81 34.04
C GLY A 229 51.62 -2.55 34.61
N MET A 230 51.97 -2.64 35.90
CA MET A 230 52.54 -1.51 36.64
C MET A 230 53.90 -1.05 36.12
N GLU A 231 54.75 -1.99 35.75
CA GLU A 231 56.06 -1.62 35.22
C GLU A 231 56.01 -1.30 33.73
N ALA A 232 54.88 -1.60 33.09
CA ALA A 232 54.63 -1.12 31.74
C ALA A 232 54.31 0.37 31.79
N ALA A 233 53.39 0.73 32.69
CA ALA A 233 53.05 2.12 32.95
C ALA A 233 54.17 2.83 33.72
N GLY A 234 54.81 2.13 34.64
CA GLY A 234 55.89 2.70 35.42
C GLY A 234 56.94 3.29 34.51
N SER A 235 57.56 2.42 33.71
CA SER A 235 58.72 2.80 32.89
C SER A 235 58.35 3.61 31.66
N ALA A 236 57.06 3.90 31.51
CA ALA A 236 56.61 4.80 30.47
C ALA A 236 56.47 6.23 31.04
N GLY A 237 56.53 6.34 32.36
CA GLY A 237 56.53 7.63 33.06
C GLY A 237 55.22 8.10 33.66
N GLY A 238 54.14 7.40 33.40
CA GLY A 238 52.83 7.85 33.87
C GLY A 238 52.57 7.56 35.33
N VAL A 239 51.53 8.17 35.89
CA VAL A 239 51.09 7.87 37.24
C VAL A 239 50.51 6.46 37.25
N VAL A 240 51.09 5.60 38.09
CA VAL A 240 50.64 4.22 38.26
C VAL A 240 49.55 4.14 39.33
N GLU A 241 48.40 3.58 38.94
CA GLU A 241 47.31 3.33 39.88
C GLU A 241 46.92 1.85 39.84
N ALA A 242 47.57 1.05 40.68
CA ALA A 242 47.18 -0.34 40.83
C ALA A 242 45.78 -0.46 41.44
N ALA A 243 44.94 -1.30 40.85
CA ALA A 243 43.55 -1.40 41.28
C ALA A 243 43.09 -2.80 41.67
N ILE A 244 42.83 -2.98 42.96
CA ILE A 244 42.23 -4.19 43.49
C ILE A 244 40.80 -4.31 43.02
N SER A 245 40.44 -5.43 42.42
CA SER A 245 39.03 -5.68 42.07
C SER A 245 38.28 -6.24 43.29
N TYR A 246 37.02 -5.83 43.46
CA TYR A 246 36.26 -6.09 44.69
C TYR A 246 35.06 -7.01 44.51
N THR A 247 34.96 -8.04 45.34
CA THR A 247 33.82 -8.97 45.35
C THR A 247 33.45 -9.42 46.77
N GLY A 248 32.18 -9.80 46.94
CA GLY A 248 31.69 -10.31 48.20
C GLY A 248 31.35 -9.17 49.13
N ASP A 249 31.36 -9.46 50.42
CA ASP A 249 31.13 -8.42 51.42
C ASP A 249 32.15 -8.52 52.53
N VAL A 250 32.98 -7.50 52.60
CA VAL A 250 34.00 -7.38 53.63
C VAL A 250 33.39 -7.13 55.03
N ALA A 251 32.22 -6.50 55.07
CA ALA A 251 31.48 -6.28 56.31
C ALA A 251 30.83 -7.56 56.83
N ASP A 252 30.72 -8.57 55.96
CA ASP A 252 30.09 -9.83 56.33
C ASP A 252 31.13 -10.85 56.80
N PRO A 253 31.16 -11.11 58.11
CA PRO A 253 32.22 -11.92 58.73
C PRO A 253 32.28 -13.34 58.18
N SER A 254 31.10 -13.93 57.95
CA SER A 254 30.97 -15.33 57.52
C SER A 254 31.58 -15.63 56.15
N ARG A 255 31.60 -14.65 55.25
CA ARG A 255 32.23 -14.88 53.95
C ARG A 255 33.74 -14.70 54.02
N THR A 256 34.44 -15.83 54.17
CA THR A 256 35.87 -15.85 54.47
C THR A 256 36.78 -15.59 53.27
N LYS A 257 36.34 -15.99 52.08
CA LYS A 257 37.23 -16.08 50.91
C LYS A 257 37.88 -14.76 50.52
N TYR A 258 37.10 -13.68 50.56
CA TYR A 258 37.58 -12.36 50.20
C TYR A 258 37.41 -11.44 51.40
N SER A 259 38.18 -11.71 52.45
CA SER A 259 38.11 -10.94 53.68
C SER A 259 38.87 -9.63 53.60
N LEU A 260 38.62 -8.77 54.59
CA LEU A 260 39.41 -7.57 54.81
C LEU A 260 40.90 -7.90 54.84
N GLN A 261 41.22 -9.12 55.28
CA GLN A 261 42.60 -9.60 55.31
C GLN A 261 43.08 -9.90 53.90
N TYR A 262 42.23 -10.57 53.12
CA TYR A 262 42.55 -10.86 51.72
C TYR A 262 42.99 -9.59 51.03
N TYR A 263 42.12 -8.58 51.05
CA TYR A 263 42.34 -7.30 50.37
C TYR A 263 43.54 -6.55 50.96
N MET A 264 43.70 -6.66 52.27
CA MET A 264 44.79 -6.01 52.98
C MET A 264 46.13 -6.57 52.55
N GLY A 265 46.21 -7.89 52.41
CA GLY A 265 47.44 -8.56 51.99
C GLY A 265 47.81 -8.21 50.55
N LEU A 266 46.81 -7.91 49.74
CA LEU A 266 47.00 -7.60 48.34
C LEU A 266 47.49 -6.17 48.09
N ALA A 267 46.91 -5.21 48.82
CA ALA A 267 47.37 -3.84 48.74
C ALA A 267 48.84 -3.77 49.16
N GLU A 268 49.12 -4.36 50.32
CA GLU A 268 50.48 -4.36 50.87
C GLU A 268 51.50 -4.89 49.89
N GLU A 269 51.10 -5.88 49.09
CA GLU A 269 51.93 -6.39 48.01
C GLU A 269 52.22 -5.32 46.96
N LEU A 270 51.14 -4.68 46.50
CA LEU A 270 51.21 -3.64 45.48
C LEU A 270 51.94 -2.39 45.97
N VAL A 271 51.74 -2.04 47.23
CA VAL A 271 52.50 -0.94 47.82
C VAL A 271 53.99 -1.30 47.80
N ARG A 272 54.31 -2.52 48.24
CA ARG A 272 55.69 -3.04 48.16
C ARG A 272 56.19 -2.97 46.71
N ALA A 273 55.30 -3.32 45.77
CA ALA A 273 55.61 -3.21 44.34
C ALA A 273 55.76 -1.76 43.82
N GLY A 274 55.19 -0.81 44.56
CA GLY A 274 55.47 0.61 44.31
C GLY A 274 54.46 1.32 43.44
N THR A 275 53.21 1.36 43.89
CA THR A 275 52.15 2.13 43.24
C THR A 275 52.22 3.59 43.66
N HIS A 276 51.65 4.49 42.86
CA HIS A 276 51.49 5.88 43.29
C HIS A 276 50.16 6.05 44.03
N ILE A 277 49.06 5.83 43.33
CA ILE A 277 47.72 5.85 43.93
C ILE A 277 47.28 4.40 44.10
N LEU A 278 46.45 4.12 45.10
CA LEU A 278 45.82 2.81 45.21
C LEU A 278 44.32 2.91 45.00
N CYS A 279 43.79 2.02 44.17
CA CYS A 279 42.38 2.07 43.81
C CYS A 279 41.65 0.81 44.23
N ILE A 280 40.38 0.99 44.62
CA ILE A 280 39.48 -0.12 44.84
C ILE A 280 38.45 -0.06 43.72
N KCX A 281 38.46 -1.09 42.87
CA KCX A 281 37.59 -1.14 41.70
CB KCX A 281 38.37 -1.70 40.49
CG KCX A 281 37.62 -1.65 39.15
CD KCX A 281 38.37 -2.43 38.05
CE KCX A 281 37.61 -2.41 36.71
NZ KCX A 281 37.20 -1.03 36.27
C KCX A 281 36.35 -1.98 41.98
O KCX A 281 36.35 -3.20 41.85
CX KCX A 281 35.93 -0.63 36.21
OQ1 KCX A 281 35.64 0.53 35.84
OQ2 KCX A 281 35.00 -1.39 36.50
N ASP A 282 35.28 -1.32 42.40
CA ASP A 282 34.01 -1.98 42.63
C ASP A 282 33.20 -1.99 41.32
N MET A 283 33.47 -2.97 40.47
CA MET A 283 32.94 -2.98 39.09
C MET A 283 31.48 -3.38 38.99
N ALA A 284 30.96 -4.00 40.04
CA ALA A 284 29.59 -4.50 40.05
C ALA A 284 28.66 -3.67 40.94
N GLY A 285 29.22 -2.68 41.64
CA GLY A 285 28.46 -1.90 42.62
C GLY A 285 28.10 -2.66 43.91
N LEU A 286 29.09 -3.34 44.50
CA LEU A 286 28.85 -4.25 45.60
C LEU A 286 29.22 -3.68 46.97
N LEU A 287 29.61 -2.42 46.99
CA LEU A 287 30.26 -1.82 48.13
C LEU A 287 29.23 -1.00 48.90
N LYS A 288 28.97 -1.38 50.14
CA LYS A 288 27.99 -0.68 50.98
C LYS A 288 28.71 0.15 52.06
N PRO A 289 28.04 1.18 52.57
CA PRO A 289 28.63 2.07 53.58
C PRO A 289 29.52 1.39 54.64
N THR A 290 28.98 0.53 55.49
CA THR A 290 29.81 -0.07 56.52
C THR A 290 31.08 -0.70 55.91
N ALA A 291 30.92 -1.52 54.88
CA ALA A 291 32.05 -2.15 54.21
C ALA A 291 33.13 -1.14 53.76
N CYS A 292 32.70 0.03 53.31
CA CYS A 292 33.62 1.09 52.94
C CYS A 292 34.35 1.61 54.17
N THR A 293 33.58 2.05 55.16
CA THR A 293 34.13 2.51 56.43
C THR A 293 35.19 1.54 56.96
N MET A 294 34.85 0.26 56.94
CA MET A 294 35.73 -0.79 57.42
C MET A 294 37.01 -0.91 56.60
N LEU A 295 36.88 -0.82 55.29
CA LEU A 295 37.99 -1.07 54.39
C LEU A 295 38.89 0.14 54.21
N VAL A 296 38.32 1.30 53.87
CA VAL A 296 39.17 2.48 53.64
C VAL A 296 39.84 2.97 54.93
N SER A 297 39.08 3.02 56.04
CA SER A 297 39.66 3.42 57.33
C SER A 297 40.85 2.55 57.69
N SER A 298 40.76 1.27 57.35
CA SER A 298 41.83 0.33 57.68
C SER A 298 43.01 0.45 56.70
N LEU A 299 42.71 0.72 55.43
CA LEU A 299 43.74 1.03 54.44
C LEU A 299 44.45 2.33 54.77
N ARG A 300 43.72 3.26 55.39
CA ARG A 300 44.30 4.51 55.89
C ARG A 300 45.25 4.23 57.06
N ASP A 301 44.95 3.18 57.82
CA ASP A 301 45.79 2.80 58.95
C ASP A 301 47.15 2.23 58.53
N ARG A 302 47.16 1.18 57.71
CA ARG A 302 48.43 0.55 57.31
C ARG A 302 49.25 1.47 56.39
N PHE A 303 48.57 2.42 55.76
CA PHE A 303 49.20 3.35 54.84
C PHE A 303 48.71 4.76 55.15
N PRO A 304 49.37 5.40 56.10
CA PRO A 304 48.97 6.72 56.59
C PRO A 304 48.79 7.73 55.46
N ASP A 305 49.85 8.03 54.72
CA ASP A 305 49.72 8.99 53.63
C ASP A 305 49.88 8.36 52.25
N LEU A 306 48.86 7.60 51.85
CA LEU A 306 48.79 6.96 50.54
C LEU A 306 47.46 7.34 49.91
N PRO A 307 47.48 7.90 48.70
CA PRO A 307 46.24 8.31 48.03
C PRO A 307 45.35 7.11 47.72
N LEU A 308 44.09 7.18 48.17
CA LEU A 308 43.13 6.11 47.93
C LEU A 308 42.04 6.59 46.97
N HIS A 309 41.89 5.88 45.86
CA HIS A 309 40.99 6.24 44.78
C HIS A 309 39.97 5.12 44.70
N ILE A 310 38.70 5.44 44.95
CA ILE A 310 37.68 4.39 44.99
C ILE A 310 36.72 4.58 43.85
N HIS A 311 36.40 3.48 43.19
CA HIS A 311 35.57 3.45 41.99
C HIS A 311 34.45 2.48 42.26
N THR A 312 33.20 2.92 42.07
CA THR A 312 32.05 2.02 42.19
C THR A 312 31.04 2.16 41.04
N HIS A 313 30.04 1.28 41.02
CA HIS A 313 28.93 1.40 40.10
C HIS A 313 27.63 1.48 40.91
N ASP A 314 26.62 2.16 40.37
CA ASP A 314 25.45 2.49 41.16
C ASP A 314 24.35 1.45 41.02
N THR A 315 24.69 0.29 40.48
CA THR A 315 23.66 -0.67 40.09
C THR A 315 22.86 -1.31 41.24
N SER A 316 23.34 -1.18 42.48
CA SER A 316 22.55 -1.63 43.63
C SER A 316 21.75 -0.48 44.26
N GLY A 317 22.02 0.75 43.84
CA GLY A 317 21.37 1.90 44.42
C GLY A 317 22.09 2.45 45.63
N ALA A 318 23.30 1.94 45.88
CA ALA A 318 24.05 2.33 47.06
C ALA A 318 25.35 3.03 46.70
N GLY A 319 25.43 3.56 45.49
CA GLY A 319 26.64 4.25 45.04
C GLY A 319 26.98 5.49 45.82
N VAL A 320 26.06 6.46 45.86
CA VAL A 320 26.33 7.75 46.52
C VAL A 320 26.71 7.53 47.96
N ALA A 321 25.87 6.79 48.69
CA ALA A 321 26.10 6.53 50.10
C ALA A 321 27.49 5.89 50.30
N ALA A 322 27.80 4.85 49.52
CA ALA A 322 29.08 4.14 49.65
C ALA A 322 30.24 5.11 49.48
N MET A 323 30.12 6.03 48.53
CA MET A 323 31.20 7.01 48.31
C MET A 323 31.36 7.99 49.47
N LEU A 324 30.23 8.45 50.04
CA LEU A 324 30.27 9.38 51.18
C LEU A 324 30.94 8.71 52.38
N ALA A 325 30.72 7.40 52.51
CA ALA A 325 31.41 6.61 53.54
C ALA A 325 32.91 6.64 53.32
N CYS A 326 33.34 6.32 52.09
CA CYS A 326 34.75 6.43 51.71
C CYS A 326 35.31 7.81 51.97
N ALA A 327 34.55 8.85 51.65
CA ALA A 327 34.95 10.21 51.96
C ALA A 327 35.28 10.35 53.45
N GLN A 328 34.33 9.94 54.29
CA GLN A 328 34.44 10.06 55.74
C GLN A 328 35.59 9.26 56.31
N ALA A 329 35.79 8.06 55.80
CA ALA A 329 36.91 7.21 56.21
C ALA A 329 38.23 7.71 55.64
N GLY A 330 38.18 8.86 54.96
CA GLY A 330 39.38 9.53 54.46
C GLY A 330 39.88 9.11 53.08
N ALA A 331 38.98 8.83 52.15
CA ALA A 331 39.42 8.58 50.78
C ALA A 331 39.71 9.91 50.10
N ASP A 332 40.73 9.93 49.23
CA ASP A 332 41.12 11.16 48.58
C ASP A 332 40.36 11.37 47.27
N VAL A 333 40.22 10.31 46.47
CA VAL A 333 39.48 10.42 45.20
C VAL A 333 38.30 9.45 45.07
N VAL A 334 37.21 9.97 44.50
CA VAL A 334 35.96 9.23 44.25
C VAL A 334 35.57 9.36 42.75
N ASP A 335 35.02 8.29 42.17
CA ASP A 335 34.56 8.33 40.79
C ASP A 335 33.08 8.68 40.65
N VAL A 336 32.81 9.66 39.80
CA VAL A 336 31.46 10.13 39.49
C VAL A 336 31.28 10.27 37.98
N ALA A 337 30.02 10.43 37.56
CA ALA A 337 29.69 10.77 36.18
C ALA A 337 28.67 11.91 36.17
N ALA A 338 28.56 12.60 35.04
CA ALA A 338 27.55 13.63 34.86
C ALA A 338 26.16 13.10 35.24
N ASP A 339 25.31 13.94 35.80
CA ASP A 339 24.01 13.48 36.29
C ASP A 339 23.32 12.65 35.23
N SER A 340 23.21 13.20 34.02
CA SER A 340 22.41 12.63 32.95
C SER A 340 23.02 11.35 32.41
N MET A 341 24.18 11.00 32.95
CA MET A 341 24.94 9.82 32.59
C MET A 341 25.23 8.99 33.85
N SER A 342 24.45 9.22 34.91
CA SER A 342 24.67 8.51 36.16
C SER A 342 23.49 7.67 36.59
N GLY A 343 23.60 7.08 37.79
CA GLY A 343 22.64 6.10 38.28
C GLY A 343 22.75 4.78 37.55
N MET A 344 21.90 3.81 37.93
CA MET A 344 21.87 2.47 37.31
C MET A 344 23.27 1.88 37.25
N THR A 345 23.66 1.32 36.10
CA THR A 345 24.94 0.65 35.98
C THR A 345 26.12 1.57 35.66
N SER A 346 25.94 2.87 35.83
CA SER A 346 27.01 3.82 35.55
C SER A 346 27.70 4.17 36.87
N GLN A 347 28.42 5.29 36.93
CA GLN A 347 28.89 5.75 38.23
C GLN A 347 27.75 6.51 38.98
N PRO A 348 27.93 6.76 40.28
CA PRO A 348 27.09 7.70 41.01
C PRO A 348 27.12 9.11 40.45
N SER A 349 26.01 9.82 40.59
CA SER A 349 25.85 11.22 40.21
C SER A 349 26.91 12.18 40.75
N MET A 350 27.50 12.95 39.85
CA MET A 350 28.40 13.99 40.26
C MET A 350 27.62 15.01 41.10
N GLY A 351 26.47 15.44 40.61
CA GLY A 351 25.70 16.44 41.32
C GLY A 351 25.48 16.11 42.79
N ALA A 352 25.32 14.82 43.08
CA ALA A 352 24.97 14.38 44.43
C ALA A 352 26.17 14.50 45.36
N LEU A 353 27.32 13.99 44.90
CA LEU A 353 28.52 14.04 45.73
C LEU A 353 28.91 15.47 45.99
N VAL A 354 28.83 16.31 44.97
CA VAL A 354 29.09 17.73 45.16
C VAL A 354 28.11 18.34 46.20
N ALA A 355 26.82 18.04 46.06
CA ALA A 355 25.83 18.61 46.98
C ALA A 355 25.95 18.10 48.42
N CYS A 356 26.22 16.81 48.59
CA CYS A 356 26.17 16.20 49.92
C CYS A 356 27.50 16.38 50.62
N THR A 357 28.41 17.04 49.93
CA THR A 357 29.75 17.22 50.41
C THR A 357 29.99 18.65 50.92
N ARG A 358 29.16 19.60 50.47
CA ARG A 358 29.29 21.02 50.85
C ARG A 358 29.05 21.23 52.32
N GLY A 359 29.68 22.27 52.86
CA GLY A 359 29.50 22.63 54.25
C GLY A 359 30.08 21.56 55.14
N THR A 360 30.94 20.73 54.57
CA THR A 360 31.66 19.73 55.36
C THR A 360 33.14 19.79 54.97
N PRO A 361 34.01 19.30 55.85
CA PRO A 361 35.41 19.09 55.51
C PRO A 361 35.64 18.31 54.20
N LEU A 362 34.63 17.60 53.72
CA LEU A 362 34.74 16.81 52.50
C LEU A 362 34.57 17.62 51.19
N ASP A 363 33.96 18.80 51.31
CA ASP A 363 33.68 19.72 50.20
C ASP A 363 34.59 19.60 48.96
N THR A 364 33.96 19.41 47.80
CA THR A 364 34.67 19.27 46.52
C THR A 364 35.05 20.64 46.00
N GLU A 365 34.28 21.66 46.40
CA GLU A 365 34.46 23.05 45.99
C GLU A 365 34.13 23.27 44.51
N VAL A 366 33.43 22.31 43.93
CA VAL A 366 32.88 22.43 42.59
C VAL A 366 31.53 23.19 42.64
N PRO A 367 31.43 24.33 41.96
CA PRO A 367 30.17 25.08 41.89
C PRO A 367 29.08 24.23 41.27
N MET A 368 27.85 24.32 41.82
CA MET A 368 26.73 23.53 41.30
C MET A 368 26.33 23.96 39.89
N GLU A 369 26.44 25.25 39.58
CA GLU A 369 26.03 25.77 38.27
C GLU A 369 26.78 25.08 37.16
N ARG A 370 28.04 24.81 37.43
CA ARG A 370 28.89 24.13 36.47
C ARG A 370 28.42 22.70 36.25
N VAL A 371 28.18 21.97 37.34
CA VAL A 371 27.64 20.60 37.27
C VAL A 371 26.34 20.55 36.45
N PHE A 372 25.39 21.42 36.78
CA PHE A 372 24.12 21.51 36.05
C PHE A 372 24.36 21.57 34.53
N ASP A 373 25.21 22.51 34.12
CA ASP A 373 25.50 22.76 32.73
C ASP A 373 26.22 21.61 32.06
N TYR A 374 27.21 21.03 32.74
CA TYR A 374 27.91 19.88 32.20
C TYR A 374 26.91 18.76 31.90
N SER A 375 26.02 18.53 32.86
CA SER A 375 25.05 17.48 32.77
C SER A 375 24.05 17.78 31.67
N GLU A 376 23.75 19.06 31.47
CA GLU A 376 22.73 19.42 30.52
C GLU A 376 23.19 19.21 29.10
N TYR A 377 24.47 19.39 28.85
CA TYR A 377 25.03 19.06 27.57
C TYR A 377 24.82 17.59 27.33
N TRP A 378 25.16 16.79 28.34
CA TRP A 378 25.13 15.35 28.20
C TRP A 378 23.72 14.82 28.07
N GLU A 379 22.75 15.54 28.61
CA GLU A 379 21.37 15.12 28.48
C GLU A 379 21.05 15.13 27.00
N GLY A 380 21.57 16.15 26.31
CA GLY A 380 21.36 16.35 24.88
C GLY A 380 22.16 15.36 24.05
N ALA A 381 23.44 15.23 24.36
CA ALA A 381 24.29 14.29 23.66
C ALA A 381 23.70 12.89 23.81
N ARG A 382 23.36 12.50 25.03
CA ARG A 382 22.80 11.17 25.24
C ARG A 382 21.70 10.94 24.25
N GLY A 383 20.91 11.98 24.00
CA GLY A 383 19.75 11.92 23.15
C GLY A 383 20.06 11.43 21.75
N LEU A 384 21.26 11.73 21.26
CA LEU A 384 21.68 11.31 19.92
C LEU A 384 21.88 9.78 19.82
N TYR A 385 22.12 9.14 20.96
CA TYR A 385 22.46 7.73 21.03
C TYR A 385 21.30 6.84 21.44
N ALA A 386 20.08 7.33 21.22
CA ALA A 386 18.86 6.55 21.50
C ALA A 386 18.92 5.11 20.99
N ALA A 387 19.49 4.88 19.81
CA ALA A 387 19.60 3.53 19.26
C ALA A 387 20.37 2.57 20.18
N PHE A 388 21.18 3.12 21.08
CA PHE A 388 22.04 2.31 21.94
C PHE A 388 21.75 2.46 23.43
N ASP A 389 20.70 3.21 23.77
CA ASP A 389 20.40 3.49 25.17
C ASP A 389 19.80 2.29 25.89
N CYS A 390 20.53 1.79 26.89
CA CYS A 390 20.10 0.63 27.67
C CYS A 390 18.76 0.87 28.33
N THR A 391 18.52 2.13 28.64
CA THR A 391 17.28 2.54 29.27
C THR A 391 16.01 2.11 28.53
N ALA A 392 16.14 1.70 27.28
CA ALA A 392 14.99 1.21 26.52
C ALA A 392 14.34 -0.02 27.19
N THR A 393 15.14 -0.79 27.93
CA THR A 393 14.59 -1.96 28.65
C THR A 393 14.95 -1.95 30.14
N MET A 394 15.98 -1.20 30.49
CA MET A 394 16.37 -1.10 31.88
C MET A 394 16.04 0.27 32.46
N LYS A 395 15.04 0.31 33.34
CA LYS A 395 14.64 1.59 33.95
C LYS A 395 15.04 1.80 35.41
N SER A 396 15.84 0.89 35.94
CA SER A 396 16.23 0.98 37.33
C SER A 396 17.53 0.29 37.59
N GLY A 397 18.10 0.55 38.75
CA GLY A 397 19.12 -0.34 39.29
C GLY A 397 18.43 -1.60 39.76
N ASN A 398 19.21 -2.53 40.31
CA ASN A 398 18.67 -3.79 40.79
C ASN A 398 19.54 -4.34 41.90
N SER A 399 18.95 -4.58 43.06
CA SER A 399 19.76 -4.94 44.21
C SER A 399 20.23 -6.37 44.11
N ASP A 400 19.74 -7.11 43.12
CA ASP A 400 20.10 -8.51 42.98
C ASP A 400 21.53 -8.72 42.50
N VAL A 401 22.23 -7.62 42.20
CA VAL A 401 23.66 -7.70 42.01
C VAL A 401 24.35 -8.28 43.22
N TYR A 402 23.70 -8.22 44.38
CA TYR A 402 24.28 -8.76 45.59
C TYR A 402 24.31 -10.29 45.55
N GLU A 403 23.46 -10.87 44.72
CA GLU A 403 23.31 -12.31 44.60
C GLU A 403 24.06 -12.89 43.39
N ASN A 404 24.00 -12.19 42.27
CA ASN A 404 24.54 -12.69 41.01
C ASN A 404 25.92 -12.12 40.67
N GLU A 405 26.15 -10.88 41.09
CA GLU A 405 27.43 -10.19 40.94
C GLU A 405 27.91 -9.98 39.50
N ILE A 406 27.03 -9.47 38.65
CA ILE A 406 27.40 -9.15 37.29
C ILE A 406 27.87 -7.69 37.26
N PRO A 407 29.10 -7.46 36.82
CA PRO A 407 29.64 -6.10 36.77
C PRO A 407 28.73 -5.17 35.96
N GLY A 408 28.83 -3.87 36.22
CA GLY A 408 27.94 -2.87 35.63
C GLY A 408 27.66 -3.02 34.14
N GLY A 409 28.74 -3.14 33.36
CA GLY A 409 28.65 -3.16 31.91
C GLY A 409 28.05 -4.44 31.39
N GLN A 410 28.54 -5.56 31.90
CA GLN A 410 27.99 -6.85 31.51
C GLN A 410 26.48 -6.92 31.80
N TYR A 411 26.08 -6.40 32.96
CA TYR A 411 24.71 -6.52 33.44
C TYR A 411 23.75 -6.00 32.40
N THR A 412 24.05 -4.80 31.92
CA THR A 412 23.21 -4.09 30.96
C THR A 412 23.38 -4.62 29.55
N ASN A 413 24.57 -5.09 29.20
CA ASN A 413 24.81 -5.67 27.86
C ASN A 413 24.56 -7.18 27.82
N LEU A 414 23.60 -7.60 28.63
CA LEU A 414 23.21 -8.99 28.78
C LEU A 414 21.73 -8.98 29.12
N HIS A 415 21.33 -7.97 29.89
CA HIS A 415 19.92 -7.65 30.20
C HIS A 415 19.19 -7.29 28.92
N PHE A 416 19.88 -6.54 28.06
CA PHE A 416 19.35 -6.14 26.77
C PHE A 416 19.06 -7.38 25.97
N GLN A 417 20.03 -8.29 25.96
CA GLN A 417 20.02 -9.51 25.18
C GLN A 417 18.76 -10.36 25.43
N ALA A 418 18.11 -10.12 26.58
CA ALA A 418 16.96 -10.93 27.02
C ALA A 418 15.60 -10.22 26.94
N HIS A 419 15.61 -8.95 26.58
CA HIS A 419 14.39 -8.20 26.38
C HIS A 419 14.25 -7.71 24.94
N SER A 420 15.32 -7.85 24.16
CA SER A 420 15.36 -7.31 22.80
C SER A 420 15.27 -8.36 21.69
N MET A 421 16.28 -9.24 21.57
CA MET A 421 16.27 -10.30 20.56
C MET A 421 15.30 -11.42 20.96
N GLY A 422 15.22 -11.67 22.27
CA GLY A 422 14.14 -12.47 22.83
C GLY A 422 13.24 -11.56 23.64
N LEU A 423 12.44 -12.14 24.54
CA LEU A 423 11.56 -11.32 25.38
C LEU A 423 11.52 -11.74 26.84
N GLY A 424 11.68 -10.76 27.74
CA GLY A 424 11.35 -10.90 29.15
C GLY A 424 12.25 -11.70 30.08
N SER A 425 11.71 -12.83 30.55
CA SER A 425 12.27 -13.56 31.71
C SER A 425 13.36 -14.61 31.44
N LYS A 426 13.73 -14.80 30.17
CA LYS A 426 14.81 -15.74 29.81
C LYS A 426 16.16 -15.23 30.35
N PHE A 427 16.17 -13.97 30.78
CA PHE A 427 17.28 -13.40 31.53
C PHE A 427 17.37 -13.95 32.94
N LYS A 428 16.24 -14.37 33.50
CA LYS A 428 16.23 -14.88 34.87
C LYS A 428 17.17 -16.06 34.96
N GLU A 429 17.00 -17.02 34.05
CA GLU A 429 17.80 -18.24 34.03
C GLU A 429 19.25 -17.95 33.74
N VAL A 430 19.52 -16.96 32.89
CA VAL A 430 20.88 -16.50 32.62
C VAL A 430 21.55 -16.10 33.94
N LYS A 431 20.84 -15.32 34.75
CA LYS A 431 21.34 -14.87 36.05
C LYS A 431 21.49 -16.04 37.01
N LYS A 432 20.55 -16.98 36.97
CA LYS A 432 20.60 -18.15 37.84
C LYS A 432 21.77 -19.04 37.44
N ALA A 433 22.05 -19.11 36.13
CA ALA A 433 23.18 -19.86 35.59
C ALA A 433 24.50 -19.13 35.83
N TYR A 434 24.46 -17.81 35.80
CA TYR A 434 25.63 -16.97 36.11
C TYR A 434 26.13 -17.23 37.53
N VAL A 435 25.20 -17.23 38.50
CA VAL A 435 25.48 -17.57 39.89
C VAL A 435 26.12 -18.95 39.99
N GLU A 436 25.55 -19.91 39.26
CA GLU A 436 26.02 -21.29 39.25
C GLU A 436 27.39 -21.41 38.56
N ALA A 437 27.57 -20.65 37.48
CA ALA A 437 28.80 -20.67 36.69
C ALA A 437 29.97 -20.13 37.50
N ASN A 438 29.72 -19.05 38.22
CA ASN A 438 30.69 -18.45 39.11
C ASN A 438 31.27 -19.47 40.11
N GLN A 439 30.38 -20.21 40.76
CA GLN A 439 30.81 -21.22 41.73
C GLN A 439 31.32 -22.50 41.06
N MET A 440 30.87 -22.75 39.84
CA MET A 440 31.39 -23.84 39.01
C MET A 440 32.87 -23.59 38.69
N LEU A 441 33.22 -22.32 38.46
CA LEU A 441 34.59 -21.92 38.19
C LEU A 441 35.35 -21.60 39.48
N GLY A 442 34.71 -21.88 40.61
CA GLY A 442 35.35 -21.83 41.91
C GLY A 442 35.32 -20.48 42.59
N ASP A 443 34.17 -19.80 42.53
CA ASP A 443 33.97 -18.51 43.17
C ASP A 443 35.02 -17.46 42.73
N LEU A 444 34.70 -16.73 41.67
CA LEU A 444 35.66 -15.81 41.02
C LEU A 444 35.38 -14.33 41.22
N ILE A 445 36.44 -13.54 41.20
CA ILE A 445 36.35 -12.09 41.04
C ILE A 445 36.00 -11.87 39.56
N LYS A 446 34.84 -11.26 39.31
CA LYS A 446 34.32 -11.12 37.95
C LYS A 446 34.45 -9.70 37.38
N VAL A 447 35.49 -9.53 36.56
CA VAL A 447 35.70 -8.33 35.78
C VAL A 447 36.13 -8.86 34.41
N THR A 448 36.40 -7.97 33.48
CA THR A 448 36.86 -8.39 32.16
C THR A 448 38.31 -8.83 32.26
N PRO A 449 38.70 -9.93 31.61
CA PRO A 449 37.80 -10.95 31.02
C PRO A 449 37.08 -11.99 31.91
N SER A 450 37.51 -12.20 33.14
CA SER A 450 36.89 -13.28 33.95
C SER A 450 35.35 -13.30 33.91
N SER A 451 34.74 -12.11 34.05
CA SER A 451 33.29 -11.92 34.01
C SER A 451 32.68 -12.45 32.71
N LYS A 452 33.34 -12.14 31.61
CA LYS A 452 33.04 -12.68 30.29
C LYS A 452 33.08 -14.21 30.29
N ILE A 453 34.01 -14.80 31.04
CA ILE A 453 34.11 -16.25 31.13
C ILE A 453 32.85 -16.81 31.81
N VAL A 454 32.56 -16.29 33.00
CA VAL A 454 31.38 -16.73 33.76
C VAL A 454 30.13 -16.64 32.88
N GLY A 455 29.94 -15.47 32.25
CA GLY A 455 28.81 -15.23 31.38
C GLY A 455 28.75 -16.14 30.16
N ASP A 456 29.91 -16.58 29.69
CA ASP A 456 29.97 -17.52 28.58
C ASP A 456 29.56 -18.93 28.97
N LEU A 457 29.86 -19.31 30.21
CA LEU A 457 29.48 -20.62 30.70
C LEU A 457 28.01 -20.63 31.09
N ALA A 458 27.52 -19.49 31.57
CA ALA A 458 26.10 -19.32 31.88
C ALA A 458 25.25 -19.45 30.61
N GLN A 459 25.58 -18.66 29.61
CA GLN A 459 24.95 -18.74 28.30
C GLN A 459 24.98 -20.18 27.77
N PHE A 460 26.12 -20.87 27.93
CA PHE A 460 26.27 -22.22 27.42
C PHE A 460 25.29 -23.18 28.07
N MET A 461 25.22 -23.12 29.41
CA MET A 461 24.35 -24.01 30.19
C MET A 461 22.87 -23.86 29.84
N VAL A 462 22.47 -22.62 29.53
CA VAL A 462 21.10 -22.32 29.14
C VAL A 462 20.86 -22.70 27.68
N GLN A 463 21.85 -22.45 26.83
CA GLN A 463 21.77 -22.71 25.38
C GLN A 463 21.43 -24.16 25.07
N ASN A 464 21.60 -25.04 26.04
CA ASN A 464 21.23 -26.45 25.91
C ASN A 464 20.89 -27.13 27.25
N GLY A 465 20.25 -26.36 28.14
CA GLY A 465 19.65 -26.89 29.37
C GLY A 465 20.50 -27.82 30.21
N LEU A 466 21.63 -27.30 30.70
CA LEU A 466 22.50 -28.01 31.61
C LEU A 466 22.49 -27.33 32.98
N SER A 467 22.04 -28.04 34.00
CA SER A 467 22.12 -27.55 35.37
C SER A 467 23.55 -27.73 35.88
N ARG A 468 23.94 -26.97 36.91
CA ARG A 468 25.31 -27.03 37.42
C ARG A 468 25.79 -28.47 37.59
N ALA A 469 25.15 -29.19 38.51
CA ALA A 469 25.52 -30.56 38.85
C ALA A 469 25.52 -31.50 37.64
N GLU A 470 24.59 -31.29 36.72
CA GLU A 470 24.53 -32.08 35.49
C GLU A 470 25.66 -31.73 34.52
N ALA A 471 26.06 -30.46 34.51
CA ALA A 471 27.16 -29.99 33.69
C ALA A 471 28.49 -30.52 34.22
N GLU A 472 28.60 -30.60 35.54
CA GLU A 472 29.78 -31.14 36.22
C GLU A 472 30.09 -32.59 35.81
N ALA A 473 29.05 -33.43 35.78
CA ALA A 473 29.19 -34.85 35.51
C ALA A 473 29.51 -35.16 34.05
N GLN A 474 29.10 -34.24 33.17
CA GLN A 474 29.22 -34.44 31.71
C GLN A 474 30.39 -33.68 31.10
N ALA A 475 31.04 -32.84 31.91
CA ALA A 475 32.15 -31.99 31.46
C ALA A 475 33.25 -32.75 30.72
N GLU A 476 33.30 -34.05 30.99
CA GLU A 476 34.21 -34.99 30.34
C GLU A 476 34.16 -34.94 28.81
N GLU A 477 32.96 -34.78 28.25
CA GLU A 477 32.76 -34.76 26.81
C GLU A 477 31.78 -33.67 26.35
N LEU A 478 31.59 -32.64 27.17
CA LEU A 478 30.59 -31.63 26.85
C LEU A 478 30.93 -30.68 25.69
N SER A 479 32.21 -30.36 25.51
CA SER A 479 32.66 -29.35 24.54
C SER A 479 32.13 -27.95 24.91
N PHE A 480 32.89 -27.26 25.75
CA PHE A 480 32.49 -25.98 26.31
C PHE A 480 32.92 -24.82 25.40
N PRO A 481 32.49 -23.59 25.70
CA PRO A 481 32.95 -22.42 24.95
C PRO A 481 34.47 -22.28 24.92
N ARG A 482 34.95 -21.41 24.03
CA ARG A 482 36.38 -21.26 23.77
C ARG A 482 37.10 -20.52 24.88
N SER A 483 36.47 -19.46 25.38
CA SER A 483 37.05 -18.62 26.44
C SER A 483 37.17 -19.36 27.78
N VAL A 484 36.26 -20.30 28.03
CA VAL A 484 36.23 -21.04 29.30
C VAL A 484 37.35 -22.08 29.37
N VAL A 485 37.63 -22.75 28.26
CA VAL A 485 38.68 -23.77 28.23
C VAL A 485 40.07 -23.15 28.23
N GLU A 486 40.19 -21.95 27.65
CA GLU A 486 41.46 -21.24 27.65
C GLU A 486 41.80 -20.75 29.07
N PHE A 487 40.76 -20.33 29.79
CA PHE A 487 40.87 -19.91 31.19
C PHE A 487 41.49 -21.00 32.07
N LEU A 488 40.92 -22.20 31.98
CA LEU A 488 41.35 -23.33 32.79
C LEU A 488 42.74 -23.87 32.41
N GLN A 489 43.29 -23.34 31.32
CA GLN A 489 44.66 -23.60 30.91
C GLN A 489 45.58 -22.51 31.46
N GLY A 490 44.98 -21.41 31.93
CA GLY A 490 45.73 -20.32 32.55
C GLY A 490 46.27 -19.29 31.56
N TYR A 491 45.55 -19.09 30.46
CA TYR A 491 45.89 -18.05 29.47
C TYR A 491 45.76 -16.67 30.11
N ILE A 492 44.97 -16.65 31.18
CA ILE A 492 44.53 -15.44 31.88
C ILE A 492 45.06 -15.51 33.31
N GLY A 493 45.55 -16.68 33.70
CA GLY A 493 46.22 -16.82 34.97
C GLY A 493 45.55 -17.70 36.00
N VAL A 494 46.07 -17.62 37.23
CA VAL A 494 45.66 -18.48 38.31
C VAL A 494 44.87 -17.65 39.32
N PRO A 495 43.62 -18.04 39.55
CA PRO A 495 42.76 -17.29 40.45
C PRO A 495 43.11 -17.60 41.90
N HIS A 496 42.72 -16.70 42.82
CA HIS A 496 42.91 -16.95 44.24
C HIS A 496 42.08 -18.15 44.68
N GLY A 497 42.67 -18.95 45.57
CA GLY A 497 42.16 -20.27 45.87
C GLY A 497 42.88 -21.20 44.92
N GLY A 498 42.24 -21.49 43.80
CA GLY A 498 42.82 -22.32 42.74
C GLY A 498 41.77 -22.60 41.69
N PHE A 499 42.03 -23.58 40.84
CA PHE A 499 41.01 -24.05 39.91
C PHE A 499 40.18 -25.11 40.61
N PRO A 500 38.85 -24.99 40.56
CA PRO A 500 37.95 -26.00 41.14
C PRO A 500 38.27 -27.34 40.52
N GLU A 501 38.92 -28.19 41.31
CA GLU A 501 39.75 -29.25 40.72
C GLU A 501 39.07 -30.37 39.90
N PRO A 502 38.21 -31.19 40.51
CA PRO A 502 37.61 -32.32 39.79
C PRO A 502 36.99 -31.91 38.44
N PHE A 503 36.71 -30.61 38.31
CA PHE A 503 36.21 -30.03 37.06
C PHE A 503 37.33 -29.82 36.04
N ARG A 504 38.29 -28.96 36.39
CA ARG A 504 39.39 -28.58 35.49
C ARG A 504 40.01 -29.75 34.71
N SER A 505 40.43 -30.79 35.45
CA SER A 505 41.18 -31.91 34.87
C SER A 505 40.46 -32.61 33.71
N LYS A 506 39.17 -32.91 33.90
CA LYS A 506 38.42 -33.66 32.90
C LYS A 506 37.67 -32.75 31.92
N VAL A 507 38.16 -31.52 31.79
CA VAL A 507 37.81 -30.67 30.66
C VAL A 507 39.00 -30.65 29.70
N LEU A 508 40.21 -30.53 30.26
CA LEU A 508 41.43 -30.37 29.47
C LEU A 508 41.96 -31.72 29.01
N LYS A 509 42.24 -32.59 29.98
CA LYS A 509 42.57 -34.01 29.76
C LYS A 509 43.77 -34.32 28.84
N ASP A 510 44.02 -33.45 27.86
CA ASP A 510 45.14 -33.61 26.92
C ASP A 510 45.59 -32.27 26.32
N LEU A 511 45.30 -31.18 27.02
CA LEU A 511 45.61 -29.84 26.53
C LEU A 511 46.69 -29.16 27.40
N PRO A 512 47.62 -28.46 26.76
CA PRO A 512 48.69 -27.74 27.46
C PRO A 512 48.19 -26.70 28.47
N ARG A 513 48.72 -26.75 29.69
CA ARG A 513 48.40 -25.74 30.70
C ARG A 513 49.50 -24.69 30.73
N VAL A 514 49.22 -23.56 31.38
CA VAL A 514 50.21 -22.53 31.59
C VAL A 514 50.57 -22.47 33.07
N GLU A 515 51.85 -22.67 33.38
CA GLU A 515 52.28 -22.56 34.76
C GLU A 515 52.66 -21.12 35.12
N GLY A 516 51.95 -20.57 36.09
CA GLY A 516 52.22 -19.21 36.58
C GLY A 516 51.69 -18.11 35.67
N ARG A 517 52.61 -17.25 35.24
CA ARG A 517 52.27 -16.07 34.45
C ARG A 517 52.40 -16.36 32.96
N PRO A 518 51.37 -16.04 32.19
CA PRO A 518 51.35 -16.32 30.75
C PRO A 518 52.43 -15.56 29.98
N GLY A 519 52.48 -14.24 30.16
CA GLY A 519 53.47 -13.39 29.49
C GLY A 519 54.92 -13.87 29.58
N ALA A 520 55.20 -14.74 30.53
CA ALA A 520 56.55 -15.24 30.78
C ALA A 520 57.04 -16.14 29.65
N SER A 521 56.17 -17.02 29.16
CA SER A 521 56.55 -17.94 28.08
C SER A 521 56.25 -17.38 26.68
N LEU A 522 55.21 -16.57 26.57
CA LEU A 522 54.83 -15.92 25.30
C LEU A 522 55.99 -15.10 24.70
N PRO A 523 56.49 -15.53 23.53
CA PRO A 523 57.65 -14.88 22.92
C PRO A 523 57.37 -13.43 22.58
N PRO A 524 58.36 -12.55 22.77
CA PRO A 524 58.20 -11.13 22.45
C PRO A 524 57.75 -10.94 21.00
N LEU A 525 56.57 -10.35 20.83
CA LEU A 525 56.01 -10.12 19.50
C LEU A 525 56.79 -9.04 18.77
N ASP A 526 57.22 -9.38 17.55
CA ASP A 526 57.85 -8.44 16.63
C ASP A 526 56.96 -7.20 16.48
N LEU A 527 57.58 -6.04 16.22
CA LEU A 527 56.81 -4.84 15.92
C LEU A 527 57.34 -4.12 14.68
N GLN A 528 58.23 -4.80 13.96
CA GLN A 528 58.91 -4.21 12.81
C GLN A 528 58.73 -5.09 11.56
N ALA A 529 58.42 -6.39 11.85
CA ALA A 529 57.99 -7.30 10.79
C ALA A 529 56.47 -7.16 10.61
N LEU A 530 55.81 -6.60 11.61
CA LEU A 530 54.40 -6.23 11.50
C LEU A 530 54.28 -4.85 10.86
N GLU A 531 55.29 -4.00 11.07
CA GLU A 531 55.38 -2.72 10.36
C GLU A 531 55.43 -2.90 8.85
N LYS A 532 56.23 -3.87 8.40
CA LYS A 532 56.41 -4.16 6.97
C LYS A 532 55.09 -4.54 6.30
N GLU A 533 54.28 -5.33 7.00
CA GLU A 533 52.98 -5.74 6.50
C GLU A 533 52.00 -4.58 6.38
N LEU A 534 52.01 -3.69 7.38
CA LEU A 534 51.14 -2.50 7.38
C LEU A 534 51.52 -1.51 6.29
N VAL A 535 52.82 -1.48 5.96
CA VAL A 535 53.33 -0.74 4.81
C VAL A 535 52.77 -1.35 3.53
N ASP A 536 52.70 -2.69 3.49
CA ASP A 536 52.15 -3.43 2.35
C ASP A 536 50.64 -3.23 2.16
N ARG A 537 49.84 -3.74 3.12
CA ARG A 537 48.38 -3.80 2.98
C ARG A 537 47.72 -2.42 2.90
N HIS A 538 48.27 -1.45 3.63
CA HIS A 538 47.60 -0.16 3.80
C HIS A 538 48.48 1.06 3.45
N GLY A 539 49.16 0.99 2.31
CA GLY A 539 49.95 2.12 1.82
C GLY A 539 51.07 2.57 2.73
N GLU A 540 51.61 3.75 2.44
CA GLU A 540 52.85 4.27 3.06
C GLU A 540 52.62 5.08 4.34
N GLU A 541 51.54 5.85 4.39
CA GLU A 541 51.26 6.78 5.47
C GLU A 541 50.74 6.07 6.73
N VAL A 542 51.60 5.25 7.34
CA VAL A 542 51.23 4.46 8.52
C VAL A 542 52.08 4.85 9.72
N THR A 543 51.41 5.30 10.78
CA THR A 543 52.06 5.75 12.01
C THR A 543 52.37 4.57 12.95
N PRO A 544 53.26 4.75 13.92
CA PRO A 544 53.53 3.69 14.90
C PRO A 544 52.33 3.39 15.81
N GLU A 545 51.52 4.41 16.10
CA GLU A 545 50.24 4.24 16.81
C GLU A 545 49.45 3.10 16.17
N ASP A 546 49.31 3.16 14.84
CA ASP A 546 48.69 2.08 14.05
C ASP A 546 49.27 0.71 14.36
N VAL A 547 50.60 0.61 14.34
CA VAL A 547 51.28 -0.67 14.57
C VAL A 547 50.69 -1.38 15.79
N LEU A 548 50.59 -0.66 16.91
CA LEU A 548 50.08 -1.25 18.14
C LEU A 548 48.61 -1.66 18.07
N SER A 549 47.85 -1.00 17.20
CA SER A 549 46.44 -1.32 17.03
C SER A 549 46.30 -2.65 16.28
N ALA A 550 47.10 -2.83 15.24
CA ALA A 550 47.11 -4.07 14.48
C ALA A 550 47.61 -5.22 15.37
N ALA A 551 48.54 -4.92 16.26
CA ALA A 551 48.98 -5.87 17.27
C ALA A 551 47.83 -6.23 18.20
N MET A 552 47.09 -5.21 18.64
CA MET A 552 45.98 -5.38 19.55
C MET A 552 44.79 -6.06 18.89
N TYR A 553 44.41 -5.57 17.71
CA TYR A 553 43.21 -6.04 17.00
C TYR A 553 43.42 -6.27 15.50
N PRO A 554 44.21 -7.30 15.16
CA PRO A 554 44.59 -7.55 13.77
C PRO A 554 43.44 -7.41 12.78
N ASP A 555 42.31 -8.07 13.05
CA ASP A 555 41.22 -8.12 12.08
C ASP A 555 40.27 -6.93 12.18
N VAL A 556 40.13 -6.36 13.37
CA VAL A 556 39.32 -5.17 13.55
C VAL A 556 39.99 -3.97 12.90
N PHE A 557 41.31 -3.88 13.05
CA PHE A 557 42.09 -2.86 12.39
C PHE A 557 41.99 -2.98 10.86
N ALA A 558 42.04 -4.21 10.36
CA ALA A 558 41.94 -4.45 8.93
C ALA A 558 40.60 -3.98 8.38
N HIS A 559 39.51 -4.39 9.02
CA HIS A 559 38.18 -3.99 8.59
C HIS A 559 38.01 -2.47 8.76
N PHE A 560 38.74 -1.91 9.73
CA PHE A 560 38.71 -0.48 10.00
C PHE A 560 39.34 0.29 8.88
N LYS A 561 40.61 0.01 8.61
CA LYS A 561 41.34 0.68 7.55
C LYS A 561 40.72 0.52 6.14
N ASP A 562 39.95 -0.54 5.94
CA ASP A 562 39.31 -0.80 4.64
C ASP A 562 38.04 0.02 4.48
N PHE A 563 37.39 0.33 5.60
CA PHE A 563 36.21 1.18 5.61
C PHE A 563 36.61 2.63 5.31
N THR A 564 37.63 3.13 6.00
CA THR A 564 38.13 4.49 5.81
C THR A 564 38.84 4.65 4.47
N ALA A 565 39.10 3.53 3.80
CA ALA A 565 39.57 3.58 2.42
C ALA A 565 38.38 3.97 1.55
N THR A 566 37.27 3.25 1.68
CA THR A 566 36.07 3.43 0.87
C THR A 566 35.35 4.76 1.12
N PHE A 567 35.14 5.09 2.39
CA PHE A 567 34.28 6.19 2.74
C PHE A 567 35.07 7.35 3.30
N GLY A 568 36.38 7.21 3.36
CA GLY A 568 37.25 8.24 3.91
C GLY A 568 37.03 8.41 5.40
N PRO A 569 37.64 9.44 6.00
CA PRO A 569 37.51 9.68 7.44
C PRO A 569 36.17 10.31 7.78
N LEU A 570 35.46 9.73 8.73
CA LEU A 570 34.11 10.18 9.05
C LEU A 570 33.99 10.70 10.47
N ASP A 571 35.12 10.82 11.16
CA ASP A 571 35.16 11.27 12.54
C ASP A 571 34.80 12.75 12.72
N SER A 572 34.47 13.42 11.61
CA SER A 572 34.15 14.85 11.60
C SER A 572 32.65 15.15 11.46
N LEU A 573 31.88 14.16 10.99
CA LEU A 573 30.42 14.29 10.89
C LEU A 573 29.81 14.37 12.28
N ASN A 574 28.70 15.11 12.39
CA ASN A 574 27.93 15.07 13.63
C ASN A 574 27.17 13.75 13.68
N THR A 575 26.88 13.30 14.89
CA THR A 575 26.48 11.92 15.12
C THR A 575 25.15 11.56 14.44
N ARG A 576 24.22 12.49 14.35
CA ARG A 576 22.95 12.22 13.68
C ARG A 576 23.19 11.88 12.21
N LEU A 577 24.08 12.63 11.56
CA LEU A 577 24.45 12.36 10.17
C LEU A 577 25.23 11.09 9.98
N PHE A 578 26.04 10.72 10.99
CA PHE A 578 26.87 9.52 10.94
C PHE A 578 26.02 8.25 11.01
N LEU A 579 25.01 8.25 11.88
CA LEU A 579 24.24 7.04 12.19
C LEU A 579 23.01 6.88 11.33
N GLN A 580 22.48 8.01 10.87
CA GLN A 580 21.14 8.04 10.32
C GLN A 580 21.12 8.56 8.87
N GLY A 581 22.17 9.28 8.51
CA GLY A 581 22.25 9.89 7.20
C GLY A 581 21.49 11.20 7.21
N PRO A 582 21.50 11.92 6.09
CA PRO A 582 20.77 13.17 5.98
C PRO A 582 19.31 12.94 5.62
N LYS A 583 18.45 13.89 6.01
CA LYS A 583 17.02 13.86 5.61
C LYS A 583 16.89 14.45 4.20
N ILE A 584 15.86 14.04 3.48
CA ILE A 584 15.58 14.59 2.14
C ILE A 584 15.37 16.09 2.28
N ALA A 585 15.82 16.85 1.27
CA ALA A 585 15.63 18.30 1.20
C ALA A 585 16.38 19.11 2.26
N GLU A 586 16.89 18.44 3.29
CA GLU A 586 17.62 19.09 4.38
C GLU A 586 18.97 19.63 3.93
N GLU A 587 19.18 20.92 4.17
CA GLU A 587 20.41 21.62 3.78
C GLU A 587 21.39 21.60 4.96
N PHE A 588 22.53 20.93 4.80
CA PHE A 588 23.49 20.77 5.93
C PHE A 588 24.97 21.08 5.63
N GLU A 589 25.74 21.32 6.70
CA GLU A 589 27.13 21.76 6.63
C GLU A 589 28.09 20.65 7.12
N VAL A 590 29.22 20.49 6.44
CA VAL A 590 30.29 19.59 6.91
C VAL A 590 31.69 19.98 6.41
N GLU A 591 32.66 19.93 7.33
CA GLU A 591 34.08 20.18 7.01
C GLU A 591 34.88 18.89 7.21
N LEU A 592 35.81 18.62 6.30
CA LEU A 592 36.66 17.45 6.42
C LEU A 592 38.10 17.80 6.85
N GLU A 593 38.42 17.47 8.12
CA GLU A 593 39.71 17.74 8.81
C GLU A 593 40.69 18.67 8.07
N ARG A 594 40.60 19.97 8.36
CA ARG A 594 41.50 21.01 7.80
C ARG A 594 41.08 21.52 6.40
N GLY A 595 40.17 20.81 5.74
CA GLY A 595 39.61 21.24 4.46
C GLY A 595 38.37 22.12 4.66
N LYS A 596 38.08 22.97 3.67
CA LYS A 596 36.99 23.97 3.77
C LYS A 596 35.58 23.39 3.85
N THR A 597 34.60 24.28 4.00
CA THR A 597 33.20 23.88 4.30
C THR A 597 32.50 23.28 3.07
N LEU A 598 31.60 22.32 3.30
CA LEU A 598 30.82 21.70 2.24
C LEU A 598 29.32 21.83 2.49
N HIS A 599 28.67 22.69 1.71
CA HIS A 599 27.22 22.83 1.81
C HIS A 599 26.58 21.67 1.04
N ILE A 600 25.70 20.90 1.70
CA ILE A 600 25.12 19.72 1.06
C ILE A 600 23.59 19.65 1.23
N LYS A 601 22.92 19.15 0.19
CA LYS A 601 21.53 18.77 0.28
C LYS A 601 21.30 17.42 -0.40
N ALA A 602 20.64 16.51 0.30
CA ALA A 602 20.13 15.28 -0.30
C ALA A 602 18.85 15.64 -1.06
N LEU A 603 18.74 15.22 -2.31
CA LEU A 603 17.60 15.63 -3.12
C LEU A 603 16.59 14.51 -3.33
N ALA A 604 17.09 13.32 -3.67
CA ALA A 604 16.25 12.21 -4.05
C ALA A 604 17.05 10.94 -4.14
N VAL A 605 16.36 9.81 -4.03
CA VAL A 605 16.98 8.51 -4.24
C VAL A 605 16.07 7.68 -5.13
N SER A 606 16.56 7.34 -6.32
CA SER A 606 15.76 6.71 -7.36
C SER A 606 15.36 5.27 -7.05
N ASP A 607 14.60 4.67 -7.96
CA ASP A 607 14.25 3.26 -7.85
C ASP A 607 15.44 2.37 -8.23
N LEU A 608 15.20 1.07 -8.17
CA LEU A 608 16.26 0.10 -8.27
C LEU A 608 16.53 -0.16 -9.72
N ASN A 609 17.80 -0.12 -10.12
CA ASN A 609 18.17 -0.61 -11.43
C ASN A 609 18.42 -2.11 -11.33
N ARG A 610 18.58 -2.78 -12.46
CA ARG A 610 18.72 -4.24 -12.48
C ARG A 610 19.93 -4.75 -11.70
N ALA A 611 21.04 -4.02 -11.76
CA ALA A 611 22.23 -4.36 -10.96
C ALA A 611 21.97 -4.27 -9.45
N GLY A 612 20.73 -3.94 -9.08
CA GLY A 612 20.36 -3.84 -7.67
C GLY A 612 20.91 -2.59 -7.00
N GLN A 613 21.14 -1.55 -7.80
CA GLN A 613 21.65 -0.27 -7.28
C GLN A 613 20.59 0.83 -7.39
N ARG A 614 20.74 1.84 -6.50
CA ARG A 614 19.95 3.05 -6.57
C ARG A 614 20.83 4.26 -6.87
N GLN A 615 20.30 5.23 -7.62
CA GLN A 615 20.99 6.48 -7.86
C GLN A 615 20.54 7.49 -6.82
N VAL A 616 21.52 8.10 -6.12
CA VAL A 616 21.20 9.11 -5.10
C VAL A 616 21.67 10.49 -5.56
N PHE A 617 20.77 11.46 -5.54
CA PHE A 617 21.02 12.80 -6.08
C PHE A 617 21.26 13.83 -4.99
N PHE A 618 22.35 14.58 -5.11
CA PHE A 618 22.70 15.60 -4.14
C PHE A 618 22.91 16.93 -4.83
N GLU A 619 22.51 18.00 -4.14
CA GLU A 619 23.02 19.32 -4.43
C GLU A 619 24.27 19.45 -3.57
N LEU A 620 25.43 19.54 -4.22
CA LEU A 620 26.68 19.70 -3.47
C LEU A 620 26.82 21.18 -3.11
N ASN A 621 27.65 21.93 -3.82
CA ASN A 621 27.74 23.34 -3.54
C ASN A 621 26.84 24.10 -4.48
N GLY A 622 25.54 23.85 -4.36
CA GLY A 622 24.57 24.35 -5.33
C GLY A 622 24.64 23.63 -6.67
N GLN A 623 25.69 22.82 -6.85
CA GLN A 623 25.94 22.05 -8.07
C GLN A 623 25.36 20.64 -7.92
N LEU A 624 24.73 20.16 -8.98
CA LEU A 624 24.02 18.90 -8.96
C LEU A 624 24.96 17.72 -9.18
N ARG A 625 24.82 16.71 -8.33
CA ARG A 625 25.73 15.56 -8.30
C ARG A 625 24.96 14.28 -7.97
N SER A 626 25.32 13.17 -8.62
CA SER A 626 24.67 11.88 -8.36
C SER A 626 25.65 10.76 -8.05
N ILE A 627 25.20 9.79 -7.27
CA ILE A 627 26.01 8.68 -6.78
C ILE A 627 25.27 7.36 -6.95
N LEU A 628 25.95 6.36 -7.49
CA LEU A 628 25.42 5.01 -7.53
C LEU A 628 25.77 4.28 -6.22
N VAL A 629 24.77 3.75 -5.52
CA VAL A 629 25.00 2.94 -4.32
C VAL A 629 24.23 1.60 -4.35
N LYS A 630 24.81 0.58 -3.69
CA LYS A 630 24.23 -0.76 -3.75
C LYS A 630 23.21 -0.99 -2.65
N ASP A 631 22.06 -1.59 -3.01
CA ASP A 631 21.00 -1.89 -2.05
C ASP A 631 21.13 -3.33 -1.53
N THR A 632 21.60 -3.48 -0.29
CA THR A 632 21.79 -4.79 0.35
C THR A 632 20.48 -5.57 0.43
N GLN A 633 19.49 -4.92 1.05
CA GLN A 633 18.12 -5.42 1.17
C GLN A 633 17.55 -5.92 -0.16
N ALA A 634 18.15 -5.46 -1.26
CA ALA A 634 17.74 -5.85 -2.62
C ALA A 634 18.86 -6.53 -3.43
N MET A 635 20.00 -6.78 -2.81
CA MET A 635 21.05 -7.63 -3.39
C MET A 635 20.69 -9.09 -3.17
N LYS A 636 20.16 -9.39 -1.98
CA LYS A 636 19.56 -10.69 -1.67
C LYS A 636 18.22 -10.85 -2.41
N GLU A 637 18.30 -10.85 -3.74
CA GLU A 637 17.16 -11.03 -4.64
C GLU A 637 17.58 -11.87 -5.85
N LYS A 643 15.56 -25.72 -11.94
CA LYS A 643 15.07 -25.89 -13.34
C LYS A 643 16.07 -25.32 -14.34
N ALA A 644 16.39 -26.12 -15.36
CA ALA A 644 17.41 -25.75 -16.35
C ALA A 644 17.05 -26.13 -17.80
N LEU A 645 17.58 -25.36 -18.75
CA LEU A 645 17.40 -25.63 -20.18
C LEU A 645 18.73 -25.83 -20.90
N LYS A 646 18.80 -26.85 -21.75
CA LYS A 646 20.01 -27.10 -22.56
C LYS A 646 19.65 -27.45 -24.00
N ASP A 647 20.07 -26.59 -24.92
CA ASP A 647 19.66 -26.66 -26.32
C ASP A 647 20.67 -27.38 -27.20
N VAL A 648 21.71 -26.64 -27.64
CA VAL A 648 22.72 -27.14 -28.56
C VAL A 648 23.63 -28.19 -27.89
N LYS A 649 23.02 -29.32 -27.52
CA LYS A 649 23.69 -30.47 -26.91
C LYS A 649 22.85 -31.74 -27.03
N GLY A 650 23.40 -32.87 -26.57
CA GLY A 650 22.69 -34.14 -26.56
C GLY A 650 21.55 -34.21 -25.56
N GLN A 651 21.43 -33.19 -24.71
CA GLN A 651 20.38 -33.11 -23.69
C GLN A 651 19.03 -32.79 -24.32
N ILE A 652 17.96 -33.13 -23.60
CA ILE A 652 16.59 -32.96 -24.11
C ILE A 652 15.78 -31.96 -23.27
N GLY A 653 15.29 -30.92 -23.94
CA GLY A 653 14.36 -29.96 -23.34
C GLY A 653 12.91 -30.30 -23.66
N ALA A 654 11.99 -29.80 -22.83
CA ALA A 654 10.54 -30.02 -22.98
C ALA A 654 9.98 -29.31 -24.23
N PRO A 655 9.06 -29.98 -24.94
CA PRO A 655 8.53 -29.43 -26.20
C PRO A 655 7.52 -28.29 -25.97
N MET A 656 6.64 -28.47 -25.00
CA MET A 656 5.64 -27.47 -24.62
C MET A 656 5.60 -27.35 -23.09
N PRO A 657 5.16 -26.20 -22.56
CA PRO A 657 4.98 -26.04 -21.11
C PRO A 657 3.79 -26.87 -20.61
N GLY A 658 4.05 -27.83 -19.73
CA GLY A 658 2.98 -28.70 -19.22
C GLY A 658 3.23 -29.50 -17.95
N LYS A 659 2.12 -29.83 -17.27
CA LYS A 659 2.10 -30.73 -16.12
C LYS A 659 2.56 -32.14 -16.53
N VAL A 660 3.33 -32.79 -15.65
CA VAL A 660 3.80 -34.17 -15.89
C VAL A 660 2.82 -35.17 -15.27
N ILE A 661 2.15 -35.95 -16.11
CA ILE A 661 1.17 -36.96 -15.65
C ILE A 661 1.73 -38.40 -15.66
N ASP A 662 2.71 -38.68 -16.53
CA ASP A 662 3.34 -40.00 -16.62
C ASP A 662 4.87 -39.93 -16.53
N ILE A 663 5.44 -40.76 -15.66
CA ILE A 663 6.87 -41.07 -15.68
C ILE A 663 7.06 -42.46 -16.31
N LYS A 664 7.78 -42.49 -17.43
CA LYS A 664 7.85 -43.71 -18.26
C LYS A 664 9.16 -44.51 -18.12
N VAL A 665 10.29 -43.84 -18.30
CA VAL A 665 11.59 -44.50 -18.14
C VAL A 665 12.00 -44.59 -16.67
N VAL A 666 12.28 -45.81 -16.21
CA VAL A 666 12.82 -46.04 -14.87
C VAL A 666 14.08 -45.19 -14.73
N ALA A 667 14.20 -44.49 -13.58
CA ALA A 667 15.27 -43.53 -13.37
C ALA A 667 16.67 -44.09 -13.65
N GLY A 668 17.13 -43.88 -14.88
CA GLY A 668 18.43 -44.38 -15.33
C GLY A 668 18.40 -45.74 -16.02
N ALA A 669 17.66 -45.84 -17.12
CA ALA A 669 17.55 -47.08 -17.89
C ALA A 669 17.53 -46.85 -19.41
N LYS A 670 17.72 -47.93 -20.17
CA LYS A 670 17.86 -47.90 -21.65
C LYS A 670 16.68 -47.26 -22.41
N VAL A 671 16.98 -46.77 -23.63
CA VAL A 671 15.98 -46.16 -24.53
C VAL A 671 16.18 -46.62 -25.98
N ALA A 672 15.12 -46.55 -26.78
CA ALA A 672 15.13 -47.03 -28.16
C ALA A 672 14.84 -45.94 -29.21
N LYS A 673 14.90 -46.32 -30.48
CA LYS A 673 14.63 -45.43 -31.61
C LYS A 673 13.19 -44.90 -31.58
N GLY A 674 13.03 -43.64 -31.16
CA GLY A 674 11.71 -43.01 -31.08
C GLY A 674 10.80 -43.62 -30.04
N GLN A 675 11.28 -43.63 -28.79
CA GLN A 675 10.57 -44.27 -27.67
C GLN A 675 10.07 -43.25 -26.66
N PRO A 676 8.77 -43.29 -26.36
CA PRO A 676 8.16 -42.39 -25.35
C PRO A 676 8.84 -42.39 -23.98
N LEU A 677 8.98 -41.21 -23.38
CA LEU A 677 9.70 -41.04 -22.10
C LEU A 677 8.90 -40.27 -21.05
N CYS A 678 8.05 -39.35 -21.51
CA CYS A 678 7.29 -38.45 -20.64
C CYS A 678 5.98 -38.05 -21.30
N VAL A 679 4.91 -37.99 -20.51
CA VAL A 679 3.61 -37.52 -21.02
C VAL A 679 3.21 -36.19 -20.35
N LEU A 680 3.26 -35.12 -21.14
CA LEU A 680 2.99 -33.76 -20.68
C LEU A 680 1.62 -33.23 -21.14
N SER A 681 1.01 -32.37 -20.34
CA SER A 681 -0.30 -31.80 -20.66
C SER A 681 -0.52 -30.41 -20.08
N ALA A 682 -0.66 -29.41 -20.95
CA ALA A 682 -1.03 -28.07 -20.55
C ALA A 682 -2.54 -28.03 -20.33
N MET A 683 -3.29 -27.68 -21.39
CA MET A 683 -4.74 -27.78 -21.39
C MET A 683 -5.20 -28.01 -22.83
N LYS A 684 -5.92 -29.11 -23.04
CA LYS A 684 -6.31 -29.62 -24.37
C LYS A 684 -5.13 -30.02 -25.26
N MET A 685 -3.91 -29.70 -24.83
CA MET A 685 -2.69 -30.05 -25.57
C MET A 685 -1.80 -31.02 -24.79
N GLU A 686 -1.42 -32.11 -25.43
CA GLU A 686 -0.51 -33.11 -24.86
C GLU A 686 0.69 -33.34 -25.76
N THR A 687 1.78 -33.82 -25.16
CA THR A 687 3.01 -34.09 -25.89
C THR A 687 3.70 -35.33 -25.34
N VAL A 688 3.65 -36.42 -26.10
CA VAL A 688 4.36 -37.65 -25.77
C VAL A 688 5.85 -37.50 -26.17
N VAL A 689 6.72 -37.32 -25.18
CA VAL A 689 8.15 -36.97 -25.38
C VAL A 689 8.98 -38.13 -25.94
N THR A 690 9.46 -37.99 -27.17
CA THR A 690 10.19 -39.06 -27.88
C THR A 690 11.72 -38.84 -27.87
N SER A 691 12.47 -39.88 -28.25
CA SER A 691 13.94 -39.78 -28.37
C SER A 691 14.50 -40.69 -29.46
N PRO A 692 15.12 -40.10 -30.50
CA PRO A 692 15.94 -40.86 -31.43
C PRO A 692 17.31 -41.23 -30.84
N MET A 693 17.76 -40.45 -29.86
CA MET A 693 19.01 -40.68 -29.13
C MET A 693 18.88 -41.94 -28.27
N GLU A 694 19.78 -42.89 -28.48
CA GLU A 694 19.74 -44.18 -27.80
C GLU A 694 20.86 -44.34 -26.75
N GLY A 695 20.78 -45.41 -25.97
CA GLY A 695 21.78 -45.72 -24.96
C GLY A 695 21.25 -45.62 -23.54
N THR A 696 22.16 -45.50 -22.58
CA THR A 696 21.81 -45.34 -21.17
C THR A 696 21.19 -43.96 -20.91
N VAL A 697 20.46 -43.83 -19.80
CA VAL A 697 19.94 -42.54 -19.35
C VAL A 697 20.55 -42.19 -17.99
N ARG A 698 20.87 -40.91 -17.81
CA ARG A 698 21.39 -40.39 -16.54
C ARG A 698 20.29 -40.33 -15.46
N LYS A 699 20.28 -39.25 -14.68
CA LYS A 699 19.28 -39.06 -13.63
C LYS A 699 17.96 -38.48 -14.17
N VAL A 700 16.87 -38.80 -13.48
CA VAL A 700 15.54 -38.24 -13.79
C VAL A 700 15.31 -36.99 -12.95
N HIS A 701 14.97 -35.88 -13.63
CA HIS A 701 14.85 -34.57 -13.00
C HIS A 701 13.55 -34.36 -12.19
N VAL A 702 12.41 -34.33 -12.88
CA VAL A 702 11.11 -34.15 -12.21
C VAL A 702 10.37 -35.48 -11.99
N THR A 703 9.49 -35.49 -10.99
CA THR A 703 8.68 -36.68 -10.71
C THR A 703 7.23 -36.47 -11.20
N LYS A 704 6.37 -35.94 -10.33
CA LYS A 704 4.95 -35.85 -10.62
C LYS A 704 4.35 -34.48 -10.28
N ASP A 705 3.39 -34.05 -11.09
CA ASP A 705 2.48 -32.91 -10.82
C ASP A 705 2.90 -31.53 -11.37
N MET A 706 3.55 -30.72 -10.52
CA MET A 706 3.75 -29.27 -10.76
C MET A 706 4.07 -28.84 -12.19
N THR A 707 3.64 -27.62 -12.53
CA THR A 707 3.74 -27.04 -13.88
C THR A 707 5.20 -26.84 -14.32
N LEU A 708 5.55 -27.43 -15.46
CA LEU A 708 6.89 -27.28 -16.05
C LEU A 708 6.89 -26.24 -17.17
N GLU A 709 7.92 -25.39 -17.21
CA GLU A 709 8.03 -24.33 -18.21
C GLU A 709 8.32 -24.84 -19.63
N GLY A 710 8.55 -23.91 -20.55
CA GLY A 710 8.81 -24.24 -21.96
C GLY A 710 9.97 -25.19 -22.16
N ASP A 711 11.18 -24.67 -22.08
CA ASP A 711 12.39 -25.49 -22.14
C ASP A 711 12.90 -25.80 -20.73
N ASP A 712 12.47 -26.95 -20.21
CA ASP A 712 12.84 -27.36 -18.85
C ASP A 712 13.40 -28.79 -18.77
N LEU A 713 13.99 -29.10 -17.61
CA LEU A 713 14.83 -30.29 -17.38
C LEU A 713 14.08 -31.64 -17.32
N ILE A 714 14.44 -32.55 -18.24
CA ILE A 714 13.89 -33.92 -18.23
C ILE A 714 14.96 -35.05 -18.19
N LEU A 715 15.65 -35.28 -19.32
CA LEU A 715 16.59 -36.41 -19.44
C LEU A 715 17.90 -36.13 -20.19
N GLU A 716 18.95 -36.82 -19.74
CA GLU A 716 20.19 -36.98 -20.51
C GLU A 716 20.25 -38.39 -21.07
N ILE A 717 20.86 -38.53 -22.25
CA ILE A 717 21.12 -39.85 -22.84
C ILE A 717 22.59 -39.96 -23.30
N GLU A 718 23.26 -41.03 -22.88
CA GLU A 718 24.68 -41.27 -23.21
C GLU A 718 24.88 -41.57 -24.69
N GLN B 34 -29.39 -24.08 3.75
CA GLN B 34 -28.61 -23.88 5.01
C GLN B 34 -27.42 -24.85 5.06
N ASN B 35 -27.47 -25.88 4.21
CA ASN B 35 -26.32 -26.73 3.89
C ASN B 35 -26.13 -26.67 2.38
N ARG B 36 -27.24 -26.42 1.70
CA ARG B 36 -27.23 -26.08 0.30
C ARG B 36 -26.78 -24.63 0.15
N ALA B 37 -26.82 -23.89 1.25
CA ALA B 37 -26.47 -22.46 1.26
C ALA B 37 -25.06 -22.27 1.81
N GLN B 38 -24.62 -23.21 2.63
CA GLN B 38 -23.27 -23.20 3.18
C GLN B 38 -22.28 -23.37 2.03
N LYS B 39 -22.65 -24.21 1.06
CA LYS B 39 -21.83 -24.46 -0.11
C LYS B 39 -21.77 -23.23 -1.01
N LEU B 40 -22.90 -22.54 -1.13
CA LEU B 40 -22.95 -21.29 -1.89
C LEU B 40 -22.01 -20.27 -1.26
N LEU B 41 -22.14 -20.06 0.04
CA LEU B 41 -21.26 -19.15 0.76
C LEU B 41 -19.80 -19.55 0.53
N HIS B 42 -19.52 -20.84 0.63
CA HIS B 42 -18.18 -21.34 0.37
C HIS B 42 -17.65 -20.92 -1.01
N TYR B 43 -18.49 -21.00 -2.04
CA TYR B 43 -18.07 -20.61 -3.37
C TYR B 43 -17.83 -19.11 -3.47
N LEU B 44 -18.70 -18.33 -2.84
CA LEU B 44 -18.65 -16.88 -2.95
C LEU B 44 -17.46 -16.33 -2.19
N GLY B 45 -17.00 -17.08 -1.19
CA GLY B 45 -15.81 -16.71 -0.47
C GLY B 45 -14.58 -17.03 -1.31
N HIS B 46 -14.62 -18.20 -1.94
CA HIS B 46 -13.52 -18.68 -2.75
C HIS B 46 -13.21 -17.72 -3.91
N VAL B 47 -14.25 -17.16 -4.52
CA VAL B 47 -14.08 -16.16 -5.57
C VAL B 47 -13.51 -14.86 -5.01
N MET B 48 -14.06 -14.42 -3.88
CA MET B 48 -13.66 -13.17 -3.25
C MET B 48 -12.18 -13.16 -2.89
N VAL B 49 -11.67 -14.31 -2.44
CA VAL B 49 -10.30 -14.42 -1.95
C VAL B 49 -9.28 -14.60 -3.08
N ASN B 50 -9.61 -15.48 -4.03
CA ASN B 50 -8.64 -15.98 -5.00
C ASN B 50 -8.84 -15.49 -6.43
N GLY B 51 -9.72 -14.50 -6.61
CA GLY B 51 -10.14 -14.11 -7.95
C GLY B 51 -10.92 -15.25 -8.57
N PRO B 52 -11.38 -15.07 -9.82
CA PRO B 52 -12.24 -16.06 -10.49
C PRO B 52 -11.60 -17.47 -10.63
N THR B 53 -12.41 -18.51 -10.44
CA THR B 53 -11.92 -19.92 -10.41
C THR B 53 -11.30 -20.39 -11.73
N THR B 54 -11.99 -20.07 -12.82
CA THR B 54 -11.53 -20.39 -14.17
C THR B 54 -10.49 -19.37 -14.61
N PRO B 55 -9.64 -19.74 -15.55
CA PRO B 55 -8.72 -18.77 -16.18
C PRO B 55 -9.47 -17.59 -16.81
N ILE B 56 -9.09 -16.39 -16.37
CA ILE B 56 -9.55 -15.12 -16.95
C ILE B 56 -8.35 -14.49 -17.68
N PRO B 57 -8.44 -14.42 -19.02
CA PRO B 57 -7.32 -13.94 -19.86
C PRO B 57 -7.09 -12.41 -19.83
N VAL B 58 -8.13 -11.64 -20.18
CA VAL B 58 -8.07 -10.18 -20.15
C VAL B 58 -8.42 -9.69 -18.76
N LYS B 59 -7.53 -8.91 -18.15
CA LYS B 59 -7.69 -8.46 -16.74
C LYS B 59 -8.75 -7.34 -16.56
N ALA B 60 -10.00 -7.69 -16.87
CA ALA B 60 -11.11 -6.74 -16.84
C ALA B 60 -12.29 -7.27 -16.02
N SER B 61 -13.13 -6.34 -15.56
CA SER B 61 -14.29 -6.65 -14.72
C SER B 61 -15.61 -6.69 -15.52
N PRO B 62 -16.55 -7.57 -15.13
CA PRO B 62 -17.93 -7.54 -15.67
C PRO B 62 -18.63 -6.22 -15.31
N SER B 63 -19.44 -5.70 -16.24
CA SER B 63 -20.09 -4.40 -16.07
C SER B 63 -21.04 -4.39 -14.86
N PRO B 64 -21.28 -3.22 -14.25
CA PRO B 64 -22.21 -3.14 -13.11
C PRO B 64 -23.69 -2.96 -13.53
N THR B 65 -23.94 -2.87 -14.83
CA THR B 65 -25.29 -2.66 -15.35
C THR B 65 -26.03 -3.96 -15.67
N ASP B 66 -27.28 -4.04 -15.20
CA ASP B 66 -28.15 -5.18 -15.43
C ASP B 66 -28.70 -5.15 -16.86
N PRO B 67 -28.58 -6.24 -17.63
CA PRO B 67 -29.13 -6.28 -18.99
C PRO B 67 -30.65 -6.09 -19.02
N VAL B 68 -31.14 -5.36 -20.01
CA VAL B 68 -32.57 -5.05 -20.17
C VAL B 68 -33.30 -6.20 -20.85
N VAL B 69 -34.34 -6.72 -20.19
CA VAL B 69 -35.20 -7.74 -20.79
C VAL B 69 -36.54 -7.09 -21.13
N PRO B 70 -37.00 -7.23 -22.38
CA PRO B 70 -38.29 -6.67 -22.76
C PRO B 70 -39.46 -7.43 -22.15
N ALA B 71 -40.58 -6.74 -21.94
CA ALA B 71 -41.81 -7.39 -21.50
C ALA B 71 -42.34 -8.31 -22.58
N VAL B 72 -42.91 -9.44 -22.17
CA VAL B 72 -43.49 -10.43 -23.08
C VAL B 72 -44.93 -10.77 -22.65
N PRO B 73 -45.86 -10.93 -23.59
CA PRO B 73 -47.26 -11.25 -23.26
C PRO B 73 -47.38 -12.65 -22.68
N ILE B 74 -48.37 -12.87 -21.81
CA ILE B 74 -48.58 -14.19 -21.19
C ILE B 74 -49.12 -15.24 -22.20
N GLY B 75 -49.37 -16.45 -21.69
CA GLY B 75 -49.87 -17.55 -22.51
C GLY B 75 -48.89 -18.02 -23.57
N PRO B 76 -49.36 -18.84 -24.51
CA PRO B 76 -48.48 -19.47 -25.49
C PRO B 76 -47.85 -18.47 -26.46
N PRO B 77 -46.72 -18.85 -27.06
CA PRO B 77 -46.13 -18.11 -28.15
C PRO B 77 -46.91 -18.33 -29.44
N PRO B 78 -46.57 -17.63 -30.51
CA PRO B 78 -47.10 -17.94 -31.84
C PRO B 78 -46.53 -19.27 -32.35
N ALA B 79 -47.26 -19.95 -33.24
CA ALA B 79 -46.80 -21.21 -33.79
C ALA B 79 -45.60 -21.03 -34.72
N GLY B 80 -44.52 -21.76 -34.44
CA GLY B 80 -43.33 -21.72 -35.28
C GLY B 80 -43.16 -22.98 -36.10
N PHE B 81 -42.01 -23.09 -36.76
CA PHE B 81 -41.68 -24.24 -37.61
C PHE B 81 -41.65 -25.57 -36.89
N ARG B 82 -41.39 -25.56 -35.59
CA ARG B 82 -41.35 -26.80 -34.83
C ARG B 82 -42.71 -27.53 -34.85
N ASP B 83 -43.79 -26.76 -34.89
CA ASP B 83 -45.16 -27.31 -35.02
C ASP B 83 -45.38 -28.02 -36.36
N ILE B 84 -44.71 -27.54 -37.41
CA ILE B 84 -44.76 -28.19 -38.73
C ILE B 84 -43.87 -29.43 -38.70
N LEU B 85 -42.78 -29.34 -37.94
CA LEU B 85 -41.84 -30.44 -37.77
C LEU B 85 -42.46 -31.60 -36.99
N LEU B 86 -43.07 -31.27 -35.86
CA LEU B 86 -43.62 -32.29 -34.98
C LEU B 86 -44.76 -33.02 -35.64
N ARG B 87 -45.60 -32.28 -36.35
CA ARG B 87 -46.81 -32.86 -36.95
C ARG B 87 -46.57 -33.50 -38.34
N GLU B 88 -45.47 -33.13 -38.99
CA GLU B 88 -45.20 -33.61 -40.36
C GLU B 88 -43.87 -34.36 -40.55
N GLY B 89 -43.12 -34.58 -39.46
CA GLY B 89 -41.79 -35.20 -39.57
C GLY B 89 -40.79 -34.34 -40.31
N PRO B 90 -39.51 -34.70 -40.26
CA PRO B 90 -38.45 -33.95 -40.95
C PRO B 90 -38.69 -33.74 -42.46
N GLU B 91 -39.31 -34.73 -43.10
CA GLU B 91 -39.61 -34.72 -44.52
C GLU B 91 -40.49 -33.53 -44.95
N GLY B 92 -41.50 -33.25 -44.09
CA GLY B 92 -42.42 -32.13 -44.30
C GLY B 92 -41.78 -30.78 -44.04
N PHE B 93 -41.07 -30.69 -42.92
CA PHE B 93 -40.30 -29.52 -42.55
C PHE B 93 -39.36 -29.13 -43.70
N ALA B 94 -38.69 -30.14 -44.29
CA ALA B 94 -37.79 -29.87 -45.42
C ALA B 94 -38.55 -29.14 -46.52
N ARG B 95 -39.71 -29.68 -46.89
CA ARG B 95 -40.58 -29.14 -47.95
C ARG B 95 -41.11 -27.75 -47.63
N ALA B 96 -41.60 -27.55 -46.40
CA ALA B 96 -42.15 -26.26 -45.99
C ALA B 96 -41.13 -25.15 -46.11
N VAL B 97 -39.89 -25.45 -45.73
CA VAL B 97 -38.78 -24.50 -45.82
C VAL B 97 -38.47 -24.11 -47.27
N ARG B 98 -38.50 -25.09 -48.18
CA ARG B 98 -38.30 -24.79 -49.60
C ARG B 98 -39.45 -23.95 -50.14
N ASN B 99 -40.67 -24.24 -49.68
CA ASN B 99 -41.86 -23.55 -50.15
C ASN B 99 -41.99 -22.11 -49.65
N HIS B 100 -41.40 -21.81 -48.50
CA HIS B 100 -41.31 -20.44 -48.04
C HIS B 100 -40.47 -19.69 -49.10
N PRO B 101 -41.13 -18.81 -49.85
CA PRO B 101 -40.45 -18.08 -50.94
C PRO B 101 -39.28 -17.24 -50.42
N GLY B 102 -39.59 -16.29 -49.55
CA GLY B 102 -38.61 -15.37 -48.98
C GLY B 102 -37.57 -16.02 -48.08
N LEU B 103 -36.55 -15.24 -47.74
CA LEU B 103 -35.36 -15.72 -47.02
C LEU B 103 -35.69 -16.06 -45.59
N LEU B 104 -35.24 -17.23 -45.16
CA LEU B 104 -35.40 -17.67 -43.78
C LEU B 104 -34.08 -17.52 -43.02
N LEU B 105 -34.17 -17.36 -41.70
CA LEU B 105 -32.98 -17.05 -40.87
C LEU B 105 -32.75 -18.01 -39.71
N MET B 106 -31.49 -18.21 -39.35
CA MET B 106 -31.11 -18.91 -38.12
C MET B 106 -30.36 -17.89 -37.29
N ASP B 107 -30.88 -17.64 -36.09
CA ASP B 107 -30.19 -16.82 -35.11
C ASP B 107 -29.17 -17.73 -34.47
N THR B 108 -27.95 -17.23 -34.36
CA THR B 108 -26.80 -18.05 -34.01
C THR B 108 -26.17 -17.58 -32.68
N THR B 109 -26.75 -16.53 -32.10
CA THR B 109 -26.29 -15.89 -30.87
C THR B 109 -26.13 -16.84 -29.67
N PHE B 110 -26.95 -17.88 -29.59
CA PHE B 110 -26.90 -18.76 -28.45
C PHE B 110 -25.74 -19.74 -28.49
N ARG B 111 -25.08 -19.87 -29.64
CA ARG B 111 -23.95 -20.80 -29.72
C ARG B 111 -22.74 -20.20 -30.41
N ASP B 112 -22.77 -20.12 -31.74
CA ASP B 112 -21.60 -19.70 -32.51
C ASP B 112 -21.15 -18.27 -32.21
N ALA B 113 -22.12 -17.36 -32.08
CA ALA B 113 -21.81 -15.95 -31.87
C ALA B 113 -20.91 -15.69 -30.67
N HIS B 114 -21.14 -16.42 -29.57
CA HIS B 114 -20.32 -16.24 -28.33
C HIS B 114 -19.10 -17.18 -28.26
N GLN B 115 -19.15 -18.26 -29.04
CA GLN B 115 -17.98 -19.10 -29.26
C GLN B 115 -16.93 -18.27 -30.00
N SER B 116 -17.39 -17.39 -30.89
CA SER B 116 -16.47 -16.57 -31.66
C SER B 116 -16.01 -15.36 -30.88
N LEU B 117 -16.94 -14.61 -30.29
CA LEU B 117 -16.57 -13.37 -29.61
C LEU B 117 -16.22 -13.41 -28.13
N LEU B 118 -16.75 -14.36 -27.37
CA LEU B 118 -16.52 -14.37 -25.92
C LEU B 118 -16.06 -15.73 -25.40
N ALA B 119 -15.31 -16.46 -26.22
CA ALA B 119 -14.72 -17.76 -25.88
C ALA B 119 -15.73 -18.76 -25.29
N THR B 120 -16.93 -18.81 -25.88
CA THR B 120 -18.02 -19.74 -25.50
C THR B 120 -18.44 -19.68 -24.03
N ARG B 121 -18.30 -18.53 -23.39
CA ARG B 121 -18.47 -18.46 -21.94
C ARG B 121 -19.89 -18.17 -21.48
N VAL B 122 -20.81 -17.99 -22.42
CA VAL B 122 -22.12 -17.54 -22.03
C VAL B 122 -22.88 -18.61 -21.24
N ARG B 123 -23.22 -18.26 -20.01
CA ARG B 123 -23.90 -19.15 -19.06
C ARG B 123 -25.37 -19.30 -19.41
N THR B 124 -25.95 -20.42 -19.01
CA THR B 124 -27.37 -20.66 -19.13
C THR B 124 -28.23 -19.52 -18.57
N HIS B 125 -27.93 -19.10 -17.34
CA HIS B 125 -28.65 -18.00 -16.68
C HIS B 125 -29.04 -16.89 -17.68
N ASP B 126 -28.04 -16.44 -18.44
CA ASP B 126 -28.20 -15.36 -19.40
C ASP B 126 -28.94 -15.78 -20.64
N LEU B 127 -28.76 -17.01 -21.09
CA LEU B 127 -29.47 -17.51 -22.28
C LEU B 127 -30.95 -17.57 -21.93
N LYS B 128 -31.25 -18.22 -20.81
CA LYS B 128 -32.59 -18.42 -20.29
C LYS B 128 -33.42 -17.12 -20.20
N LYS B 129 -32.79 -16.02 -19.78
CA LYS B 129 -33.46 -14.72 -19.66
C LYS B 129 -34.25 -14.26 -20.90
N ILE B 130 -33.58 -14.00 -22.03
CA ILE B 130 -34.32 -13.62 -23.25
C ILE B 130 -35.06 -14.75 -23.95
N ALA B 131 -35.07 -15.96 -23.38
CA ALA B 131 -35.69 -17.10 -24.06
C ALA B 131 -37.20 -16.90 -24.30
N PRO B 132 -37.97 -16.49 -23.28
CA PRO B 132 -39.34 -16.03 -23.49
C PRO B 132 -39.51 -14.98 -24.60
N TYR B 133 -38.55 -14.07 -24.76
CA TYR B 133 -38.60 -13.06 -25.82
C TYR B 133 -38.43 -13.67 -27.21
N VAL B 134 -37.41 -14.51 -27.36
CA VAL B 134 -37.15 -15.21 -28.62
C VAL B 134 -38.35 -16.06 -29.00
N ALA B 135 -38.95 -16.71 -28.00
CA ALA B 135 -40.07 -17.59 -28.25
C ALA B 135 -41.18 -16.78 -28.87
N HIS B 136 -41.51 -15.65 -28.26
CA HIS B 136 -42.67 -14.85 -28.70
C HIS B 136 -42.44 -14.04 -29.98
N ASN B 137 -41.21 -13.56 -30.18
CA ASN B 137 -40.95 -12.61 -31.24
C ASN B 137 -40.18 -13.16 -32.45
N PHE B 138 -39.72 -14.40 -32.38
CA PHE B 138 -38.93 -14.97 -33.48
C PHE B 138 -39.44 -16.31 -34.06
N SER B 139 -40.75 -16.53 -34.02
CA SER B 139 -41.32 -17.81 -34.46
C SER B 139 -41.00 -18.13 -35.92
N LYS B 140 -40.62 -17.09 -36.66
CA LYS B 140 -40.34 -17.16 -38.10
C LYS B 140 -38.96 -17.75 -38.44
N LEU B 141 -38.16 -18.05 -37.42
CA LEU B 141 -36.82 -18.56 -37.64
C LEU B 141 -36.88 -19.97 -38.18
N PHE B 142 -35.95 -20.29 -39.08
CA PHE B 142 -35.76 -21.67 -39.52
C PHE B 142 -35.49 -22.55 -38.30
N SER B 143 -34.58 -22.07 -37.46
CA SER B 143 -34.23 -22.72 -36.20
C SER B 143 -33.42 -21.73 -35.38
N MET B 144 -33.08 -22.11 -34.16
CA MET B 144 -32.06 -21.37 -33.43
C MET B 144 -30.93 -22.32 -33.06
N GLU B 145 -29.71 -21.93 -33.45
CA GLU B 145 -28.53 -22.68 -33.04
C GLU B 145 -28.23 -22.43 -31.56
N ASN B 146 -28.40 -23.45 -30.74
CA ASN B 146 -28.19 -23.27 -29.31
C ASN B 146 -27.41 -24.37 -28.60
N TRP B 147 -26.69 -25.21 -29.34
CA TRP B 147 -26.05 -26.35 -28.69
C TRP B 147 -24.90 -26.91 -29.50
N GLY B 148 -24.13 -27.81 -28.87
CA GLY B 148 -23.02 -28.43 -29.55
C GLY B 148 -21.90 -27.42 -29.79
N GLY B 149 -21.05 -27.72 -30.77
CA GLY B 149 -19.84 -26.93 -30.91
C GLY B 149 -19.03 -27.02 -29.61
N ALA B 150 -18.41 -25.91 -29.22
CA ALA B 150 -17.60 -25.88 -28.01
C ALA B 150 -18.42 -25.72 -26.74
N THR B 151 -19.72 -25.44 -26.85
CA THR B 151 -20.56 -25.16 -25.69
C THR B 151 -20.61 -26.33 -24.72
N PHE B 152 -20.53 -27.55 -25.24
CA PHE B 152 -20.53 -28.78 -24.44
C PHE B 152 -19.36 -28.81 -23.48
N ASP B 153 -18.16 -28.75 -24.05
CA ASP B 153 -16.91 -28.75 -23.31
C ASP B 153 -16.88 -27.58 -22.32
N VAL B 154 -16.98 -26.37 -22.86
CA VAL B 154 -16.85 -25.17 -22.05
C VAL B 154 -17.83 -25.10 -20.85
N ALA B 155 -19.08 -25.51 -21.07
CA ALA B 155 -20.11 -25.48 -20.01
C ALA B 155 -19.69 -26.25 -18.76
N MET B 156 -19.10 -27.42 -18.96
CA MET B 156 -18.66 -28.26 -17.85
C MET B 156 -17.30 -27.83 -17.33
N ARG B 157 -16.40 -27.46 -18.24
CA ARG B 157 -15.00 -27.23 -17.89
C ARG B 157 -14.79 -25.90 -17.16
N PHE B 158 -15.63 -24.92 -17.48
CA PHE B 158 -15.37 -23.53 -17.12
C PHE B 158 -16.56 -22.86 -16.42
N LEU B 159 -17.76 -23.29 -16.80
CA LEU B 159 -18.98 -22.66 -16.31
C LEU B 159 -19.62 -23.51 -15.24
N TYR B 160 -19.08 -24.72 -15.10
CA TYR B 160 -19.53 -25.68 -14.12
C TYR B 160 -21.03 -25.86 -14.16
N GLU B 161 -21.53 -26.00 -15.40
CA GLU B 161 -22.93 -26.22 -15.71
C GLU B 161 -23.03 -27.46 -16.54
N CYS B 162 -24.13 -28.18 -16.34
CA CYS B 162 -24.47 -29.29 -17.20
C CYS B 162 -24.97 -28.71 -18.52
N PRO B 163 -24.45 -29.18 -19.65
CA PRO B 163 -24.91 -28.71 -20.94
C PRO B 163 -26.24 -29.36 -21.32
N TRP B 164 -26.50 -30.56 -20.78
CA TRP B 164 -27.77 -31.24 -20.98
C TRP B 164 -28.91 -30.47 -20.32
N ARG B 165 -28.64 -29.90 -19.16
CA ARG B 165 -29.58 -29.02 -18.46
C ARG B 165 -29.97 -27.81 -19.32
N ARG B 166 -28.97 -27.19 -19.92
CA ARG B 166 -29.18 -26.00 -20.74
C ARG B 166 -30.16 -26.32 -21.82
N LEU B 167 -29.98 -27.47 -22.46
CA LEU B 167 -30.83 -27.88 -23.56
C LEU B 167 -32.28 -28.06 -23.12
N GLN B 168 -32.51 -28.87 -22.07
CA GLN B 168 -33.85 -29.14 -21.56
C GLN B 168 -34.57 -27.91 -21.04
N GLU B 169 -33.83 -27.03 -20.38
CA GLU B 169 -34.41 -25.88 -19.71
C GLU B 169 -34.85 -24.80 -20.69
N LEU B 170 -34.07 -24.60 -21.75
CA LEU B 170 -34.45 -23.66 -22.80
C LEU B 170 -35.56 -24.25 -23.66
N ARG B 171 -35.62 -25.57 -23.71
CA ARG B 171 -36.70 -26.25 -24.42
C ARG B 171 -38.08 -25.94 -23.81
N GLU B 172 -38.19 -25.99 -22.49
CA GLU B 172 -39.44 -25.66 -21.78
C GLU B 172 -39.85 -24.21 -22.03
N LEU B 173 -38.88 -23.34 -22.25
CA LEU B 173 -39.12 -21.92 -22.49
C LEU B 173 -39.36 -21.56 -23.96
N ILE B 174 -38.92 -22.43 -24.87
CA ILE B 174 -39.09 -22.20 -26.30
C ILE B 174 -39.69 -23.43 -26.97
N PRO B 175 -41.01 -23.52 -26.97
CA PRO B 175 -41.70 -24.68 -27.53
C PRO B 175 -41.89 -24.67 -29.05
N ASN B 176 -41.77 -23.49 -29.67
CA ASN B 176 -42.25 -23.29 -31.05
C ASN B 176 -41.15 -23.19 -32.14
N ILE B 177 -39.96 -22.76 -31.74
CA ILE B 177 -38.82 -22.66 -32.67
C ILE B 177 -37.95 -23.92 -32.60
N PRO B 178 -37.55 -24.48 -33.75
CA PRO B 178 -36.69 -25.65 -33.75
C PRO B 178 -35.33 -25.33 -33.16
N PHE B 179 -34.78 -26.26 -32.38
CA PHE B 179 -33.43 -26.09 -31.87
C PHE B 179 -32.45 -26.69 -32.88
N GLN B 180 -31.27 -26.10 -33.01
CA GLN B 180 -30.25 -26.67 -33.92
C GLN B 180 -28.89 -26.89 -33.26
N MET B 181 -28.35 -28.08 -33.50
CA MET B 181 -27.07 -28.52 -32.94
C MET B 181 -25.96 -28.38 -33.98
N LEU B 182 -24.71 -28.29 -33.52
CA LEU B 182 -23.57 -28.53 -34.40
C LEU B 182 -22.79 -29.77 -33.94
N LEU B 183 -22.97 -30.85 -34.70
CA LEU B 183 -22.33 -32.13 -34.40
C LEU B 183 -21.14 -32.39 -35.35
N ARG B 184 -20.01 -32.72 -34.76
CA ARG B 184 -18.76 -32.90 -35.50
C ARG B 184 -18.64 -34.30 -36.14
N GLY B 185 -19.77 -34.84 -36.57
CA GLY B 185 -19.80 -36.14 -37.23
C GLY B 185 -19.38 -37.21 -36.26
N ALA B 186 -18.36 -37.98 -36.63
CA ALA B 186 -17.76 -38.96 -35.74
C ALA B 186 -17.09 -38.26 -34.56
N ASN B 187 -16.71 -37.00 -34.73
CA ASN B 187 -16.08 -36.21 -33.67
C ASN B 187 -17.04 -35.76 -32.57
N ALA B 188 -18.35 -35.85 -32.86
CA ALA B 188 -19.42 -35.46 -31.95
C ALA B 188 -19.25 -34.03 -31.38
N VAL B 189 -19.03 -33.92 -30.07
CA VAL B 189 -18.73 -32.63 -29.46
C VAL B 189 -17.33 -32.66 -28.84
N GLY B 190 -16.44 -33.37 -29.52
CA GLY B 190 -15.07 -33.59 -29.06
C GLY B 190 -14.04 -33.23 -30.13
N TYR B 191 -12.86 -33.84 -30.02
CA TYR B 191 -11.71 -33.43 -30.83
C TYR B 191 -11.05 -34.60 -31.58
N THR B 192 -11.59 -35.80 -31.37
CA THR B 192 -11.14 -37.02 -32.06
C THR B 192 -12.36 -37.92 -32.35
N ASN B 193 -12.15 -38.99 -33.11
CA ASN B 193 -13.28 -39.85 -33.51
C ASN B 193 -13.71 -40.84 -32.43
N TYR B 194 -15.03 -41.00 -32.32
CA TYR B 194 -15.64 -41.82 -31.27
C TYR B 194 -16.21 -43.14 -31.82
N PRO B 195 -16.32 -44.15 -30.95
CA PRO B 195 -16.97 -45.41 -31.31
C PRO B 195 -18.42 -45.17 -31.75
N ASP B 196 -18.87 -45.90 -32.76
CA ASP B 196 -20.20 -45.70 -33.34
C ASP B 196 -21.35 -45.65 -32.35
N ASN B 197 -21.37 -46.62 -31.43
CA ASN B 197 -22.44 -46.71 -30.41
C ASN B 197 -22.56 -45.44 -29.55
N VAL B 198 -21.44 -44.75 -29.32
CA VAL B 198 -21.47 -43.49 -28.57
C VAL B 198 -22.09 -42.35 -29.40
N VAL B 199 -21.65 -42.20 -30.65
CA VAL B 199 -22.15 -41.17 -31.54
C VAL B 199 -23.66 -41.34 -31.76
N PHE B 200 -24.06 -42.59 -32.01
CA PHE B 200 -25.47 -42.95 -32.20
C PHE B 200 -26.28 -42.64 -30.95
N LYS B 201 -25.80 -43.10 -29.80
CA LYS B 201 -26.51 -42.92 -28.54
C LYS B 201 -26.59 -41.45 -28.18
N PHE B 202 -25.56 -40.70 -28.54
CA PHE B 202 -25.52 -39.26 -28.27
C PHE B 202 -26.66 -38.53 -28.94
N CYS B 203 -26.97 -38.91 -30.17
CA CYS B 203 -28.03 -38.27 -30.91
C CYS B 203 -29.42 -38.67 -30.41
N GLU B 204 -29.56 -39.89 -29.90
CA GLU B 204 -30.86 -40.33 -29.40
C GLU B 204 -31.32 -39.45 -28.25
N VAL B 205 -30.56 -39.46 -27.14
CA VAL B 205 -30.94 -38.69 -25.95
C VAL B 205 -31.00 -37.16 -26.19
N ALA B 206 -30.19 -36.67 -27.12
CA ALA B 206 -30.29 -35.29 -27.58
C ALA B 206 -31.68 -35.02 -28.18
N LYS B 207 -32.15 -35.94 -29.02
CA LYS B 207 -33.48 -35.85 -29.59
C LYS B 207 -34.48 -35.75 -28.45
N GLU B 208 -34.37 -36.68 -27.50
CA GLU B 208 -35.33 -36.81 -26.40
C GLU B 208 -35.22 -35.69 -25.37
N ASN B 209 -34.26 -34.79 -25.56
CA ASN B 209 -34.09 -33.63 -24.69
C ASN B 209 -34.45 -32.32 -25.39
N GLY B 210 -34.80 -32.43 -26.68
CA GLY B 210 -35.31 -31.29 -27.43
C GLY B 210 -34.54 -30.92 -28.68
N MET B 211 -33.55 -31.71 -29.07
CA MET B 211 -32.80 -31.40 -30.30
C MET B 211 -33.63 -31.71 -31.54
N ASP B 212 -33.80 -30.70 -32.38
CA ASP B 212 -34.58 -30.88 -33.60
C ASP B 212 -33.70 -31.04 -34.82
N VAL B 213 -32.78 -30.11 -35.03
CA VAL B 213 -31.93 -30.15 -36.21
C VAL B 213 -30.48 -30.48 -35.84
N PHE B 214 -29.96 -31.56 -36.44
CA PHE B 214 -28.55 -31.91 -36.30
C PHE B 214 -27.75 -31.45 -37.54
N ARG B 215 -27.02 -30.33 -37.41
CA ARG B 215 -26.07 -29.91 -38.46
C ARG B 215 -24.83 -30.78 -38.36
N VAL B 216 -24.62 -31.60 -39.39
CA VAL B 216 -23.50 -32.55 -39.40
C VAL B 216 -22.40 -32.13 -40.37
N PHE B 217 -21.17 -32.08 -39.87
CA PHE B 217 -20.01 -31.87 -40.74
C PHE B 217 -18.82 -32.71 -40.26
N ASP B 218 -17.85 -32.88 -41.15
CA ASP B 218 -16.58 -33.52 -40.82
C ASP B 218 -15.44 -32.62 -41.24
N SER B 219 -14.48 -32.42 -40.33
CA SER B 219 -13.38 -31.47 -40.49
C SER B 219 -12.62 -31.63 -41.81
N LEU B 220 -12.47 -32.86 -42.27
CA LEU B 220 -11.72 -33.13 -43.50
C LEU B 220 -12.61 -33.34 -44.71
N ASN B 221 -13.90 -33.05 -44.57
CA ASN B 221 -14.92 -33.37 -45.60
C ASN B 221 -14.91 -34.85 -45.99
N TYR B 222 -14.23 -35.67 -45.18
CA TYR B 222 -14.09 -37.10 -45.39
C TYR B 222 -15.44 -37.81 -45.36
N LEU B 223 -15.90 -38.20 -46.55
CA LEU B 223 -17.25 -38.70 -46.80
C LEU B 223 -17.79 -39.74 -45.78
N PRO B 224 -17.07 -40.84 -45.54
CA PRO B 224 -17.57 -41.86 -44.64
C PRO B 224 -17.88 -41.33 -43.24
N ASN B 225 -17.07 -40.38 -42.77
CA ASN B 225 -17.21 -39.81 -41.43
C ASN B 225 -18.49 -38.99 -41.26
N MET B 226 -18.85 -38.22 -42.29
CA MET B 226 -20.08 -37.45 -42.24
C MET B 226 -21.31 -38.30 -42.57
N LEU B 227 -21.09 -39.45 -43.22
CA LEU B 227 -22.15 -40.42 -43.44
C LEU B 227 -22.51 -41.13 -42.13
N LEU B 228 -21.53 -41.28 -41.24
CA LEU B 228 -21.77 -41.88 -39.93
C LEU B 228 -22.69 -40.99 -39.08
N GLY B 229 -22.27 -39.75 -38.87
CA GLY B 229 -23.05 -38.76 -38.14
C GLY B 229 -24.43 -38.54 -38.71
N MET B 230 -24.54 -38.62 -40.03
CA MET B 230 -25.84 -38.50 -40.71
C MET B 230 -26.82 -39.61 -40.32
N GLU B 231 -26.42 -40.87 -40.45
CA GLU B 231 -27.35 -41.94 -40.09
C GLU B 231 -27.65 -41.93 -38.59
N ALA B 232 -26.64 -41.59 -37.78
CA ALA B 232 -26.84 -41.48 -36.34
C ALA B 232 -27.80 -40.35 -35.97
N ALA B 233 -27.89 -39.33 -36.82
CA ALA B 233 -28.85 -38.26 -36.64
C ALA B 233 -30.20 -38.66 -37.21
N GLY B 234 -30.17 -39.49 -38.25
CA GLY B 234 -31.37 -39.98 -38.92
C GLY B 234 -32.14 -40.93 -38.04
N SER B 235 -31.42 -41.88 -37.44
CA SER B 235 -31.98 -42.87 -36.50
C SER B 235 -32.70 -42.19 -35.37
N ALA B 236 -32.07 -41.16 -34.79
CA ALA B 236 -32.65 -40.39 -33.70
C ALA B 236 -33.98 -39.77 -34.11
N GLY B 237 -34.11 -39.43 -35.39
CA GLY B 237 -35.34 -38.85 -35.92
C GLY B 237 -35.32 -37.34 -35.91
N GLY B 238 -34.14 -36.75 -35.92
CA GLY B 238 -34.03 -35.31 -36.04
C GLY B 238 -33.91 -34.97 -37.50
N VAL B 239 -33.97 -33.68 -37.81
CA VAL B 239 -33.71 -33.19 -39.16
C VAL B 239 -32.22 -33.32 -39.41
N VAL B 240 -31.87 -33.94 -40.53
CA VAL B 240 -30.48 -34.18 -40.89
C VAL B 240 -29.96 -33.11 -41.84
N GLU B 241 -29.02 -32.30 -41.35
CA GLU B 241 -28.40 -31.24 -42.12
C GLU B 241 -26.91 -31.54 -42.36
N ALA B 242 -26.64 -32.17 -43.50
CA ALA B 242 -25.27 -32.37 -43.98
C ALA B 242 -24.63 -31.03 -44.34
N ALA B 243 -23.38 -30.82 -43.90
CA ALA B 243 -22.68 -29.59 -44.21
C ALA B 243 -21.35 -29.82 -44.89
N ILE B 244 -21.23 -29.33 -46.12
CA ILE B 244 -19.94 -29.25 -46.81
C ILE B 244 -19.15 -28.09 -46.23
N SER B 245 -18.01 -28.41 -45.61
CA SER B 245 -17.08 -27.39 -45.14
C SER B 245 -16.43 -26.73 -46.35
N TYR B 246 -16.33 -25.40 -46.32
CA TYR B 246 -15.86 -24.63 -47.47
C TYR B 246 -14.49 -24.01 -47.23
N THR B 247 -13.52 -24.39 -48.07
CA THR B 247 -12.23 -23.73 -48.16
C THR B 247 -12.01 -23.25 -49.60
N GLY B 248 -11.14 -22.26 -49.78
CA GLY B 248 -10.69 -21.81 -51.10
C GLY B 248 -11.52 -20.68 -51.69
N ASP B 249 -11.48 -20.58 -53.01
CA ASP B 249 -12.30 -19.61 -53.73
C ASP B 249 -12.84 -20.21 -55.03
N VAL B 250 -14.09 -20.63 -54.95
CA VAL B 250 -14.82 -21.20 -56.07
C VAL B 250 -14.79 -20.30 -57.32
N ALA B 251 -14.83 -18.98 -57.13
CA ALA B 251 -14.78 -18.03 -58.25
C ALA B 251 -13.39 -17.91 -58.88
N ASP B 252 -12.39 -18.52 -58.24
CA ASP B 252 -11.03 -18.52 -58.75
C ASP B 252 -10.79 -19.78 -59.57
N PRO B 253 -10.53 -19.62 -60.87
CA PRO B 253 -10.36 -20.75 -61.77
C PRO B 253 -9.12 -21.59 -61.44
N SER B 254 -8.02 -20.92 -61.10
CA SER B 254 -6.72 -21.56 -60.92
C SER B 254 -6.60 -22.51 -59.73
N ARG B 255 -7.57 -22.46 -58.81
CA ARG B 255 -7.50 -23.26 -57.58
C ARG B 255 -8.03 -24.69 -57.72
N THR B 256 -7.14 -25.56 -58.20
CA THR B 256 -7.47 -26.92 -58.61
C THR B 256 -7.24 -27.92 -57.47
N LYS B 257 -8.01 -27.75 -56.40
CA LYS B 257 -7.95 -28.62 -55.25
C LYS B 257 -9.33 -28.61 -54.57
N TYR B 258 -9.87 -27.41 -54.34
CA TYR B 258 -11.24 -27.28 -53.83
C TYR B 258 -12.13 -26.54 -54.84
N SER B 259 -12.21 -27.13 -56.04
CA SER B 259 -12.95 -26.62 -57.22
C SER B 259 -14.46 -26.50 -57.01
N LEU B 260 -15.13 -25.79 -57.91
CA LEU B 260 -16.59 -25.79 -57.95
C LEU B 260 -17.10 -27.22 -58.09
N GLN B 261 -16.42 -28.00 -58.93
CA GLN B 261 -16.78 -29.39 -59.15
C GLN B 261 -16.48 -30.28 -57.94
N TYR B 262 -15.49 -29.89 -57.13
CA TYR B 262 -15.18 -30.61 -55.90
C TYR B 262 -16.39 -30.67 -54.98
N TYR B 263 -17.01 -29.52 -54.79
CA TYR B 263 -18.18 -29.44 -53.93
C TYR B 263 -19.38 -30.11 -54.58
N MET B 264 -19.54 -29.90 -55.89
CA MET B 264 -20.62 -30.54 -56.63
C MET B 264 -20.59 -32.06 -56.50
N GLY B 265 -19.38 -32.63 -56.62
CA GLY B 265 -19.18 -34.05 -56.40
C GLY B 265 -19.66 -34.51 -55.03
N LEU B 266 -19.28 -33.75 -54.00
CA LEU B 266 -19.59 -34.12 -52.62
C LEU B 266 -21.08 -33.99 -52.30
N ALA B 267 -21.70 -32.91 -52.76
CA ALA B 267 -23.14 -32.70 -52.59
C ALA B 267 -23.99 -33.83 -53.16
N GLU B 268 -23.68 -34.23 -54.40
CA GLU B 268 -24.40 -35.31 -55.07
C GLU B 268 -24.46 -36.55 -54.19
N GLU B 269 -23.36 -36.80 -53.48
CA GLU B 269 -23.24 -37.97 -52.61
C GLU B 269 -24.10 -37.84 -51.36
N LEU B 270 -24.10 -36.64 -50.76
CA LEU B 270 -24.87 -36.35 -49.55
C LEU B 270 -26.38 -36.38 -49.79
N VAL B 271 -26.81 -35.76 -50.88
CA VAL B 271 -28.20 -35.80 -51.31
C VAL B 271 -28.62 -37.25 -51.61
N ARG B 272 -27.72 -38.01 -52.24
CA ARG B 272 -27.94 -39.42 -52.57
C ARG B 272 -27.90 -40.30 -51.33
N ALA B 273 -27.20 -39.83 -50.30
CA ALA B 273 -27.22 -40.46 -48.97
C ALA B 273 -28.49 -40.08 -48.20
N GLY B 274 -29.15 -39.00 -48.61
CA GLY B 274 -30.48 -38.67 -48.13
C GLY B 274 -30.56 -37.69 -46.98
N THR B 275 -29.77 -36.62 -47.07
CA THR B 275 -29.91 -35.49 -46.15
C THR B 275 -31.27 -34.82 -46.38
N HIS B 276 -31.83 -34.25 -45.30
CA HIS B 276 -33.05 -33.41 -45.39
C HIS B 276 -32.73 -31.99 -45.89
N ILE B 277 -31.62 -31.42 -45.41
CA ILE B 277 -31.17 -30.09 -45.80
C ILE B 277 -29.66 -30.10 -46.08
N LEU B 278 -29.25 -29.39 -47.12
CA LEU B 278 -27.83 -29.27 -47.43
C LEU B 278 -27.31 -27.95 -46.93
N CYS B 279 -26.16 -27.98 -46.28
CA CYS B 279 -25.54 -26.77 -45.75
C CYS B 279 -24.13 -26.59 -46.30
N ILE B 280 -23.77 -25.33 -46.55
CA ILE B 280 -22.39 -24.96 -46.79
C ILE B 280 -21.90 -24.22 -45.58
N KCX B 281 -20.95 -24.82 -44.88
CA KCX B 281 -20.35 -24.26 -43.68
CB KCX B 281 -19.99 -25.41 -42.74
CG KCX B 281 -19.58 -25.00 -41.32
CD KCX B 281 -19.03 -26.21 -40.55
CE KCX B 281 -18.53 -25.87 -39.14
NZ KCX B 281 -19.54 -25.19 -38.27
C KCX B 281 -19.12 -23.48 -44.07
O KCX B 281 -18.06 -24.05 -44.37
CX KCX B 281 -19.53 -23.86 -38.11
OQ1 KCX B 281 -20.37 -23.32 -37.37
OQ2 KCX B 281 -18.68 -23.14 -38.67
N ASP B 282 -19.23 -22.15 -44.09
CA ASP B 282 -18.09 -21.30 -44.32
C ASP B 282 -17.52 -20.82 -42.97
N MET B 283 -16.77 -21.70 -42.32
CA MET B 283 -16.21 -21.46 -40.97
C MET B 283 -15.26 -20.26 -40.87
N ALA B 284 -14.46 -20.02 -41.91
CA ALA B 284 -13.46 -18.96 -41.85
C ALA B 284 -13.90 -17.67 -42.54
N GLY B 285 -15.14 -17.65 -43.04
CA GLY B 285 -15.66 -16.47 -43.72
C GLY B 285 -15.01 -16.21 -45.07
N LEU B 286 -14.78 -17.28 -45.82
CA LEU B 286 -14.08 -17.21 -47.10
C LEU B 286 -14.96 -16.95 -48.34
N LEU B 287 -16.27 -17.12 -48.19
CA LEU B 287 -17.25 -16.84 -49.28
C LEU B 287 -17.35 -15.36 -49.71
N LYS B 288 -16.98 -15.09 -50.95
CA LYS B 288 -17.23 -13.81 -51.61
C LYS B 288 -18.52 -13.87 -52.44
N PRO B 289 -19.22 -12.73 -52.55
CA PRO B 289 -20.47 -12.62 -53.29
C PRO B 289 -20.56 -13.38 -54.60
N THR B 290 -19.55 -13.30 -55.46
CA THR B 290 -19.60 -14.03 -56.73
C THR B 290 -19.38 -15.52 -56.55
N ALA B 291 -18.60 -15.89 -55.54
CA ALA B 291 -18.37 -17.31 -55.26
C ALA B 291 -19.65 -17.96 -54.74
N CYS B 292 -20.46 -17.17 -54.02
CA CYS B 292 -21.81 -17.58 -53.59
C CYS B 292 -22.70 -17.77 -54.80
N THR B 293 -22.79 -16.73 -55.62
CA THR B 293 -23.61 -16.73 -56.83
C THR B 293 -23.32 -17.99 -57.65
N MET B 294 -22.03 -18.31 -57.77
CA MET B 294 -21.58 -19.48 -58.49
C MET B 294 -22.10 -20.76 -57.87
N LEU B 295 -21.88 -20.93 -56.57
CA LEU B 295 -22.15 -22.22 -55.93
C LEU B 295 -23.63 -22.49 -55.64
N VAL B 296 -24.35 -21.49 -55.11
CA VAL B 296 -25.75 -21.71 -54.76
C VAL B 296 -26.66 -21.77 -56.00
N SER B 297 -26.33 -21.02 -57.04
CA SER B 297 -27.08 -21.13 -58.30
C SER B 297 -26.88 -22.47 -58.99
N SER B 298 -25.64 -22.98 -58.99
CA SER B 298 -25.36 -24.27 -59.61
C SER B 298 -25.76 -25.46 -58.70
N LEU B 299 -26.19 -25.15 -57.48
CA LEU B 299 -26.80 -26.13 -56.57
C LEU B 299 -28.31 -26.13 -56.73
N ARG B 300 -28.90 -24.93 -56.67
CA ARG B 300 -30.33 -24.74 -56.93
C ARG B 300 -30.70 -25.35 -58.30
N ASP B 301 -29.85 -25.12 -59.29
CA ASP B 301 -30.09 -25.59 -60.65
C ASP B 301 -29.66 -27.06 -60.84
N ARG B 302 -29.13 -27.65 -59.77
CA ARG B 302 -28.80 -29.09 -59.76
C ARG B 302 -29.71 -29.91 -58.84
N PHE B 303 -30.26 -29.26 -57.80
CA PHE B 303 -31.30 -29.85 -56.94
C PHE B 303 -32.40 -28.84 -56.65
N PRO B 304 -33.43 -28.76 -57.51
CA PRO B 304 -34.51 -27.77 -57.35
C PRO B 304 -35.27 -27.91 -56.04
N ASP B 305 -35.43 -29.13 -55.54
CA ASP B 305 -36.26 -29.38 -54.35
C ASP B 305 -35.54 -29.24 -53.01
N LEU B 306 -34.21 -29.25 -53.04
CA LEU B 306 -33.42 -29.29 -51.82
C LEU B 306 -33.33 -27.92 -51.09
N PRO B 307 -33.64 -27.93 -49.80
CA PRO B 307 -33.40 -26.75 -48.96
C PRO B 307 -31.90 -26.45 -48.84
N LEU B 308 -31.51 -25.21 -49.14
CA LEU B 308 -30.13 -24.79 -49.04
C LEU B 308 -29.86 -23.83 -47.86
N HIS B 309 -29.06 -24.29 -46.91
CA HIS B 309 -28.75 -23.56 -45.68
C HIS B 309 -27.30 -23.09 -45.74
N ILE B 310 -27.07 -21.78 -45.73
CA ILE B 310 -25.69 -21.24 -45.86
C ILE B 310 -25.19 -20.52 -44.59
N HIS B 311 -24.04 -20.99 -44.10
CA HIS B 311 -23.44 -20.52 -42.86
C HIS B 311 -22.12 -19.80 -43.13
N THR B 312 -21.96 -18.60 -42.57
CA THR B 312 -20.69 -17.88 -42.71
C THR B 312 -20.23 -17.11 -41.47
N HIS B 313 -18.98 -16.66 -41.52
CA HIS B 313 -18.44 -15.72 -40.54
C HIS B 313 -18.02 -14.44 -41.26
N ASP B 314 -17.88 -13.37 -40.50
CA ASP B 314 -17.80 -12.06 -41.07
C ASP B 314 -16.40 -11.48 -40.91
N THR B 315 -15.42 -12.35 -40.71
CA THR B 315 -14.10 -11.85 -40.33
C THR B 315 -13.46 -11.01 -41.44
N SER B 316 -13.77 -11.32 -42.70
CA SER B 316 -13.27 -10.56 -43.85
C SER B 316 -14.06 -9.28 -44.10
N GLY B 317 -15.31 -9.25 -43.66
CA GLY B 317 -16.16 -8.08 -43.79
C GLY B 317 -17.07 -8.11 -45.00
N ALA B 318 -17.19 -9.29 -45.60
CA ALA B 318 -18.01 -9.52 -46.78
C ALA B 318 -19.25 -10.35 -46.45
N GLY B 319 -19.42 -10.65 -45.17
CA GLY B 319 -20.45 -11.56 -44.70
C GLY B 319 -21.86 -11.23 -45.14
N VAL B 320 -22.26 -9.97 -44.98
CA VAL B 320 -23.60 -9.52 -45.36
C VAL B 320 -23.78 -9.65 -46.87
N ALA B 321 -22.93 -8.96 -47.63
CA ALA B 321 -22.91 -9.06 -49.09
C ALA B 321 -22.97 -10.52 -49.56
N ALA B 322 -22.14 -11.38 -48.96
CA ALA B 322 -22.09 -12.79 -49.32
C ALA B 322 -23.46 -13.41 -49.14
N MET B 323 -24.01 -13.27 -47.94
CA MET B 323 -25.30 -13.86 -47.61
C MET B 323 -26.42 -13.33 -48.50
N LEU B 324 -26.37 -12.04 -48.84
CA LEU B 324 -27.34 -11.42 -49.74
C LEU B 324 -27.25 -12.00 -51.14
N ALA B 325 -26.03 -12.35 -51.56
CA ALA B 325 -25.84 -13.05 -52.84
C ALA B 325 -26.42 -14.47 -52.80
N CYS B 326 -26.39 -15.12 -51.64
CA CYS B 326 -26.94 -16.47 -51.54
C CYS B 326 -28.46 -16.44 -51.69
N ALA B 327 -29.10 -15.52 -50.97
CA ALA B 327 -30.55 -15.27 -51.05
C ALA B 327 -30.99 -15.02 -52.50
N GLN B 328 -30.25 -14.17 -53.21
CA GLN B 328 -30.53 -13.82 -54.59
C GLN B 328 -30.45 -15.04 -55.51
N ALA B 329 -29.47 -15.91 -55.27
CA ALA B 329 -29.35 -17.17 -56.01
C ALA B 329 -30.21 -18.28 -55.40
N GLY B 330 -31.24 -17.89 -54.68
CA GLY B 330 -32.25 -18.81 -54.16
C GLY B 330 -31.78 -19.76 -53.09
N ALA B 331 -31.05 -19.24 -52.10
CA ALA B 331 -30.79 -19.97 -50.85
C ALA B 331 -32.02 -19.83 -49.96
N ASP B 332 -32.42 -20.95 -49.35
CA ASP B 332 -33.56 -20.95 -48.46
C ASP B 332 -33.25 -20.32 -47.09
N VAL B 333 -32.10 -20.64 -46.50
CA VAL B 333 -31.79 -20.15 -45.15
C VAL B 333 -30.37 -19.60 -45.02
N VAL B 334 -30.26 -18.54 -44.21
CA VAL B 334 -28.99 -17.86 -43.95
C VAL B 334 -28.76 -17.71 -42.42
N ASP B 335 -27.49 -17.66 -42.01
CA ASP B 335 -27.12 -17.57 -40.60
C ASP B 335 -26.74 -16.16 -40.17
N VAL B 336 -27.41 -15.70 -39.11
CA VAL B 336 -27.16 -14.38 -38.56
C VAL B 336 -27.04 -14.41 -37.03
N ALA B 337 -26.55 -13.33 -36.46
CA ALA B 337 -26.45 -13.19 -35.02
C ALA B 337 -26.96 -11.79 -34.66
N ALA B 338 -27.50 -11.64 -33.44
CA ALA B 338 -27.94 -10.31 -33.01
C ALA B 338 -26.83 -9.30 -33.27
N ASP B 339 -27.20 -8.08 -33.68
CA ASP B 339 -26.24 -7.02 -34.04
C ASP B 339 -25.07 -6.88 -33.05
N SER B 340 -25.41 -6.84 -31.76
CA SER B 340 -24.47 -6.59 -30.69
C SER B 340 -23.58 -7.80 -30.42
N MET B 341 -23.87 -8.89 -31.10
CA MET B 341 -23.06 -10.10 -30.98
C MET B 341 -22.62 -10.53 -32.36
N SER B 342 -22.60 -9.60 -33.30
CA SER B 342 -22.21 -9.93 -34.64
C SER B 342 -21.04 -9.09 -35.12
N GLY B 343 -20.64 -9.36 -36.36
CA GLY B 343 -19.52 -8.67 -36.97
C GLY B 343 -18.22 -9.34 -36.64
N MET B 344 -17.13 -8.81 -37.21
CA MET B 344 -15.79 -9.35 -37.00
C MET B 344 -15.86 -10.86 -37.14
N THR B 345 -15.43 -11.57 -36.12
CA THR B 345 -15.21 -12.99 -36.24
C THR B 345 -16.50 -13.84 -36.08
N SER B 346 -17.61 -13.15 -35.82
CA SER B 346 -18.91 -13.76 -35.55
C SER B 346 -19.74 -13.95 -36.84
N GLN B 347 -21.04 -14.16 -36.72
CA GLN B 347 -21.95 -14.11 -37.88
C GLN B 347 -22.27 -12.67 -38.32
N PRO B 348 -22.81 -12.52 -39.54
CA PRO B 348 -23.28 -11.22 -40.02
C PRO B 348 -24.51 -10.72 -39.27
N SER B 349 -24.62 -9.40 -39.15
CA SER B 349 -25.70 -8.70 -38.46
C SER B 349 -27.09 -9.13 -38.94
N MET B 350 -27.92 -9.62 -38.01
CA MET B 350 -29.29 -9.97 -38.36
C MET B 350 -30.06 -8.70 -38.69
N GLY B 351 -29.64 -7.57 -38.13
CA GLY B 351 -30.23 -6.29 -38.46
C GLY B 351 -30.05 -5.96 -39.93
N ALA B 352 -28.88 -6.28 -40.47
CA ALA B 352 -28.54 -5.90 -41.82
C ALA B 352 -29.28 -6.75 -42.83
N LEU B 353 -29.36 -8.06 -42.60
CA LEU B 353 -30.05 -8.93 -43.56
C LEU B 353 -31.55 -8.71 -43.51
N VAL B 354 -32.09 -8.44 -42.31
CA VAL B 354 -33.48 -8.05 -42.24
C VAL B 354 -33.69 -6.71 -42.98
N ALA B 355 -32.85 -5.72 -42.67
CA ALA B 355 -32.96 -4.41 -43.31
C ALA B 355 -32.78 -4.44 -44.84
N CYS B 356 -31.72 -5.09 -45.33
CA CYS B 356 -31.40 -5.05 -46.76
C CYS B 356 -32.34 -5.90 -47.61
N THR B 357 -33.35 -6.47 -46.96
CA THR B 357 -34.18 -7.48 -47.58
C THR B 357 -35.63 -7.00 -47.64
N ARG B 358 -35.92 -5.91 -46.94
CA ARG B 358 -37.23 -5.24 -46.96
C ARG B 358 -37.58 -4.69 -48.33
N GLY B 359 -38.83 -4.91 -48.77
CA GLY B 359 -39.30 -4.42 -50.06
C GLY B 359 -38.69 -5.19 -51.22
N THR B 360 -38.48 -6.48 -50.99
CA THR B 360 -37.78 -7.35 -51.91
C THR B 360 -38.45 -8.71 -51.80
N PRO B 361 -38.55 -9.44 -52.91
CA PRO B 361 -38.92 -10.86 -52.87
C PRO B 361 -38.31 -11.64 -51.69
N LEU B 362 -37.11 -11.24 -51.24
CA LEU B 362 -36.38 -11.96 -50.19
C LEU B 362 -36.76 -11.54 -48.77
N ASP B 363 -37.64 -10.54 -48.65
CA ASP B 363 -38.15 -10.05 -47.36
C ASP B 363 -38.26 -11.14 -46.29
N THR B 364 -37.62 -10.90 -45.15
CA THR B 364 -37.58 -11.87 -44.04
C THR B 364 -38.83 -11.73 -43.17
N GLU B 365 -39.49 -10.58 -43.33
CA GLU B 365 -40.70 -10.20 -42.59
C GLU B 365 -40.56 -10.16 -41.06
N VAL B 366 -39.32 -10.23 -40.59
CA VAL B 366 -38.99 -10.05 -39.20
C VAL B 366 -39.05 -8.54 -38.96
N PRO B 367 -39.86 -8.08 -38.00
CA PRO B 367 -39.99 -6.65 -37.73
C PRO B 367 -38.69 -6.08 -37.15
N MET B 368 -38.32 -4.88 -37.60
CA MET B 368 -37.07 -4.27 -37.19
C MET B 368 -37.04 -3.90 -35.70
N GLU B 369 -38.20 -3.51 -35.14
CA GLU B 369 -38.28 -3.10 -33.73
C GLU B 369 -37.96 -4.25 -32.78
N ARG B 370 -38.23 -5.47 -33.23
CA ARG B 370 -37.86 -6.66 -32.45
C ARG B 370 -36.38 -6.97 -32.59
N VAL B 371 -35.78 -6.62 -33.72
CA VAL B 371 -34.35 -6.85 -33.92
C VAL B 371 -33.54 -5.93 -33.02
N PHE B 372 -34.00 -4.69 -32.89
CA PHE B 372 -33.41 -3.75 -31.96
C PHE B 372 -33.41 -4.29 -30.55
N ASP B 373 -34.56 -4.75 -30.07
CA ASP B 373 -34.71 -5.19 -28.67
C ASP B 373 -33.85 -6.39 -28.34
N TYR B 374 -33.80 -7.36 -29.24
CA TYR B 374 -33.02 -8.57 -29.04
C TYR B 374 -31.54 -8.21 -28.96
N SER B 375 -31.11 -7.31 -29.83
CA SER B 375 -29.74 -6.88 -29.85
C SER B 375 -29.41 -6.10 -28.59
N GLU B 376 -30.34 -5.23 -28.19
CA GLU B 376 -30.13 -4.37 -27.02
C GLU B 376 -29.87 -5.23 -25.78
N TYR B 377 -30.72 -6.23 -25.55
CA TYR B 377 -30.47 -7.20 -24.49
C TYR B 377 -29.09 -7.79 -24.57
N TRP B 378 -28.66 -8.18 -25.78
CA TRP B 378 -27.35 -8.80 -25.94
C TRP B 378 -26.17 -7.85 -25.72
N GLU B 379 -26.37 -6.55 -25.88
CA GLU B 379 -25.31 -5.63 -25.56
C GLU B 379 -25.10 -5.72 -24.05
N GLY B 380 -26.20 -5.62 -23.30
CA GLY B 380 -26.20 -5.72 -21.85
C GLY B 380 -25.47 -6.97 -21.42
N ALA B 381 -25.95 -8.12 -21.88
CA ALA B 381 -25.29 -9.39 -21.62
C ALA B 381 -23.81 -9.40 -22.00
N ARG B 382 -23.46 -8.93 -23.19
CA ARG B 382 -22.08 -8.99 -23.68
C ARG B 382 -21.09 -8.37 -22.69
N GLY B 383 -21.52 -7.29 -22.04
CA GLY B 383 -20.70 -6.59 -21.06
C GLY B 383 -20.33 -7.41 -19.84
N LEU B 384 -21.23 -8.30 -19.42
CA LEU B 384 -20.96 -9.22 -18.30
C LEU B 384 -19.74 -10.10 -18.61
N TYR B 385 -19.28 -10.07 -19.85
CA TYR B 385 -18.23 -10.96 -20.28
C TYR B 385 -16.98 -10.25 -20.75
N ALA B 386 -16.80 -9.02 -20.27
CA ALA B 386 -15.64 -8.20 -20.62
C ALA B 386 -14.31 -8.95 -20.54
N ALA B 387 -14.14 -9.76 -19.51
CA ALA B 387 -12.91 -10.50 -19.29
C ALA B 387 -12.60 -11.51 -20.39
N PHE B 388 -13.63 -11.89 -21.17
CA PHE B 388 -13.46 -12.84 -22.28
C PHE B 388 -13.65 -12.20 -23.66
N ASP B 389 -13.89 -10.89 -23.67
CA ASP B 389 -14.22 -10.19 -24.90
C ASP B 389 -13.03 -10.00 -25.81
N CYS B 390 -13.17 -10.48 -27.04
CA CYS B 390 -12.07 -10.49 -28.00
C CYS B 390 -11.63 -9.09 -28.38
N THR B 391 -12.52 -8.11 -28.19
CA THR B 391 -12.28 -6.74 -28.63
C THR B 391 -11.23 -6.03 -27.82
N ALA B 392 -10.80 -6.64 -26.73
CA ALA B 392 -9.71 -6.07 -25.94
C ALA B 392 -8.41 -6.08 -26.75
N THR B 393 -8.26 -7.05 -27.65
CA THR B 393 -7.09 -7.13 -28.53
C THR B 393 -7.45 -6.92 -29.99
N MET B 394 -8.63 -7.38 -30.38
CA MET B 394 -9.08 -7.33 -31.76
C MET B 394 -10.20 -6.33 -31.95
N LYS B 395 -9.88 -5.17 -32.56
CA LYS B 395 -10.85 -4.08 -32.65
C LYS B 395 -11.67 -4.03 -33.96
N SER B 396 -11.46 -5.01 -34.82
CA SER B 396 -12.12 -5.08 -36.11
C SER B 396 -11.90 -6.45 -36.75
N GLY B 397 -12.63 -6.68 -37.84
CA GLY B 397 -12.37 -7.81 -38.71
C GLY B 397 -11.10 -7.57 -39.49
N ASN B 398 -10.64 -8.59 -40.19
CA ASN B 398 -9.41 -8.52 -40.93
C ASN B 398 -9.62 -9.22 -42.24
N SER B 399 -9.17 -8.63 -43.34
CA SER B 399 -9.31 -9.27 -44.64
C SER B 399 -8.30 -10.41 -44.87
N ASP B 400 -7.28 -10.50 -44.02
CA ASP B 400 -6.17 -11.45 -44.23
C ASP B 400 -6.48 -12.91 -43.86
N VAL B 401 -7.74 -13.19 -43.53
CA VAL B 401 -8.23 -14.57 -43.52
C VAL B 401 -7.98 -15.30 -44.85
N TYR B 402 -8.03 -14.56 -45.96
CA TYR B 402 -7.79 -15.16 -47.25
C TYR B 402 -6.36 -15.71 -47.34
N GLU B 403 -5.54 -15.30 -46.38
CA GLU B 403 -4.15 -15.74 -46.28
C GLU B 403 -4.00 -16.87 -45.24
N ASN B 404 -4.50 -16.65 -44.02
CA ASN B 404 -4.27 -17.58 -42.91
C ASN B 404 -5.38 -18.58 -42.64
N GLU B 405 -6.52 -18.40 -43.31
CA GLU B 405 -7.67 -19.30 -43.27
C GLU B 405 -8.07 -19.81 -41.88
N ILE B 406 -7.86 -18.98 -40.87
CA ILE B 406 -8.22 -19.31 -39.49
C ILE B 406 -9.72 -19.10 -39.26
N PRO B 407 -10.42 -20.16 -38.85
CA PRO B 407 -11.86 -20.08 -38.61
C PRO B 407 -12.25 -19.03 -37.56
N GLY B 408 -13.50 -18.60 -37.60
CA GLY B 408 -14.08 -17.69 -36.62
C GLY B 408 -13.61 -17.94 -35.20
N GLY B 409 -14.06 -19.06 -34.61
CA GLY B 409 -13.64 -19.47 -33.26
C GLY B 409 -12.13 -19.38 -32.97
N GLN B 410 -11.34 -20.00 -33.84
CA GLN B 410 -9.90 -20.06 -33.68
C GLN B 410 -9.15 -18.71 -33.80
N TYR B 411 -9.73 -17.74 -34.50
CA TYR B 411 -9.06 -16.43 -34.71
C TYR B 411 -9.11 -15.59 -33.44
N THR B 412 -10.06 -15.91 -32.58
CA THR B 412 -10.13 -15.40 -31.23
C THR B 412 -9.14 -16.16 -30.32
N ASN B 413 -9.26 -17.50 -30.29
CA ASN B 413 -8.57 -18.32 -29.29
C ASN B 413 -7.05 -18.52 -29.53
N LEU B 414 -6.36 -17.45 -29.96
CA LEU B 414 -4.91 -17.50 -30.25
C LEU B 414 -4.02 -16.33 -29.76
N HIS B 415 -4.43 -15.06 -29.89
CA HIS B 415 -3.74 -13.99 -29.11
C HIS B 415 -4.55 -13.47 -27.91
N PHE B 416 -5.87 -13.50 -28.02
CA PHE B 416 -6.70 -13.37 -26.84
C PHE B 416 -6.37 -14.59 -25.99
N GLN B 417 -6.34 -15.76 -26.63
CA GLN B 417 -5.99 -17.01 -25.96
C GLN B 417 -4.54 -17.42 -26.29
N ALA B 418 -4.27 -18.73 -26.37
CA ALA B 418 -2.91 -19.27 -26.29
C ALA B 418 -2.14 -18.67 -25.10
N HIS B 419 -2.90 -18.16 -24.13
CA HIS B 419 -2.37 -17.61 -22.87
C HIS B 419 -1.82 -18.71 -21.96
N SER B 420 -2.39 -19.91 -22.09
CA SER B 420 -2.04 -21.05 -21.26
C SER B 420 -0.60 -21.56 -21.53
N MET B 421 -0.21 -21.54 -22.80
CA MET B 421 1.09 -22.09 -23.22
C MET B 421 2.25 -21.08 -23.18
N GLY B 422 1.95 -19.85 -22.78
CA GLY B 422 2.97 -18.81 -22.72
C GLY B 422 2.64 -17.60 -23.55
N LEU B 423 1.40 -17.11 -23.41
CA LEU B 423 0.98 -15.78 -23.90
C LEU B 423 1.02 -15.62 -25.43
N GLY B 424 1.09 -14.36 -25.87
CA GLY B 424 1.36 -13.99 -27.26
C GLY B 424 2.54 -13.02 -27.32
N SER B 425 3.36 -13.14 -28.35
CA SER B 425 4.53 -12.28 -28.53
C SER B 425 4.98 -12.38 -29.99
N LYS B 426 4.70 -11.32 -30.75
CA LYS B 426 4.80 -11.32 -32.22
C LYS B 426 3.93 -12.42 -32.88
N PHE B 427 2.61 -12.17 -32.84
CA PHE B 427 1.57 -13.07 -33.33
C PHE B 427 1.58 -13.26 -34.85
N LYS B 428 2.19 -12.30 -35.57
CA LYS B 428 2.39 -12.39 -37.02
C LYS B 428 3.05 -13.73 -37.37
N GLU B 429 4.15 -14.02 -36.68
CA GLU B 429 4.94 -15.22 -36.89
C GLU B 429 4.18 -16.52 -36.60
N VAL B 430 3.27 -16.48 -35.61
CA VAL B 430 2.37 -17.61 -35.38
C VAL B 430 1.63 -17.88 -36.69
N LYS B 431 0.90 -16.87 -37.14
CA LYS B 431 0.06 -16.96 -38.34
C LYS B 431 0.86 -17.38 -39.57
N LYS B 432 1.96 -16.70 -39.83
CA LYS B 432 2.75 -17.00 -41.03
C LYS B 432 3.29 -18.45 -41.05
N ALA B 433 3.11 -19.14 -39.92
CA ALA B 433 3.45 -20.56 -39.79
C ALA B 433 2.20 -21.44 -39.64
N TYR B 434 1.08 -20.83 -39.23
CA TYR B 434 -0.25 -21.44 -39.38
C TYR B 434 -0.53 -21.64 -40.87
N VAL B 435 0.02 -20.75 -41.70
CA VAL B 435 -0.07 -20.84 -43.16
C VAL B 435 0.83 -21.96 -43.70
N GLU B 436 2.03 -22.05 -43.14
CA GLU B 436 2.98 -23.11 -43.48
C GLU B 436 2.47 -24.48 -43.01
N ALA B 437 1.92 -24.51 -41.79
CA ALA B 437 1.30 -25.72 -41.19
C ALA B 437 0.19 -26.34 -42.06
N ASN B 438 -0.61 -25.47 -42.66
CA ASN B 438 -1.62 -25.85 -43.63
C ASN B 438 -1.02 -26.70 -44.76
N GLN B 439 -0.05 -26.13 -45.50
CA GLN B 439 0.64 -26.83 -46.58
C GLN B 439 1.40 -28.04 -46.04
N MET B 440 1.83 -27.90 -44.78
CA MET B 440 2.65 -28.86 -44.06
C MET B 440 1.91 -30.18 -43.81
N LEU B 441 0.60 -30.11 -43.61
CA LEU B 441 -0.22 -31.29 -43.38
C LEU B 441 -1.05 -31.72 -44.60
N GLY B 442 -0.71 -31.17 -45.76
CA GLY B 442 -1.37 -31.55 -47.01
C GLY B 442 -2.46 -30.60 -47.51
N ASP B 443 -2.46 -29.37 -46.99
CA ASP B 443 -3.33 -28.30 -47.47
C ASP B 443 -4.80 -28.64 -47.25
N LEU B 444 -5.29 -28.35 -46.05
CA LEU B 444 -6.51 -28.99 -45.57
C LEU B 444 -7.72 -28.08 -45.49
N ILE B 445 -8.86 -28.70 -45.22
CA ILE B 445 -10.07 -28.02 -44.81
C ILE B 445 -9.86 -27.83 -43.33
N LYS B 446 -9.76 -26.57 -42.89
CA LYS B 446 -9.46 -26.26 -41.50
C LYS B 446 -10.71 -25.93 -40.71
N VAL B 447 -11.29 -26.96 -40.11
CA VAL B 447 -12.40 -26.81 -39.18
C VAL B 447 -12.01 -27.57 -37.92
N THR B 448 -12.97 -27.85 -37.05
CA THR B 448 -12.71 -28.60 -35.82
C THR B 448 -12.95 -30.04 -36.14
N PRO B 449 -12.09 -30.95 -35.67
CA PRO B 449 -10.80 -30.65 -35.00
C PRO B 449 -9.58 -30.49 -35.92
N SER B 450 -9.79 -30.45 -37.24
CA SER B 450 -8.70 -30.24 -38.19
C SER B 450 -7.87 -28.99 -37.89
N SER B 451 -8.56 -27.86 -37.78
CA SER B 451 -7.95 -26.55 -37.51
C SER B 451 -7.17 -26.53 -36.18
N LYS B 452 -7.71 -27.19 -35.16
CA LYS B 452 -7.03 -27.40 -33.88
C LYS B 452 -5.67 -28.07 -34.09
N ILE B 453 -5.63 -29.08 -34.95
CA ILE B 453 -4.40 -29.79 -35.27
C ILE B 453 -3.41 -28.88 -36.02
N VAL B 454 -3.93 -28.04 -36.90
CA VAL B 454 -3.13 -27.00 -37.56
C VAL B 454 -2.76 -25.91 -36.54
N GLY B 455 -3.64 -25.70 -35.55
CA GLY B 455 -3.40 -24.73 -34.47
C GLY B 455 -2.52 -25.24 -33.33
N ASP B 456 -2.18 -26.53 -33.37
CA ASP B 456 -1.28 -27.11 -32.39
C ASP B 456 0.10 -27.21 -32.99
N LEU B 457 0.16 -27.29 -34.32
CA LEU B 457 1.42 -27.42 -35.04
C LEU B 457 2.15 -26.08 -35.16
N ALA B 458 1.38 -25.02 -35.35
CA ALA B 458 1.93 -23.67 -35.43
C ALA B 458 2.46 -23.21 -34.07
N GLN B 459 1.65 -23.37 -33.01
CA GLN B 459 2.07 -23.04 -31.64
C GLN B 459 3.31 -23.85 -31.22
N PHE B 460 3.42 -25.08 -31.72
CA PHE B 460 4.58 -25.92 -31.47
C PHE B 460 5.81 -25.27 -32.09
N MET B 461 5.67 -24.83 -33.33
CA MET B 461 6.76 -24.19 -34.05
C MET B 461 7.13 -22.84 -33.43
N VAL B 462 6.17 -22.23 -32.71
CA VAL B 462 6.38 -20.95 -32.02
C VAL B 462 7.43 -21.09 -30.91
N GLN B 463 7.07 -21.83 -29.85
CA GLN B 463 7.91 -21.96 -28.65
C GLN B 463 9.20 -22.75 -28.90
N ASN B 464 9.25 -23.45 -30.03
CA ASN B 464 10.46 -24.15 -30.45
C ASN B 464 11.20 -23.41 -31.57
N GLY B 465 10.62 -22.30 -32.03
CA GLY B 465 11.25 -21.44 -33.03
C GLY B 465 11.74 -22.19 -34.25
N LEU B 466 10.81 -22.87 -34.92
CA LEU B 466 11.16 -23.70 -36.07
C LEU B 466 10.43 -23.24 -37.33
N SER B 467 11.20 -23.09 -38.40
CA SER B 467 10.68 -22.76 -39.71
C SER B 467 10.18 -24.03 -40.40
N ARG B 468 9.32 -23.86 -41.41
CA ARG B 468 8.84 -24.98 -42.22
C ARG B 468 10.00 -25.77 -42.88
N ALA B 469 11.04 -25.05 -43.30
CA ALA B 469 12.23 -25.70 -43.87
C ALA B 469 13.01 -26.50 -42.82
N GLU B 470 12.96 -26.02 -41.58
CA GLU B 470 13.61 -26.69 -40.45
C GLU B 470 12.59 -27.55 -39.69
N ALA B 471 11.83 -28.34 -40.45
CA ALA B 471 10.76 -29.18 -39.91
C ALA B 471 10.45 -30.37 -40.82
N GLU B 472 10.36 -30.11 -42.13
CA GLU B 472 10.08 -31.15 -43.11
C GLU B 472 11.23 -32.17 -43.18
N ALA B 473 12.44 -31.70 -42.90
CA ALA B 473 13.63 -32.55 -42.90
C ALA B 473 14.06 -32.95 -41.48
N GLN B 474 14.03 -31.99 -40.57
CA GLN B 474 14.30 -32.26 -39.16
C GLN B 474 13.01 -32.81 -38.53
N ALA B 475 12.44 -33.82 -39.19
CA ALA B 475 11.14 -34.38 -38.80
C ALA B 475 11.27 -35.55 -37.83
N GLU B 476 12.11 -36.53 -38.19
CA GLU B 476 12.29 -37.76 -37.39
C GLU B 476 12.97 -37.47 -36.06
N GLU B 477 13.94 -36.55 -36.08
CA GLU B 477 14.72 -36.22 -34.89
C GLU B 477 13.98 -35.23 -33.98
N LEU B 478 12.65 -35.29 -33.97
CA LEU B 478 11.82 -34.32 -33.26
C LEU B 478 10.46 -34.91 -32.85
N SER B 479 9.80 -34.31 -31.85
CA SER B 479 8.53 -34.84 -31.32
C SER B 479 7.39 -33.81 -31.31
N PHE B 480 6.54 -33.88 -32.33
CA PHE B 480 5.39 -32.97 -32.48
C PHE B 480 4.30 -33.27 -31.44
N PRO B 481 3.28 -32.41 -31.33
CA PRO B 481 2.16 -32.65 -30.41
C PRO B 481 1.40 -33.94 -30.69
N ARG B 482 0.47 -34.27 -29.78
CA ARG B 482 -0.32 -35.49 -29.86
C ARG B 482 -1.31 -35.41 -31.01
N SER B 483 -2.11 -34.36 -31.02
CA SER B 483 -3.11 -34.10 -32.07
C SER B 483 -2.56 -34.30 -33.49
N VAL B 484 -1.31 -33.87 -33.71
CA VAL B 484 -0.61 -34.04 -34.98
C VAL B 484 -0.30 -35.51 -35.25
N VAL B 485 0.42 -36.16 -34.34
CA VAL B 485 0.77 -37.57 -34.47
C VAL B 485 -0.48 -38.43 -34.72
N GLU B 486 -1.53 -38.20 -33.93
CA GLU B 486 -2.80 -38.94 -34.05
C GLU B 486 -3.53 -38.74 -35.38
N PHE B 487 -3.63 -37.49 -35.82
CA PHE B 487 -4.19 -37.16 -37.14
C PHE B 487 -3.41 -37.85 -38.27
N LEU B 488 -2.08 -37.84 -38.15
CA LEU B 488 -1.21 -38.41 -39.17
C LEU B 488 -1.43 -39.91 -39.34
N GLN B 489 -1.75 -40.60 -38.26
CA GLN B 489 -2.00 -42.04 -38.34
C GLN B 489 -3.45 -42.37 -38.70
N GLY B 490 -4.28 -41.34 -38.82
CA GLY B 490 -5.61 -41.48 -39.41
C GLY B 490 -6.77 -41.53 -38.45
N TYR B 491 -6.53 -41.08 -37.22
CA TYR B 491 -7.51 -41.10 -36.14
C TYR B 491 -8.83 -40.37 -36.45
N ILE B 492 -8.75 -39.27 -37.20
CA ILE B 492 -9.95 -38.46 -37.49
C ILE B 492 -10.33 -38.41 -38.98
N GLY B 493 -9.73 -39.30 -39.77
CA GLY B 493 -10.12 -39.46 -41.17
C GLY B 493 -8.98 -39.24 -42.14
N VAL B 494 -9.28 -39.40 -43.44
CA VAL B 494 -8.33 -39.19 -44.52
C VAL B 494 -8.64 -37.89 -45.27
N PRO B 495 -7.64 -37.01 -45.42
CA PRO B 495 -7.82 -35.78 -46.19
C PRO B 495 -7.87 -36.05 -47.69
N HIS B 496 -8.46 -35.10 -48.43
CA HIS B 496 -8.57 -35.15 -49.88
C HIS B 496 -7.17 -35.05 -50.51
N GLY B 497 -6.71 -36.18 -51.08
CA GLY B 497 -5.37 -36.26 -51.66
C GLY B 497 -4.33 -36.84 -50.72
N GLY B 498 -4.78 -37.31 -49.55
CA GLY B 498 -3.89 -37.95 -48.57
C GLY B 498 -2.99 -37.01 -47.80
N PHE B 499 -2.07 -37.59 -47.03
CA PHE B 499 -1.07 -36.86 -46.27
C PHE B 499 0.18 -36.57 -47.14
N PRO B 500 1.06 -35.66 -46.72
CA PRO B 500 2.30 -35.38 -47.48
C PRO B 500 3.41 -36.39 -47.13
N GLU B 501 3.44 -37.51 -47.86
CA GLU B 501 4.16 -38.71 -47.43
C GLU B 501 5.55 -38.58 -46.80
N PRO B 502 6.53 -37.90 -47.44
CA PRO B 502 7.89 -37.84 -46.88
C PRO B 502 7.89 -37.31 -45.45
N PHE B 503 7.07 -36.30 -45.18
CA PHE B 503 6.89 -35.80 -43.83
C PHE B 503 6.14 -36.82 -42.96
N ARG B 504 4.99 -37.29 -43.45
CA ARG B 504 4.16 -38.29 -42.75
C ARG B 504 4.96 -39.50 -42.26
N SER B 505 5.85 -40.02 -43.12
CA SER B 505 6.66 -41.19 -42.81
C SER B 505 7.48 -41.03 -41.53
N LYS B 506 8.32 -40.00 -41.48
CA LYS B 506 9.29 -39.85 -40.39
C LYS B 506 8.73 -39.36 -39.05
N VAL B 507 7.56 -38.74 -39.07
CA VAL B 507 6.89 -38.38 -37.81
C VAL B 507 6.41 -39.66 -37.11
N LEU B 508 5.72 -40.51 -37.86
CA LEU B 508 5.07 -41.71 -37.31
C LEU B 508 6.04 -42.86 -36.95
N LYS B 509 7.03 -43.10 -37.81
CA LYS B 509 8.09 -44.10 -37.58
C LYS B 509 7.67 -45.34 -36.77
N ASP B 510 6.97 -46.26 -37.43
CA ASP B 510 6.51 -47.54 -36.83
C ASP B 510 5.21 -47.49 -36.03
N LEU B 511 4.67 -46.30 -35.80
CA LEU B 511 3.35 -46.17 -35.17
C LEU B 511 2.25 -46.74 -36.07
N PRO B 512 1.23 -47.38 -35.47
CA PRO B 512 0.17 -48.04 -36.23
C PRO B 512 -0.76 -47.06 -36.95
N ARG B 513 -0.96 -47.29 -38.24
CA ARG B 513 -1.86 -46.46 -39.05
C ARG B 513 -3.29 -47.00 -39.04
N VAL B 514 -4.25 -46.14 -39.37
CA VAL B 514 -5.66 -46.54 -39.45
C VAL B 514 -5.90 -47.35 -40.73
N GLU B 515 -7.10 -47.91 -40.88
CA GLU B 515 -7.40 -48.77 -42.03
C GLU B 515 -8.63 -48.37 -42.86
N GLY B 516 -9.11 -47.14 -42.70
CA GLY B 516 -10.25 -46.65 -43.47
C GLY B 516 -11.11 -45.68 -42.70
N ARG B 517 -12.30 -46.11 -42.33
CA ARG B 517 -13.14 -45.30 -41.44
C ARG B 517 -12.76 -45.62 -39.99
N PRO B 518 -12.34 -44.61 -39.24
CA PRO B 518 -11.96 -44.78 -37.84
C PRO B 518 -12.99 -45.58 -37.06
N GLY B 519 -14.24 -45.12 -37.11
CA GLY B 519 -15.36 -45.79 -36.44
C GLY B 519 -15.51 -47.26 -36.78
N ALA B 520 -15.34 -47.60 -38.06
CA ALA B 520 -15.45 -48.98 -38.52
C ALA B 520 -14.55 -49.91 -37.73
N SER B 521 -13.28 -49.53 -37.58
CA SER B 521 -12.31 -50.39 -36.91
C SER B 521 -12.14 -50.09 -35.42
N LEU B 522 -13.00 -49.22 -34.90
CA LEU B 522 -12.94 -48.84 -33.49
C LEU B 522 -13.88 -49.74 -32.67
N PRO B 523 -13.42 -50.27 -31.55
CA PRO B 523 -14.27 -51.11 -30.71
C PRO B 523 -15.28 -50.26 -29.93
N PRO B 524 -16.53 -50.74 -29.84
CA PRO B 524 -17.60 -50.00 -29.14
C PRO B 524 -17.32 -49.85 -27.64
N LEU B 525 -17.54 -48.65 -27.11
CA LEU B 525 -17.32 -48.33 -25.70
C LEU B 525 -18.45 -48.86 -24.82
N ASP B 526 -18.06 -49.66 -23.82
CA ASP B 526 -18.99 -50.33 -22.91
C ASP B 526 -19.75 -49.36 -22.00
N LEU B 527 -20.89 -48.88 -22.51
CA LEU B 527 -21.68 -47.82 -21.85
C LEU B 527 -22.38 -48.26 -20.56
N GLN B 528 -22.55 -49.57 -20.39
CA GLN B 528 -23.22 -50.11 -19.22
C GLN B 528 -22.26 -50.20 -18.06
N ALA B 529 -20.98 -50.49 -18.38
CA ALA B 529 -19.93 -50.58 -17.38
C ALA B 529 -19.51 -49.20 -16.89
N LEU B 530 -19.73 -48.17 -17.71
CA LEU B 530 -19.51 -46.79 -17.29
C LEU B 530 -20.60 -46.37 -16.31
N GLU B 531 -21.84 -46.76 -16.62
CA GLU B 531 -23.00 -46.51 -15.76
C GLU B 531 -22.69 -46.82 -14.29
N LYS B 532 -22.40 -48.09 -14.00
CA LYS B 532 -22.10 -48.53 -12.64
C LYS B 532 -20.85 -47.89 -12.05
N GLU B 533 -19.90 -47.50 -12.90
CA GLU B 533 -18.71 -46.76 -12.45
C GLU B 533 -19.10 -45.41 -11.90
N LEU B 534 -19.89 -44.66 -12.68
CA LEU B 534 -20.36 -43.32 -12.32
C LEU B 534 -21.18 -43.30 -11.03
N VAL B 535 -22.05 -44.29 -10.89
CA VAL B 535 -22.92 -44.43 -9.71
C VAL B 535 -22.09 -44.74 -8.47
N ASP B 536 -21.15 -45.68 -8.57
CA ASP B 536 -20.23 -46.03 -7.48
C ASP B 536 -19.31 -44.88 -7.07
N ARG B 537 -19.06 -43.95 -8.00
CA ARG B 537 -18.06 -42.90 -7.84
C ARG B 537 -18.63 -41.49 -7.68
N HIS B 538 -19.26 -40.96 -8.74
CA HIS B 538 -19.74 -39.55 -8.75
C HIS B 538 -21.15 -39.42 -8.20
N GLY B 539 -21.32 -39.68 -6.90
CA GLY B 539 -22.64 -39.64 -6.30
C GLY B 539 -23.51 -40.80 -6.74
N GLU B 540 -24.56 -41.05 -5.97
CA GLU B 540 -25.43 -42.22 -6.15
C GLU B 540 -26.26 -42.15 -7.46
N GLU B 541 -27.51 -41.67 -7.35
CA GLU B 541 -28.45 -41.66 -8.48
C GLU B 541 -28.05 -40.66 -9.57
N VAL B 542 -27.74 -41.18 -10.75
CA VAL B 542 -27.16 -40.43 -11.86
C VAL B 542 -27.91 -40.71 -13.17
N THR B 543 -28.04 -39.68 -14.00
CA THR B 543 -28.87 -39.72 -15.21
C THR B 543 -28.13 -40.33 -16.41
N PRO B 544 -28.86 -40.83 -17.41
CA PRO B 544 -28.25 -41.34 -18.62
C PRO B 544 -27.47 -40.28 -19.40
N GLU B 545 -27.83 -39.01 -19.20
CA GLU B 545 -27.14 -37.89 -19.83
C GLU B 545 -25.71 -37.81 -19.34
N ASP B 546 -25.54 -37.98 -18.03
CA ASP B 546 -24.22 -37.95 -17.41
C ASP B 546 -23.31 -39.01 -18.03
N VAL B 547 -23.88 -40.17 -18.32
CA VAL B 547 -23.13 -41.22 -18.97
C VAL B 547 -22.53 -40.71 -20.28
N LEU B 548 -23.31 -39.95 -21.04
CA LEU B 548 -22.84 -39.42 -22.32
C LEU B 548 -21.86 -38.27 -22.15
N SER B 549 -21.95 -37.56 -21.03
CA SER B 549 -20.96 -36.53 -20.74
C SER B 549 -19.63 -37.20 -20.44
N ALA B 550 -19.65 -38.12 -19.48
CA ALA B 550 -18.46 -38.88 -19.09
C ALA B 550 -17.84 -39.63 -20.28
N ALA B 551 -18.68 -40.10 -21.19
CA ALA B 551 -18.21 -40.73 -22.43
C ALA B 551 -17.44 -39.72 -23.29
N MET B 552 -18.04 -38.56 -23.54
CA MET B 552 -17.42 -37.49 -24.32
C MET B 552 -16.13 -36.97 -23.69
N TYR B 553 -16.16 -36.76 -22.36
CA TYR B 553 -15.06 -36.13 -21.63
C TYR B 553 -14.81 -36.77 -20.25
N PRO B 554 -14.16 -37.95 -20.25
CA PRO B 554 -13.97 -38.73 -19.03
C PRO B 554 -13.70 -37.91 -17.75
N ASP B 555 -12.64 -37.09 -17.73
CA ASP B 555 -12.34 -36.37 -16.50
C ASP B 555 -12.61 -34.87 -16.47
N VAL B 556 -13.10 -34.30 -17.57
CA VAL B 556 -13.67 -32.95 -17.49
C VAL B 556 -14.97 -33.09 -16.73
N PHE B 557 -15.66 -34.22 -16.94
CA PHE B 557 -16.86 -34.58 -16.17
C PHE B 557 -16.52 -34.89 -14.71
N ALA B 558 -15.44 -35.63 -14.50
CA ALA B 558 -14.92 -35.91 -13.17
C ALA B 558 -14.69 -34.62 -12.38
N HIS B 559 -13.92 -33.69 -12.93
CA HIS B 559 -13.59 -32.41 -12.26
C HIS B 559 -14.84 -31.57 -12.01
N PHE B 560 -15.83 -31.72 -12.89
CA PHE B 560 -17.09 -30.98 -12.83
C PHE B 560 -17.98 -31.48 -11.69
N LYS B 561 -18.13 -32.79 -11.60
CA LYS B 561 -18.92 -33.39 -10.53
C LYS B 561 -18.28 -33.18 -9.18
N ASP B 562 -16.95 -33.11 -9.16
CA ASP B 562 -16.17 -32.85 -7.94
C ASP B 562 -16.41 -31.44 -7.45
N PHE B 563 -16.53 -30.51 -8.41
CA PHE B 563 -16.73 -29.10 -8.12
C PHE B 563 -18.09 -28.83 -7.50
N THR B 564 -19.15 -29.30 -8.18
CA THR B 564 -20.52 -29.08 -7.73
C THR B 564 -20.82 -29.76 -6.41
N ALA B 565 -20.13 -30.88 -6.15
CA ALA B 565 -20.25 -31.58 -4.88
C ALA B 565 -19.69 -30.70 -3.77
N THR B 566 -18.61 -29.99 -4.07
CA THR B 566 -18.00 -29.08 -3.13
C THR B 566 -18.82 -27.80 -3.02
N PHE B 567 -19.25 -27.27 -4.18
CA PHE B 567 -19.82 -25.92 -4.26
C PHE B 567 -21.31 -25.81 -4.61
N GLY B 568 -21.97 -26.94 -4.85
CA GLY B 568 -23.40 -26.93 -5.19
C GLY B 568 -23.66 -26.45 -6.62
N PRO B 569 -24.92 -26.41 -7.01
CA PRO B 569 -25.30 -26.00 -8.36
C PRO B 569 -25.30 -24.48 -8.50
N LEU B 570 -24.41 -23.98 -9.35
CA LEU B 570 -24.19 -22.55 -9.52
C LEU B 570 -24.90 -21.98 -10.74
N ASP B 571 -25.48 -22.85 -11.57
CA ASP B 571 -26.20 -22.41 -12.78
C ASP B 571 -27.35 -21.43 -12.48
N SER B 572 -27.89 -21.54 -11.27
CA SER B 572 -28.95 -20.68 -10.76
C SER B 572 -28.45 -19.25 -10.52
N LEU B 573 -27.14 -19.09 -10.52
CA LEU B 573 -26.49 -17.88 -10.02
C LEU B 573 -26.29 -16.78 -11.08
N ASN B 574 -26.34 -15.54 -10.62
CA ASN B 574 -26.17 -14.36 -11.46
C ASN B 574 -24.74 -14.33 -12.01
N THR B 575 -24.57 -13.91 -13.27
CA THR B 575 -23.29 -14.00 -13.96
C THR B 575 -22.15 -13.18 -13.31
N ARG B 576 -22.43 -11.90 -13.06
CA ARG B 576 -21.46 -11.01 -12.40
C ARG B 576 -21.09 -11.62 -11.06
N LEU B 577 -22.09 -12.20 -10.41
CA LEU B 577 -21.95 -12.90 -9.14
C LEU B 577 -21.08 -14.14 -9.27
N PHE B 578 -21.31 -14.91 -10.33
CA PHE B 578 -20.56 -16.13 -10.64
C PHE B 578 -19.09 -15.85 -10.94
N LEU B 579 -18.83 -14.75 -11.67
CA LEU B 579 -17.50 -14.47 -12.20
C LEU B 579 -16.59 -13.70 -11.24
N GLN B 580 -17.13 -12.76 -10.46
CA GLN B 580 -16.27 -11.98 -9.56
C GLN B 580 -16.71 -11.99 -8.09
N GLY B 581 -17.86 -12.60 -7.81
CA GLY B 581 -18.40 -12.65 -6.46
C GLY B 581 -19.19 -11.40 -6.10
N PRO B 582 -19.56 -11.28 -4.83
CA PRO B 582 -20.33 -10.13 -4.36
C PRO B 582 -19.47 -8.92 -4.09
N LYS B 583 -20.10 -7.75 -4.04
CA LYS B 583 -19.41 -6.54 -3.63
C LYS B 583 -19.53 -6.42 -2.10
N ILE B 584 -18.42 -6.13 -1.42
CA ILE B 584 -18.43 -6.01 0.04
C ILE B 584 -19.49 -4.98 0.47
N ALA B 585 -20.26 -5.34 1.50
CA ALA B 585 -21.35 -4.51 2.04
C ALA B 585 -22.60 -4.43 1.16
N GLU B 586 -22.50 -4.89 -0.09
CA GLU B 586 -23.60 -4.77 -1.05
C GLU B 586 -24.60 -5.94 -0.97
N GLU B 587 -25.77 -5.62 -0.45
CA GLU B 587 -26.86 -6.57 -0.25
C GLU B 587 -27.34 -7.08 -1.62
N PHE B 588 -27.68 -8.36 -1.67
CA PHE B 588 -28.23 -8.94 -2.90
C PHE B 588 -29.13 -10.14 -2.63
N GLU B 589 -29.82 -10.60 -3.68
CA GLU B 589 -30.66 -11.80 -3.61
C GLU B 589 -30.11 -12.89 -4.52
N VAL B 590 -30.24 -14.14 -4.07
CA VAL B 590 -29.94 -15.33 -4.86
C VAL B 590 -30.93 -16.39 -4.44
N GLU B 591 -31.92 -16.66 -5.29
CA GLU B 591 -32.87 -17.73 -5.04
C GLU B 591 -32.25 -19.00 -5.60
N LEU B 592 -32.05 -20.00 -4.74
CA LEU B 592 -31.60 -21.29 -5.21
C LEU B 592 -32.79 -21.99 -5.88
N GLU B 593 -32.95 -21.66 -7.17
CA GLU B 593 -34.07 -22.10 -8.03
C GLU B 593 -35.46 -22.01 -7.39
N ARG B 594 -36.14 -20.88 -7.61
CA ARG B 594 -37.47 -20.58 -7.04
C ARG B 594 -37.52 -20.92 -5.53
N GLY B 595 -38.57 -21.62 -5.10
CA GLY B 595 -38.68 -22.15 -3.73
C GLY B 595 -38.36 -21.18 -2.60
N LYS B 596 -37.06 -20.97 -2.37
CA LYS B 596 -36.58 -20.11 -1.28
C LYS B 596 -35.93 -18.79 -1.76
N THR B 597 -35.88 -17.80 -0.87
CA THR B 597 -35.20 -16.53 -1.13
C THR B 597 -34.06 -16.33 -0.13
N LEU B 598 -32.85 -16.20 -0.65
CA LEU B 598 -31.69 -15.93 0.17
C LEU B 598 -31.24 -14.49 -0.01
N HIS B 599 -31.50 -13.67 1.01
CA HIS B 599 -30.93 -12.32 1.10
C HIS B 599 -29.53 -12.48 1.68
N ILE B 600 -28.54 -12.07 0.90
CA ILE B 600 -27.14 -12.18 1.32
C ILE B 600 -26.43 -10.84 1.24
N LYS B 601 -25.45 -10.66 2.12
CA LYS B 601 -24.55 -9.51 2.11
C LYS B 601 -23.19 -9.97 2.60
N ALA B 602 -22.16 -9.73 1.78
CA ALA B 602 -20.78 -9.97 2.18
C ALA B 602 -20.29 -8.86 3.14
N LEU B 603 -19.56 -9.24 4.19
CA LEU B 603 -19.20 -8.27 5.24
C LEU B 603 -17.70 -7.91 5.33
N ALA B 604 -16.84 -8.90 5.49
CA ALA B 604 -15.38 -8.66 5.60
C ALA B 604 -14.60 -9.95 5.40
N VAL B 605 -13.24 -9.76 5.18
CA VAL B 605 -12.33 -10.90 4.98
C VAL B 605 -11.16 -10.77 5.95
N SER B 606 -10.88 -11.84 6.71
CA SER B 606 -9.87 -11.73 7.76
C SER B 606 -8.46 -11.85 7.19
N ASP B 607 -7.47 -11.57 8.04
CA ASP B 607 -6.08 -11.79 7.70
C ASP B 607 -5.85 -13.28 7.57
N LEU B 608 -4.63 -13.66 7.18
CA LEU B 608 -4.32 -15.06 7.00
C LEU B 608 -3.97 -15.75 8.31
N ASN B 609 -4.53 -16.95 8.52
CA ASN B 609 -4.16 -17.77 9.68
C ASN B 609 -3.02 -18.73 9.35
N ARG B 610 -2.41 -19.30 10.40
CA ARG B 610 -1.32 -20.29 10.26
C ARG B 610 -1.54 -21.28 9.11
N ALA B 611 -2.77 -21.79 9.00
CA ALA B 611 -3.10 -22.79 7.98
C ALA B 611 -3.31 -22.20 6.59
N GLY B 612 -2.93 -20.92 6.41
CA GLY B 612 -3.03 -20.26 5.10
C GLY B 612 -4.44 -19.89 4.64
N GLN B 613 -5.39 -19.91 5.58
CA GLN B 613 -6.79 -19.60 5.28
C GLN B 613 -7.15 -18.16 5.68
N ARG B 614 -8.29 -17.69 5.16
CA ARG B 614 -8.91 -16.45 5.62
C ARG B 614 -10.35 -16.79 5.97
N GLN B 615 -10.87 -16.14 7.01
CA GLN B 615 -12.26 -16.30 7.38
C GLN B 615 -13.07 -15.24 6.62
N VAL B 616 -14.32 -15.62 6.21
CA VAL B 616 -15.13 -14.66 5.46
C VAL B 616 -16.51 -14.54 6.11
N PHE B 617 -16.95 -13.30 6.36
CA PHE B 617 -18.19 -13.03 7.07
C PHE B 617 -19.36 -12.58 6.19
N PHE B 618 -20.52 -13.22 6.40
CA PHE B 618 -21.73 -12.94 5.64
C PHE B 618 -22.90 -12.65 6.55
N GLU B 619 -23.84 -11.84 6.05
CA GLU B 619 -25.17 -11.74 6.62
C GLU B 619 -26.08 -12.64 5.77
N LEU B 620 -26.73 -13.59 6.42
CA LEU B 620 -27.64 -14.50 5.74
C LEU B 620 -29.02 -14.44 6.42
N ASN B 621 -29.93 -13.71 5.77
CA ASN B 621 -31.29 -13.47 6.28
C ASN B 621 -31.24 -12.83 7.67
N GLY B 622 -30.43 -11.79 7.79
CA GLY B 622 -30.24 -11.08 9.06
C GLY B 622 -29.38 -11.82 10.05
N GLN B 623 -28.98 -13.05 9.72
CA GLN B 623 -28.17 -13.89 10.60
C GLN B 623 -26.72 -14.00 10.15
N LEU B 624 -25.82 -13.82 11.11
CA LEU B 624 -24.37 -13.82 10.88
C LEU B 624 -23.85 -15.22 10.58
N ARG B 625 -22.99 -15.32 9.58
CA ARG B 625 -22.51 -16.60 9.07
C ARG B 625 -21.12 -16.42 8.50
N SER B 626 -20.23 -17.38 8.77
CA SER B 626 -18.89 -17.33 8.22
C SER B 626 -18.36 -18.71 7.83
N ILE B 627 -17.34 -18.67 6.88
CA ILE B 627 -16.73 -19.93 6.43
C ILE B 627 -15.19 -19.79 6.43
N LEU B 628 -14.49 -20.98 6.32
CA LEU B 628 -13.03 -20.97 6.18
C LEU B 628 -12.64 -21.39 4.75
N VAL B 629 -12.05 -20.45 4.01
CA VAL B 629 -11.60 -20.70 2.64
C VAL B 629 -10.07 -20.66 2.53
N LYS B 630 -9.54 -21.31 1.49
CA LYS B 630 -8.09 -21.38 1.29
C LYS B 630 -7.59 -20.35 0.30
N ASP B 631 -6.57 -19.59 0.70
CA ASP B 631 -6.00 -18.54 -0.16
C ASP B 631 -4.90 -19.11 -1.05
N THR B 632 -5.22 -19.30 -2.33
CA THR B 632 -4.31 -19.88 -3.34
C THR B 632 -2.93 -19.22 -3.34
N GLN B 633 -2.88 -17.97 -3.80
CA GLN B 633 -1.63 -17.18 -3.83
C GLN B 633 -0.79 -17.51 -2.60
N ALA B 634 -1.36 -17.22 -1.43
CA ALA B 634 -0.65 -17.33 -0.16
C ALA B 634 -0.40 -18.78 0.30
N MET B 635 -1.03 -19.73 -0.37
CA MET B 635 -0.77 -21.15 -0.11
C MET B 635 0.31 -21.73 -1.02
N LYS B 636 1.54 -21.74 -0.51
CA LYS B 636 2.72 -22.32 -1.17
C LYS B 636 3.77 -22.71 -0.13
N GLU B 637 3.37 -23.49 0.87
CA GLU B 637 4.27 -23.90 1.95
C GLU B 637 4.33 -25.43 2.14
N GLN C 34 19.02 28.92 -24.46
CA GLN C 34 19.04 27.69 -23.59
C GLN C 34 17.70 26.93 -23.66
N ASN C 35 16.63 27.68 -23.90
CA ASN C 35 15.29 27.14 -24.02
C ASN C 35 15.06 26.47 -25.35
N ARG C 36 14.59 25.21 -25.28
CA ARG C 36 14.15 24.41 -26.44
C ARG C 36 14.00 22.98 -25.96
N ALA C 37 15.11 22.40 -25.56
CA ALA C 37 15.11 21.12 -24.86
C ALA C 37 14.60 21.33 -23.45
N GLN C 38 14.80 22.54 -22.91
CA GLN C 38 14.31 22.92 -21.60
C GLN C 38 12.78 22.81 -21.50
N LYS C 39 12.09 23.44 -22.45
CA LYS C 39 10.64 23.40 -22.54
C LYS C 39 10.18 21.96 -22.79
N LEU C 40 11.00 21.22 -23.51
CA LEU C 40 10.71 19.83 -23.83
C LEU C 40 10.83 18.96 -22.60
N LEU C 41 11.86 19.21 -21.80
CA LEU C 41 12.01 18.49 -20.54
C LEU C 41 10.97 18.93 -19.53
N HIS C 42 10.55 20.19 -19.60
CA HIS C 42 9.50 20.69 -18.71
C HIS C 42 8.14 20.06 -19.03
N TYR C 43 7.86 19.85 -20.32
CA TYR C 43 6.67 19.10 -20.72
C TYR C 43 6.75 17.67 -20.21
N LEU C 44 7.72 16.92 -20.73
CA LEU C 44 7.89 15.52 -20.35
C LEU C 44 7.87 15.33 -18.84
N GLY C 45 8.38 16.31 -18.11
CA GLY C 45 8.38 16.28 -16.66
C GLY C 45 6.98 16.46 -16.10
N HIS C 46 6.28 17.46 -16.63
CA HIS C 46 4.92 17.78 -16.21
C HIS C 46 3.95 16.61 -16.39
N VAL C 47 4.12 15.85 -17.48
CA VAL C 47 3.36 14.63 -17.68
C VAL C 47 3.65 13.63 -16.56
N MET C 48 4.91 13.18 -16.47
CA MET C 48 5.32 12.18 -15.47
C MET C 48 4.75 12.43 -14.08
N VAL C 49 4.64 13.69 -13.69
CA VAL C 49 4.24 14.04 -12.34
C VAL C 49 2.72 14.21 -12.17
N ASN C 50 2.06 14.74 -13.19
CA ASN C 50 0.63 15.08 -13.11
C ASN C 50 -0.24 14.30 -14.07
N GLY C 51 0.38 13.69 -15.08
CA GLY C 51 -0.34 12.93 -16.09
C GLY C 51 -0.62 13.76 -17.32
N PRO C 52 -1.25 13.14 -18.32
CA PRO C 52 -1.61 13.82 -19.58
C PRO C 52 -2.21 15.22 -19.37
N THR C 53 -1.79 16.17 -20.20
CA THR C 53 -2.29 17.56 -20.13
C THR C 53 -3.61 17.71 -20.87
N THR C 54 -3.93 16.68 -21.65
CA THR C 54 -5.14 16.61 -22.45
C THR C 54 -6.16 15.65 -21.78
N PRO C 55 -7.47 15.92 -21.95
CA PRO C 55 -8.52 15.02 -21.44
C PRO C 55 -8.35 13.53 -21.83
N ILE C 56 -8.41 12.65 -20.84
CA ILE C 56 -8.28 11.22 -21.03
C ILE C 56 -9.61 10.54 -20.65
N PRO C 57 -10.48 10.36 -21.66
CA PRO C 57 -11.88 9.96 -21.44
C PRO C 57 -12.04 8.54 -20.88
N VAL C 58 -11.41 7.58 -21.56
CA VAL C 58 -11.28 6.22 -21.04
C VAL C 58 -9.90 6.05 -20.37
N LYS C 59 -9.90 5.55 -19.13
CA LYS C 59 -8.67 5.45 -18.33
C LYS C 59 -7.80 4.24 -18.66
N ALA C 60 -7.16 4.30 -19.83
CA ALA C 60 -6.23 3.26 -20.31
C ALA C 60 -4.92 3.89 -20.77
N SER C 61 -3.88 3.07 -20.84
CA SER C 61 -2.54 3.54 -21.16
C SER C 61 -2.15 3.20 -22.61
N PRO C 62 -1.40 4.10 -23.28
CA PRO C 62 -0.87 3.80 -24.62
C PRO C 62 -0.18 2.41 -24.72
N SER C 63 -0.52 1.64 -25.75
CA SER C 63 0.05 0.30 -25.98
C SER C 63 1.58 0.33 -26.02
N PRO C 64 2.23 -0.65 -25.39
CA PRO C 64 3.69 -0.64 -25.21
C PRO C 64 4.49 -1.10 -26.45
N THR C 65 3.81 -1.71 -27.42
CA THR C 65 4.45 -2.24 -28.64
C THR C 65 4.32 -1.31 -29.87
N ASP C 66 5.47 -0.94 -30.44
CA ASP C 66 5.59 -0.06 -31.62
C ASP C 66 4.91 -0.55 -32.92
N PRO C 67 4.37 0.38 -33.72
CA PRO C 67 3.70 0.01 -34.98
C PRO C 67 4.70 -0.45 -36.03
N VAL C 68 4.31 -1.48 -36.79
CA VAL C 68 5.15 -2.09 -37.83
C VAL C 68 5.01 -1.35 -39.16
N VAL C 69 6.05 -0.59 -39.52
CA VAL C 69 6.10 0.10 -40.81
C VAL C 69 6.79 -0.82 -41.80
N PRO C 70 6.15 -1.12 -42.93
CA PRO C 70 6.75 -2.02 -43.92
C PRO C 70 7.94 -1.37 -44.63
N ALA C 71 8.77 -2.19 -45.25
CA ALA C 71 9.85 -1.70 -46.11
C ALA C 71 9.26 -0.99 -47.32
N VAL C 72 9.98 0.01 -47.82
CA VAL C 72 9.50 0.83 -48.93
C VAL C 72 10.64 1.18 -49.90
N PRO C 73 10.43 1.02 -51.21
CA PRO C 73 11.46 1.34 -52.22
C PRO C 73 11.99 2.79 -52.17
N ILE C 74 13.30 2.95 -52.35
CA ILE C 74 13.90 4.29 -52.38
C ILE C 74 13.66 4.98 -53.74
N GLY C 75 13.47 6.30 -53.71
CA GLY C 75 13.16 7.07 -54.93
C GLY C 75 11.69 7.38 -55.15
N PRO C 76 11.33 7.75 -56.38
CA PRO C 76 9.98 8.22 -56.68
C PRO C 76 8.90 7.13 -56.64
N PRO C 77 7.73 7.47 -56.10
CA PRO C 77 6.54 6.62 -56.21
C PRO C 77 6.03 6.53 -57.66
N PRO C 78 5.25 5.50 -58.00
CA PRO C 78 4.72 5.35 -59.35
C PRO C 78 3.69 6.44 -59.69
N ALA C 79 3.39 6.62 -60.98
CA ALA C 79 2.45 7.64 -61.42
C ALA C 79 1.13 7.52 -60.68
N GLY C 80 0.62 8.66 -60.19
CA GLY C 80 -0.67 8.69 -59.53
C GLY C 80 -1.71 9.40 -60.36
N PHE C 81 -2.67 10.03 -59.68
CA PHE C 81 -3.66 10.88 -60.35
C PHE C 81 -3.28 12.36 -60.22
N ARG C 82 -2.38 12.68 -59.29
CA ARG C 82 -1.83 14.03 -59.19
C ARG C 82 -1.07 14.41 -60.45
N ASP C 83 -0.43 13.40 -61.05
CA ASP C 83 0.34 13.54 -62.28
C ASP C 83 -0.56 13.85 -63.49
N ILE C 84 -1.85 13.53 -63.37
CA ILE C 84 -2.86 13.82 -64.39
C ILE C 84 -3.65 15.10 -64.07
N LEU C 85 -3.77 15.44 -62.79
CA LEU C 85 -4.50 16.64 -62.39
C LEU C 85 -3.73 17.90 -62.77
N LEU C 86 -2.53 18.06 -62.20
CA LEU C 86 -1.69 19.23 -62.44
C LEU C 86 -1.48 19.47 -63.95
N ARG C 87 -1.42 18.38 -64.72
CA ARG C 87 -1.22 18.46 -66.16
C ARG C 87 -2.51 18.75 -66.94
N GLU C 88 -3.53 17.93 -66.75
CA GLU C 88 -4.77 18.00 -67.55
C GLU C 88 -5.85 18.91 -66.95
N GLY C 89 -5.71 19.25 -65.67
CA GLY C 89 -6.68 20.11 -64.98
C GLY C 89 -7.87 19.33 -64.47
N PRO C 90 -8.52 19.85 -63.42
CA PRO C 90 -9.65 19.18 -62.76
C PRO C 90 -10.66 18.47 -63.68
N GLU C 91 -10.98 19.10 -64.83
CA GLU C 91 -11.94 18.55 -65.79
C GLU C 91 -11.40 17.37 -66.61
N GLY C 92 -10.03 17.39 -66.76
CA GLY C 92 -9.35 16.23 -67.34
C GLY C 92 -9.28 15.09 -66.34
N PHE C 93 -8.83 15.38 -65.12
CA PHE C 93 -8.88 14.42 -64.02
C PHE C 93 -10.25 13.75 -63.99
N ALA C 94 -11.30 14.58 -63.93
CA ALA C 94 -12.68 14.12 -63.87
C ALA C 94 -12.98 13.12 -64.97
N ARG C 95 -12.55 13.47 -66.18
CA ARG C 95 -12.73 12.64 -67.38
C ARG C 95 -12.03 11.28 -67.25
N ALA C 96 -10.77 11.29 -66.83
CA ALA C 96 -10.00 10.06 -66.61
C ALA C 96 -10.70 9.13 -65.60
N VAL C 97 -11.27 9.72 -64.57
CA VAL C 97 -11.99 9.00 -63.52
C VAL C 97 -13.27 8.35 -64.04
N ARG C 98 -14.01 9.10 -64.86
CA ARG C 98 -15.24 8.61 -65.47
C ARG C 98 -14.94 7.53 -66.52
N ASN C 99 -13.75 7.59 -67.10
CA ASN C 99 -13.35 6.63 -68.11
C ASN C 99 -12.76 5.35 -67.54
N HIS C 100 -12.14 5.45 -66.37
CA HIS C 100 -11.58 4.28 -65.69
C HIS C 100 -12.66 3.22 -65.51
N PRO C 101 -12.46 2.06 -66.16
CA PRO C 101 -13.47 1.00 -66.22
C PRO C 101 -13.80 0.45 -64.84
N GLY C 102 -12.80 -0.16 -64.19
CA GLY C 102 -12.99 -0.73 -62.86
C GLY C 102 -13.20 0.28 -61.74
N LEU C 103 -13.46 -0.23 -60.54
CA LEU C 103 -13.78 0.61 -59.40
C LEU C 103 -12.56 1.30 -58.80
N LEU C 104 -12.70 2.59 -58.52
CA LEU C 104 -11.67 3.38 -57.85
C LEU C 104 -12.03 3.54 -56.37
N LEU C 105 -11.03 3.81 -55.53
CA LEU C 105 -11.29 3.95 -54.09
C LEU C 105 -10.71 5.24 -53.48
N MET C 106 -11.24 5.64 -52.33
CA MET C 106 -10.62 6.67 -51.51
C MET C 106 -10.36 6.15 -50.10
N ASP C 107 -9.12 6.28 -49.65
CA ASP C 107 -8.73 5.93 -48.30
C ASP C 107 -9.14 7.02 -47.32
N THR C 108 -9.94 6.69 -46.30
CA THR C 108 -10.38 7.69 -45.33
C THR C 108 -9.64 7.57 -43.99
N THR C 109 -8.69 6.63 -43.94
CA THR C 109 -7.94 6.34 -42.72
C THR C 109 -7.31 7.58 -42.07
N PHE C 110 -6.74 8.45 -42.89
CA PHE C 110 -6.08 9.64 -42.40
C PHE C 110 -7.06 10.70 -41.89
N ARG C 111 -8.38 10.51 -42.08
CA ARG C 111 -9.34 11.48 -41.52
C ARG C 111 -10.65 10.92 -40.96
N ASP C 112 -11.66 10.75 -41.82
CA ASP C 112 -13.02 10.37 -41.36
C ASP C 112 -13.03 9.17 -40.44
N ALA C 113 -12.08 8.26 -40.68
CA ALA C 113 -11.96 7.01 -39.96
C ALA C 113 -11.69 7.22 -38.49
N HIS C 114 -10.61 7.96 -38.17
CA HIS C 114 -10.25 8.18 -36.77
C HIS C 114 -11.10 9.24 -36.10
N GLN C 115 -11.68 10.12 -36.91
CA GLN C 115 -12.68 11.08 -36.44
C GLN C 115 -13.91 10.38 -35.87
N SER C 116 -14.16 9.14 -36.31
CA SER C 116 -15.27 8.34 -35.81
C SER C 116 -14.84 7.34 -34.73
N LEU C 117 -13.70 6.69 -34.92
CA LEU C 117 -13.26 5.60 -34.03
C LEU C 117 -12.35 6.01 -32.88
N LEU C 118 -11.49 7.00 -33.11
CA LEU C 118 -10.48 7.43 -32.15
C LEU C 118 -10.55 8.92 -31.82
N ALA C 119 -11.74 9.52 -31.99
CA ALA C 119 -11.99 10.90 -31.55
C ALA C 119 -11.10 11.96 -32.21
N THR C 120 -10.66 11.69 -33.44
CA THR C 120 -9.88 12.64 -34.25
C THR C 120 -8.45 12.85 -33.73
N ARG C 121 -8.04 12.05 -32.76
CA ARG C 121 -6.81 12.26 -32.02
C ARG C 121 -5.50 11.90 -32.74
N VAL C 122 -5.58 11.12 -33.83
CA VAL C 122 -4.37 10.73 -34.54
C VAL C 122 -3.52 11.96 -34.91
N ARG C 123 -2.22 11.87 -34.63
CA ARG C 123 -1.29 12.98 -34.80
C ARG C 123 -0.47 12.88 -36.09
N THR C 124 -0.02 14.04 -36.56
CA THR C 124 0.84 14.12 -37.75
C THR C 124 1.98 13.10 -37.74
N HIS C 125 2.56 12.89 -36.56
CA HIS C 125 3.67 11.95 -36.41
C HIS C 125 3.29 10.60 -37.01
N ASP C 126 2.14 10.09 -36.59
CA ASP C 126 1.73 8.73 -36.93
C ASP C 126 1.25 8.67 -38.35
N LEU C 127 0.75 9.79 -38.84
CA LEU C 127 0.36 9.85 -40.24
C LEU C 127 1.59 9.77 -41.15
N LYS C 128 2.64 10.53 -40.83
CA LYS C 128 3.87 10.56 -41.63
C LYS C 128 4.53 9.20 -41.78
N LYS C 129 4.63 8.45 -40.68
CA LYS C 129 5.33 7.16 -40.72
C LYS C 129 4.87 6.22 -41.86
N ILE C 130 3.59 6.30 -42.23
CA ILE C 130 3.04 5.42 -43.29
C ILE C 130 2.79 6.11 -44.65
N ALA C 131 3.06 7.42 -44.72
CA ALA C 131 2.87 8.18 -45.96
C ALA C 131 3.67 7.64 -47.14
N PRO C 132 4.98 7.46 -46.99
CA PRO C 132 5.80 6.81 -48.02
C PRO C 132 5.22 5.48 -48.53
N TYR C 133 4.76 4.62 -47.63
CA TYR C 133 4.17 3.35 -48.05
C TYR C 133 2.94 3.59 -48.93
N VAL C 134 2.16 4.62 -48.63
CA VAL C 134 0.94 4.90 -49.39
C VAL C 134 1.27 5.41 -50.79
N ALA C 135 2.24 6.32 -50.88
CA ALA C 135 2.70 6.81 -52.17
C ALA C 135 3.13 5.67 -53.10
N HIS C 136 3.94 4.75 -52.58
CA HIS C 136 4.51 3.66 -53.37
C HIS C 136 3.55 2.50 -53.72
N ASN C 137 2.50 2.33 -52.92
CA ASN C 137 1.65 1.13 -53.04
C ASN C 137 0.19 1.40 -53.33
N PHE C 138 -0.26 2.61 -53.05
CA PHE C 138 -1.63 3.01 -53.33
C PHE C 138 -1.67 4.14 -54.36
N SER C 139 -0.82 4.07 -55.38
CA SER C 139 -0.87 5.05 -56.45
C SER C 139 -2.24 5.10 -57.15
N LYS C 140 -2.97 3.99 -57.08
CA LYS C 140 -4.22 3.79 -57.80
C LYS C 140 -5.45 4.47 -57.16
N LEU C 141 -5.24 5.14 -56.02
CA LEU C 141 -6.34 5.80 -55.32
C LEU C 141 -6.87 7.00 -56.08
N PHE C 142 -8.18 7.09 -56.21
CA PHE C 142 -8.83 8.30 -56.72
C PHE C 142 -8.26 9.50 -55.95
N SER C 143 -8.29 9.41 -54.63
CA SER C 143 -7.79 10.44 -53.76
C SER C 143 -7.52 9.92 -52.36
N MET C 144 -7.14 10.85 -51.48
CA MET C 144 -6.74 10.55 -50.12
C MET C 144 -7.28 11.65 -49.22
N GLU C 145 -8.24 11.27 -48.39
CA GLU C 145 -8.80 12.21 -47.44
C GLU C 145 -7.88 12.24 -46.22
N ASN C 146 -7.28 13.40 -45.97
CA ASN C 146 -6.39 13.53 -44.85
C ASN C 146 -6.52 14.87 -44.15
N TRP C 147 -7.61 15.57 -44.43
CA TRP C 147 -7.78 16.92 -43.91
C TRP C 147 -9.24 17.35 -43.88
N GLY C 148 -9.53 18.44 -43.19
CA GLY C 148 -10.89 18.95 -43.06
C GLY C 148 -11.67 18.23 -41.98
N GLY C 149 -12.97 18.43 -41.98
CA GLY C 149 -13.81 17.98 -40.88
C GLY C 149 -13.29 18.53 -39.55
N ALA C 150 -13.10 17.61 -38.60
CA ALA C 150 -12.69 17.97 -37.24
C ALA C 150 -11.17 17.93 -37.01
N THR C 151 -10.41 17.44 -38.00
CA THR C 151 -8.94 17.37 -37.88
C THR C 151 -8.39 18.74 -37.56
N PHE C 152 -8.82 19.74 -38.32
CA PHE C 152 -8.37 21.12 -38.12
C PHE C 152 -8.58 21.55 -36.67
N ASP C 153 -9.83 21.42 -36.21
CA ASP C 153 -10.24 21.80 -34.86
C ASP C 153 -9.41 21.13 -33.76
N VAL C 154 -9.40 19.80 -33.71
CA VAL C 154 -8.79 19.12 -32.56
C VAL C 154 -7.27 19.09 -32.60
N ALA C 155 -6.68 19.16 -33.80
CA ALA C 155 -5.23 19.14 -33.89
C ALA C 155 -4.64 20.28 -33.05
N MET C 156 -5.42 21.35 -32.95
CA MET C 156 -5.00 22.58 -32.31
C MET C 156 -5.52 22.63 -30.89
N ARG C 157 -6.70 22.04 -30.69
CA ARG C 157 -7.36 22.06 -29.38
C ARG C 157 -6.80 20.99 -28.45
N PHE C 158 -6.64 19.76 -28.94
CA PHE C 158 -6.23 18.64 -28.10
C PHE C 158 -4.84 18.09 -28.41
N LEU C 159 -4.34 18.34 -29.61
CA LEU C 159 -3.05 17.81 -30.04
C LEU C 159 -1.90 18.82 -30.02
N TYR C 160 -2.24 20.11 -30.06
CA TYR C 160 -1.28 21.22 -30.20
C TYR C 160 -0.31 21.02 -31.37
N GLU C 161 -0.83 20.46 -32.45
CA GLU C 161 -0.13 20.37 -33.72
C GLU C 161 -0.77 21.41 -34.61
N CYS C 162 0.01 21.99 -35.52
CA CYS C 162 -0.57 22.91 -36.50
C CYS C 162 -1.20 22.11 -37.63
N PRO C 163 -2.50 22.31 -37.88
CA PRO C 163 -3.20 21.57 -38.93
C PRO C 163 -2.60 21.73 -40.33
N TRP C 164 -1.99 22.90 -40.59
CA TRP C 164 -1.36 23.19 -41.88
C TRP C 164 -0.04 22.45 -42.02
N ARG C 165 0.70 22.34 -40.92
CA ARG C 165 1.99 21.67 -40.92
C ARG C 165 1.80 20.21 -41.34
N ARG C 166 0.71 19.61 -40.89
CA ARG C 166 0.30 18.25 -41.25
C ARG C 166 0.11 18.15 -42.76
N LEU C 167 -0.54 19.15 -43.32
CA LEU C 167 -0.85 19.19 -44.74
C LEU C 167 0.43 19.18 -45.58
N GLN C 168 1.31 20.16 -45.35
CA GLN C 168 2.54 20.28 -46.16
C GLN C 168 3.47 19.08 -45.98
N GLU C 169 3.65 18.63 -44.75
CA GLU C 169 4.54 17.51 -44.50
C GLU C 169 4.09 16.21 -45.19
N LEU C 170 2.78 15.96 -45.16
CA LEU C 170 2.19 14.87 -45.94
C LEU C 170 2.34 15.13 -47.44
N ARG C 171 2.06 16.37 -47.86
CA ARG C 171 2.19 16.74 -49.27
C ARG C 171 3.60 16.45 -49.80
N GLU C 172 4.59 16.69 -48.95
CA GLU C 172 6.01 16.44 -49.28
C GLU C 172 6.33 14.96 -49.35
N LEU C 173 5.52 14.13 -48.69
CA LEU C 173 5.75 12.70 -48.67
C LEU C 173 4.88 11.92 -49.64
N ILE C 174 3.86 12.58 -50.20
CA ILE C 174 2.96 11.98 -51.19
C ILE C 174 2.72 12.93 -52.37
N PRO C 175 3.50 12.79 -53.44
CA PRO C 175 3.33 13.63 -54.62
C PRO C 175 2.29 13.09 -55.61
N ASN C 176 2.06 11.78 -55.59
CA ASN C 176 1.35 11.12 -56.67
C ASN C 176 -0.16 10.99 -56.51
N ILE C 177 -0.63 10.79 -55.28
CA ILE C 177 -2.05 10.62 -55.00
C ILE C 177 -2.67 11.97 -54.59
N PRO C 178 -3.82 12.29 -55.17
CA PRO C 178 -4.54 13.52 -54.83
C PRO C 178 -5.01 13.56 -53.38
N PHE C 179 -5.01 14.76 -52.80
CA PHE C 179 -5.45 14.99 -51.43
C PHE C 179 -6.88 15.51 -51.44
N GLN C 180 -7.75 14.83 -50.69
CA GLN C 180 -9.12 15.29 -50.55
C GLN C 180 -9.39 15.77 -49.14
N MET C 181 -10.19 16.81 -49.02
CA MET C 181 -10.60 17.30 -47.72
C MET C 181 -12.10 17.49 -47.67
N LEU C 182 -12.65 17.59 -46.47
CA LEU C 182 -14.07 17.78 -46.30
C LEU C 182 -14.39 19.20 -45.84
N LEU C 183 -15.12 19.92 -46.67
CA LEU C 183 -15.42 21.34 -46.46
C LEU C 183 -16.87 21.52 -46.08
N ARG C 184 -17.11 22.07 -44.87
CA ARG C 184 -18.46 22.30 -44.36
C ARG C 184 -19.10 23.46 -45.09
N GLY C 185 -19.26 23.31 -46.41
CA GLY C 185 -19.86 24.32 -47.27
C GLY C 185 -19.49 25.74 -46.89
N ALA C 186 -20.48 26.46 -46.39
CA ALA C 186 -20.39 27.91 -46.14
C ALA C 186 -19.44 28.33 -45.02
N ASN C 187 -19.02 27.39 -44.19
CA ASN C 187 -18.19 27.73 -43.02
C ASN C 187 -16.81 27.06 -42.98
N ALA C 188 -16.39 26.52 -44.13
CA ALA C 188 -15.07 25.87 -44.29
C ALA C 188 -14.84 24.73 -43.29
N VAL C 189 -14.23 25.07 -42.16
CA VAL C 189 -14.02 24.18 -41.04
C VAL C 189 -14.62 24.86 -39.82
N GLY C 190 -15.33 24.11 -39.00
CA GLY C 190 -16.09 24.68 -37.88
C GLY C 190 -17.54 24.25 -37.96
N TYR C 191 -18.42 25.06 -37.37
CA TYR C 191 -19.86 24.74 -37.35
C TYR C 191 -20.73 25.99 -37.48
N THR C 192 -20.08 27.13 -37.78
CA THR C 192 -20.78 28.41 -37.89
C THR C 192 -20.28 29.26 -39.07
N ASN C 193 -21.20 29.57 -39.99
CA ASN C 193 -20.96 30.48 -41.11
C ASN C 193 -20.13 31.75 -40.74
N TYR C 194 -18.97 31.91 -41.40
CA TYR C 194 -18.14 33.11 -41.30
C TYR C 194 -18.29 33.94 -42.60
N PRO C 195 -17.89 35.23 -42.57
CA PRO C 195 -17.80 36.06 -43.78
C PRO C 195 -17.25 35.34 -45.04
N ASP C 196 -17.67 35.82 -46.21
CA ASP C 196 -17.41 35.15 -47.49
C ASP C 196 -15.96 35.12 -47.98
N ASN C 197 -15.22 36.19 -47.72
CA ASN C 197 -13.80 36.25 -48.08
C ASN C 197 -12.95 35.21 -47.34
N VAL C 198 -13.32 34.96 -46.08
CA VAL C 198 -12.62 34.00 -45.23
C VAL C 198 -12.63 32.59 -45.84
N VAL C 199 -13.79 32.20 -46.39
CA VAL C 199 -13.96 30.89 -47.02
C VAL C 199 -13.24 30.86 -48.37
N PHE C 200 -13.39 31.96 -49.13
CA PHE C 200 -12.71 32.14 -50.43
C PHE C 200 -11.19 32.16 -50.32
N LYS C 201 -10.67 32.69 -49.20
CA LYS C 201 -9.23 32.66 -48.95
C LYS C 201 -8.80 31.32 -48.35
N PHE C 202 -9.63 30.74 -47.48
CA PHE C 202 -9.28 29.47 -46.88
C PHE C 202 -8.90 28.48 -47.97
N CYS C 203 -9.80 28.31 -48.94
CA CYS C 203 -9.57 27.43 -50.08
C CYS C 203 -8.34 27.82 -50.90
N GLU C 204 -8.20 29.10 -51.25
CA GLU C 204 -7.02 29.54 -52.01
C GLU C 204 -5.76 28.95 -51.36
N VAL C 205 -5.63 29.12 -50.05
CA VAL C 205 -4.43 28.74 -49.31
C VAL C 205 -4.31 27.23 -49.19
N ALA C 206 -5.38 26.57 -48.75
CA ALA C 206 -5.46 25.11 -48.74
C ALA C 206 -4.93 24.50 -50.04
N LYS C 207 -5.41 25.01 -51.18
CA LYS C 207 -4.98 24.56 -52.50
C LYS C 207 -3.48 24.79 -52.72
N GLU C 208 -3.00 25.98 -52.37
CA GLU C 208 -1.58 26.34 -52.53
C GLU C 208 -0.66 25.53 -51.61
N ASN C 209 -1.21 25.07 -50.48
CA ASN C 209 -0.49 24.19 -49.56
C ASN C 209 -0.64 22.71 -49.94
N GLY C 210 -1.34 22.46 -51.05
CA GLY C 210 -1.35 21.15 -51.69
C GLY C 210 -2.58 20.31 -51.42
N MET C 211 -3.73 20.97 -51.29
CA MET C 211 -5.01 20.25 -51.27
C MET C 211 -5.54 20.26 -52.69
N ASP C 212 -6.10 19.14 -53.12
CA ASP C 212 -6.56 18.98 -54.50
C ASP C 212 -8.08 18.89 -54.64
N VAL C 213 -8.69 17.95 -53.93
CA VAL C 213 -10.13 17.71 -54.08
C VAL C 213 -10.90 18.24 -52.87
N PHE C 214 -11.81 19.17 -53.11
CA PHE C 214 -12.62 19.71 -52.03
C PHE C 214 -14.01 19.07 -52.05
N ARG C 215 -14.31 18.23 -51.06
CA ARG C 215 -15.65 17.69 -50.87
C ARG C 215 -16.49 18.69 -50.10
N VAL C 216 -17.49 19.26 -50.76
CA VAL C 216 -18.26 20.35 -50.19
C VAL C 216 -19.72 19.94 -49.94
N PHE C 217 -20.18 20.16 -48.72
CA PHE C 217 -21.52 19.75 -48.31
C PHE C 217 -22.16 20.81 -47.41
N ASP C 218 -23.46 20.72 -47.23
CA ASP C 218 -24.17 21.54 -46.26
C ASP C 218 -25.17 20.70 -45.51
N SER C 219 -25.17 20.86 -44.19
CA SER C 219 -26.07 20.14 -43.28
C SER C 219 -27.56 20.15 -43.71
N LEU C 220 -28.03 21.26 -44.28
CA LEU C 220 -29.44 21.35 -44.68
C LEU C 220 -29.70 20.98 -46.14
N ASN C 221 -28.62 20.72 -46.89
CA ASN C 221 -28.66 20.67 -48.35
C ASN C 221 -29.16 22.00 -48.94
N TYR C 222 -28.76 23.08 -48.29
CA TYR C 222 -29.14 24.43 -48.69
C TYR C 222 -28.28 24.85 -49.87
N LEU C 223 -28.89 24.86 -51.05
CA LEU C 223 -28.19 25.13 -52.31
C LEU C 223 -27.35 26.42 -52.36
N PRO C 224 -27.82 27.54 -51.78
CA PRO C 224 -26.98 28.74 -51.67
C PRO C 224 -25.69 28.57 -50.83
N ASN C 225 -25.76 27.74 -49.79
CA ASN C 225 -24.59 27.49 -48.95
C ASN C 225 -23.57 26.56 -49.61
N MET C 226 -24.09 25.68 -50.45
CA MET C 226 -23.24 24.78 -51.21
C MET C 226 -22.54 25.52 -52.34
N LEU C 227 -23.31 26.29 -53.10
CA LEU C 227 -22.76 27.17 -54.13
C LEU C 227 -21.63 28.07 -53.60
N LEU C 228 -21.79 28.58 -52.38
CA LEU C 228 -20.74 29.40 -51.77
C LEU C 228 -19.47 28.59 -51.69
N GLY C 229 -19.61 27.37 -51.18
CA GLY C 229 -18.47 26.46 -50.99
C GLY C 229 -17.82 26.12 -52.31
N MET C 230 -18.66 25.71 -53.26
CA MET C 230 -18.20 25.32 -54.59
C MET C 230 -17.42 26.42 -55.30
N GLU C 231 -17.90 27.66 -55.19
CA GLU C 231 -17.22 28.81 -55.79
C GLU C 231 -15.88 29.05 -55.14
N ALA C 232 -15.87 29.14 -53.80
CA ALA C 232 -14.63 29.30 -53.03
C ALA C 232 -13.60 28.21 -53.38
N ALA C 233 -14.04 26.95 -53.46
CA ALA C 233 -13.19 25.83 -53.89
C ALA C 233 -12.78 25.97 -55.35
N GLY C 234 -13.77 26.12 -56.23
CA GLY C 234 -13.57 26.15 -57.67
C GLY C 234 -12.55 27.17 -58.11
N SER C 235 -12.82 28.44 -57.72
CA SER C 235 -12.05 29.60 -58.16
C SER C 235 -10.65 29.59 -57.52
N ALA C 236 -10.42 28.63 -56.62
CA ALA C 236 -9.12 28.43 -55.96
C ALA C 236 -8.28 27.39 -56.69
N GLY C 237 -8.79 26.91 -57.83
CA GLY C 237 -8.22 25.74 -58.50
C GLY C 237 -8.59 24.55 -57.64
N GLY C 238 -8.39 23.34 -58.17
CA GLY C 238 -8.73 22.16 -57.39
C GLY C 238 -10.17 21.67 -57.58
N VAL C 239 -10.29 20.34 -57.51
CA VAL C 239 -11.51 19.65 -57.89
C VAL C 239 -12.69 19.94 -56.96
N VAL C 240 -13.84 20.24 -57.57
CA VAL C 240 -15.08 20.54 -56.85
C VAL C 240 -15.94 19.29 -56.80
N GLU C 241 -16.17 18.81 -55.59
CA GLU C 241 -16.99 17.62 -55.36
C GLU C 241 -18.16 18.00 -54.46
N ALA C 242 -19.27 18.36 -55.10
CA ALA C 242 -20.49 18.74 -54.38
C ALA C 242 -21.13 17.51 -53.75
N ALA C 243 -21.27 17.53 -52.43
CA ALA C 243 -21.74 16.37 -51.69
C ALA C 243 -23.18 16.53 -51.21
N ILE C 244 -24.05 15.69 -51.75
CA ILE C 244 -25.43 15.67 -51.31
C ILE C 244 -25.51 14.83 -50.05
N SER C 245 -26.11 15.39 -49.01
CA SER C 245 -26.28 14.68 -47.74
C SER C 245 -27.50 13.78 -47.86
N TYR C 246 -27.38 12.55 -47.37
CA TYR C 246 -28.42 11.56 -47.58
C TYR C 246 -29.16 11.21 -46.31
N THR C 247 -30.48 11.35 -46.33
CA THR C 247 -31.36 10.89 -45.23
C THR C 247 -32.51 10.05 -45.80
N GLY C 248 -33.34 9.52 -44.91
CA GLY C 248 -34.49 8.69 -45.26
C GLY C 248 -34.09 7.41 -45.98
N ASP C 249 -35.05 6.86 -46.73
CA ASP C 249 -34.82 5.71 -47.59
C ASP C 249 -35.43 6.00 -48.95
N VAL C 250 -34.58 5.94 -49.98
CA VAL C 250 -35.00 6.17 -51.36
C VAL C 250 -35.89 5.03 -51.91
N ALA C 251 -35.59 3.79 -51.50
CA ALA C 251 -36.29 2.58 -51.96
C ALA C 251 -37.63 2.39 -51.27
N ASP C 252 -37.93 3.28 -50.32
CA ASP C 252 -39.22 3.32 -49.64
C ASP C 252 -40.00 4.51 -50.19
N PRO C 253 -40.89 4.23 -51.15
CA PRO C 253 -41.68 5.27 -51.81
C PRO C 253 -42.66 6.02 -50.88
N SER C 254 -43.09 5.37 -49.81
CA SER C 254 -44.01 5.95 -48.83
C SER C 254 -43.36 7.05 -47.97
N ARG C 255 -42.06 7.26 -48.15
CA ARG C 255 -41.38 8.39 -47.55
C ARG C 255 -41.13 9.43 -48.63
N THR C 256 -41.91 10.50 -48.58
CA THR C 256 -42.00 11.44 -49.71
C THR C 256 -41.08 12.65 -49.58
N LYS C 257 -40.73 13.01 -48.35
CA LYS C 257 -39.94 14.23 -48.10
C LYS C 257 -38.54 14.12 -48.75
N TYR C 258 -37.77 13.11 -48.37
CA TYR C 258 -36.46 12.90 -48.95
C TYR C 258 -36.48 11.72 -49.92
N SER C 259 -37.23 11.92 -51.00
CA SER C 259 -37.51 10.90 -52.01
C SER C 259 -36.49 10.96 -53.15
N LEU C 260 -36.51 9.96 -54.03
CA LEU C 260 -35.64 9.96 -55.19
C LEU C 260 -35.74 11.27 -55.99
N GLN C 261 -36.95 11.79 -56.13
CA GLN C 261 -37.17 13.05 -56.83
C GLN C 261 -36.60 14.26 -56.07
N TYR C 262 -36.45 14.16 -54.76
CA TYR C 262 -35.79 15.24 -54.02
C TYR C 262 -34.32 15.34 -54.40
N TYR C 263 -33.61 14.21 -54.33
CA TYR C 263 -32.16 14.14 -54.59
C TYR C 263 -31.83 14.43 -56.04
N MET C 264 -32.47 13.70 -56.96
CA MET C 264 -32.52 14.12 -58.36
C MET C 264 -33.16 15.50 -58.31
N GLY C 265 -32.57 16.47 -58.97
CA GLY C 265 -33.11 17.81 -58.86
C GLY C 265 -32.20 18.64 -58.00
N LEU C 266 -31.90 18.16 -56.80
CA LEU C 266 -30.79 18.72 -56.07
C LEU C 266 -29.53 18.49 -56.91
N ALA C 267 -29.30 17.22 -57.27
CA ALA C 267 -28.21 16.83 -58.16
C ALA C 267 -28.27 17.53 -59.51
N GLU C 268 -29.47 17.74 -60.02
CA GLU C 268 -29.66 18.52 -61.24
C GLU C 268 -29.02 19.90 -61.04
N GLU C 269 -29.46 20.62 -60.01
CA GLU C 269 -29.03 22.00 -59.77
C GLU C 269 -27.53 22.18 -59.61
N LEU C 270 -26.89 21.18 -59.00
CA LEU C 270 -25.46 21.25 -58.75
C LEU C 270 -24.67 21.03 -60.06
N VAL C 271 -25.06 20.02 -60.82
CA VAL C 271 -24.40 19.73 -62.09
C VAL C 271 -24.47 20.95 -62.99
N ARG C 272 -25.67 21.53 -63.09
CA ARG C 272 -25.93 22.80 -63.78
C ARG C 272 -25.03 23.93 -63.30
N ALA C 273 -24.76 23.96 -62.00
CA ALA C 273 -23.87 24.95 -61.40
C ALA C 273 -22.39 24.61 -61.60
N GLY C 274 -22.13 23.40 -62.14
CA GLY C 274 -20.77 22.98 -62.50
C GLY C 274 -20.03 22.24 -61.40
N THR C 275 -20.19 20.92 -61.38
CA THR C 275 -19.39 20.07 -60.50
C THR C 275 -18.32 19.37 -61.33
N HIS C 276 -17.17 19.11 -60.73
CA HIS C 276 -16.21 18.20 -61.32
C HIS C 276 -16.61 16.76 -60.99
N ILE C 277 -16.78 16.46 -59.71
CA ILE C 277 -17.27 15.16 -59.31
C ILE C 277 -18.45 15.34 -58.37
N LEU C 278 -19.52 14.58 -58.58
CA LEU C 278 -20.68 14.61 -57.68
C LEU C 278 -20.58 13.50 -56.65
N CYS C 279 -20.85 13.84 -55.40
CA CYS C 279 -20.75 12.88 -54.29
C CYS C 279 -22.06 12.71 -53.55
N ILE C 280 -22.44 11.47 -53.28
CA ILE C 280 -23.52 11.19 -52.32
C ILE C 280 -22.93 10.87 -50.96
N KCX C 281 -23.19 11.75 -49.99
CA KCX C 281 -22.59 11.65 -48.66
CB KCX C 281 -22.14 13.04 -48.19
CG KCX C 281 -21.43 13.03 -46.86
CD KCX C 281 -21.50 14.40 -46.23
CE KCX C 281 -20.99 14.39 -44.81
NZ KCX C 281 -19.52 14.21 -44.71
C KCX C 281 -23.57 11.08 -47.66
O KCX C 281 -24.53 11.75 -47.26
CX KCX C 281 -18.93 13.11 -44.21
OQ1 KCX C 281 -17.68 13.09 -44.17
OQ2 KCX C 281 -19.60 12.13 -43.79
N ASP C 282 -23.32 9.84 -47.26
CA ASP C 282 -24.19 9.12 -46.37
C ASP C 282 -23.51 9.02 -45.02
N MET C 283 -23.55 10.12 -44.27
CA MET C 283 -22.83 10.24 -42.99
C MET C 283 -23.28 9.26 -41.89
N ALA C 284 -24.48 8.70 -42.05
CA ALA C 284 -25.09 7.87 -41.00
C ALA C 284 -25.15 6.38 -41.35
N GLY C 285 -24.82 6.03 -42.60
CA GLY C 285 -24.91 4.64 -43.04
C GLY C 285 -26.32 4.15 -43.31
N LEU C 286 -27.13 5.02 -43.91
CA LEU C 286 -28.56 4.79 -44.14
C LEU C 286 -28.84 4.31 -45.56
N LEU C 287 -27.76 4.07 -46.30
CA LEU C 287 -27.84 3.73 -47.70
C LEU C 287 -27.86 2.20 -47.85
N LYS C 288 -29.02 1.65 -48.18
CA LYS C 288 -29.17 0.24 -48.46
C LYS C 288 -28.91 -0.10 -49.95
N PRO C 289 -28.57 -1.37 -50.26
CA PRO C 289 -28.30 -1.81 -51.65
C PRO C 289 -29.35 -1.47 -52.70
N THR C 290 -30.62 -1.78 -52.46
CA THR C 290 -31.65 -1.48 -53.47
C THR C 290 -31.79 0.02 -53.61
N ALA C 291 -31.76 0.73 -52.49
CA ALA C 291 -31.79 2.20 -52.48
C ALA C 291 -30.58 2.78 -53.23
N CYS C 292 -29.48 2.02 -53.26
CA CYS C 292 -28.26 2.41 -53.95
C CYS C 292 -28.44 2.37 -55.45
N THR C 293 -28.71 1.18 -55.98
CA THR C 293 -28.74 0.99 -57.43
C THR C 293 -29.86 1.81 -58.03
N MET C 294 -30.89 2.10 -57.23
CA MET C 294 -31.99 2.98 -57.62
C MET C 294 -31.46 4.40 -57.84
N LEU C 295 -30.72 4.92 -56.87
CA LEU C 295 -30.16 6.27 -56.91
C LEU C 295 -29.00 6.40 -57.91
N VAL C 296 -28.03 5.48 -57.83
CA VAL C 296 -26.88 5.50 -58.72
C VAL C 296 -27.31 5.27 -60.16
N SER C 297 -28.19 4.30 -60.38
CA SER C 297 -28.76 4.09 -61.72
C SER C 297 -29.40 5.35 -62.27
N SER C 298 -30.08 6.12 -61.41
CA SER C 298 -30.75 7.35 -61.82
C SER C 298 -29.78 8.49 -62.07
N LEU C 299 -28.71 8.55 -61.29
CA LEU C 299 -27.70 9.56 -61.53
C LEU C 299 -26.94 9.21 -62.80
N ARG C 300 -26.75 7.93 -63.06
CA ARG C 300 -26.13 7.45 -64.31
C ARG C 300 -27.08 7.62 -65.51
N ASP C 301 -28.38 7.43 -65.24
CA ASP C 301 -29.45 7.73 -66.20
C ASP C 301 -29.24 9.12 -66.71
N ARG C 302 -29.30 10.07 -65.78
CA ARG C 302 -29.38 11.48 -66.06
C ARG C 302 -28.05 12.04 -66.56
N PHE C 303 -26.96 11.60 -65.96
CA PHE C 303 -25.64 12.08 -66.34
C PHE C 303 -24.73 10.90 -66.69
N PRO C 304 -24.70 10.53 -67.97
CA PRO C 304 -23.91 9.39 -68.46
C PRO C 304 -22.40 9.48 -68.24
N ASP C 305 -21.84 10.70 -68.33
CA ASP C 305 -20.39 10.83 -68.19
C ASP C 305 -19.91 11.76 -67.05
N LEU C 306 -20.59 11.69 -65.91
CA LEU C 306 -20.22 12.46 -64.71
C LEU C 306 -19.71 11.54 -63.60
N PRO C 307 -18.53 11.82 -63.06
CA PRO C 307 -17.94 10.93 -62.08
C PRO C 307 -18.77 10.93 -60.80
N LEU C 308 -19.13 9.73 -60.34
CA LEU C 308 -19.90 9.59 -59.11
C LEU C 308 -19.05 9.02 -57.98
N HIS C 309 -18.87 9.82 -56.94
CA HIS C 309 -18.08 9.44 -55.77
C HIS C 309 -19.03 9.25 -54.57
N ILE C 310 -19.02 8.06 -53.98
CA ILE C 310 -19.96 7.72 -52.91
C ILE C 310 -19.26 7.36 -51.59
N HIS C 311 -19.88 7.81 -50.50
CA HIS C 311 -19.33 7.79 -49.15
C HIS C 311 -20.41 7.30 -48.20
N THR C 312 -20.10 6.27 -47.42
CA THR C 312 -21.02 5.79 -46.43
C THR C 312 -20.31 5.53 -45.11
N HIS C 313 -21.08 5.21 -44.07
CA HIS C 313 -20.53 4.67 -42.83
C HIS C 313 -21.09 3.26 -42.61
N ASP C 314 -20.38 2.43 -41.84
CA ASP C 314 -20.77 1.04 -41.64
C ASP C 314 -21.68 0.79 -40.42
N THR C 315 -22.23 1.84 -39.80
CA THR C 315 -23.07 1.68 -38.58
C THR C 315 -24.14 0.57 -38.67
N SER C 316 -24.79 0.46 -39.82
CA SER C 316 -25.86 -0.53 -40.01
C SER C 316 -25.32 -1.91 -40.29
N GLY C 317 -24.09 -2.00 -40.78
CA GLY C 317 -23.50 -3.30 -41.11
C GLY C 317 -23.71 -3.69 -42.56
N ALA C 318 -24.13 -2.71 -43.38
CA ALA C 318 -24.43 -2.90 -44.80
C ALA C 318 -23.51 -2.11 -45.75
N GLY C 319 -22.54 -1.38 -45.21
CA GLY C 319 -21.61 -0.58 -46.01
C GLY C 319 -21.01 -1.29 -47.21
N VAL C 320 -20.41 -2.44 -46.98
CA VAL C 320 -19.76 -3.19 -48.05
C VAL C 320 -20.77 -3.56 -49.14
N ALA C 321 -21.85 -4.21 -48.72
CA ALA C 321 -22.95 -4.53 -49.65
C ALA C 321 -23.45 -3.29 -50.42
N ALA C 322 -23.60 -2.16 -49.72
CA ALA C 322 -24.11 -0.93 -50.35
C ALA C 322 -23.14 -0.37 -51.36
N MET C 323 -21.85 -0.47 -51.10
CA MET C 323 -20.83 0.03 -52.03
C MET C 323 -20.72 -0.87 -53.25
N LEU C 324 -20.80 -2.18 -53.04
CA LEU C 324 -20.83 -3.14 -54.14
C LEU C 324 -22.06 -2.98 -55.03
N ALA C 325 -23.17 -2.60 -54.44
CA ALA C 325 -24.38 -2.29 -55.20
C ALA C 325 -24.20 -1.00 -55.99
N CYS C 326 -23.45 -0.05 -55.41
CA CYS C 326 -23.13 1.22 -56.07
C CYS C 326 -22.24 1.02 -57.29
N ALA C 327 -21.18 0.23 -57.06
CA ALA C 327 -20.21 -0.11 -58.08
C ALA C 327 -20.91 -0.73 -59.29
N GLN C 328 -21.88 -1.59 -59.00
CA GLN C 328 -22.56 -2.38 -60.02
C GLN C 328 -23.51 -1.52 -60.81
N ALA C 329 -24.11 -0.53 -60.15
CA ALA C 329 -24.96 0.43 -60.85
C ALA C 329 -24.12 1.52 -61.55
N GLY C 330 -22.81 1.37 -61.51
CA GLY C 330 -21.90 2.21 -62.28
C GLY C 330 -21.42 3.49 -61.62
N ALA C 331 -21.05 3.40 -60.35
CA ALA C 331 -20.38 4.52 -59.67
C ALA C 331 -18.89 4.36 -59.91
N ASP C 332 -18.20 5.49 -59.96
CA ASP C 332 -16.78 5.48 -60.27
C ASP C 332 -15.90 5.30 -59.03
N VAL C 333 -16.31 5.92 -57.92
CA VAL C 333 -15.50 5.91 -56.71
C VAL C 333 -16.32 5.58 -55.47
N VAL C 334 -15.66 4.90 -54.54
CA VAL C 334 -16.23 4.50 -53.25
C VAL C 334 -15.15 4.66 -52.15
N ASP C 335 -15.59 4.85 -50.90
CA ASP C 335 -14.67 5.14 -49.80
C ASP C 335 -14.42 3.94 -48.92
N VAL C 336 -13.20 3.85 -48.43
CA VAL C 336 -12.80 2.72 -47.59
C VAL C 336 -11.82 3.18 -46.53
N ALA C 337 -11.67 2.38 -45.49
CA ALA C 337 -10.59 2.57 -44.55
C ALA C 337 -9.85 1.25 -44.41
N ALA C 338 -8.59 1.31 -43.97
CA ALA C 338 -7.84 0.09 -43.62
C ALA C 338 -8.68 -0.79 -42.70
N ASP C 339 -8.74 -2.08 -43.01
CA ASP C 339 -9.57 -3.01 -42.25
C ASP C 339 -9.57 -2.70 -40.76
N SER C 340 -8.37 -2.51 -40.22
CA SER C 340 -8.15 -2.40 -38.77
C SER C 340 -8.60 -1.05 -38.23
N MET C 341 -8.99 -0.17 -39.16
CA MET C 341 -9.56 1.13 -38.84
C MET C 341 -10.94 1.28 -39.48
N SER C 342 -11.62 0.16 -39.73
CA SER C 342 -12.92 0.16 -40.41
C SER C 342 -14.05 -0.43 -39.57
N GLY C 343 -15.21 -0.62 -40.20
CA GLY C 343 -16.41 -1.16 -39.54
C GLY C 343 -17.12 -0.19 -38.62
N MET C 344 -18.19 -0.63 -37.99
CA MET C 344 -18.88 0.16 -36.97
C MET C 344 -19.20 1.57 -37.51
N THR C 345 -18.75 2.61 -36.82
CA THR C 345 -19.07 3.97 -37.28
C THR C 345 -18.07 4.52 -38.28
N SER C 346 -17.12 3.67 -38.69
CA SER C 346 -16.11 4.02 -39.68
C SER C 346 -16.60 3.73 -41.11
N GLN C 347 -15.69 3.80 -42.09
CA GLN C 347 -15.97 3.42 -43.47
C GLN C 347 -15.92 1.90 -43.62
N PRO C 348 -16.47 1.34 -44.70
CA PRO C 348 -16.31 -0.08 -44.99
C PRO C 348 -14.85 -0.48 -45.17
N SER C 349 -14.53 -1.74 -44.83
CA SER C 349 -13.20 -2.35 -44.95
C SER C 349 -12.58 -2.23 -46.35
N MET C 350 -11.38 -1.66 -46.41
CA MET C 350 -10.64 -1.58 -47.67
C MET C 350 -10.44 -2.95 -48.29
N GLY C 351 -10.00 -3.92 -47.49
CA GLY C 351 -9.85 -5.30 -47.92
C GLY C 351 -11.10 -5.96 -48.48
N ALA C 352 -12.22 -5.80 -47.80
CA ALA C 352 -13.51 -6.31 -48.28
C ALA C 352 -13.87 -5.82 -49.70
N LEU C 353 -13.76 -4.51 -49.95
CA LEU C 353 -14.03 -3.94 -51.27
C LEU C 353 -13.06 -4.46 -52.34
N VAL C 354 -11.77 -4.50 -52.01
CA VAL C 354 -10.76 -5.03 -52.91
C VAL C 354 -11.07 -6.49 -53.23
N ALA C 355 -11.32 -7.28 -52.19
CA ALA C 355 -11.50 -8.73 -52.33
C ALA C 355 -12.72 -9.11 -53.16
N CYS C 356 -13.81 -8.37 -52.97
CA CYS C 356 -15.09 -8.71 -53.58
C CYS C 356 -15.19 -8.32 -55.05
N THR C 357 -14.17 -7.62 -55.54
CA THR C 357 -14.11 -7.23 -56.96
C THR C 357 -13.00 -7.92 -57.76
N ARG C 358 -12.18 -8.75 -57.10
CA ARG C 358 -11.23 -9.61 -57.82
C ARG C 358 -11.99 -10.49 -58.81
N GLY C 359 -11.51 -10.54 -60.06
CA GLY C 359 -12.14 -11.34 -61.12
C GLY C 359 -13.49 -10.80 -61.55
N THR C 360 -13.69 -9.51 -61.39
CA THR C 360 -14.90 -8.85 -61.80
C THR C 360 -14.45 -7.73 -62.71
N PRO C 361 -15.27 -7.35 -63.69
CA PRO C 361 -15.03 -6.11 -64.42
C PRO C 361 -14.72 -4.96 -63.46
N LEU C 362 -15.23 -5.06 -62.24
CA LEU C 362 -15.13 -3.99 -61.25
C LEU C 362 -13.80 -3.95 -60.49
N ASP C 363 -12.92 -4.91 -60.78
CA ASP C 363 -11.64 -5.08 -60.08
C ASP C 363 -10.95 -3.77 -59.69
N THR C 364 -10.48 -3.69 -58.45
CA THR C 364 -9.81 -2.47 -57.97
C THR C 364 -8.37 -2.43 -58.45
N GLU C 365 -7.89 -3.59 -58.90
CA GLU C 365 -6.51 -3.84 -59.33
C GLU C 365 -5.49 -3.58 -58.22
N VAL C 366 -5.98 -3.26 -57.02
CA VAL C 366 -5.13 -3.02 -55.86
C VAL C 366 -4.70 -4.36 -55.26
N PRO C 367 -3.39 -4.58 -55.14
CA PRO C 367 -2.87 -5.86 -54.67
C PRO C 367 -3.08 -6.06 -53.17
N MET C 368 -3.56 -7.25 -52.81
CA MET C 368 -4.03 -7.56 -51.45
C MET C 368 -2.96 -7.51 -50.36
N GLU C 369 -1.78 -8.05 -50.66
CA GLU C 369 -0.64 -7.95 -49.75
C GLU C 369 -0.50 -6.51 -49.26
N ARG C 370 -0.64 -5.57 -50.19
CA ARG C 370 -0.46 -4.16 -49.92
C ARG C 370 -1.47 -3.66 -48.89
N VAL C 371 -2.70 -4.14 -48.98
CA VAL C 371 -3.74 -3.79 -48.01
C VAL C 371 -3.53 -4.50 -46.67
N PHE C 372 -3.03 -5.74 -46.70
CA PHE C 372 -2.69 -6.45 -45.47
C PHE C 372 -1.70 -5.66 -44.62
N ASP C 373 -0.58 -5.25 -45.22
CA ASP C 373 0.50 -4.55 -44.51
C ASP C 373 0.08 -3.15 -44.05
N TYR C 374 -0.83 -2.54 -44.80
CA TYR C 374 -1.33 -1.23 -44.47
C TYR C 374 -2.23 -1.34 -43.26
N SER C 375 -3.14 -2.30 -43.31
CA SER C 375 -4.09 -2.54 -42.23
C SER C 375 -3.36 -2.93 -40.96
N GLU C 376 -2.20 -3.56 -41.12
CA GLU C 376 -1.40 -4.05 -40.00
C GLU C 376 -0.52 -2.94 -39.43
N TYR C 377 -0.31 -1.87 -40.21
CA TYR C 377 0.38 -0.74 -39.66
C TYR C 377 -0.55 -0.09 -38.67
N TRP C 378 -1.79 0.09 -39.13
CA TRP C 378 -2.82 0.79 -38.38
C TRP C 378 -3.31 0.03 -37.16
N GLU C 379 -3.11 -1.29 -37.18
CA GLU C 379 -3.43 -2.11 -36.03
C GLU C 379 -2.51 -1.67 -34.90
N GLY C 380 -1.25 -1.39 -35.24
CA GLY C 380 -0.29 -0.87 -34.29
C GLY C 380 -0.53 0.56 -33.84
N ALA C 381 -0.82 1.45 -34.78
CA ALA C 381 -1.00 2.86 -34.47
C ALA C 381 -2.20 3.07 -33.56
N ARG C 382 -3.31 2.42 -33.90
CA ARG C 382 -4.56 2.49 -33.14
C ARG C 382 -4.30 2.10 -31.69
N GLY C 383 -3.43 1.11 -31.52
CA GLY C 383 -2.97 0.65 -30.22
C GLY C 383 -2.54 1.79 -29.32
N LEU C 384 -1.84 2.77 -29.91
CA LEU C 384 -1.31 3.89 -29.14
C LEU C 384 -2.41 4.78 -28.59
N TYR C 385 -3.62 4.61 -29.12
CA TYR C 385 -4.71 5.53 -28.85
C TYR C 385 -5.81 4.90 -28.03
N ALA C 386 -5.44 3.99 -27.14
CA ALA C 386 -6.42 3.27 -26.32
C ALA C 386 -7.29 4.23 -25.50
N ALA C 387 -6.68 5.30 -25.00
CA ALA C 387 -7.36 6.30 -24.15
C ALA C 387 -8.59 6.90 -24.80
N PHE C 388 -8.66 6.79 -26.12
CA PHE C 388 -9.71 7.40 -26.93
C PHE C 388 -10.44 6.36 -27.77
N ASP C 389 -10.22 5.07 -27.53
CA ASP C 389 -10.80 4.06 -28.41
C ASP C 389 -12.24 3.79 -28.07
N CYS C 390 -13.10 3.92 -29.07
CA CYS C 390 -14.54 3.75 -28.90
C CYS C 390 -14.96 2.34 -28.47
N THR C 391 -14.13 1.34 -28.75
CA THR C 391 -14.42 -0.03 -28.33
C THR C 391 -14.32 -0.23 -26.83
N ALA C 392 -13.98 0.83 -26.10
CA ALA C 392 -14.16 0.80 -24.66
C ALA C 392 -15.63 0.47 -24.40
N THR C 393 -16.54 1.21 -25.02
CA THR C 393 -17.96 0.97 -24.82
C THR C 393 -18.63 0.25 -26.00
N MET C 394 -18.26 0.64 -27.21
CA MET C 394 -18.93 0.15 -28.42
C MET C 394 -18.23 -1.05 -29.02
N LYS C 395 -18.92 -2.19 -29.01
CA LYS C 395 -18.33 -3.45 -29.46
C LYS C 395 -18.76 -3.84 -30.88
N SER C 396 -19.70 -3.08 -31.45
CA SER C 396 -20.23 -3.36 -32.78
C SER C 396 -21.15 -2.25 -33.30
N GLY C 397 -21.55 -2.36 -34.56
CA GLY C 397 -22.51 -1.43 -35.16
C GLY C 397 -23.91 -1.76 -34.70
N ASN C 398 -24.88 -0.95 -35.11
CA ASN C 398 -26.25 -1.16 -34.65
C ASN C 398 -27.26 -0.75 -35.72
N SER C 399 -28.12 -1.69 -36.12
CA SER C 399 -29.00 -1.42 -37.25
C SER C 399 -30.05 -0.37 -36.95
N ASP C 400 -30.11 0.10 -35.69
CA ASP C 400 -31.13 1.09 -35.29
C ASP C 400 -30.86 2.51 -35.80
N VAL C 401 -29.73 2.71 -36.48
CA VAL C 401 -29.50 3.94 -37.22
C VAL C 401 -30.69 4.26 -38.11
N TYR C 402 -31.39 3.22 -38.57
CA TYR C 402 -32.51 3.39 -39.51
C TYR C 402 -33.65 4.11 -38.83
N GLU C 403 -33.70 3.98 -37.51
CA GLU C 403 -34.70 4.62 -36.68
C GLU C 403 -34.20 6.00 -36.24
N ASN C 404 -33.02 6.04 -35.62
CA ASN C 404 -32.52 7.31 -35.05
C ASN C 404 -31.76 8.28 -35.96
N GLU C 405 -31.15 7.77 -37.03
CA GLU C 405 -30.50 8.59 -38.07
C GLU C 405 -29.30 9.42 -37.56
N ILE C 406 -28.75 9.01 -36.43
CA ILE C 406 -27.57 9.64 -35.85
C ILE C 406 -26.32 9.29 -36.67
N PRO C 407 -25.63 10.31 -37.17
CA PRO C 407 -24.42 10.10 -37.98
C PRO C 407 -23.32 9.39 -37.19
N GLY C 408 -22.47 8.64 -37.90
CA GLY C 408 -21.45 7.79 -37.28
C GLY C 408 -20.71 8.44 -36.14
N GLY C 409 -19.94 9.47 -36.47
CA GLY C 409 -19.19 10.27 -35.48
C GLY C 409 -19.97 10.54 -34.23
N GLN C 410 -21.15 11.14 -34.37
CA GLN C 410 -22.02 11.44 -33.23
C GLN C 410 -22.37 10.18 -32.42
N TYR C 411 -22.88 9.14 -33.09
CA TYR C 411 -23.23 7.88 -32.45
C TYR C 411 -22.14 7.44 -31.48
N THR C 412 -20.88 7.58 -31.90
CA THR C 412 -19.78 7.20 -31.02
C THR C 412 -19.71 8.07 -29.77
N ASN C 413 -19.83 9.39 -29.93
CA ASN C 413 -19.69 10.30 -28.80
C ASN C 413 -20.84 10.17 -27.82
N LEU C 414 -22.06 10.11 -28.35
CA LEU C 414 -23.23 10.04 -27.50
C LEU C 414 -23.32 8.68 -26.81
N HIS C 415 -22.84 7.65 -27.51
CA HIS C 415 -22.76 6.29 -26.96
C HIS C 415 -21.82 6.28 -25.77
N PHE C 416 -20.61 6.82 -25.97
CA PHE C 416 -19.64 6.89 -24.90
C PHE C 416 -20.18 7.65 -23.70
N GLN C 417 -20.78 8.81 -23.96
CA GLN C 417 -21.32 9.65 -22.89
C GLN C 417 -22.34 8.94 -21.99
N ALA C 418 -23.08 7.98 -22.54
CA ALA C 418 -24.11 7.23 -21.80
C ALA C 418 -23.58 6.00 -21.05
N HIS C 419 -22.83 5.16 -21.75
CA HIS C 419 -22.23 3.95 -21.19
C HIS C 419 -21.15 4.27 -20.19
N SER C 420 -20.25 5.18 -20.56
CA SER C 420 -19.10 5.55 -19.72
C SER C 420 -19.56 6.04 -18.34
N MET C 421 -20.25 7.17 -18.31
CA MET C 421 -20.79 7.73 -17.07
C MET C 421 -22.32 7.68 -17.11
N GLY C 422 -22.89 6.71 -16.39
CA GLY C 422 -24.32 6.46 -16.38
C GLY C 422 -24.57 5.02 -15.97
N LEU C 423 -25.58 4.39 -16.57
CA LEU C 423 -25.81 2.95 -16.38
C LEU C 423 -26.38 2.35 -17.66
N GLY C 424 -25.58 2.39 -18.72
CA GLY C 424 -25.89 1.75 -20.00
C GLY C 424 -27.15 2.19 -20.74
N SER C 425 -28.30 1.89 -20.15
CA SER C 425 -29.60 2.08 -20.82
C SER C 425 -30.17 3.50 -20.79
N LYS C 426 -29.37 4.46 -20.32
CA LYS C 426 -29.75 5.87 -20.41
C LYS C 426 -29.59 6.38 -21.84
N PHE C 427 -28.98 5.55 -22.69
CA PHE C 427 -28.79 5.84 -24.10
C PHE C 427 -30.05 5.62 -24.93
N LYS C 428 -30.85 4.62 -24.56
CA LYS C 428 -32.11 4.34 -25.23
C LYS C 428 -33.00 5.59 -25.20
N GLU C 429 -33.03 6.25 -24.04
CA GLU C 429 -33.82 7.46 -23.82
C GLU C 429 -33.34 8.64 -24.66
N VAL C 430 -32.02 8.85 -24.71
CA VAL C 430 -31.44 9.95 -25.48
C VAL C 430 -31.75 9.83 -26.97
N LYS C 431 -31.62 8.64 -27.54
CA LYS C 431 -31.83 8.50 -28.98
C LYS C 431 -33.28 8.45 -29.38
N LYS C 432 -34.14 8.03 -28.47
CA LYS C 432 -35.58 8.10 -28.72
C LYS C 432 -36.10 9.53 -28.49
N ALA C 433 -35.25 10.36 -27.88
CA ALA C 433 -35.48 11.79 -27.79
C ALA C 433 -34.81 12.51 -28.95
N TYR C 434 -33.83 11.86 -29.57
CA TYR C 434 -33.16 12.38 -30.76
C TYR C 434 -34.15 12.30 -31.92
N VAL C 435 -34.82 11.14 -32.03
CA VAL C 435 -35.87 10.91 -33.02
C VAL C 435 -36.93 12.00 -32.97
N GLU C 436 -37.34 12.37 -31.76
CA GLU C 436 -38.39 13.38 -31.57
C GLU C 436 -37.90 14.78 -31.89
N ALA C 437 -36.75 15.16 -31.33
CA ALA C 437 -36.10 16.43 -31.64
C ALA C 437 -36.04 16.64 -33.15
N ASN C 438 -35.79 15.56 -33.88
CA ASN C 438 -35.71 15.60 -35.34
C ASN C 438 -37.01 16.07 -36.00
N GLN C 439 -38.11 15.34 -35.75
CA GLN C 439 -39.41 15.72 -36.31
C GLN C 439 -40.05 16.92 -35.63
N MET C 440 -39.50 17.30 -34.48
CA MET C 440 -39.88 18.51 -33.77
C MET C 440 -39.35 19.72 -34.50
N LEU C 441 -38.14 19.59 -35.02
CA LEU C 441 -37.42 20.68 -35.65
C LEU C 441 -37.64 20.71 -37.17
N GLY C 442 -38.54 19.85 -37.65
CA GLY C 442 -38.99 19.87 -39.03
C GLY C 442 -38.63 18.69 -39.90
N ASP C 443 -38.08 17.63 -39.29
CA ASP C 443 -37.61 16.44 -40.03
C ASP C 443 -36.40 16.81 -40.90
N LEU C 444 -35.22 16.84 -40.29
CA LEU C 444 -34.03 17.45 -40.90
C LEU C 444 -33.06 16.45 -41.52
N ILE C 445 -32.17 16.93 -42.36
CA ILE C 445 -30.96 16.19 -42.73
C ILE C 445 -29.99 16.39 -41.58
N LYS C 446 -29.36 15.31 -41.12
CA LYS C 446 -28.55 15.40 -39.91
C LYS C 446 -27.08 15.07 -40.15
N VAL C 447 -26.33 16.15 -40.42
CA VAL C 447 -24.87 16.14 -40.50
C VAL C 447 -24.42 17.29 -39.61
N THR C 448 -23.12 17.60 -39.60
CA THR C 448 -22.61 18.74 -38.86
C THR C 448 -22.97 20.00 -39.65
N PRO C 449 -23.34 21.10 -38.99
CA PRO C 449 -23.82 21.13 -37.58
C PRO C 449 -25.29 20.77 -37.27
N SER C 450 -26.12 20.44 -38.26
CA SER C 450 -27.53 20.12 -37.96
C SER C 450 -27.70 19.04 -36.87
N SER C 451 -26.81 18.06 -36.87
CA SER C 451 -26.80 16.98 -35.90
C SER C 451 -26.45 17.44 -34.48
N LYS C 452 -25.51 18.37 -34.36
CA LYS C 452 -25.25 19.03 -33.09
C LYS C 452 -26.52 19.71 -32.60
N ILE C 453 -27.21 20.40 -33.51
CA ILE C 453 -28.45 21.10 -33.17
C ILE C 453 -29.54 20.15 -32.64
N VAL C 454 -29.85 19.11 -33.42
CA VAL C 454 -30.86 18.13 -32.99
C VAL C 454 -30.43 17.37 -31.72
N GLY C 455 -29.13 17.05 -31.64
CA GLY C 455 -28.57 16.40 -30.46
C GLY C 455 -28.63 17.27 -29.22
N ASP C 456 -28.40 18.57 -29.40
CA ASP C 456 -28.54 19.56 -28.34
C ASP C 456 -29.98 19.75 -27.85
N LEU C 457 -30.94 19.56 -28.75
CA LEU C 457 -32.36 19.59 -28.40
C LEU C 457 -32.74 18.31 -27.67
N ALA C 458 -32.09 17.21 -28.05
CA ALA C 458 -32.33 15.90 -27.46
C ALA C 458 -31.87 15.85 -26.00
N GLN C 459 -30.64 16.27 -25.74
CA GLN C 459 -30.11 16.27 -24.38
C GLN C 459 -30.80 17.31 -23.48
N PHE C 460 -31.45 18.28 -24.12
CA PHE C 460 -32.28 19.26 -23.44
C PHE C 460 -33.56 18.62 -22.92
N MET C 461 -34.18 17.78 -23.75
CA MET C 461 -35.45 17.14 -23.39
C MET C 461 -35.33 16.07 -22.31
N VAL C 462 -34.12 15.58 -22.08
CA VAL C 462 -33.86 14.54 -21.07
C VAL C 462 -33.27 15.08 -19.76
N GLN C 463 -33.00 16.39 -19.73
CA GLN C 463 -32.61 17.06 -18.48
C GLN C 463 -33.85 17.48 -17.70
N ASN C 464 -35.02 17.30 -18.31
CA ASN C 464 -36.27 17.79 -17.72
C ASN C 464 -37.52 16.94 -18.04
N GLY C 465 -37.28 15.69 -18.46
CA GLY C 465 -38.37 14.74 -18.73
C GLY C 465 -39.47 15.30 -19.58
N LEU C 466 -39.10 15.76 -20.78
CA LEU C 466 -40.04 16.44 -21.66
C LEU C 466 -40.42 15.63 -22.89
N SER C 467 -41.72 15.40 -23.06
CA SER C 467 -42.26 14.85 -24.29
C SER C 467 -42.00 15.85 -25.41
N ARG C 468 -41.98 15.35 -26.64
CA ARG C 468 -42.07 16.22 -27.80
C ARG C 468 -43.33 17.08 -27.64
N ALA C 469 -44.44 16.42 -27.31
CA ALA C 469 -45.73 17.09 -27.13
C ALA C 469 -45.77 18.07 -25.96
N GLU C 470 -45.10 17.72 -24.86
CA GLU C 470 -45.02 18.59 -23.70
C GLU C 470 -44.15 19.79 -23.98
N ALA C 471 -42.96 19.53 -24.55
CA ALA C 471 -41.96 20.56 -24.79
C ALA C 471 -42.40 21.62 -25.80
N GLU C 472 -43.11 21.20 -26.84
CA GLU C 472 -43.58 22.13 -27.87
C GLU C 472 -44.91 22.79 -27.54
N ALA C 473 -45.59 22.26 -26.52
CA ALA C 473 -46.77 22.91 -25.94
C ALA C 473 -46.33 23.97 -24.94
N GLN C 474 -45.10 23.84 -24.46
CA GLN C 474 -44.47 24.83 -23.58
C GLN C 474 -43.33 25.54 -24.31
N ALA C 475 -43.39 25.52 -25.64
CA ALA C 475 -42.35 26.10 -26.49
C ALA C 475 -42.12 27.59 -26.24
N GLU C 476 -43.15 28.27 -25.71
CA GLU C 476 -43.16 29.72 -25.56
C GLU C 476 -42.10 30.31 -24.62
N GLU C 477 -41.66 29.52 -23.64
CA GLU C 477 -40.86 30.04 -22.53
C GLU C 477 -39.63 29.22 -22.14
N LEU C 478 -39.67 27.92 -22.42
CA LEU C 478 -38.66 26.97 -21.93
C LEU C 478 -37.20 27.40 -22.07
N SER C 479 -36.95 28.41 -22.92
CA SER C 479 -35.61 28.95 -23.19
C SER C 479 -34.60 27.85 -23.52
N PHE C 480 -34.74 27.33 -24.73
CA PHE C 480 -33.95 26.20 -25.24
C PHE C 480 -32.48 26.60 -25.36
N PRO C 481 -31.60 25.64 -25.69
CA PRO C 481 -30.17 25.95 -25.81
C PRO C 481 -29.84 26.91 -26.96
N ARG C 482 -28.59 27.38 -26.95
CA ARG C 482 -28.06 28.35 -27.92
C ARG C 482 -28.27 27.93 -29.38
N SER C 483 -27.62 26.83 -29.77
CA SER C 483 -27.60 26.38 -31.16
C SER C 483 -28.98 26.15 -31.80
N VAL C 484 -29.96 25.79 -30.98
CA VAL C 484 -31.33 25.60 -31.44
C VAL C 484 -31.98 26.92 -31.86
N VAL C 485 -31.91 27.92 -30.97
CA VAL C 485 -32.46 29.26 -31.22
C VAL C 485 -31.78 29.88 -32.45
N GLU C 486 -30.48 29.65 -32.60
CA GLU C 486 -29.73 30.17 -33.75
C GLU C 486 -30.11 29.45 -35.04
N PHE C 487 -30.34 28.14 -34.96
CA PHE C 487 -30.84 27.38 -36.09
C PHE C 487 -32.18 27.95 -36.55
N LEU C 488 -33.11 28.09 -35.60
CA LEU C 488 -34.48 28.54 -35.89
C LEU C 488 -34.57 30.01 -36.32
N GLN C 489 -33.45 30.70 -36.21
CA GLN C 489 -33.33 32.11 -36.57
C GLN C 489 -32.96 32.25 -38.05
N GLY C 490 -32.15 31.31 -38.55
CA GLY C 490 -31.70 31.29 -39.94
C GLY C 490 -30.19 31.24 -40.06
N TYR C 491 -29.51 31.09 -38.93
CA TYR C 491 -28.04 31.14 -38.88
C TYR C 491 -27.33 30.09 -39.73
N ILE C 492 -27.98 28.95 -39.96
CA ILE C 492 -27.38 27.89 -40.79
C ILE C 492 -28.15 27.75 -42.11
N GLY C 493 -29.25 28.48 -42.22
CA GLY C 493 -30.01 28.53 -43.47
C GLY C 493 -31.40 27.95 -43.35
N VAL C 494 -31.92 27.51 -44.49
CA VAL C 494 -33.31 27.07 -44.56
C VAL C 494 -33.42 25.57 -44.89
N PRO C 495 -34.03 24.81 -43.98
CA PRO C 495 -34.33 23.42 -44.24
C PRO C 495 -35.34 23.27 -45.38
N HIS C 496 -35.23 22.19 -46.13
CA HIS C 496 -36.23 21.84 -47.12
C HIS C 496 -37.52 21.49 -46.40
N GLY C 497 -38.64 22.04 -46.88
CA GLY C 497 -39.95 21.88 -46.22
C GLY C 497 -40.34 23.11 -45.42
N GLY C 498 -39.34 23.91 -45.05
CA GLY C 498 -39.56 25.10 -44.23
C GLY C 498 -39.24 24.81 -42.77
N PHE C 499 -39.49 25.79 -41.91
CA PHE C 499 -39.38 25.61 -40.47
C PHE C 499 -40.73 25.16 -39.89
N PRO C 500 -40.70 24.39 -38.80
CA PRO C 500 -41.94 24.05 -38.10
C PRO C 500 -42.53 25.30 -37.47
N GLU C 501 -43.49 25.92 -38.17
CA GLU C 501 -44.02 27.21 -37.76
C GLU C 501 -45.02 27.20 -36.58
N PRO C 502 -45.70 26.06 -36.34
CA PRO C 502 -46.34 25.84 -35.04
C PRO C 502 -45.36 26.08 -33.87
N PHE C 503 -44.19 25.44 -33.94
CA PHE C 503 -43.24 25.39 -32.84
C PHE C 503 -42.21 26.54 -32.79
N ARG C 504 -41.75 27.00 -33.95
CA ARG C 504 -40.60 27.92 -34.00
C ARG C 504 -40.92 29.35 -33.57
N SER C 505 -42.09 29.85 -33.96
CA SER C 505 -42.47 31.22 -33.61
C SER C 505 -42.54 31.42 -32.10
N LYS C 506 -42.99 30.38 -31.39
CA LYS C 506 -43.13 30.41 -29.93
C LYS C 506 -41.79 30.57 -29.23
N VAL C 507 -40.77 29.87 -29.73
CA VAL C 507 -39.42 29.93 -29.19
C VAL C 507 -38.80 31.32 -29.38
N LEU C 508 -38.99 31.89 -30.57
CA LEU C 508 -38.27 33.09 -31.00
C LEU C 508 -38.71 34.42 -30.38
N LYS C 509 -40.00 34.55 -30.04
CA LYS C 509 -40.56 35.79 -29.48
C LYS C 509 -40.01 37.05 -30.17
N ASP C 510 -40.22 37.11 -31.49
CA ASP C 510 -39.61 38.09 -32.40
C ASP C 510 -38.17 38.55 -32.09
N LEU C 511 -37.22 37.73 -32.53
CA LEU C 511 -35.79 38.06 -32.54
C LEU C 511 -35.35 38.19 -34.01
N PRO C 512 -34.18 38.82 -34.26
CA PRO C 512 -33.76 39.13 -35.64
C PRO C 512 -33.47 37.90 -36.51
N ARG C 513 -34.51 37.40 -37.19
CA ARG C 513 -34.40 36.24 -38.06
C ARG C 513 -33.62 36.56 -39.34
N VAL C 514 -32.66 35.71 -39.69
CA VAL C 514 -31.81 35.92 -40.87
C VAL C 514 -32.59 35.76 -42.17
N GLU C 515 -32.48 36.78 -43.02
CA GLU C 515 -33.28 36.90 -44.24
C GLU C 515 -32.88 35.89 -45.30
N GLY C 516 -31.86 36.21 -46.10
CA GLY C 516 -31.44 35.34 -47.19
C GLY C 516 -30.40 34.33 -46.75
N ARG C 517 -29.46 34.05 -47.64
CA ARG C 517 -28.27 33.28 -47.32
C ARG C 517 -27.39 34.09 -46.37
N PRO C 518 -27.04 33.50 -45.23
CA PRO C 518 -26.33 34.22 -44.16
C PRO C 518 -25.05 34.93 -44.59
N GLY C 519 -24.32 34.30 -45.53
CA GLY C 519 -23.05 34.83 -46.04
C GLY C 519 -23.03 36.31 -46.45
N ALA C 520 -23.78 36.66 -47.50
CA ALA C 520 -23.76 38.02 -48.04
C ALA C 520 -24.10 39.07 -46.99
N SER C 521 -25.16 38.81 -46.23
CA SER C 521 -25.62 39.71 -45.19
C SER C 521 -24.77 39.58 -43.92
N LEU C 522 -23.45 39.63 -44.10
CA LEU C 522 -22.49 39.38 -43.04
C LEU C 522 -21.12 39.98 -43.44
N PRO C 523 -20.92 41.26 -43.13
CA PRO C 523 -19.69 41.99 -43.49
C PRO C 523 -18.38 41.18 -43.46
N PRO C 524 -17.47 41.45 -44.40
CA PRO C 524 -16.21 40.70 -44.50
C PRO C 524 -15.26 40.98 -43.33
N LEU C 525 -14.51 39.94 -42.92
CA LEU C 525 -13.56 40.02 -41.82
C LEU C 525 -12.17 40.51 -42.28
N ASP C 526 -11.73 41.63 -41.60
CA ASP C 526 -10.40 42.22 -41.87
C ASP C 526 -9.26 41.21 -41.65
N LEU C 527 -8.76 40.64 -42.75
CA LEU C 527 -7.63 39.70 -42.65
C LEU C 527 -6.32 40.45 -42.44
N GLN C 528 -6.27 41.68 -42.96
CA GLN C 528 -5.14 42.57 -42.76
C GLN C 528 -5.00 42.98 -41.28
N ALA C 529 -6.14 43.57 -40.76
CA ALA C 529 -6.19 43.94 -39.33
C ALA C 529 -5.87 42.78 -38.40
N LEU C 530 -6.51 41.62 -38.65
CA LEU C 530 -6.33 40.41 -37.84
C LEU C 530 -4.87 39.94 -37.82
N GLU C 531 -4.20 40.12 -38.96
CA GLU C 531 -2.75 39.88 -39.07
C GLU C 531 -1.97 40.58 -37.96
N LYS C 532 -2.03 41.92 -37.94
CA LYS C 532 -1.30 42.72 -36.97
C LYS C 532 -1.74 42.44 -35.53
N GLU C 533 -3.04 42.19 -35.35
CA GLU C 533 -3.64 41.93 -34.04
C GLU C 533 -2.90 40.81 -33.31
N LEU C 534 -2.64 39.71 -34.02
CA LEU C 534 -2.00 38.53 -33.45
C LEU C 534 -0.50 38.73 -33.20
N VAL C 535 0.11 39.65 -33.94
CA VAL C 535 1.57 39.81 -33.94
C VAL C 535 2.15 40.35 -32.63
N ASP C 536 1.55 41.39 -32.05
CA ASP C 536 2.15 42.05 -30.86
C ASP C 536 2.28 41.16 -29.61
N ARG C 537 1.62 40.01 -29.63
CA ARG C 537 1.77 39.03 -28.55
C ARG C 537 2.43 37.73 -29.03
N HIS C 538 2.12 37.32 -30.25
CA HIS C 538 2.67 36.07 -30.82
C HIS C 538 4.02 36.25 -31.51
N GLY C 539 4.15 37.29 -32.34
CA GLY C 539 5.45 37.67 -32.90
C GLY C 539 5.57 37.76 -34.42
N GLU C 540 6.81 37.89 -34.88
CA GLU C 540 7.18 37.94 -36.31
C GLU C 540 6.98 36.58 -36.98
N GLU C 541 7.00 35.51 -36.19
CA GLU C 541 6.85 34.15 -36.69
C GLU C 541 5.40 33.76 -37.06
N VAL C 542 4.68 34.70 -37.69
CA VAL C 542 3.31 34.45 -38.13
C VAL C 542 3.25 34.24 -39.65
N THR C 543 2.92 33.02 -40.06
CA THR C 543 2.68 32.71 -41.47
C THR C 543 1.21 33.01 -41.78
N PRO C 544 0.88 33.37 -43.03
CA PRO C 544 -0.51 33.68 -43.42
C PRO C 544 -1.50 32.57 -43.08
N GLU C 545 -1.01 31.34 -42.96
CA GLU C 545 -1.83 30.21 -42.55
C GLU C 545 -2.36 30.41 -41.12
N ASP C 546 -1.52 30.93 -40.23
CA ASP C 546 -1.90 31.14 -38.83
C ASP C 546 -3.09 32.08 -38.73
N VAL C 547 -3.16 33.02 -39.65
CA VAL C 547 -4.22 34.02 -39.69
C VAL C 547 -5.57 33.35 -39.91
N LEU C 548 -5.69 32.59 -41.00
CA LEU C 548 -6.91 31.82 -41.28
C LEU C 548 -7.29 30.90 -40.11
N SER C 549 -6.29 30.35 -39.43
CA SER C 549 -6.54 29.56 -38.22
C SER C 549 -7.19 30.42 -37.14
N ALA C 550 -6.64 31.62 -36.92
CA ALA C 550 -7.20 32.56 -35.94
C ALA C 550 -8.60 33.00 -36.35
N ALA C 551 -8.80 33.23 -37.64
CA ALA C 551 -10.10 33.63 -38.18
C ALA C 551 -11.16 32.56 -37.96
N MET C 552 -10.75 31.29 -38.06
CA MET C 552 -11.65 30.17 -37.86
C MET C 552 -11.93 29.94 -36.39
N TYR C 553 -10.86 29.90 -35.59
CA TYR C 553 -10.95 29.50 -34.17
C TYR C 553 -10.15 30.46 -33.28
N PRO C 554 -10.70 31.65 -33.05
CA PRO C 554 -9.98 32.72 -32.34
C PRO C 554 -9.38 32.26 -31.01
N ASP C 555 -10.15 31.50 -30.23
CA ASP C 555 -9.74 31.15 -28.89
C ASP C 555 -8.77 29.97 -28.85
N VAL C 556 -9.11 28.88 -29.55
CA VAL C 556 -8.27 27.67 -29.48
C VAL C 556 -6.89 27.85 -30.13
N PHE C 557 -6.77 28.84 -31.03
CA PHE C 557 -5.48 29.20 -31.62
C PHE C 557 -4.69 30.03 -30.63
N ALA C 558 -5.38 30.83 -29.84
CA ALA C 558 -4.76 31.56 -28.74
C ALA C 558 -4.17 30.56 -27.74
N HIS C 559 -4.97 29.60 -27.28
CA HIS C 559 -4.52 28.60 -26.31
C HIS C 559 -3.46 27.67 -26.90
N PHE C 560 -3.48 27.49 -28.21
CA PHE C 560 -2.51 26.63 -28.90
C PHE C 560 -1.10 27.22 -28.88
N LYS C 561 -0.98 28.47 -29.33
CA LYS C 561 0.30 29.19 -29.29
C LYS C 561 0.81 29.35 -27.86
N ASP C 562 -0.13 29.62 -26.95
CA ASP C 562 0.16 29.82 -25.53
C ASP C 562 0.84 28.61 -24.93
N PHE C 563 0.35 27.41 -25.29
CA PHE C 563 0.92 26.14 -24.89
C PHE C 563 2.29 25.93 -25.56
N THR C 564 2.31 26.08 -26.87
CA THR C 564 3.54 26.02 -27.68
C THR C 564 4.62 26.99 -27.17
N ALA C 565 4.19 28.14 -26.66
CA ALA C 565 5.12 29.08 -26.05
C ALA C 565 5.82 28.44 -24.84
N THR C 566 5.06 27.68 -24.06
CA THR C 566 5.57 27.10 -22.82
C THR C 566 6.33 25.78 -23.01
N PHE C 567 5.98 25.02 -24.05
CA PHE C 567 6.50 23.66 -24.20
C PHE C 567 7.16 23.32 -25.54
N GLY C 568 7.15 24.28 -26.47
CA GLY C 568 7.75 24.06 -27.78
C GLY C 568 6.91 23.17 -28.69
N PRO C 569 7.35 22.96 -29.93
CA PRO C 569 6.59 22.16 -30.89
C PRO C 569 6.63 20.66 -30.57
N LEU C 570 5.45 20.10 -30.35
CA LEU C 570 5.32 18.77 -29.77
C LEU C 570 5.05 17.68 -30.80
N ASP C 571 4.87 18.09 -32.05
CA ASP C 571 4.50 17.18 -33.14
C ASP C 571 5.64 16.28 -33.62
N SER C 572 6.86 16.51 -33.14
CA SER C 572 7.98 15.66 -33.51
C SER C 572 8.09 14.38 -32.68
N LEU C 573 7.59 14.40 -31.44
CA LEU C 573 7.62 13.21 -30.56
C LEU C 573 6.68 12.11 -31.05
N ASN C 574 6.98 10.87 -30.67
CA ASN C 574 6.05 9.77 -30.86
C ASN C 574 4.91 9.85 -29.84
N THR C 575 3.83 9.14 -30.13
CA THR C 575 2.57 9.33 -29.39
C THR C 575 2.61 8.85 -27.92
N ARG C 576 3.38 7.81 -27.65
CA ARG C 576 3.51 7.29 -26.29
C ARG C 576 4.15 8.34 -25.40
N LEU C 577 5.26 8.87 -25.88
CA LEU C 577 5.98 9.94 -25.21
C LEU C 577 5.06 11.14 -25.01
N PHE C 578 4.38 11.56 -26.09
CA PHE C 578 3.45 12.68 -26.05
C PHE C 578 2.35 12.49 -25.00
N LEU C 579 1.70 11.33 -25.04
CA LEU C 579 0.50 11.11 -24.23
C LEU C 579 0.78 10.76 -22.78
N GLN C 580 1.88 10.04 -22.53
CA GLN C 580 2.13 9.49 -21.21
C GLN C 580 3.55 9.72 -20.67
N GLY C 581 4.39 10.44 -21.41
CA GLY C 581 5.78 10.70 -21.02
C GLY C 581 6.67 9.46 -21.01
N PRO C 582 7.97 9.62 -20.76
CA PRO C 582 8.89 8.49 -20.77
C PRO C 582 8.66 7.67 -19.51
N LYS C 583 9.37 6.55 -19.39
CA LYS C 583 9.39 5.83 -18.11
C LYS C 583 10.81 5.71 -17.57
N ILE C 584 10.95 5.81 -16.25
CA ILE C 584 12.23 5.73 -15.58
C ILE C 584 13.15 4.69 -16.22
N ALA C 585 14.38 5.11 -16.53
CA ALA C 585 15.51 4.23 -16.87
C ALA C 585 15.70 3.87 -18.34
N GLU C 586 14.71 4.14 -19.19
CA GLU C 586 14.82 3.83 -20.62
C GLU C 586 15.31 5.00 -21.46
N GLU C 587 16.47 4.83 -22.09
CA GLU C 587 17.00 5.84 -23.02
C GLU C 587 16.21 5.87 -24.32
N PHE C 588 15.94 7.08 -24.80
CA PHE C 588 15.17 7.27 -26.01
C PHE C 588 15.65 8.53 -26.72
N GLU C 589 15.78 8.45 -28.05
CA GLU C 589 16.26 9.58 -28.86
C GLU C 589 15.06 10.39 -29.37
N VAL C 590 15.17 11.71 -29.30
CA VAL C 590 14.10 12.57 -29.78
C VAL C 590 14.38 12.99 -31.23
N GLU C 591 13.42 12.68 -32.09
CA GLU C 591 13.43 13.06 -33.50
C GLU C 591 13.17 14.57 -33.59
N LEU C 592 13.95 15.35 -32.84
CA LEU C 592 13.82 16.79 -32.80
C LEU C 592 14.35 17.30 -34.11
N GLU C 593 13.53 18.11 -34.78
CA GLU C 593 13.85 18.64 -36.12
C GLU C 593 15.11 19.53 -36.16
N ARG C 594 15.44 19.99 -37.39
CA ARG C 594 16.59 20.88 -37.65
C ARG C 594 17.99 20.26 -37.41
N GLY C 595 18.06 18.93 -37.37
CA GLY C 595 19.32 18.19 -37.45
C GLY C 595 20.14 17.96 -36.19
N LYS C 596 19.50 18.06 -35.02
CA LYS C 596 20.19 17.79 -33.75
C LYS C 596 19.38 16.83 -32.90
N THR C 597 20.06 15.79 -32.41
CA THR C 597 19.39 14.70 -31.70
C THR C 597 19.63 14.76 -30.19
N LEU C 598 18.53 14.73 -29.44
CA LEU C 598 18.60 14.77 -27.99
C LEU C 598 18.49 13.36 -27.41
N HIS C 599 19.54 12.96 -26.70
CA HIS C 599 19.54 11.69 -25.96
C HIS C 599 19.06 11.96 -24.54
N ILE C 600 17.91 11.39 -24.21
CA ILE C 600 17.29 11.58 -22.90
C ILE C 600 17.02 10.24 -22.21
N LYS C 601 17.31 10.19 -20.93
CA LYS C 601 16.95 9.08 -20.09
C LYS C 601 16.36 9.69 -18.83
N ALA C 602 15.07 9.44 -18.60
CA ALA C 602 14.42 9.87 -17.36
C ALA C 602 14.96 9.02 -16.21
N LEU C 603 15.35 9.70 -15.14
CA LEU C 603 16.04 9.03 -14.04
C LEU C 603 15.20 8.88 -12.78
N ALA C 604 14.56 9.97 -12.33
CA ALA C 604 13.88 9.97 -11.04
C ALA C 604 13.03 11.22 -10.79
N VAL C 605 11.91 11.05 -10.09
CA VAL C 605 11.17 12.20 -9.58
C VAL C 605 11.31 12.26 -8.06
N SER C 606 11.54 13.45 -7.54
CA SER C 606 11.65 13.64 -6.11
C SER C 606 10.26 13.64 -5.47
N ASP C 607 10.20 13.70 -4.14
CA ASP C 607 8.93 13.91 -3.47
C ASP C 607 8.74 15.41 -3.23
N LEU C 608 7.52 15.80 -2.86
CA LEU C 608 7.13 17.21 -2.79
C LEU C 608 7.97 18.01 -1.79
N ASN C 609 8.01 19.33 -1.97
CA ASN C 609 8.85 20.21 -1.13
C ASN C 609 8.05 21.31 -0.43
N ARG C 610 8.68 22.45 -0.17
CA ARG C 610 7.97 23.66 0.24
C ARG C 610 6.87 24.01 -0.76
N ALA C 611 7.27 24.51 -1.93
CA ALA C 611 6.33 25.01 -2.93
C ALA C 611 5.66 23.90 -3.76
N GLY C 612 5.08 22.91 -3.07
CA GLY C 612 4.28 21.85 -3.69
C GLY C 612 4.64 21.40 -5.09
N GLN C 613 5.95 21.26 -5.35
CA GLN C 613 6.47 20.76 -6.64
C GLN C 613 7.36 19.53 -6.44
N ARG C 614 7.68 18.85 -7.54
CA ARG C 614 8.66 17.76 -7.51
C ARG C 614 9.84 18.10 -8.43
N GLN C 615 10.99 17.49 -8.19
CA GLN C 615 12.18 17.74 -9.01
C GLN C 615 12.41 16.52 -9.89
N VAL C 616 12.41 16.73 -11.20
CA VAL C 616 12.62 15.63 -12.14
C VAL C 616 14.06 15.60 -12.61
N PHE C 617 14.62 14.40 -12.63
CA PHE C 617 16.01 14.17 -12.96
C PHE C 617 16.16 13.50 -14.31
N PHE C 618 16.99 14.11 -15.16
CA PHE C 618 17.19 13.62 -16.52
C PHE C 618 18.67 13.47 -16.81
N GLU C 619 18.96 12.50 -17.68
CA GLU C 619 20.23 12.47 -18.37
C GLU C 619 19.96 13.05 -19.75
N LEU C 620 20.75 14.06 -20.12
CA LEU C 620 20.58 14.74 -21.40
C LEU C 620 21.92 14.80 -22.10
N ASN C 621 22.07 13.99 -23.14
CA ASN C 621 23.35 13.81 -23.83
C ASN C 621 24.48 13.55 -22.85
N GLY C 622 24.25 12.62 -21.94
CA GLY C 622 25.25 12.18 -20.98
C GLY C 622 25.49 13.12 -19.81
N GLN C 623 24.71 14.20 -19.75
CA GLN C 623 24.80 15.17 -18.66
C GLN C 623 23.65 14.99 -17.66
N LEU C 624 23.97 15.13 -16.38
CA LEU C 624 22.95 15.12 -15.33
C LEU C 624 22.23 16.45 -15.26
N ARG C 625 20.91 16.42 -15.38
CA ARG C 625 20.09 17.62 -15.48
C ARG C 625 18.79 17.47 -14.71
N SER C 626 18.24 18.59 -14.25
CA SER C 626 16.98 18.59 -13.55
C SER C 626 16.16 19.85 -13.81
N ILE C 627 14.84 19.70 -13.70
CA ILE C 627 13.91 20.81 -13.74
C ILE C 627 12.85 20.63 -12.66
N LEU C 628 12.17 21.72 -12.32
CA LEU C 628 11.08 21.69 -11.36
C LEU C 628 9.74 21.68 -12.09
N VAL C 629 8.87 20.74 -11.74
CA VAL C 629 7.49 20.78 -12.21
C VAL C 629 6.54 20.79 -11.01
N LYS C 630 5.54 21.66 -11.06
CA LYS C 630 4.57 21.74 -9.97
C LYS C 630 3.59 20.58 -10.01
N ASP C 631 3.46 19.87 -8.89
CA ASP C 631 2.46 18.82 -8.78
C ASP C 631 1.12 19.49 -8.44
N THR C 632 0.11 19.18 -9.24
CA THR C 632 -1.24 19.69 -9.00
C THR C 632 -1.89 18.88 -7.88
N GLN C 633 -1.46 19.18 -6.65
CA GLN C 633 -1.92 18.54 -5.44
C GLN C 633 -1.70 19.51 -4.28
N ALA C 634 -0.84 20.50 -4.53
CA ALA C 634 -0.86 21.75 -3.78
C ALA C 634 -1.95 22.60 -4.44
N MET C 635 -2.31 22.20 -5.66
CA MET C 635 -3.48 22.69 -6.38
C MET C 635 -4.76 21.97 -5.89
N LYS C 636 -4.59 20.76 -5.35
CA LYS C 636 -5.67 20.02 -4.68
C LYS C 636 -5.46 20.03 -3.16
N GLU C 637 -5.77 21.16 -2.53
CA GLU C 637 -5.64 21.37 -1.07
C GLU C 637 -4.22 21.75 -0.64
N GLN D 34 -26.96 -11.03 27.82
CA GLN D 34 -25.62 -10.78 28.42
C GLN D 34 -25.10 -9.41 27.98
N ASN D 35 -25.92 -8.37 28.17
CA ASN D 35 -25.52 -7.03 27.72
C ASN D 35 -24.17 -6.53 28.26
N ARG D 36 -23.74 -7.07 29.41
CA ARG D 36 -22.43 -6.76 29.99
C ARG D 36 -21.30 -7.23 29.07
N ALA D 37 -21.43 -8.45 28.53
CA ALA D 37 -20.50 -8.96 27.52
C ALA D 37 -20.52 -8.06 26.28
N GLN D 38 -21.73 -7.81 25.77
CA GLN D 38 -21.93 -6.90 24.66
C GLN D 38 -21.26 -5.54 24.90
N LYS D 39 -21.36 -5.05 26.14
CA LYS D 39 -20.78 -3.76 26.52
C LYS D 39 -19.26 -3.81 26.48
N LEU D 40 -18.71 -4.90 27.01
CA LEU D 40 -17.29 -5.16 26.95
C LEU D 40 -16.81 -5.18 25.49
N LEU D 41 -17.51 -5.96 24.67
CA LEU D 41 -17.18 -6.09 23.26
C LEU D 41 -17.25 -4.77 22.51
N HIS D 42 -18.18 -3.90 22.92
CA HIS D 42 -18.30 -2.58 22.31
C HIS D 42 -17.06 -1.74 22.59
N TYR D 43 -16.63 -1.75 23.84
CA TYR D 43 -15.39 -1.10 24.23
C TYR D 43 -14.18 -1.65 23.44
N LEU D 44 -13.97 -2.96 23.50
CA LEU D 44 -12.83 -3.55 22.80
C LEU D 44 -12.87 -3.22 21.31
N GLY D 45 -14.05 -3.36 20.70
CA GLY D 45 -14.22 -2.97 19.30
C GLY D 45 -13.90 -1.50 19.08
N HIS D 46 -14.31 -0.66 20.03
CA HIS D 46 -14.05 0.76 19.93
C HIS D 46 -12.55 1.04 19.98
N VAL D 47 -11.87 0.50 20.99
CA VAL D 47 -10.43 0.67 21.11
C VAL D 47 -9.66 0.10 19.91
N MET D 48 -10.03 -1.08 19.44
CA MET D 48 -9.37 -1.68 18.29
C MET D 48 -9.36 -0.70 17.12
N VAL D 49 -10.52 -0.13 16.84
CA VAL D 49 -10.73 0.68 15.63
C VAL D 49 -10.14 2.08 15.75
N ASN D 50 -10.16 2.65 16.95
CA ASN D 50 -9.85 4.07 17.16
C ASN D 50 -8.56 4.33 17.88
N GLY D 51 -7.89 3.28 18.35
CA GLY D 51 -6.69 3.41 19.18
C GLY D 51 -7.10 3.63 20.62
N PRO D 52 -6.12 3.77 21.51
CA PRO D 52 -6.36 3.95 22.96
C PRO D 52 -7.51 4.91 23.37
N THR D 53 -8.05 4.72 24.57
CA THR D 53 -9.27 5.44 25.05
C THR D 53 -8.98 6.71 25.85
N THR D 54 -7.69 7.01 26.05
CA THR D 54 -7.29 8.24 26.74
C THR D 54 -6.15 8.92 25.97
N PRO D 55 -5.85 10.18 26.31
CA PRO D 55 -4.78 10.92 25.62
C PRO D 55 -3.37 10.43 26.03
N ILE D 56 -2.96 9.29 25.44
CA ILE D 56 -1.69 8.60 25.78
C ILE D 56 -0.40 9.43 25.43
N PRO D 57 0.31 9.88 26.47
CA PRO D 57 1.54 10.69 26.33
C PRO D 57 2.54 10.25 25.23
N VAL D 58 3.31 9.19 25.50
CA VAL D 58 4.29 8.69 24.50
C VAL D 58 3.72 7.46 23.75
N LYS D 59 3.96 7.42 22.43
CA LYS D 59 3.35 6.41 21.56
C LYS D 59 4.05 5.04 21.66
N ALA D 60 3.55 4.18 22.54
CA ALA D 60 4.19 2.87 22.82
C ALA D 60 3.22 1.81 23.37
N SER D 61 3.48 0.55 23.01
CA SER D 61 2.64 -0.60 23.42
C SER D 61 2.97 -1.16 24.82
N PRO D 62 2.00 -1.77 25.49
CA PRO D 62 2.29 -2.62 26.66
C PRO D 62 3.07 -3.90 26.27
N SER D 63 4.16 -4.17 26.98
CA SER D 63 5.04 -5.34 26.75
C SER D 63 4.27 -6.64 26.46
N PRO D 64 4.74 -7.47 25.52
CA PRO D 64 4.02 -8.70 25.16
C PRO D 64 3.82 -9.70 26.33
N THR D 65 4.79 -9.78 27.24
CA THR D 65 4.76 -10.77 28.33
C THR D 65 4.05 -10.31 29.61
N ASP D 66 3.42 -11.29 30.29
CA ASP D 66 2.82 -11.10 31.61
C ASP D 66 3.90 -10.80 32.65
N PRO D 67 3.55 -10.05 33.70
CA PRO D 67 4.40 -9.94 34.87
C PRO D 67 4.36 -11.25 35.63
N VAL D 68 5.49 -11.66 36.21
CA VAL D 68 5.50 -12.91 36.99
C VAL D 68 5.07 -12.66 38.43
N VAL D 69 4.04 -13.39 38.84
CA VAL D 69 3.54 -13.34 40.19
C VAL D 69 4.16 -14.52 40.93
N PRO D 70 4.91 -14.24 41.98
CA PRO D 70 5.55 -15.29 42.76
C PRO D 70 4.53 -16.20 43.43
N ALA D 71 4.95 -17.42 43.75
CA ALA D 71 4.15 -18.35 44.52
C ALA D 71 3.88 -17.79 45.91
N VAL D 72 2.78 -18.24 46.51
CA VAL D 72 2.39 -17.78 47.83
C VAL D 72 1.67 -18.88 48.60
N PRO D 73 2.17 -19.22 49.79
CA PRO D 73 1.53 -20.22 50.66
C PRO D 73 0.02 -20.01 50.87
N ILE D 74 -0.74 -21.09 50.95
CA ILE D 74 -2.18 -21.03 51.20
C ILE D 74 -2.49 -20.69 52.68
N GLY D 75 -3.62 -20.01 52.90
CA GLY D 75 -4.05 -19.60 54.24
C GLY D 75 -3.79 -18.14 54.53
N PRO D 76 -3.97 -17.70 55.77
CA PRO D 76 -3.76 -16.29 56.12
C PRO D 76 -2.27 -15.95 56.20
N PRO D 77 -1.93 -14.69 55.89
CA PRO D 77 -0.55 -14.21 56.05
C PRO D 77 -0.16 -14.06 57.53
N PRO D 78 1.15 -14.00 57.82
CA PRO D 78 1.60 -13.74 59.18
C PRO D 78 1.03 -12.44 59.76
N ALA D 79 0.93 -12.36 61.09
CA ALA D 79 0.40 -11.16 61.75
C ALA D 79 1.35 -9.98 61.60
N GLY D 80 0.79 -8.80 61.39
CA GLY D 80 1.57 -7.57 61.25
C GLY D 80 1.11 -6.44 62.16
N PHE D 81 1.45 -5.20 61.78
CA PHE D 81 1.13 -4.02 62.59
C PHE D 81 -0.37 -3.72 62.72
N ARG D 82 -1.12 -3.94 61.60
CA ARG D 82 -2.58 -3.76 61.62
C ARG D 82 -3.25 -4.57 62.75
N ASP D 83 -2.73 -5.78 63.02
CA ASP D 83 -3.20 -6.60 64.14
C ASP D 83 -2.98 -5.93 65.52
N ILE D 84 -1.73 -5.38 65.72
CA ILE D 84 -1.41 -4.62 66.96
C ILE D 84 -2.26 -3.34 67.04
N LEU D 85 -2.61 -2.79 65.87
CA LEU D 85 -3.48 -1.61 65.79
C LEU D 85 -4.94 -1.92 66.19
N LEU D 86 -5.39 -3.13 65.76
CA LEU D 86 -6.80 -3.52 65.97
C LEU D 86 -7.18 -3.65 67.46
N ARG D 87 -6.26 -4.22 68.27
CA ARG D 87 -6.53 -4.33 69.70
C ARG D 87 -6.17 -3.06 70.48
N GLU D 88 -4.92 -2.57 70.27
CA GLU D 88 -4.43 -1.43 71.07
C GLU D 88 -4.99 -0.05 70.69
N GLY D 89 -4.99 0.27 69.39
CA GLY D 89 -5.49 1.58 68.92
C GLY D 89 -4.39 2.43 68.30
N PRO D 90 -4.79 3.52 67.62
CA PRO D 90 -3.82 4.43 66.97
C PRO D 90 -2.68 4.86 67.91
N GLU D 91 -3.03 5.20 69.15
CA GLU D 91 -2.03 5.54 70.15
C GLU D 91 -1.09 4.36 70.43
N GLY D 92 -1.71 3.18 70.59
CA GLY D 92 -0.97 1.93 70.84
C GLY D 92 0.02 1.61 69.75
N PHE D 93 -0.50 1.64 68.50
CA PHE D 93 0.31 1.42 67.30
C PHE D 93 1.57 2.31 67.24
N ALA D 94 1.38 3.60 67.45
CA ALA D 94 2.52 4.55 67.51
C ALA D 94 3.55 4.14 68.58
N ARG D 95 3.06 3.58 69.71
CA ARG D 95 3.95 3.07 70.76
C ARG D 95 4.77 1.85 70.33
N ALA D 96 4.14 0.89 69.67
CA ALA D 96 4.90 -0.24 69.14
C ALA D 96 5.94 0.19 68.07
N VAL D 97 5.60 1.21 67.28
CA VAL D 97 6.56 1.75 66.30
C VAL D 97 7.76 2.41 67.00
N ARG D 98 7.46 3.29 67.95
CA ARG D 98 8.51 4.00 68.67
C ARG D 98 9.43 3.02 69.39
N ASN D 99 8.85 1.95 69.90
CA ASN D 99 9.60 0.94 70.64
C ASN D 99 10.27 -0.11 69.74
N HIS D 100 9.91 -0.16 68.45
CA HIS D 100 10.54 -1.10 67.54
C HIS D 100 11.99 -0.70 67.21
N PRO D 101 12.93 -1.49 67.71
CA PRO D 101 14.35 -1.12 67.68
C PRO D 101 14.88 -0.71 66.31
N GLY D 102 14.92 -1.64 65.36
CA GLY D 102 15.45 -1.40 64.01
C GLY D 102 14.55 -0.56 63.13
N LEU D 103 14.96 -0.36 61.88
CA LEU D 103 14.25 0.53 60.97
C LEU D 103 12.98 -0.09 60.43
N LEU D 104 11.92 0.70 60.42
CA LEU D 104 10.68 0.30 59.76
C LEU D 104 10.52 1.01 58.42
N LEU D 105 9.83 0.35 57.49
CA LEU D 105 9.65 0.89 56.15
C LEU D 105 8.19 1.05 55.79
N MET D 106 7.90 2.04 54.96
CA MET D 106 6.63 2.10 54.23
C MET D 106 6.89 1.79 52.76
N ASP D 107 5.96 1.08 52.14
CA ASP D 107 6.02 0.86 50.71
C ASP D 107 5.14 1.89 50.02
N THR D 108 5.71 2.61 49.06
CA THR D 108 4.98 3.60 48.26
C THR D 108 4.68 3.09 46.84
N THR D 109 5.12 1.88 46.54
CA THR D 109 4.95 1.33 45.20
C THR D 109 3.52 1.51 44.73
N PHE D 110 2.56 1.13 45.56
CA PHE D 110 1.16 1.15 45.18
C PHE D 110 0.61 2.56 44.91
N ARG D 111 1.37 3.60 45.22
CA ARG D 111 0.87 4.97 45.12
C ARG D 111 1.86 5.96 44.50
N ASP D 112 2.81 6.44 45.31
CA ASP D 112 3.65 7.56 44.92
C ASP D 112 4.62 7.13 43.82
N ALA D 113 5.08 5.89 43.91
CA ALA D 113 6.03 5.37 42.96
C ALA D 113 5.49 5.54 41.54
N HIS D 114 4.29 5.02 41.27
CA HIS D 114 3.72 5.17 39.91
C HIS D 114 3.18 6.58 39.65
N GLN D 115 2.74 7.26 40.71
CA GLN D 115 2.38 8.66 40.56
C GLN D 115 3.51 9.49 39.96
N SER D 116 4.74 9.25 40.43
CA SER D 116 5.89 9.95 39.88
C SER D 116 6.35 9.33 38.56
N LEU D 117 6.53 8.01 38.54
CA LEU D 117 7.13 7.35 37.37
C LEU D 117 6.23 7.12 36.18
N LEU D 118 4.92 7.05 36.40
CA LEU D 118 3.99 6.49 35.39
C LEU D 118 2.69 7.27 35.28
N ALA D 119 2.72 8.57 35.59
CA ALA D 119 1.54 9.43 35.50
C ALA D 119 0.31 8.89 36.26
N THR D 120 0.58 8.13 37.32
CA THR D 120 -0.44 7.60 38.24
C THR D 120 -1.33 6.52 37.64
N ARG D 121 -0.91 5.92 36.53
CA ARG D 121 -1.83 5.07 35.78
C ARG D 121 -1.96 3.62 36.25
N VAL D 122 -1.28 3.22 37.33
CA VAL D 122 -1.33 1.79 37.69
C VAL D 122 -2.73 1.37 38.12
N ARG D 123 -3.30 0.45 37.35
CA ARG D 123 -4.68 0.03 37.54
C ARG D 123 -4.84 -0.93 38.70
N THR D 124 -6.05 -0.91 39.29
CA THR D 124 -6.43 -1.81 40.37
C THR D 124 -6.07 -3.25 40.03
N HIS D 125 -6.37 -3.68 38.80
CA HIS D 125 -6.06 -5.04 38.34
C HIS D 125 -4.64 -5.39 38.74
N ASP D 126 -3.72 -4.49 38.39
CA ASP D 126 -2.29 -4.72 38.57
C ASP D 126 -1.87 -4.73 40.02
N LEU D 127 -2.61 -3.98 40.84
CA LEU D 127 -2.32 -3.89 42.27
C LEU D 127 -2.84 -5.14 42.97
N LYS D 128 -3.99 -5.65 42.52
CA LYS D 128 -4.58 -6.84 43.14
C LYS D 128 -3.71 -8.07 42.96
N LYS D 129 -3.01 -8.15 41.84
CA LYS D 129 -2.28 -9.36 41.45
C LYS D 129 -1.10 -9.69 42.36
N ILE D 130 -0.50 -8.64 42.94
CA ILE D 130 0.66 -8.79 43.82
C ILE D 130 0.31 -8.55 45.29
N ALA D 131 -0.94 -8.12 45.52
CA ALA D 131 -1.44 -7.89 46.86
C ALA D 131 -1.25 -9.10 47.79
N PRO D 132 -1.59 -10.32 47.34
CA PRO D 132 -1.44 -11.49 48.18
C PRO D 132 0.03 -11.74 48.55
N TYR D 133 0.93 -11.57 47.60
CA TYR D 133 2.36 -11.65 47.88
C TYR D 133 2.75 -10.62 48.93
N VAL D 134 2.26 -9.39 48.79
CA VAL D 134 2.60 -8.35 49.76
C VAL D 134 2.10 -8.77 51.14
N ALA D 135 0.84 -9.20 51.19
CA ALA D 135 0.22 -9.60 52.43
C ALA D 135 1.11 -10.60 53.17
N HIS D 136 1.61 -11.59 52.44
CA HIS D 136 2.32 -12.70 53.05
C HIS D 136 3.77 -12.39 53.35
N ASN D 137 4.39 -11.47 52.62
CA ASN D 137 5.84 -11.27 52.70
C ASN D 137 6.34 -9.93 53.27
N PHE D 138 5.41 -9.01 53.52
CA PHE D 138 5.78 -7.71 54.04
C PHE D 138 4.95 -7.32 55.28
N SER D 139 4.61 -8.32 56.10
CA SER D 139 3.91 -8.09 57.35
C SER D 139 4.72 -7.13 58.22
N LYS D 140 6.05 -7.26 58.12
CA LYS D 140 7.00 -6.41 58.85
C LYS D 140 6.92 -4.91 58.56
N LEU D 141 6.22 -4.51 57.50
CA LEU D 141 6.11 -3.09 57.14
C LEU D 141 5.39 -2.21 58.17
N PHE D 142 5.81 -0.96 58.29
CA PHE D 142 5.05 0.03 59.06
C PHE D 142 3.67 0.20 58.45
N SER D 143 3.64 0.38 57.13
CA SER D 143 2.39 0.54 56.39
C SER D 143 2.61 0.43 54.89
N MET D 144 1.51 0.39 54.14
CA MET D 144 1.50 0.52 52.68
C MET D 144 0.78 1.79 52.30
N GLU D 145 1.44 2.64 51.51
CA GLU D 145 0.76 3.78 50.92
C GLU D 145 0.13 3.33 49.60
N ASN D 146 -1.19 3.46 49.50
CA ASN D 146 -1.91 2.92 48.35
C ASN D 146 -3.22 3.64 48.05
N TRP D 147 -3.36 4.86 48.55
CA TRP D 147 -4.52 5.66 48.24
C TRP D 147 -4.19 7.13 48.42
N GLY D 148 -5.12 8.01 48.06
CA GLY D 148 -4.92 9.44 48.20
C GLY D 148 -3.94 9.97 47.17
N GLY D 149 -3.69 11.28 47.21
CA GLY D 149 -2.85 11.93 46.22
C GLY D 149 -3.59 11.96 44.90
N ALA D 150 -2.86 11.67 43.81
CA ALA D 150 -3.43 11.71 42.47
C ALA D 150 -4.18 10.45 42.09
N THR D 151 -4.02 9.37 42.87
CA THR D 151 -4.69 8.13 42.50
C THR D 151 -6.19 8.32 42.49
N PHE D 152 -6.71 9.16 43.37
CA PHE D 152 -8.17 9.32 43.50
C PHE D 152 -8.75 9.92 42.23
N ASP D 153 -8.02 10.88 41.68
CA ASP D 153 -8.45 11.64 40.52
C ASP D 153 -8.37 10.77 39.26
N VAL D 154 -7.16 10.31 38.95
CA VAL D 154 -6.91 9.76 37.64
C VAL D 154 -7.56 8.40 37.50
N ALA D 155 -7.83 7.76 38.63
CA ALA D 155 -8.66 6.57 38.66
C ALA D 155 -9.95 6.81 37.87
N MET D 156 -10.69 7.84 38.23
CA MET D 156 -11.94 8.15 37.56
C MET D 156 -11.70 8.88 36.26
N ARG D 157 -10.68 9.75 36.25
CA ARG D 157 -10.49 10.65 35.13
C ARG D 157 -9.93 9.98 33.89
N PHE D 158 -9.20 8.88 34.07
CA PHE D 158 -8.39 8.29 33.01
C PHE D 158 -8.48 6.76 32.95
N LEU D 159 -8.75 6.14 34.09
CA LEU D 159 -8.74 4.68 34.21
C LEU D 159 -10.13 4.09 34.33
N TYR D 160 -11.09 4.95 34.67
CA TYR D 160 -12.50 4.59 34.86
C TYR D 160 -12.69 3.45 35.86
N GLU D 161 -11.82 3.43 36.87
CA GLU D 161 -12.00 2.54 38.00
C GLU D 161 -12.49 3.41 39.14
N CYS D 162 -13.37 2.86 39.94
CA CYS D 162 -13.78 3.52 41.15
C CYS D 162 -12.62 3.40 42.14
N PRO D 163 -12.15 4.53 42.67
CA PRO D 163 -11.04 4.51 43.62
C PRO D 163 -11.44 3.80 44.90
N TRP D 164 -12.72 3.88 45.25
CA TRP D 164 -13.27 3.29 46.46
C TRP D 164 -13.29 1.77 46.37
N ARG D 165 -13.55 1.26 45.17
CA ARG D 165 -13.55 -0.19 44.97
C ARG D 165 -12.12 -0.75 45.02
N ARG D 166 -11.16 0.05 44.56
CA ARG D 166 -9.73 -0.28 44.69
C ARG D 166 -9.33 -0.50 46.14
N LEU D 167 -9.75 0.40 47.02
CA LEU D 167 -9.42 0.31 48.43
C LEU D 167 -10.05 -0.93 49.05
N GLN D 168 -11.32 -1.16 48.75
CA GLN D 168 -12.04 -2.31 49.30
C GLN D 168 -11.37 -3.61 48.86
N GLU D 169 -11.29 -3.81 47.56
CA GLU D 169 -10.75 -5.06 47.03
C GLU D 169 -9.34 -5.32 47.56
N LEU D 170 -8.57 -4.26 47.73
CA LEU D 170 -7.22 -4.37 48.28
C LEU D 170 -7.21 -4.68 49.77
N ARG D 171 -8.24 -4.21 50.47
CA ARG D 171 -8.34 -4.42 51.92
C ARG D 171 -8.46 -5.92 52.23
N GLU D 172 -9.45 -6.58 51.63
CA GLU D 172 -9.69 -7.99 51.90
C GLU D 172 -8.52 -8.89 51.49
N LEU D 173 -7.76 -8.44 50.48
CA LEU D 173 -6.58 -9.17 50.03
C LEU D 173 -5.42 -8.97 50.98
N ILE D 174 -5.40 -7.84 51.68
CA ILE D 174 -4.34 -7.54 52.64
C ILE D 174 -4.94 -7.15 53.99
N PRO D 175 -5.13 -8.14 54.86
CA PRO D 175 -5.73 -7.90 56.17
C PRO D 175 -4.73 -7.51 57.25
N ASN D 176 -3.45 -7.76 57.01
CA ASN D 176 -2.43 -7.70 58.07
C ASN D 176 -1.60 -6.42 58.16
N ILE D 177 -1.35 -5.79 57.03
CA ILE D 177 -0.48 -4.62 56.96
C ILE D 177 -1.36 -3.36 56.96
N PRO D 178 -1.00 -2.34 57.73
CA PRO D 178 -1.74 -1.07 57.71
C PRO D 178 -1.69 -0.38 56.34
N PHE D 179 -2.81 0.18 55.89
CA PHE D 179 -2.89 0.95 54.64
C PHE D 179 -2.80 2.45 54.95
N GLN D 180 -1.98 3.16 54.17
CA GLN D 180 -1.75 4.60 54.33
C GLN D 180 -2.24 5.41 53.15
N MET D 181 -2.84 6.54 53.47
CA MET D 181 -3.39 7.47 52.51
C MET D 181 -2.67 8.81 52.61
N LEU D 182 -2.46 9.49 51.49
CA LEU D 182 -1.98 10.87 51.53
C LEU D 182 -3.15 11.84 51.35
N LEU D 183 -3.50 12.55 52.42
CA LEU D 183 -4.61 13.49 52.41
C LEU D 183 -4.09 14.91 52.50
N ARG D 184 -4.52 15.75 51.57
CA ARG D 184 -3.97 17.10 51.40
C ARG D 184 -4.61 18.13 52.33
N GLY D 185 -4.83 17.74 53.58
CA GLY D 185 -5.30 18.67 54.61
C GLY D 185 -6.68 19.22 54.35
N ALA D 186 -6.75 20.49 54.00
CA ALA D 186 -8.03 21.15 53.74
C ALA D 186 -8.39 21.00 52.26
N ASN D 187 -7.38 20.73 51.46
CA ASN D 187 -7.57 20.47 50.03
C ASN D 187 -8.20 19.10 49.81
N ALA D 188 -8.30 18.33 50.90
CA ALA D 188 -8.80 16.95 50.87
C ALA D 188 -8.02 16.10 49.86
N VAL D 189 -8.60 15.92 48.69
CA VAL D 189 -7.99 15.09 47.67
C VAL D 189 -8.07 15.78 46.30
N GLY D 190 -8.42 17.07 46.33
CA GLY D 190 -8.42 17.96 45.15
C GLY D 190 -7.33 19.03 45.19
N TYR D 191 -7.70 20.26 44.82
CA TYR D 191 -6.71 21.33 44.64
C TYR D 191 -6.99 22.68 45.33
N THR D 192 -8.12 22.82 46.02
CA THR D 192 -8.37 23.95 46.96
C THR D 192 -9.10 23.50 48.21
N ASN D 193 -9.12 24.38 49.20
CA ASN D 193 -9.86 24.12 50.43
C ASN D 193 -11.35 23.96 50.16
N TYR D 194 -11.87 22.79 50.55
CA TYR D 194 -13.29 22.45 50.46
C TYR D 194 -14.03 22.84 51.75
N PRO D 195 -15.36 22.68 51.78
CA PRO D 195 -16.11 22.79 53.04
C PRO D 195 -15.60 21.82 54.09
N ASP D 196 -15.76 22.18 55.37
CA ASP D 196 -15.22 21.37 56.46
C ASP D 196 -15.90 20.00 56.63
N ASN D 197 -17.24 20.00 56.61
CA ASN D 197 -18.02 18.78 56.86
C ASN D 197 -17.73 17.65 55.87
N VAL D 198 -17.40 18.03 54.62
CA VAL D 198 -17.05 17.06 53.59
C VAL D 198 -15.67 16.43 53.85
N VAL D 199 -14.74 17.22 54.41
CA VAL D 199 -13.43 16.70 54.81
C VAL D 199 -13.60 15.78 56.03
N PHE D 200 -14.47 16.18 56.94
CA PHE D 200 -14.85 15.33 58.06
C PHE D 200 -15.53 14.03 57.63
N LYS D 201 -16.41 14.13 56.61
CA LYS D 201 -17.10 12.97 56.08
C LYS D 201 -16.18 12.07 55.25
N PHE D 202 -15.24 12.68 54.54
CA PHE D 202 -14.31 11.93 53.70
C PHE D 202 -13.46 10.99 54.54
N CYS D 203 -12.85 11.53 55.58
CA CYS D 203 -12.06 10.71 56.48
C CYS D 203 -12.91 9.62 57.12
N GLU D 204 -14.17 9.98 57.39
CA GLU D 204 -15.13 9.06 57.99
C GLU D 204 -15.32 7.78 57.15
N VAL D 205 -15.60 7.94 55.86
CA VAL D 205 -15.88 6.80 54.97
C VAL D 205 -14.60 6.04 54.57
N ALA D 206 -13.54 6.79 54.29
CA ALA D 206 -12.23 6.20 54.02
C ALA D 206 -11.81 5.24 55.14
N LYS D 207 -12.03 5.64 56.39
CA LYS D 207 -11.72 4.79 57.54
C LYS D 207 -12.68 3.61 57.59
N GLU D 208 -13.96 3.90 57.36
CA GLU D 208 -15.04 2.89 57.36
C GLU D 208 -14.83 1.85 56.23
N ASN D 209 -14.00 2.22 55.24
CA ASN D 209 -13.70 1.34 54.10
C ASN D 209 -12.36 0.63 54.17
N GLY D 210 -11.46 1.09 55.04
CA GLY D 210 -10.17 0.43 55.23
C GLY D 210 -8.88 1.23 55.45
N MET D 211 -8.97 2.57 55.45
CA MET D 211 -7.77 3.37 55.74
C MET D 211 -7.43 3.34 57.22
N ASP D 212 -6.16 3.12 57.51
CA ASP D 212 -5.68 3.15 58.89
C ASP D 212 -4.93 4.45 59.16
N VAL D 213 -3.93 4.75 58.32
CA VAL D 213 -3.02 5.88 58.55
C VAL D 213 -3.31 7.02 57.58
N PHE D 214 -3.50 8.22 58.12
CA PHE D 214 -3.76 9.40 57.32
C PHE D 214 -2.55 10.30 57.38
N ARG D 215 -1.81 10.43 56.27
CA ARG D 215 -0.75 11.41 56.22
C ARG D 215 -1.37 12.74 55.83
N VAL D 216 -1.35 13.68 56.77
CA VAL D 216 -1.92 15.00 56.54
C VAL D 216 -0.81 16.02 56.32
N PHE D 217 -0.88 16.74 55.20
CA PHE D 217 0.09 17.82 54.92
C PHE D 217 -0.62 19.04 54.40
N ASP D 218 0.05 20.18 54.50
CA ASP D 218 -0.47 21.38 53.88
C ASP D 218 0.55 22.08 53.00
N SER D 219 0.18 22.23 51.73
CA SER D 219 0.86 23.03 50.71
C SER D 219 1.80 24.10 51.25
N LEU D 220 1.28 24.93 52.14
CA LEU D 220 1.99 26.06 52.71
C LEU D 220 2.56 25.78 54.11
N ASN D 221 2.14 24.66 54.72
CA ASN D 221 2.39 24.35 56.13
C ASN D 221 1.53 25.21 57.02
N TYR D 222 0.57 25.89 56.40
CA TYR D 222 -0.40 26.74 57.09
C TYR D 222 -1.14 26.00 58.23
N LEU D 223 -0.62 26.18 59.44
CA LEU D 223 -1.04 25.43 60.64
C LEU D 223 -2.55 25.14 60.82
N PRO D 224 -3.43 26.14 60.66
CA PRO D 224 -4.88 25.89 60.77
C PRO D 224 -5.37 24.77 59.83
N ASN D 225 -4.98 24.80 58.55
CA ASN D 225 -5.39 23.75 57.61
C ASN D 225 -4.93 22.37 58.08
N MET D 226 -3.66 22.27 58.45
CA MET D 226 -3.10 21.06 59.02
C MET D 226 -3.92 20.51 60.20
N LEU D 227 -4.30 21.39 61.14
CA LEU D 227 -5.09 20.96 62.30
C LEU D 227 -6.42 20.37 61.85
N LEU D 228 -7.01 20.98 60.82
CA LEU D 228 -8.33 20.58 60.36
C LEU D 228 -8.28 19.15 59.89
N GLY D 229 -7.39 18.90 58.94
CA GLY D 229 -7.18 17.58 58.38
C GLY D 229 -6.86 16.59 59.47
N MET D 230 -6.01 17.01 60.41
CA MET D 230 -5.67 16.20 61.57
C MET D 230 -6.87 15.78 62.41
N GLU D 231 -7.83 16.69 62.63
CA GLU D 231 -9.05 16.32 63.36
C GLU D 231 -10.21 15.91 62.44
N ALA D 232 -9.91 15.69 61.17
CA ALA D 232 -10.82 15.00 60.28
C ALA D 232 -10.45 13.52 60.36
N ALA D 233 -9.15 13.26 60.15
CA ALA D 233 -8.54 11.95 60.33
C ALA D 233 -8.66 11.49 61.78
N GLY D 234 -8.56 12.44 62.71
CA GLY D 234 -8.62 12.13 64.12
C GLY D 234 -10.01 11.65 64.47
N SER D 235 -11.00 12.46 64.08
CA SER D 235 -12.43 12.23 64.36
C SER D 235 -12.86 10.82 63.96
N ALA D 236 -12.49 10.42 62.75
CA ALA D 236 -12.59 9.03 62.34
C ALA D 236 -11.54 8.19 63.09
N GLY D 237 -11.67 6.86 63.01
CA GLY D 237 -10.79 5.97 63.79
C GLY D 237 -9.29 5.99 63.52
N GLY D 238 -8.84 6.89 62.63
CA GLY D 238 -7.52 6.80 61.99
C GLY D 238 -6.27 7.28 62.72
N VAL D 239 -5.15 6.61 62.42
CA VAL D 239 -3.84 7.07 62.87
C VAL D 239 -3.50 8.39 62.18
N VAL D 240 -3.03 9.36 62.96
CA VAL D 240 -2.78 10.70 62.42
C VAL D 240 -1.28 10.93 62.31
N GLU D 241 -0.82 11.02 61.07
CA GLU D 241 0.57 11.28 60.79
C GLU D 241 0.64 12.66 60.17
N ALA D 242 0.74 13.68 61.03
CA ALA D 242 0.93 15.06 60.60
C ALA D 242 2.26 15.15 59.87
N ALA D 243 2.25 15.79 58.71
CA ALA D 243 3.43 15.84 57.86
C ALA D 243 3.84 17.28 57.56
N ILE D 244 5.02 17.66 58.03
CA ILE D 244 5.62 18.95 57.69
C ILE D 244 6.29 18.85 56.33
N SER D 245 5.93 19.74 55.41
CA SER D 245 6.56 19.75 54.09
C SER D 245 7.91 20.45 54.17
N TYR D 246 8.93 19.83 53.59
CA TYR D 246 10.30 20.30 53.73
C TYR D 246 10.77 20.98 52.47
N THR D 247 11.54 22.04 52.63
CA THR D 247 12.15 22.75 51.51
C THR D 247 13.41 23.49 51.98
N GLY D 248 14.12 24.10 51.03
CA GLY D 248 15.36 24.79 51.33
C GLY D 248 16.43 23.80 51.77
N ASP D 249 17.23 24.21 52.74
CA ASP D 249 18.30 23.37 53.23
C ASP D 249 18.66 23.81 54.64
N VAL D 250 18.21 23.00 55.59
CA VAL D 250 18.29 23.29 57.01
C VAL D 250 19.74 23.34 57.50
N ALA D 251 20.61 22.58 56.83
CA ALA D 251 22.01 22.47 57.20
C ALA D 251 22.77 23.69 56.74
N ASP D 252 22.09 24.57 56.01
CA ASP D 252 22.69 25.81 55.56
C ASP D 252 22.14 26.98 56.37
N PRO D 253 22.95 27.49 57.30
CA PRO D 253 22.52 28.55 58.23
C PRO D 253 22.21 29.86 57.52
N SER D 254 22.77 30.04 56.33
CA SER D 254 22.52 31.20 55.49
C SER D 254 21.05 31.34 55.05
N ARG D 255 20.42 30.23 54.66
CA ARG D 255 18.98 30.24 54.40
C ARG D 255 18.20 30.39 55.71
N THR D 256 17.52 31.52 55.89
CA THR D 256 16.84 31.74 57.17
C THR D 256 15.34 31.58 57.15
N LYS D 257 14.72 31.61 55.97
CA LYS D 257 13.27 31.52 55.93
C LYS D 257 12.78 30.20 56.51
N TYR D 258 13.24 29.08 55.96
CA TYR D 258 12.82 27.78 56.48
C TYR D 258 13.97 27.11 57.21
N SER D 259 14.25 27.64 58.40
CA SER D 259 15.37 27.21 59.23
C SER D 259 15.06 25.97 60.08
N LEU D 260 16.08 25.44 60.73
CA LEU D 260 15.89 24.33 61.66
C LEU D 260 14.94 24.72 62.79
N GLN D 261 14.94 26.00 63.15
CA GLN D 261 14.07 26.50 64.20
C GLN D 261 12.63 26.58 63.70
N TYR D 262 12.49 26.98 62.44
CA TYR D 262 11.19 27.02 61.77
C TYR D 262 10.46 25.67 61.85
N TYR D 263 11.15 24.61 61.43
CA TYR D 263 10.57 23.28 61.48
C TYR D 263 10.30 22.82 62.91
N MET D 264 11.26 23.07 63.82
CA MET D 264 11.12 22.68 65.21
C MET D 264 9.98 23.42 65.89
N GLY D 265 9.70 24.63 65.44
CA GLY D 265 8.54 25.40 65.88
C GLY D 265 7.25 24.74 65.42
N LEU D 266 7.21 24.35 64.15
CA LEU D 266 6.04 23.70 63.58
C LEU D 266 5.77 22.35 64.27
N ALA D 267 6.84 21.57 64.45
CA ALA D 267 6.77 20.29 65.15
C ALA D 267 6.18 20.42 66.56
N GLU D 268 6.61 21.44 67.31
CA GLU D 268 6.10 21.66 68.66
C GLU D 268 4.57 21.84 68.68
N GLU D 269 4.05 22.61 67.73
CA GLU D 269 2.63 22.96 67.70
C GLU D 269 1.79 21.79 67.26
N LEU D 270 2.36 20.99 66.37
CA LEU D 270 1.67 19.82 65.86
C LEU D 270 1.64 18.73 66.93
N VAL D 271 2.75 18.56 67.64
CA VAL D 271 2.80 17.61 68.75
C VAL D 271 1.79 18.01 69.83
N ARG D 272 1.82 19.28 70.24
CA ARG D 272 0.84 19.86 71.14
C ARG D 272 -0.60 19.56 70.70
N ALA D 273 -0.84 19.66 69.40
CA ALA D 273 -2.15 19.40 68.83
C ALA D 273 -2.51 17.92 68.76
N GLY D 274 -1.56 17.04 69.07
CA GLY D 274 -1.84 15.62 69.29
C GLY D 274 -1.83 14.69 68.10
N THR D 275 -0.79 14.81 67.27
CA THR D 275 -0.55 13.84 66.21
C THR D 275 -0.04 12.52 66.82
N HIS D 276 -0.30 11.40 66.15
CA HIS D 276 0.23 10.11 66.63
C HIS D 276 1.65 9.87 66.13
N ILE D 277 1.81 9.96 64.81
CA ILE D 277 3.14 9.92 64.19
C ILE D 277 3.42 11.30 63.64
N LEU D 278 4.68 11.74 63.68
CA LEU D 278 5.05 12.98 63.01
C LEU D 278 5.97 12.73 61.83
N CYS D 279 5.67 13.41 60.72
CA CYS D 279 6.31 13.14 59.45
C CYS D 279 6.93 14.36 58.77
N ILE D 280 8.13 14.15 58.22
CA ILE D 280 8.78 15.14 57.38
C ILE D 280 8.57 14.74 55.91
N KCX D 281 7.87 15.58 55.15
CA KCX D 281 7.54 15.27 53.78
CB KCX D 281 6.07 15.63 53.50
CG KCX D 281 5.57 15.18 52.14
CD KCX D 281 4.27 15.85 51.81
CE KCX D 281 3.95 15.71 50.36
NZ KCX D 281 3.55 14.32 50.05
C KCX D 281 8.47 16.02 52.82
O KCX D 281 8.33 17.23 52.66
CX KCX D 281 4.25 13.44 49.33
OQ1 KCX D 281 3.76 12.33 49.14
OQ2 KCX D 281 5.37 13.69 48.82
N ASP D 282 9.38 15.29 52.20
CA ASP D 282 10.39 15.90 51.36
C ASP D 282 10.06 15.60 49.91
N MET D 283 8.99 16.22 49.43
CA MET D 283 8.49 16.02 48.08
C MET D 283 9.54 16.18 46.97
N ALA D 284 10.45 17.12 47.12
CA ALA D 284 11.33 17.48 46.02
C ALA D 284 12.68 16.80 46.05
N GLY D 285 12.92 15.97 47.06
CA GLY D 285 14.21 15.30 47.24
C GLY D 285 15.29 16.27 47.69
N LEU D 286 14.95 17.11 48.67
CA LEU D 286 15.82 18.18 49.11
C LEU D 286 16.59 17.89 50.39
N LEU D 287 16.33 16.76 51.04
CA LEU D 287 17.07 16.36 52.22
C LEU D 287 18.43 15.75 51.87
N LYS D 288 19.52 16.37 52.31
CA LYS D 288 20.86 15.77 52.21
C LYS D 288 21.27 15.22 53.57
N PRO D 289 22.21 14.25 53.60
CA PRO D 289 22.63 13.61 54.85
C PRO D 289 22.73 14.54 56.07
N THR D 290 23.61 15.56 56.00
CA THR D 290 23.84 16.42 57.16
C THR D 290 22.62 17.22 57.60
N ALA D 291 21.63 17.38 56.72
CA ALA D 291 20.41 18.08 57.10
C ALA D 291 19.47 17.14 57.84
N CYS D 292 19.51 15.86 57.48
CA CYS D 292 18.72 14.85 58.16
C CYS D 292 19.22 14.72 59.58
N THR D 293 20.47 14.26 59.72
CA THR D 293 21.17 14.15 60.99
C THR D 293 20.79 15.27 61.96
N MET D 294 20.85 16.50 61.47
CA MET D 294 20.54 17.68 62.26
C MET D 294 19.06 17.79 62.61
N LEU D 295 18.19 17.48 61.65
CA LEU D 295 16.75 17.60 61.83
C LEU D 295 16.21 16.45 62.66
N VAL D 296 16.65 15.24 62.34
CA VAL D 296 16.27 14.05 63.12
C VAL D 296 16.76 14.17 64.58
N SER D 297 18.06 14.44 64.77
CA SER D 297 18.61 14.59 66.11
C SER D 297 17.81 15.57 66.94
N SER D 298 17.57 16.76 66.38
CA SER D 298 16.84 17.80 67.10
C SER D 298 15.39 17.43 67.42
N LEU D 299 14.78 16.63 66.55
CA LEU D 299 13.43 16.13 66.78
C LEU D 299 13.40 15.01 67.81
N ARG D 300 14.37 14.10 67.73
CA ARG D 300 14.54 13.02 68.70
C ARG D 300 14.98 13.54 70.08
N ASP D 301 15.79 14.60 70.09
CA ASP D 301 16.13 15.31 71.31
C ASP D 301 14.89 15.88 71.99
N ARG D 302 13.99 16.45 71.19
CA ARG D 302 12.85 17.19 71.73
C ARG D 302 11.67 16.28 72.05
N PHE D 303 11.46 15.26 71.22
CA PHE D 303 10.39 14.31 71.46
C PHE D 303 10.93 12.88 71.38
N PRO D 304 11.29 12.31 72.52
CA PRO D 304 11.92 11.00 72.53
C PRO D 304 10.93 9.87 72.28
N ASP D 305 9.65 10.09 72.60
CA ASP D 305 8.64 9.04 72.46
C ASP D 305 7.87 9.09 71.13
N LEU D 306 8.20 10.07 70.30
CA LEU D 306 7.48 10.29 69.05
C LEU D 306 8.08 9.52 67.88
N PRO D 307 7.25 8.73 67.20
CA PRO D 307 7.69 8.00 66.04
C PRO D 307 7.88 8.95 64.88
N LEU D 308 9.10 9.00 64.36
CA LEU D 308 9.42 9.86 63.24
C LEU D 308 9.32 9.07 61.93
N HIS D 309 8.54 9.61 61.00
CA HIS D 309 8.32 9.00 59.69
C HIS D 309 8.88 9.95 58.65
N ILE D 310 9.89 9.49 57.89
CA ILE D 310 10.54 10.34 56.91
C ILE D 310 10.22 9.87 55.50
N HIS D 311 9.95 10.83 54.62
CA HIS D 311 9.57 10.59 53.23
C HIS D 311 10.48 11.39 52.31
N THR D 312 10.98 10.76 51.25
CA THR D 312 11.79 11.50 50.30
C THR D 312 11.64 11.00 48.86
N HIS D 313 12.02 11.86 47.92
CA HIS D 313 12.18 11.47 46.54
C HIS D 313 13.67 11.46 46.21
N ASP D 314 14.03 10.83 45.11
CA ASP D 314 15.41 10.56 44.79
C ASP D 314 15.91 11.50 43.69
N THR D 315 15.13 12.53 43.39
CA THR D 315 15.41 13.42 42.24
C THR D 315 16.83 14.01 42.18
N SER D 316 17.53 14.09 43.31
CA SER D 316 18.86 14.69 43.36
C SER D 316 19.96 13.65 43.37
N GLY D 317 19.58 12.41 43.60
CA GLY D 317 20.56 11.33 43.67
C GLY D 317 20.99 11.00 45.09
N ALA D 318 20.37 11.64 46.08
CA ALA D 318 20.85 11.60 47.47
C ALA D 318 19.97 10.76 48.41
N GLY D 319 18.85 10.25 47.89
CA GLY D 319 17.78 9.65 48.69
C GLY D 319 18.15 8.51 49.62
N VAL D 320 18.82 7.49 49.08
CA VAL D 320 19.29 6.39 49.92
C VAL D 320 20.17 6.97 51.03
N ALA D 321 21.12 7.81 50.67
CA ALA D 321 22.01 8.41 51.65
C ALA D 321 21.27 9.23 52.71
N ALA D 322 20.28 10.01 52.28
CA ALA D 322 19.53 10.84 53.24
C ALA D 322 18.86 9.95 54.26
N MET D 323 18.28 8.86 53.76
CA MET D 323 17.48 7.96 54.59
C MET D 323 18.35 7.18 55.55
N LEU D 324 19.58 6.89 55.14
CA LEU D 324 20.52 6.21 56.02
C LEU D 324 20.95 7.15 57.13
N ALA D 325 21.23 8.41 56.79
CA ALA D 325 21.54 9.39 57.82
C ALA D 325 20.34 9.56 58.75
N CYS D 326 19.14 9.61 58.17
CA CYS D 326 17.92 9.71 58.96
C CYS D 326 17.81 8.57 59.96
N ALA D 327 18.03 7.35 59.48
CA ALA D 327 17.96 6.16 60.32
C ALA D 327 19.01 6.19 61.44
N GLN D 328 20.25 6.51 61.06
CA GLN D 328 21.36 6.49 62.01
C GLN D 328 21.15 7.56 63.09
N ALA D 329 20.25 8.51 62.83
CA ALA D 329 20.01 9.59 63.77
C ALA D 329 18.78 9.35 64.66
N GLY D 330 18.09 8.24 64.43
CA GLY D 330 16.92 7.89 65.24
C GLY D 330 15.56 7.90 64.55
N ALA D 331 15.53 8.01 63.22
CA ALA D 331 14.27 7.88 62.48
C ALA D 331 13.62 6.48 62.69
N ASP D 332 12.29 6.47 62.80
CA ASP D 332 11.55 5.22 62.99
C ASP D 332 11.14 4.56 61.68
N VAL D 333 10.65 5.36 60.73
CA VAL D 333 10.19 4.86 59.44
C VAL D 333 10.74 5.72 58.30
N VAL D 334 11.28 5.08 57.27
CA VAL D 334 11.63 5.77 56.02
C VAL D 334 10.85 5.12 54.87
N ASP D 335 10.52 5.91 53.85
CA ASP D 335 9.71 5.43 52.73
C ASP D 335 10.58 4.91 51.60
N VAL D 336 10.23 3.75 51.07
CA VAL D 336 10.91 3.19 49.91
C VAL D 336 9.89 2.66 48.91
N ALA D 337 10.38 2.32 47.72
CA ALA D 337 9.57 1.67 46.71
C ALA D 337 10.36 0.49 46.14
N ALA D 338 9.66 -0.50 45.59
CA ALA D 338 10.32 -1.60 44.93
C ALA D 338 11.39 -1.10 43.96
N ASP D 339 12.50 -1.82 43.86
CA ASP D 339 13.67 -1.39 43.08
C ASP D 339 13.35 -0.93 41.67
N SER D 340 12.53 -1.72 40.98
CA SER D 340 12.20 -1.49 39.57
C SER D 340 11.24 -0.33 39.37
N MET D 341 10.68 0.16 40.48
CA MET D 341 9.84 1.34 40.51
C MET D 341 10.49 2.40 41.37
N SER D 342 11.82 2.39 41.49
CA SER D 342 12.52 3.31 42.39
C SER D 342 13.52 4.18 41.67
N GLY D 343 14.19 5.05 42.43
CA GLY D 343 15.14 6.01 41.87
C GLY D 343 14.47 7.14 41.12
N MET D 344 15.27 8.09 40.66
CA MET D 344 14.77 9.20 39.83
C MET D 344 13.77 10.05 40.59
N THR D 345 12.55 10.26 40.08
CA THR D 345 11.63 11.13 40.85
C THR D 345 10.79 10.32 41.84
N SER D 346 11.12 9.04 42.00
CA SER D 346 10.39 8.14 42.88
C SER D 346 11.00 8.17 44.29
N GLN D 347 10.62 7.19 45.10
CA GLN D 347 11.28 6.97 46.38
C GLN D 347 12.63 6.24 46.21
N PRO D 348 13.48 6.27 47.24
CA PRO D 348 14.71 5.44 47.27
C PRO D 348 14.45 3.93 47.15
N SER D 349 15.42 3.22 46.57
CA SER D 349 15.40 1.77 46.44
C SER D 349 15.07 1.07 47.77
N MET D 350 14.10 0.17 47.73
CA MET D 350 13.86 -0.73 48.83
C MET D 350 15.09 -1.62 49.03
N GLY D 351 15.57 -2.21 47.94
CA GLY D 351 16.72 -3.10 47.99
C GLY D 351 17.90 -2.45 48.68
N ALA D 352 18.13 -1.17 48.38
CA ALA D 352 19.27 -0.43 48.93
C ALA D 352 19.14 -0.24 50.43
N LEU D 353 17.95 0.05 50.92
CA LEU D 353 17.76 0.24 52.36
C LEU D 353 17.95 -1.09 53.08
N VAL D 354 17.17 -2.09 52.68
CA VAL D 354 17.26 -3.40 53.29
C VAL D 354 18.73 -3.85 53.33
N ALA D 355 19.40 -3.79 52.19
CA ALA D 355 20.79 -4.27 52.11
C ALA D 355 21.76 -3.46 52.93
N CYS D 356 21.55 -2.15 53.02
CA CYS D 356 22.48 -1.27 53.73
C CYS D 356 22.31 -1.23 55.25
N THR D 357 21.14 -1.63 55.75
CA THR D 357 20.89 -1.67 57.19
C THR D 357 21.24 -3.02 57.82
N ARG D 358 21.40 -4.05 56.99
CA ARG D 358 21.74 -5.40 57.45
C ARG D 358 23.07 -5.41 58.17
N GLY D 359 23.13 -6.05 59.33
CA GLY D 359 24.35 -6.10 60.14
C GLY D 359 24.51 -4.91 61.08
N THR D 360 23.49 -4.08 61.18
CA THR D 360 23.51 -2.87 62.00
C THR D 360 22.28 -2.90 62.88
N PRO D 361 22.28 -2.19 64.02
CA PRO D 361 21.05 -2.01 64.81
C PRO D 361 19.84 -1.57 63.98
N LEU D 362 20.09 -0.81 62.91
CA LEU D 362 19.02 -0.29 62.04
C LEU D 362 18.33 -1.34 61.17
N ASP D 363 18.90 -2.55 61.13
CA ASP D 363 18.41 -3.71 60.37
C ASP D 363 16.88 -3.81 60.20
N THR D 364 16.43 -3.90 58.95
CA THR D 364 15.00 -3.97 58.62
C THR D 364 14.50 -5.39 58.85
N GLU D 365 15.41 -6.36 58.68
CA GLU D 365 15.14 -7.81 58.79
C GLU D 365 14.30 -8.42 57.66
N VAL D 366 14.07 -7.63 56.60
CA VAL D 366 13.38 -8.10 55.42
C VAL D 366 14.38 -8.90 54.56
N PRO D 367 14.09 -10.16 54.29
CA PRO D 367 15.00 -10.97 53.49
C PRO D 367 15.11 -10.46 52.05
N MET D 368 16.35 -10.28 51.59
CA MET D 368 16.61 -9.82 50.23
C MET D 368 15.82 -10.59 49.17
N GLU D 369 15.93 -11.91 49.22
CA GLU D 369 15.29 -12.79 48.25
C GLU D 369 13.82 -12.43 48.01
N ARG D 370 13.20 -11.74 48.96
CA ARG D 370 11.80 -11.37 48.84
C ARG D 370 11.59 -10.06 48.08
N VAL D 371 12.30 -9.00 48.48
CA VAL D 371 12.28 -7.77 47.71
C VAL D 371 12.63 -8.03 46.24
N PHE D 372 13.68 -8.80 45.96
CA PHE D 372 13.98 -9.25 44.59
C PHE D 372 12.69 -9.60 43.84
N ASP D 373 11.97 -10.60 44.35
CA ASP D 373 10.72 -11.09 43.75
C ASP D 373 9.65 -9.99 43.56
N TYR D 374 9.58 -9.05 44.48
CA TYR D 374 8.59 -7.99 44.44
C TYR D 374 8.95 -6.99 43.34
N SER D 375 10.18 -6.51 43.38
CA SER D 375 10.77 -5.71 42.31
C SER D 375 10.61 -6.41 40.96
N GLU D 376 10.82 -7.72 40.94
CA GLU D 376 10.72 -8.45 39.70
C GLU D 376 9.31 -8.39 39.10
N TYR D 377 8.28 -8.51 39.93
CA TYR D 377 6.91 -8.37 39.46
C TYR D 377 6.69 -7.01 38.85
N TRP D 378 7.18 -5.98 39.54
CA TRP D 378 6.96 -4.62 39.12
C TRP D 378 7.69 -4.28 37.85
N GLU D 379 8.78 -5.00 37.59
CA GLU D 379 9.52 -4.81 36.35
C GLU D 379 8.58 -5.14 35.20
N GLY D 380 7.88 -6.26 35.33
CA GLY D 380 6.92 -6.68 34.33
C GLY D 380 5.72 -5.77 34.29
N ALA D 381 5.18 -5.46 35.46
CA ALA D 381 4.00 -4.62 35.52
C ALA D 381 4.28 -3.23 34.91
N ARG D 382 5.45 -2.67 35.19
CA ARG D 382 5.82 -1.38 34.60
C ARG D 382 5.88 -1.41 33.07
N GLY D 383 6.28 -2.55 32.49
CA GLY D 383 6.32 -2.71 31.05
C GLY D 383 4.94 -2.58 30.41
N LEU D 384 3.88 -2.66 31.21
CA LEU D 384 2.54 -2.62 30.66
C LEU D 384 2.14 -1.17 30.44
N TYR D 385 2.88 -0.27 31.10
CA TYR D 385 2.57 1.15 31.09
C TYR D 385 3.57 1.98 30.31
N ALA D 386 4.16 1.36 29.28
CA ALA D 386 5.19 2.00 28.47
C ALA D 386 4.74 3.35 27.92
N ALA D 387 3.44 3.49 27.71
CA ALA D 387 2.87 4.68 27.09
C ALA D 387 2.99 5.87 27.99
N PHE D 388 3.34 5.61 29.25
CA PHE D 388 3.32 6.61 30.31
C PHE D 388 4.64 6.63 31.06
N ASP D 389 5.59 5.84 30.62
CA ASP D 389 6.86 5.77 31.31
C ASP D 389 7.61 7.06 31.11
N CYS D 390 7.98 7.69 32.23
CA CYS D 390 8.76 8.90 32.16
C CYS D 390 10.13 8.67 31.51
N THR D 391 10.66 7.45 31.64
CA THR D 391 11.98 7.10 31.04
C THR D 391 11.99 7.22 29.53
N ALA D 392 10.83 7.40 28.94
CA ALA D 392 10.76 7.78 27.54
C ALA D 392 11.58 9.07 27.29
N THR D 393 11.66 9.94 28.29
CA THR D 393 12.50 11.15 28.16
C THR D 393 13.50 11.37 29.31
N MET D 394 13.05 11.13 30.54
CA MET D 394 13.94 11.11 31.70
C MET D 394 14.73 9.80 31.81
N LYS D 395 16.03 9.87 31.46
CA LYS D 395 16.92 8.72 31.62
C LYS D 395 17.66 8.74 32.96
N SER D 396 17.50 9.80 33.74
CA SER D 396 18.19 9.90 35.02
C SER D 396 17.59 10.95 35.98
N GLY D 397 18.20 11.07 37.16
CA GLY D 397 17.90 12.14 38.10
C GLY D 397 18.60 13.42 37.70
N ASN D 398 18.46 14.45 38.54
CA ASN D 398 18.98 15.75 38.23
C ASN D 398 19.16 16.57 39.49
N SER D 399 20.41 16.90 39.83
CA SER D 399 20.64 17.63 41.08
C SER D 399 20.11 19.05 40.97
N ASP D 400 19.69 19.43 39.76
CA ASP D 400 19.25 20.81 39.52
C ASP D 400 17.95 21.12 40.24
N VAL D 401 17.39 20.11 40.89
CA VAL D 401 16.26 20.29 41.82
C VAL D 401 16.60 21.24 42.94
N TYR D 402 17.86 21.23 43.39
CA TYR D 402 18.32 22.11 44.47
C TYR D 402 18.06 23.55 44.08
N GLU D 403 18.20 23.83 42.79
CA GLU D 403 17.95 25.14 42.23
C GLU D 403 16.45 25.37 41.99
N ASN D 404 15.78 24.48 41.25
CA ASN D 404 14.36 24.67 40.90
C ASN D 404 13.29 24.25 41.92
N GLU D 405 13.58 23.24 42.74
CA GLU D 405 12.67 22.81 43.83
C GLU D 405 11.31 22.29 43.34
N ILE D 406 11.32 21.67 42.16
CA ILE D 406 10.12 21.09 41.58
C ILE D 406 9.94 19.68 42.15
N PRO D 407 8.82 19.39 42.81
CA PRO D 407 8.67 18.10 43.47
C PRO D 407 8.47 16.99 42.44
N GLY D 408 8.97 15.81 42.79
CA GLY D 408 9.06 14.64 41.91
C GLY D 408 7.99 14.51 40.86
N GLY D 409 6.79 14.11 41.28
CA GLY D 409 5.60 14.06 40.42
C GLY D 409 5.55 15.13 39.33
N GLN D 410 5.43 16.39 39.75
CA GLN D 410 5.35 17.49 38.80
C GLN D 410 6.52 17.53 37.82
N TYR D 411 7.74 17.39 38.34
CA TYR D 411 8.97 17.44 37.56
C TYR D 411 8.88 16.54 36.33
N THR D 412 8.39 15.34 36.54
CA THR D 412 8.31 14.39 35.46
C THR D 412 7.22 14.73 34.42
N ASN D 413 6.18 15.45 34.84
CA ASN D 413 5.10 15.89 33.92
C ASN D 413 5.55 17.05 33.07
N LEU D 414 6.01 18.11 33.72
CA LEU D 414 6.55 19.28 33.01
C LEU D 414 7.60 18.85 31.99
N HIS D 415 8.60 18.09 32.44
CA HIS D 415 9.66 17.53 31.59
C HIS D 415 9.07 16.79 30.40
N PHE D 416 8.09 15.91 30.67
CA PHE D 416 7.42 15.16 29.62
C PHE D 416 6.93 16.15 28.58
N GLN D 417 6.03 17.01 29.03
CA GLN D 417 5.30 17.92 28.17
C GLN D 417 6.19 18.76 27.22
N ALA D 418 7.31 19.25 27.75
CA ALA D 418 8.25 20.11 27.00
C ALA D 418 9.17 19.35 26.01
N HIS D 419 9.61 18.15 26.39
CA HIS D 419 10.36 17.28 25.49
C HIS D 419 9.43 16.72 24.43
N SER D 420 8.48 15.89 24.85
CA SER D 420 7.57 15.14 23.95
C SER D 420 6.77 15.99 22.95
N MET D 421 6.36 17.17 23.39
CA MET D 421 5.68 18.14 22.52
C MET D 421 6.64 19.30 22.23
N GLY D 422 6.87 19.54 20.94
CA GLY D 422 7.84 20.53 20.51
C GLY D 422 9.23 19.94 20.45
N LEU D 423 10.18 20.56 21.14
CA LEU D 423 11.57 20.11 21.19
C LEU D 423 12.00 20.00 22.66
N GLY D 424 12.94 19.10 22.95
CA GLY D 424 13.43 18.84 24.32
C GLY D 424 13.66 20.00 25.28
N SER D 425 14.38 21.03 24.81
CA SER D 425 14.91 22.10 25.69
C SER D 425 14.01 23.31 26.06
N LYS D 426 12.71 23.23 25.75
CA LYS D 426 11.73 24.27 26.17
C LYS D 426 11.56 24.20 27.69
N PHE D 427 11.81 23.02 28.23
CA PHE D 427 11.80 22.75 29.65
C PHE D 427 12.67 23.74 30.43
N LYS D 428 13.90 23.97 29.96
CA LYS D 428 14.85 24.85 30.65
C LYS D 428 14.26 26.23 30.94
N GLU D 429 13.54 26.78 29.96
CA GLU D 429 12.83 28.05 30.10
C GLU D 429 11.72 27.94 31.15
N VAL D 430 10.95 26.86 31.08
CA VAL D 430 9.94 26.54 32.10
C VAL D 430 10.56 26.43 33.50
N LYS D 431 11.70 25.75 33.61
CA LYS D 431 12.40 25.66 34.90
C LYS D 431 12.84 27.03 35.39
N LYS D 432 13.45 27.83 34.52
CA LYS D 432 13.84 29.17 34.91
C LYS D 432 12.61 29.98 35.29
N ALA D 433 11.49 29.71 34.62
CA ALA D 433 10.25 30.41 34.90
C ALA D 433 9.71 29.99 36.27
N TYR D 434 9.75 28.68 36.52
CA TYR D 434 9.36 28.10 37.79
C TYR D 434 10.15 28.71 38.95
N VAL D 435 11.45 28.97 38.76
CA VAL D 435 12.25 29.56 39.84
C VAL D 435 11.83 31.00 40.09
N GLU D 436 11.56 31.73 39.02
CA GLU D 436 11.14 33.12 39.14
C GLU D 436 9.73 33.17 39.73
N ALA D 437 8.87 32.27 39.29
CA ALA D 437 7.49 32.19 39.78
C ALA D 437 7.42 31.94 41.28
N ASN D 438 8.33 31.08 41.78
CA ASN D 438 8.51 30.85 43.20
C ASN D 438 8.81 32.15 43.95
N GLN D 439 9.77 32.93 43.43
CA GLN D 439 10.14 34.22 44.01
C GLN D 439 9.00 35.21 43.92
N MET D 440 8.38 35.22 42.75
CA MET D 440 7.29 36.11 42.41
C MET D 440 6.11 35.91 43.35
N LEU D 441 5.85 34.66 43.73
CA LEU D 441 4.74 34.32 44.61
C LEU D 441 5.13 34.28 46.09
N GLY D 442 6.34 34.72 46.42
CA GLY D 442 6.78 34.91 47.81
C GLY D 442 7.77 33.90 48.37
N ASP D 443 8.45 33.18 47.48
CA ASP D 443 9.37 32.11 47.87
C ASP D 443 8.66 31.06 48.72
N LEU D 444 7.88 30.20 48.05
CA LEU D 444 6.94 29.31 48.71
C LEU D 444 7.48 27.90 48.92
N ILE D 445 6.86 27.19 49.88
CA ILE D 445 6.89 25.73 49.94
C ILE D 445 6.03 25.17 48.79
N LYS D 446 6.61 24.31 47.96
CA LYS D 446 5.93 23.88 46.74
C LYS D 446 5.50 22.43 46.72
N VAL D 447 4.26 22.21 47.15
CA VAL D 447 3.55 20.91 47.07
C VAL D 447 2.13 21.15 46.56
N THR D 448 1.33 20.10 46.48
CA THR D 448 -0.01 20.26 45.93
C THR D 448 -0.94 20.97 46.93
N PRO D 449 -1.74 21.95 46.50
CA PRO D 449 -1.71 22.55 45.15
C PRO D 449 -0.64 23.60 44.85
N SER D 450 -0.04 24.23 45.86
CA SER D 450 0.87 25.38 45.63
C SER D 450 1.90 25.22 44.51
N SER D 451 2.37 24.00 44.30
CA SER D 451 3.32 23.72 43.21
C SER D 451 2.62 23.73 41.85
N LYS D 452 1.35 23.36 41.84
CA LYS D 452 0.52 23.42 40.64
C LYS D 452 0.24 24.89 40.32
N ILE D 453 0.13 25.70 41.37
CA ILE D 453 -0.08 27.13 41.22
C ILE D 453 1.17 27.79 40.61
N VAL D 454 2.33 27.47 41.17
CA VAL D 454 3.60 28.02 40.70
C VAL D 454 3.84 27.61 39.24
N GLY D 455 3.59 26.34 38.93
CA GLY D 455 3.72 25.85 37.56
C GLY D 455 2.75 26.53 36.61
N ASP D 456 1.53 26.76 37.09
CA ASP D 456 0.51 27.49 36.34
C ASP D 456 1.01 28.86 35.92
N LEU D 457 1.72 29.51 36.83
CA LEU D 457 2.28 30.83 36.55
C LEU D 457 3.48 30.75 35.61
N ALA D 458 4.30 29.70 35.79
CA ALA D 458 5.48 29.50 34.96
C ALA D 458 5.07 29.18 33.53
N GLN D 459 4.21 28.17 33.36
CA GLN D 459 3.65 27.88 32.04
C GLN D 459 3.10 29.15 31.38
N PHE D 460 2.43 29.98 32.16
CA PHE D 460 1.85 31.25 31.68
C PHE D 460 2.90 32.22 31.15
N MET D 461 4.03 32.33 31.86
CA MET D 461 5.07 33.30 31.51
C MET D 461 5.77 32.95 30.20
N VAL D 462 5.89 31.65 29.93
CA VAL D 462 6.57 31.18 28.72
C VAL D 462 5.67 31.24 27.50
N GLN D 463 4.37 30.98 27.70
CA GLN D 463 3.36 31.20 26.65
C GLN D 463 3.44 32.60 26.07
N ASN D 464 3.81 33.56 26.91
CA ASN D 464 3.77 34.98 26.56
C ASN D 464 5.13 35.64 26.42
N GLY D 465 6.20 34.90 26.71
CA GLY D 465 7.54 35.47 26.68
C GLY D 465 7.68 36.60 27.67
N LEU D 466 7.35 36.31 28.92
CA LEU D 466 7.38 37.28 29.99
C LEU D 466 8.49 36.99 30.99
N SER D 467 9.43 37.93 31.12
CA SER D 467 10.44 37.86 32.16
C SER D 467 9.76 38.07 33.50
N ARG D 468 10.40 37.60 34.57
CA ARG D 468 9.95 37.91 35.92
C ARG D 468 9.69 39.42 36.09
N ALA D 469 10.63 40.21 35.57
CA ALA D 469 10.59 41.65 35.68
C ALA D 469 9.55 42.25 34.73
N GLU D 470 9.31 41.56 33.61
CA GLU D 470 8.29 41.96 32.65
C GLU D 470 6.90 41.72 33.25
N ALA D 471 6.70 40.53 33.80
CA ALA D 471 5.41 40.07 34.31
C ALA D 471 4.90 40.85 35.52
N GLU D 472 5.81 41.22 36.41
CA GLU D 472 5.47 42.03 37.57
C GLU D 472 5.11 43.46 37.16
N ALA D 473 5.89 43.99 36.23
CA ALA D 473 5.65 45.32 35.67
C ALA D 473 4.31 45.39 34.93
N GLN D 474 3.80 44.24 34.52
CA GLN D 474 2.56 44.16 33.76
C GLN D 474 1.36 43.66 34.56
N ALA D 475 1.58 43.31 35.83
CA ALA D 475 0.59 42.64 36.67
C ALA D 475 -0.83 43.21 36.58
N GLU D 476 -0.93 44.53 36.52
CA GLU D 476 -2.22 45.21 36.56
C GLU D 476 -3.08 44.96 35.32
N GLU D 477 -2.43 44.67 34.18
CA GLU D 477 -3.16 44.45 32.92
C GLU D 477 -3.31 42.98 32.55
N LEU D 478 -2.34 42.16 32.95
CA LEU D 478 -2.33 40.73 32.62
C LEU D 478 -3.38 39.97 33.40
N SER D 479 -4.15 39.14 32.70
CA SER D 479 -5.04 38.20 33.37
C SER D 479 -4.27 36.91 33.64
N PHE D 480 -3.94 36.70 34.90
CA PHE D 480 -3.21 35.51 35.32
C PHE D 480 -4.16 34.32 35.42
N PRO D 481 -3.61 33.10 35.32
CA PRO D 481 -4.41 31.88 35.45
C PRO D 481 -5.26 31.88 36.72
N ARG D 482 -6.44 31.26 36.66
CA ARG D 482 -7.35 31.32 37.79
C ARG D 482 -6.73 30.81 39.08
N SER D 483 -6.05 29.68 39.03
CA SER D 483 -5.43 29.10 40.22
C SER D 483 -4.50 30.09 40.91
N VAL D 484 -3.80 30.90 40.10
CA VAL D 484 -2.95 31.97 40.61
C VAL D 484 -3.82 33.05 41.27
N VAL D 485 -4.68 33.71 40.50
CA VAL D 485 -5.51 34.76 41.09
C VAL D 485 -6.20 34.26 42.37
N GLU D 486 -6.65 33.00 42.35
CA GLU D 486 -7.33 32.41 43.50
C GLU D 486 -6.40 32.19 44.68
N PHE D 487 -5.17 31.79 44.41
CA PHE D 487 -4.18 31.58 45.48
C PHE D 487 -3.88 32.90 46.18
N LEU D 488 -3.80 33.98 45.40
CA LEU D 488 -3.52 35.28 45.95
C LEU D 488 -4.69 35.79 46.79
N GLN D 489 -5.91 35.53 46.31
CA GLN D 489 -7.14 35.69 47.11
C GLN D 489 -7.06 34.95 48.44
N GLY D 490 -6.16 33.98 48.51
CA GLY D 490 -5.95 33.19 49.72
C GLY D 490 -6.92 32.05 49.88
N TYR D 491 -7.25 31.36 48.79
CA TYR D 491 -8.20 30.23 48.82
C TYR D 491 -7.61 28.99 49.44
N ILE D 492 -6.30 28.83 49.35
CA ILE D 492 -5.64 27.67 49.94
C ILE D 492 -4.81 28.01 51.17
N GLY D 493 -5.04 29.20 51.72
CA GLY D 493 -4.46 29.59 53.02
C GLY D 493 -3.39 30.64 52.91
N VAL D 494 -2.79 30.97 54.05
CA VAL D 494 -1.78 32.04 54.17
C VAL D 494 -0.37 31.44 54.22
N PRO D 495 0.57 31.96 53.41
CA PRO D 495 1.92 31.41 53.37
C PRO D 495 2.76 31.91 54.55
N HIS D 496 3.92 31.31 54.77
CA HIS D 496 4.86 31.81 55.74
C HIS D 496 5.47 33.08 55.16
N GLY D 497 5.45 34.16 55.95
CA GLY D 497 5.58 35.51 55.41
C GLY D 497 4.26 35.85 54.74
N GLY D 498 4.05 37.12 54.42
CA GLY D 498 2.80 37.49 53.75
C GLY D 498 2.75 36.98 52.31
N PHE D 499 1.76 37.43 51.56
CA PHE D 499 1.81 37.34 50.13
C PHE D 499 2.71 38.48 49.62
N PRO D 500 3.49 38.25 48.56
CA PRO D 500 4.30 39.33 47.96
C PRO D 500 3.38 40.50 47.64
N GLU D 501 3.57 41.60 48.35
CA GLU D 501 2.49 42.59 48.48
C GLU D 501 2.40 43.73 47.46
N PRO D 502 3.49 44.14 46.80
CA PRO D 502 3.33 45.09 45.70
C PRO D 502 2.54 44.39 44.56
N PHE D 503 2.77 43.09 44.41
CA PHE D 503 2.27 42.29 43.29
C PHE D 503 0.87 41.71 43.49
N ARG D 504 0.56 41.28 44.71
CA ARG D 504 -0.74 40.70 45.04
C ARG D 504 -1.88 41.71 44.93
N SER D 505 -1.65 42.92 45.39
CA SER D 505 -2.71 43.93 45.42
C SER D 505 -3.10 44.45 44.04
N LYS D 506 -2.19 44.34 43.08
CA LYS D 506 -2.47 44.78 41.71
C LYS D 506 -2.96 43.65 40.80
N VAL D 507 -2.75 42.40 41.20
CA VAL D 507 -3.36 41.26 40.51
C VAL D 507 -4.82 41.12 40.94
N LEU D 508 -5.07 41.32 42.24
CA LEU D 508 -6.43 41.19 42.78
C LEU D 508 -7.24 42.43 42.43
N LYS D 509 -6.77 43.60 42.88
CA LYS D 509 -7.43 44.88 42.66
C LYS D 509 -8.96 44.83 42.70
N ASP D 510 -9.50 44.86 43.91
CA ASP D 510 -10.96 44.94 44.15
C ASP D 510 -11.66 43.59 44.35
N LEU D 511 -10.96 42.50 44.03
CA LEU D 511 -11.50 41.18 44.29
C LEU D 511 -11.42 40.86 45.78
N PRO D 512 -12.42 40.14 46.30
CA PRO D 512 -12.48 39.78 47.71
C PRO D 512 -11.27 38.98 48.20
N ARG D 513 -10.84 39.23 49.43
CA ARG D 513 -9.82 38.42 50.08
C ARG D 513 -10.45 37.50 51.12
N VAL D 514 -9.82 36.35 51.35
CA VAL D 514 -10.29 35.41 52.36
C VAL D 514 -9.53 35.73 53.64
N GLU D 515 -10.27 36.00 54.73
CA GLU D 515 -9.61 36.38 55.98
C GLU D 515 -8.83 35.23 56.60
N GLY D 516 -9.50 34.36 57.34
CA GLY D 516 -8.79 33.37 58.14
C GLY D 516 -8.41 32.09 57.42
N ARG D 517 -8.54 30.99 58.15
CA ARG D 517 -8.49 29.67 57.60
C ARG D 517 -9.70 29.58 56.68
N PRO D 518 -9.49 29.36 55.38
CA PRO D 518 -10.57 29.42 54.38
C PRO D 518 -11.80 28.60 54.77
N GLY D 519 -11.58 27.45 55.41
CA GLY D 519 -12.68 26.60 55.89
C GLY D 519 -13.66 27.32 56.81
N ALA D 520 -13.15 28.31 57.55
CA ALA D 520 -13.94 29.06 58.52
C ALA D 520 -15.11 29.83 57.89
N SER D 521 -14.88 30.39 56.71
CA SER D 521 -15.94 31.12 55.99
C SER D 521 -16.69 30.22 54.98
N LEU D 522 -15.98 29.25 54.40
CA LEU D 522 -16.59 28.30 53.48
C LEU D 522 -17.76 27.54 54.14
N PRO D 523 -18.97 27.76 53.66
CA PRO D 523 -20.16 27.12 54.22
C PRO D 523 -20.21 25.61 53.94
N PRO D 524 -20.81 24.84 54.86
CA PRO D 524 -20.89 23.40 54.71
C PRO D 524 -21.74 22.99 53.51
N LEU D 525 -21.19 22.10 52.69
CA LEU D 525 -21.88 21.58 51.51
C LEU D 525 -23.00 20.62 51.94
N ASP D 526 -24.22 20.91 51.52
CA ASP D 526 -25.35 20.03 51.78
C ASP D 526 -25.18 18.80 50.90
N LEU D 527 -24.80 17.69 51.53
CA LEU D 527 -24.49 16.45 50.80
C LEU D 527 -25.74 15.75 50.26
N GLN D 528 -26.81 15.74 51.04
CA GLN D 528 -28.03 15.04 50.65
C GLN D 528 -28.73 15.68 49.46
N ALA D 529 -28.62 17.02 49.37
CA ALA D 529 -29.13 17.76 48.22
C ALA D 529 -28.39 17.33 46.95
N LEU D 530 -27.08 17.18 47.07
CA LEU D 530 -26.25 16.65 46.00
C LEU D 530 -26.54 15.16 45.76
N GLU D 531 -26.77 14.41 46.84
CA GLU D 531 -27.07 12.98 46.72
C GLU D 531 -28.36 12.73 45.92
N LYS D 532 -29.42 13.46 46.24
CA LYS D 532 -30.66 13.37 45.47
C LYS D 532 -30.43 13.64 43.98
N GLU D 533 -29.57 14.61 43.68
CA GLU D 533 -29.18 14.89 42.30
C GLU D 533 -28.47 13.69 41.66
N LEU D 534 -27.64 13.00 42.44
CA LEU D 534 -26.89 11.83 41.96
C LEU D 534 -27.76 10.58 41.88
N VAL D 535 -28.86 10.58 42.61
CA VAL D 535 -29.92 9.59 42.45
C VAL D 535 -30.65 9.89 41.13
N ASP D 536 -30.65 11.17 40.76
CA ASP D 536 -31.40 11.70 39.61
C ASP D 536 -30.64 11.55 38.29
N ARG D 537 -29.31 11.69 38.33
CA ARG D 537 -28.50 11.83 37.13
C ARG D 537 -27.92 10.52 36.57
N HIS D 538 -27.41 9.67 37.47
CA HIS D 538 -26.64 8.50 37.06
C HIS D 538 -27.28 7.16 37.45
N GLY D 539 -28.59 7.17 37.67
CA GLY D 539 -29.28 6.00 38.21
C GLY D 539 -29.45 6.19 39.70
N GLU D 540 -30.27 5.33 40.31
CA GLU D 540 -30.62 5.51 41.74
C GLU D 540 -29.78 4.72 42.73
N GLU D 541 -29.02 3.73 42.23
CA GLU D 541 -28.05 3.00 43.05
C GLU D 541 -26.73 3.74 43.11
N VAL D 542 -26.61 4.64 44.10
CA VAL D 542 -25.38 5.40 44.31
C VAL D 542 -25.01 5.44 45.79
N THR D 543 -23.93 4.73 46.12
CA THR D 543 -23.37 4.73 47.47
C THR D 543 -22.98 6.14 47.96
N PRO D 544 -22.89 6.35 49.27
CA PRO D 544 -22.34 7.59 49.84
C PRO D 544 -20.89 7.82 49.40
N GLU D 545 -20.21 6.72 49.06
CA GLU D 545 -18.89 6.78 48.45
C GLU D 545 -18.96 7.58 47.16
N ASP D 546 -20.02 7.36 46.39
CA ASP D 546 -20.25 8.10 45.16
C ASP D 546 -20.45 9.59 45.45
N VAL D 547 -21.33 9.92 46.40
CA VAL D 547 -21.58 11.29 46.80
C VAL D 547 -20.27 12.03 47.09
N LEU D 548 -19.37 11.35 47.81
CA LEU D 548 -18.08 11.92 48.17
C LEU D 548 -17.16 12.07 46.98
N SER D 549 -17.28 11.16 46.02
CA SER D 549 -16.54 11.27 44.77
C SER D 549 -17.07 12.45 43.97
N ALA D 550 -18.40 12.59 43.93
CA ALA D 550 -19.05 13.74 43.30
C ALA D 550 -18.65 15.05 43.97
N ALA D 551 -18.69 15.05 45.30
CA ALA D 551 -18.39 16.24 46.10
C ALA D 551 -16.96 16.70 45.88
N MET D 552 -16.08 15.74 45.60
CA MET D 552 -14.70 16.01 45.28
C MET D 552 -14.52 16.44 43.81
N TYR D 553 -15.04 15.62 42.89
CA TYR D 553 -14.83 15.86 41.46
C TYR D 553 -16.15 15.74 40.68
N PRO D 554 -16.96 16.80 40.70
CA PRO D 554 -18.27 16.78 40.05
C PRO D 554 -18.26 16.33 38.58
N ASP D 555 -17.51 17.02 37.72
CA ASP D 555 -17.48 16.70 36.28
C ASP D 555 -16.88 15.32 36.06
N VAL D 556 -15.76 15.04 36.71
CA VAL D 556 -15.03 13.77 36.53
C VAL D 556 -15.91 12.59 36.92
N PHE D 557 -16.67 12.72 38.01
CA PHE D 557 -17.59 11.67 38.40
C PHE D 557 -18.76 11.51 37.42
N ALA D 558 -19.10 12.60 36.72
CA ALA D 558 -20.08 12.55 35.64
C ALA D 558 -19.57 11.76 34.43
N HIS D 559 -18.38 12.11 33.93
CA HIS D 559 -17.80 11.47 32.75
C HIS D 559 -17.49 9.98 33.03
N PHE D 560 -17.04 9.69 34.24
CA PHE D 560 -16.78 8.32 34.69
C PHE D 560 -18.06 7.50 34.65
N LYS D 561 -19.11 8.02 35.29
CA LYS D 561 -20.41 7.35 35.29
C LYS D 561 -21.02 7.22 33.90
N ASP D 562 -20.84 8.25 33.08
CA ASP D 562 -21.22 8.25 31.65
C ASP D 562 -20.52 7.17 30.82
N PHE D 563 -19.34 6.77 31.26
CA PHE D 563 -18.50 5.81 30.54
C PHE D 563 -18.79 4.40 31.04
N THR D 564 -19.05 4.29 32.34
CA THR D 564 -19.38 3.03 33.01
C THR D 564 -20.70 2.50 32.50
N ALA D 565 -21.68 3.42 32.42
CA ALA D 565 -23.01 3.12 31.94
C ALA D 565 -23.02 2.67 30.48
N THR D 566 -21.96 3.00 29.74
CA THR D 566 -21.91 2.66 28.33
C THR D 566 -20.91 1.55 27.96
N PHE D 567 -19.89 1.35 28.78
CA PHE D 567 -18.89 0.34 28.44
C PHE D 567 -18.78 -0.84 29.39
N GLY D 568 -19.08 -0.63 30.67
CA GLY D 568 -19.11 -1.73 31.63
C GLY D 568 -18.03 -1.62 32.70
N PRO D 569 -17.96 -2.62 33.58
CA PRO D 569 -16.99 -2.59 34.67
C PRO D 569 -15.64 -3.04 34.13
N LEU D 570 -14.85 -2.03 33.75
CA LEU D 570 -13.61 -2.24 33.02
C LEU D 570 -12.46 -2.69 33.90
N ASP D 571 -12.55 -2.39 35.20
CA ASP D 571 -11.49 -2.74 36.16
C ASP D 571 -11.16 -4.24 36.24
N SER D 572 -12.04 -5.07 35.66
CA SER D 572 -11.81 -6.52 35.54
C SER D 572 -10.70 -6.88 34.54
N LEU D 573 -10.63 -6.13 33.43
CA LEU D 573 -9.73 -6.40 32.30
C LEU D 573 -8.21 -6.30 32.56
N ASN D 574 -7.43 -6.98 31.73
CA ASN D 574 -5.98 -6.79 31.62
C ASN D 574 -5.64 -5.33 31.43
N THR D 575 -4.39 -4.98 31.71
CA THR D 575 -3.91 -3.68 31.33
C THR D 575 -3.72 -3.61 29.82
N ARG D 576 -3.07 -4.63 29.25
CA ARG D 576 -2.80 -4.67 27.81
C ARG D 576 -4.09 -4.53 27.02
N LEU D 577 -5.11 -5.32 27.40
CA LEU D 577 -6.45 -5.23 26.80
C LEU D 577 -7.07 -3.87 26.99
N PHE D 578 -7.05 -3.38 28.23
CA PHE D 578 -7.67 -2.09 28.53
C PHE D 578 -7.13 -0.98 27.65
N LEU D 579 -5.80 -0.87 27.56
CA LEU D 579 -5.14 0.24 26.87
C LEU D 579 -5.04 0.09 25.35
N GLN D 580 -4.92 -1.13 24.84
CA GLN D 580 -4.67 -1.28 23.40
C GLN D 580 -5.63 -2.19 22.61
N GLY D 581 -6.45 -2.98 23.31
CA GLY D 581 -7.30 -4.00 22.68
C GLY D 581 -6.54 -5.31 22.46
N PRO D 582 -7.20 -6.31 21.85
CA PRO D 582 -6.56 -7.60 21.56
C PRO D 582 -5.99 -7.70 20.15
N LYS D 583 -5.15 -8.69 19.90
CA LYS D 583 -4.60 -8.96 18.57
C LYS D 583 -5.55 -9.88 17.82
N ILE D 584 -5.78 -9.59 16.54
CA ILE D 584 -6.53 -10.51 15.69
C ILE D 584 -6.04 -11.95 15.94
N ALA D 585 -6.99 -12.87 16.12
CA ALA D 585 -6.74 -14.31 16.24
C ALA D 585 -6.15 -14.80 17.57
N GLU D 586 -5.82 -13.88 18.49
CA GLU D 586 -5.40 -14.26 19.85
C GLU D 586 -6.58 -14.63 20.77
N GLU D 587 -6.67 -15.91 21.13
CA GLU D 587 -7.65 -16.36 22.11
C GLU D 587 -7.29 -15.73 23.45
N PHE D 588 -8.29 -15.23 24.17
CA PHE D 588 -8.05 -14.69 25.52
C PHE D 588 -9.24 -14.90 26.45
N GLU D 589 -9.11 -14.44 27.69
CA GLU D 589 -10.15 -14.61 28.69
C GLU D 589 -10.38 -13.35 29.51
N VAL D 590 -11.65 -13.02 29.74
CA VAL D 590 -12.00 -11.90 30.60
C VAL D 590 -12.61 -12.41 31.89
N GLU D 591 -11.96 -12.03 32.99
CA GLU D 591 -12.45 -12.33 34.32
C GLU D 591 -13.43 -11.24 34.73
N LEU D 592 -14.61 -11.27 34.13
CA LEU D 592 -15.73 -10.46 34.55
C LEU D 592 -16.15 -11.08 35.88
N GLU D 593 -16.55 -10.27 36.84
CA GLU D 593 -16.79 -10.77 38.21
C GLU D 593 -17.92 -11.78 38.36
N ARG D 594 -17.85 -12.57 39.44
CA ARG D 594 -18.79 -13.66 39.75
C ARG D 594 -18.83 -14.80 38.72
N GLY D 595 -19.94 -15.52 38.67
CA GLY D 595 -20.06 -16.77 37.91
C GLY D 595 -19.99 -16.70 36.40
N LYS D 596 -19.04 -15.93 35.86
CA LYS D 596 -18.90 -15.76 34.41
C LYS D 596 -17.48 -15.41 33.95
N THR D 597 -16.80 -16.40 33.36
CA THR D 597 -15.56 -16.15 32.61
C THR D 597 -15.86 -16.28 31.12
N LEU D 598 -15.25 -15.40 30.32
CA LEU D 598 -15.57 -15.32 28.90
C LEU D 598 -14.35 -15.62 28.04
N HIS D 599 -14.49 -16.58 27.14
CA HIS D 599 -13.46 -16.81 26.13
C HIS D 599 -13.81 -16.01 24.87
N ILE D 600 -13.05 -14.96 24.62
CA ILE D 600 -13.23 -14.10 23.46
C ILE D 600 -12.08 -14.26 22.46
N LYS D 601 -12.36 -14.02 21.19
CA LYS D 601 -11.37 -14.10 20.12
C LYS D 601 -11.68 -13.04 19.06
N ALA D 602 -10.79 -12.07 18.90
CA ALA D 602 -10.90 -11.04 17.87
C ALA D 602 -10.63 -11.69 16.52
N LEU D 603 -11.54 -11.52 15.57
CA LEU D 603 -11.39 -12.18 14.28
C LEU D 603 -11.00 -11.23 13.17
N ALA D 604 -11.75 -10.13 13.02
CA ALA D 604 -11.56 -9.22 11.89
C ALA D 604 -12.26 -7.88 12.06
N VAL D 605 -11.67 -6.83 11.48
CA VAL D 605 -12.30 -5.51 11.39
C VAL D 605 -12.66 -5.24 9.92
N SER D 606 -13.88 -4.77 9.67
CA SER D 606 -14.40 -4.66 8.30
C SER D 606 -13.93 -3.40 7.57
N ASP D 607 -14.78 -2.92 6.66
CA ASP D 607 -14.51 -1.73 5.86
C ASP D 607 -15.42 -0.58 6.25
N LEU D 608 -14.87 0.64 6.29
CA LEU D 608 -15.70 1.82 6.50
C LEU D 608 -16.92 1.68 5.61
N ASN D 609 -18.08 1.49 6.22
CA ASN D 609 -19.30 1.25 5.46
C ASN D 609 -19.76 2.50 4.71
N ARG D 610 -21.00 2.50 4.25
CA ARG D 610 -21.57 3.72 3.68
C ARG D 610 -22.30 4.50 4.79
N ALA D 611 -21.54 4.80 5.86
CA ALA D 611 -22.06 5.58 6.99
C ALA D 611 -20.94 6.16 7.86
N GLY D 612 -19.73 5.60 7.74
CA GLY D 612 -18.59 6.06 8.53
C GLY D 612 -18.39 5.25 9.80
N GLN D 613 -18.39 3.92 9.65
CA GLN D 613 -18.23 2.96 10.76
C GLN D 613 -17.87 1.57 10.22
N ARG D 614 -17.14 0.79 11.02
CA ARG D 614 -16.62 -0.52 10.58
C ARG D 614 -16.88 -1.68 11.55
N GLN D 615 -17.54 -2.74 11.05
CA GLN D 615 -17.87 -3.95 11.83
C GLN D 615 -16.67 -4.71 12.40
N VAL D 616 -16.71 -4.97 13.71
CA VAL D 616 -15.67 -5.74 14.40
C VAL D 616 -16.23 -7.11 14.78
N PHE D 617 -15.51 -8.17 14.44
CA PHE D 617 -16.02 -9.55 14.54
C PHE D 617 -15.37 -10.37 15.65
N PHE D 618 -16.18 -11.03 16.47
CA PHE D 618 -15.67 -11.82 17.59
C PHE D 618 -16.18 -13.25 17.63
N GLU D 619 -15.39 -14.14 18.24
CA GLU D 619 -15.90 -15.39 18.80
C GLU D 619 -16.08 -15.18 20.30
N LEU D 620 -17.32 -15.36 20.78
CA LEU D 620 -17.64 -15.31 22.20
C LEU D 620 -18.12 -16.68 22.61
N ASN D 621 -17.30 -17.35 23.43
CA ASN D 621 -17.56 -18.74 23.83
C ASN D 621 -18.00 -19.57 22.65
N GLY D 622 -17.19 -19.55 21.59
CA GLY D 622 -17.47 -20.30 20.37
C GLY D 622 -18.62 -19.80 19.52
N GLN D 623 -19.15 -18.62 19.82
CA GLN D 623 -20.25 -18.04 19.02
C GLN D 623 -19.83 -16.75 18.32
N LEU D 624 -20.21 -16.65 17.06
CA LEU D 624 -19.90 -15.51 16.19
C LEU D 624 -20.74 -14.27 16.51
N ARG D 625 -20.08 -13.11 16.61
CA ARG D 625 -20.73 -11.87 17.04
C ARG D 625 -20.01 -10.67 16.44
N SER D 626 -20.77 -9.61 16.14
CA SER D 626 -20.14 -8.39 15.65
C SER D 626 -20.66 -7.14 16.34
N ILE D 627 -19.85 -6.09 16.26
CA ILE D 627 -20.13 -4.82 16.92
C ILE D 627 -19.96 -3.69 15.92
N LEU D 628 -21.01 -2.89 15.70
CA LEU D 628 -20.86 -1.69 14.88
C LEU D 628 -20.10 -0.62 15.65
N VAL D 629 -19.03 -0.09 15.05
CA VAL D 629 -18.17 0.87 15.74
C VAL D 629 -17.88 2.12 14.90
N LYS D 630 -18.11 3.28 15.51
CA LYS D 630 -17.83 4.58 14.90
C LYS D 630 -16.33 4.82 14.80
N ASP D 631 -15.86 5.13 13.59
CA ASP D 631 -14.44 5.44 13.38
C ASP D 631 -14.19 6.93 13.58
N THR D 632 -13.88 7.31 14.82
CA THR D 632 -13.50 8.68 15.15
C THR D 632 -12.29 9.11 14.31
N GLN D 633 -11.20 8.36 14.48
CA GLN D 633 -9.93 8.54 13.77
C GLN D 633 -10.10 8.90 12.28
N ALA D 634 -11.10 8.28 11.63
CA ALA D 634 -11.43 8.58 10.23
C ALA D 634 -12.84 9.15 10.07
N MET D 635 -13.23 10.00 11.03
CA MET D 635 -14.47 10.77 10.90
C MET D 635 -14.19 12.17 10.34
N LYS D 636 -12.91 12.56 10.34
CA LYS D 636 -12.46 13.78 9.65
C LYS D 636 -12.61 13.59 8.12
N GLU D 637 -13.73 14.10 7.59
CA GLU D 637 -14.14 13.85 6.21
C GLU D 637 -13.45 14.77 5.19
N LYS D 643 -17.00 12.35 3.42
CA LYS D 643 -18.29 13.06 3.66
C LYS D 643 -19.39 12.09 4.09
N ALA D 644 -20.54 12.15 3.43
CA ALA D 644 -21.67 11.27 3.71
C ALA D 644 -22.33 10.74 2.44
N LEU D 645 -22.95 9.56 2.55
CA LEU D 645 -23.72 8.92 1.47
C LEU D 645 -24.91 8.27 2.18
N LYS D 646 -26.04 8.97 2.23
CA LYS D 646 -27.06 8.70 3.28
C LYS D 646 -28.18 7.66 3.04
N ASP D 647 -28.02 6.79 2.03
CA ASP D 647 -28.76 5.51 1.93
C ASP D 647 -30.30 5.52 1.79
N VAL D 648 -30.89 4.35 2.08
CA VAL D 648 -32.29 3.97 1.79
C VAL D 648 -33.40 5.02 1.97
N LYS D 649 -33.51 5.60 3.17
CA LYS D 649 -34.62 6.49 3.52
C LYS D 649 -34.61 7.85 2.80
N GLY D 650 -35.78 8.48 2.74
CA GLY D 650 -36.04 9.66 1.89
C GLY D 650 -35.01 10.76 1.89
N GLN D 651 -33.95 10.57 1.10
CA GLN D 651 -32.83 11.51 1.05
C GLN D 651 -32.29 11.79 -0.35
N ILE D 652 -31.52 12.88 -0.44
CA ILE D 652 -31.06 13.43 -1.72
C ILE D 652 -29.55 13.28 -1.89
N GLY D 653 -29.16 12.41 -2.82
CA GLY D 653 -27.76 12.22 -3.18
C GLY D 653 -27.51 12.37 -4.66
N ALA D 654 -26.24 12.22 -5.07
CA ALA D 654 -25.84 12.34 -6.47
C ALA D 654 -26.02 11.03 -7.24
N PRO D 655 -26.85 11.04 -8.29
CA PRO D 655 -26.98 9.88 -9.18
C PRO D 655 -25.84 9.80 -10.22
N MET D 656 -25.17 10.92 -10.46
CA MET D 656 -24.04 10.99 -11.39
C MET D 656 -22.81 11.56 -10.66
N PRO D 657 -21.65 10.92 -10.86
CA PRO D 657 -20.39 11.45 -10.34
C PRO D 657 -19.89 12.65 -11.14
N GLY D 658 -20.03 13.84 -10.56
CA GLY D 658 -19.60 15.09 -11.21
C GLY D 658 -19.42 16.26 -10.25
N LYS D 659 -19.13 17.43 -10.81
CA LYS D 659 -18.96 18.66 -10.03
C LYS D 659 -20.29 19.22 -9.54
N VAL D 660 -20.24 19.97 -8.43
CA VAL D 660 -21.42 20.68 -7.92
C VAL D 660 -21.42 22.11 -8.42
N ILE D 661 -22.55 22.55 -8.96
CA ILE D 661 -22.65 23.88 -9.58
C ILE D 661 -23.66 24.80 -8.87
N ASP D 662 -24.69 24.21 -8.26
CA ASP D 662 -25.83 24.98 -7.77
C ASP D 662 -26.07 25.00 -6.25
N ILE D 663 -26.64 26.12 -5.80
CA ILE D 663 -27.23 26.27 -4.46
C ILE D 663 -28.65 26.85 -4.61
N LYS D 664 -29.55 26.06 -5.20
CA LYS D 664 -30.88 26.52 -5.58
C LYS D 664 -31.81 26.74 -4.38
N VAL D 665 -31.96 25.71 -3.56
CA VAL D 665 -32.87 25.77 -2.42
C VAL D 665 -32.16 26.18 -1.12
N VAL D 666 -32.82 27.06 -0.38
CA VAL D 666 -32.36 27.50 0.92
C VAL D 666 -32.49 26.33 1.93
N ALA D 667 -31.54 26.25 2.86
CA ALA D 667 -31.65 25.31 3.98
C ALA D 667 -32.79 25.72 4.92
N GLY D 668 -33.96 25.13 4.71
CA GLY D 668 -35.16 25.48 5.47
C GLY D 668 -36.24 26.11 4.61
N ALA D 669 -36.23 25.79 3.31
CA ALA D 669 -37.17 26.36 2.35
C ALA D 669 -38.22 25.35 1.87
N LYS D 670 -39.38 25.87 1.45
CA LYS D 670 -40.49 25.06 0.95
C LYS D 670 -40.15 24.39 -0.37
N VAL D 671 -40.26 23.06 -0.41
CA VAL D 671 -40.10 22.30 -1.65
C VAL D 671 -41.34 21.43 -1.92
N ALA D 672 -42.28 21.97 -2.68
CA ALA D 672 -43.54 21.29 -2.99
C ALA D 672 -43.36 20.22 -4.07
N LYS D 673 -43.55 20.61 -5.33
CA LYS D 673 -43.52 19.68 -6.47
C LYS D 673 -42.09 19.21 -6.79
N GLY D 674 -41.96 18.49 -7.91
CA GLY D 674 -40.65 18.01 -8.38
C GLY D 674 -39.77 19.14 -8.84
N GLN D 675 -39.15 19.83 -7.89
CA GLN D 675 -38.33 21.01 -8.16
C GLN D 675 -36.86 20.64 -8.27
N PRO D 676 -36.16 21.21 -9.26
CA PRO D 676 -34.69 21.13 -9.33
C PRO D 676 -34.02 21.73 -8.08
N LEU D 677 -32.90 21.14 -7.68
CA LEU D 677 -32.21 21.51 -6.45
C LEU D 677 -30.71 21.71 -6.69
N CYS D 678 -30.16 20.87 -7.58
CA CYS D 678 -28.72 20.75 -7.78
C CYS D 678 -28.39 20.40 -9.23
N VAL D 679 -27.22 20.82 -9.69
CA VAL D 679 -26.75 20.49 -11.05
C VAL D 679 -25.32 19.92 -11.04
N LEU D 680 -25.15 18.77 -11.67
CA LEU D 680 -23.87 18.07 -11.77
C LEU D 680 -23.27 18.17 -13.19
N SER D 681 -21.97 17.91 -13.32
CA SER D 681 -21.31 17.92 -14.63
C SER D 681 -20.22 16.85 -14.77
N ALA D 682 -20.42 15.93 -15.72
CA ALA D 682 -19.52 14.79 -15.92
C ALA D 682 -18.79 14.83 -17.26
N MET D 683 -18.81 13.70 -17.98
CA MET D 683 -18.13 13.56 -19.28
C MET D 683 -18.77 14.44 -20.35
N LYS D 684 -18.43 15.73 -20.35
CA LYS D 684 -19.02 16.74 -21.24
C LYS D 684 -20.55 16.89 -21.03
N MET D 685 -21.01 16.53 -19.84
CA MET D 685 -22.44 16.45 -19.53
C MET D 685 -22.89 17.42 -18.44
N GLU D 686 -24.21 17.58 -18.34
CA GLU D 686 -24.85 18.26 -17.22
C GLU D 686 -26.15 17.56 -16.82
N THR D 687 -26.42 17.49 -15.52
CA THR D 687 -27.58 16.78 -15.00
C THR D 687 -28.42 17.68 -14.09
N VAL D 688 -29.73 17.45 -14.08
CA VAL D 688 -30.66 18.18 -13.21
C VAL D 688 -31.17 17.25 -12.10
N VAL D 689 -30.80 17.56 -10.85
CA VAL D 689 -31.12 16.69 -9.71
C VAL D 689 -32.60 16.77 -9.32
N THR D 690 -33.25 15.60 -9.35
CA THR D 690 -34.70 15.46 -9.15
C THR D 690 -35.17 15.74 -7.71
N SER D 691 -36.46 15.55 -7.45
CA SER D 691 -37.05 15.78 -6.12
C SER D 691 -38.11 14.78 -5.64
N PRO D 692 -39.13 14.46 -6.46
CA PRO D 692 -40.40 13.92 -5.97
C PRO D 692 -40.48 13.63 -4.46
N MET D 693 -40.53 14.71 -3.69
CA MET D 693 -40.61 14.67 -2.23
C MET D 693 -41.21 16.00 -1.76
N GLU D 694 -42.14 15.90 -0.81
CA GLU D 694 -42.83 17.07 -0.25
C GLU D 694 -42.30 17.41 1.16
N GLY D 695 -42.39 18.68 1.53
CA GLY D 695 -41.97 19.12 2.86
C GLY D 695 -40.92 20.21 2.85
N THR D 696 -40.03 20.18 3.85
CA THR D 696 -39.02 21.21 4.03
C THR D 696 -37.59 20.64 4.04
N VAL D 697 -36.66 21.42 3.50
CA VAL D 697 -35.25 21.05 3.42
C VAL D 697 -34.54 21.25 4.76
N ARG D 698 -33.85 20.21 5.23
CA ARG D 698 -32.98 20.33 6.40
C ARG D 698 -31.79 21.24 6.12
N LYS D 699 -30.74 20.69 5.52
CA LYS D 699 -29.60 21.51 5.05
C LYS D 699 -28.91 20.98 3.80
N VAL D 700 -28.39 21.93 3.03
CA VAL D 700 -27.44 21.68 1.96
C VAL D 700 -26.17 21.14 2.60
N HIS D 701 -25.59 20.11 1.99
CA HIS D 701 -24.30 19.60 2.42
C HIS D 701 -23.18 19.93 1.40
N VAL D 702 -23.56 20.21 0.15
CA VAL D 702 -22.61 20.52 -0.92
C VAL D 702 -22.23 22.01 -1.01
N THR D 703 -21.08 22.28 -1.61
CA THR D 703 -20.59 23.66 -1.82
C THR D 703 -20.65 24.03 -3.32
N LYS D 704 -19.49 24.39 -3.89
CA LYS D 704 -19.37 24.72 -5.30
C LYS D 704 -18.03 24.23 -5.85
N ASP D 705 -18.06 23.63 -7.04
CA ASP D 705 -16.91 22.95 -7.66
C ASP D 705 -16.49 21.70 -6.88
N MET D 706 -17.39 21.21 -6.03
CA MET D 706 -17.12 20.05 -5.18
C MET D 706 -17.11 18.74 -5.94
N THR D 707 -16.10 17.90 -5.66
CA THR D 707 -16.06 16.54 -6.17
C THR D 707 -17.09 15.71 -5.40
N LEU D 708 -17.93 14.96 -6.14
CA LEU D 708 -18.90 14.07 -5.52
C LEU D 708 -18.62 12.60 -5.83
N GLU D 709 -18.58 11.78 -4.78
CA GLU D 709 -18.21 10.37 -4.90
C GLU D 709 -19.35 9.46 -5.36
N GLY D 710 -20.13 8.93 -4.41
CA GLY D 710 -21.14 7.91 -4.71
C GLY D 710 -22.58 8.36 -4.52
N ASP D 711 -23.24 7.80 -3.51
CA ASP D 711 -24.60 8.21 -3.15
C ASP D 711 -24.59 9.68 -2.72
N ASP D 712 -23.59 10.02 -1.91
CA ASP D 712 -23.29 11.39 -1.49
C ASP D 712 -24.38 12.20 -0.75
N LEU D 713 -24.04 13.46 -0.48
CA LEU D 713 -24.77 14.32 0.42
C LEU D 713 -25.11 15.65 -0.26
N ILE D 714 -26.28 15.72 -0.88
CA ILE D 714 -26.75 16.97 -1.47
C ILE D 714 -27.68 17.70 -0.49
N LEU D 715 -28.77 17.04 -0.09
CA LEU D 715 -29.78 17.66 0.76
C LEU D 715 -30.43 16.67 1.73
N GLU D 716 -31.59 17.07 2.26
CA GLU D 716 -32.32 16.29 3.24
C GLU D 716 -33.72 16.88 3.40
N ILE D 717 -34.75 16.08 3.16
CA ILE D 717 -36.14 16.56 3.28
C ILE D 717 -36.95 15.76 4.32
N GLU D 718 -37.88 16.46 4.98
CA GLU D 718 -38.75 15.88 5.99
C GLU D 718 -40.18 16.41 5.89
MN MN E . 33.71 0.62 36.08
C PYR F . 36.56 -2.68 31.29
O PYR F . 37.37 -3.64 30.91
OXT PYR F . 36.42 -1.62 30.54
CA PYR F . 35.84 -2.78 32.49
O3 PYR F . 35.16 -1.76 32.94
CB PYR F . 35.87 -4.07 33.26
C11 BTI G . -11.45 -25.50 -24.81
O11 BTI G . -11.50 -25.04 -23.67
C10 BTI G . -12.62 -25.31 -25.75
C9 BTI G . -12.21 -25.44 -27.22
C8 BTI G . -11.90 -24.08 -27.83
C7 BTI G . -11.34 -24.23 -29.24
C2 BTI G . -12.43 -24.06 -30.30
S1 BTI G . -13.40 -25.52 -30.48
C6 BTI G . -14.07 -24.98 -32.02
C5 BTI G . -12.99 -24.13 -32.71
N3 BTI G . -12.28 -25.07 -33.56
C3 BTI G . -11.07 -25.35 -33.08
O3 BTI G . -10.25 -26.23 -33.62
N2 BTI G . -10.81 -24.64 -32.00
C4 BTI G . -11.91 -23.72 -31.68
MN MN H . -19.24 -21.31 -37.38
C PYR I . -17.21 -25.51 -34.16
O PYR I . -16.53 -26.62 -34.24
OXT PYR I . -18.06 -25.39 -33.15
CA PYR I . -17.06 -24.46 -35.10
O3 PYR I . -17.86 -23.42 -35.08
CB PYR I . -15.96 -24.50 -36.12
MN MN J . -18.31 10.63 -43.09
C PYR K . -17.79 16.20 -40.38
O PYR K . -18.00 17.35 -40.97
OXT PYR K . -16.80 16.11 -39.51
CA PYR K . -18.60 15.09 -40.65
O3 PYR K . -18.11 14.06 -41.31
CB PYR K . -20.04 15.05 -40.21
MN MN L . 5.88 11.96 47.68
C PYR M . 0.54 14.40 46.09
O PYR M . -0.37 15.23 46.50
OXT PYR M . 0.17 13.26 45.52
CA PYR M . 1.88 14.71 46.27
O3 PYR M . 2.80 13.75 46.38
CB PYR M . 2.28 16.15 46.33
#